data_9QGZ
#
_entry.id   9QGZ
#
_cell.length_a   69.668
_cell.length_b   103.920
_cell.length_c   143.827
_cell.angle_alpha   81.94
_cell.angle_beta   77.24
_cell.angle_gamma   75.41
#
_symmetry.space_group_name_H-M   'P 1'
#
loop_
_entity.id
_entity.type
_entity.pdbx_description
1 polymer 'Glycolate oxidase'
2 non-polymer 'FLAVIN-ADENINE DINUCLEOTIDE'
3 non-polymer 'FE (III) ION'
4 water water
#
_entity_poly.entity_id   1
_entity_poly.type   'polypeptide(L)'
_entity_poly.pdbx_seq_one_letter_code
;MPGVVEELVAAIGAEQVVTDPAVMEGYSHDEAEWAPYDAPAAVVRPRDTADVAEVVRICAGRGVAVVGRGAGTGLSGAAN
AGRGWVVVSFERMNRVLEVDTVQQTVTVQPGVVNDDLRARVAQDGLWYPPDPASSPWSTIGGNVATNAGGLCCVKYGVTR
DYVLGMEAVVGSGEVVRLGRTTAKGVTGYDLAGLMVGSEGTLGLVTEVTLRLVPLRRGVEHTVVGYFDSLTDAGRAVAAV
SAAGIVPSALELIDRFCLQAVDEWKNMGLSAEGEVLLLARSDLPGTSGQEEADRILECFEKEKAVYAVRSTDEEEAEALF
QARRLAYPALERLGPLLTEDVCVPKARVPHMLEAIEAAGERFDTRIGNIAHAGDGNLHPLFIVPAGDEEAKRRAKQAFEV
IVDEALAVGGTVTGEHGVGLLKMRGAADELGPHVLAMHRAVKGALDPAGIFNPGKVFALEEERD
;
_entity_poly.pdbx_strand_id   A,B,C,D,E,F,G,H
#
loop_
_chem_comp.id
_chem_comp.type
_chem_comp.name
_chem_comp.formula
FAD non-polymer 'FLAVIN-ADENINE DINUCLEOTIDE' 'C27 H33 N9 O15 P2'
FE non-polymer 'FE (III) ION' 'Fe 3'
#
# COMPACT_ATOMS: atom_id res chain seq x y z
N GLY A 3 -36.72 -4.09 34.05
CA GLY A 3 -36.62 -4.76 35.33
C GLY A 3 -35.84 -6.05 35.29
N VAL A 4 -34.80 -6.08 34.46
CA VAL A 4 -33.93 -7.25 34.32
C VAL A 4 -33.17 -7.61 35.60
N VAL A 5 -33.00 -6.65 36.53
CA VAL A 5 -32.13 -6.92 37.66
C VAL A 5 -32.80 -7.88 38.64
N GLU A 6 -34.11 -7.73 38.84
CA GLU A 6 -34.83 -8.62 39.74
C GLU A 6 -34.75 -10.06 39.26
N GLU A 7 -34.79 -10.26 37.94
CA GLU A 7 -34.71 -11.62 37.41
C GLU A 7 -33.31 -12.19 37.58
N LEU A 8 -32.28 -11.35 37.43
CA LEU A 8 -30.90 -11.79 37.60
C LEU A 8 -30.59 -12.20 39.04
N VAL A 9 -31.08 -11.44 40.03
CA VAL A 9 -30.76 -11.80 41.40
C VAL A 9 -31.49 -13.08 41.80
N ALA A 10 -32.65 -13.34 41.20
CA ALA A 10 -33.34 -14.60 41.42
C ALA A 10 -32.69 -15.73 40.64
N ALA A 11 -31.85 -15.38 39.66
CA ALA A 11 -31.13 -16.30 38.79
C ALA A 11 -29.75 -16.69 39.33
N ILE A 12 -28.95 -15.71 39.78
CA ILE A 12 -27.58 -15.99 40.20
C ILE A 12 -27.21 -15.31 41.52
N GLY A 13 -28.06 -15.47 42.52
CA GLY A 13 -27.90 -14.77 43.79
C GLY A 13 -27.95 -13.27 43.73
N ALA A 14 -27.90 -12.66 44.92
CA ALA A 14 -27.96 -11.21 45.09
C ALA A 14 -26.61 -10.54 45.35
N GLU A 15 -25.54 -11.31 45.55
CA GLU A 15 -24.22 -10.74 45.79
C GLU A 15 -23.33 -10.86 44.56
N GLN A 16 -23.88 -11.36 43.46
CA GLN A 16 -23.21 -11.39 42.16
C GLN A 16 -23.60 -10.20 41.31
N VAL A 17 -24.84 -9.74 41.45
CA VAL A 17 -25.38 -8.63 40.67
C VAL A 17 -25.27 -7.37 41.51
N VAL A 18 -24.62 -6.34 40.95
CA VAL A 18 -24.49 -5.05 41.59
C VAL A 18 -25.26 -4.05 40.74
N THR A 19 -26.01 -3.16 41.40
CA THR A 19 -26.86 -2.21 40.70
C THR A 19 -26.64 -0.77 41.15
N ASP A 20 -25.81 -0.51 42.14
CA ASP A 20 -25.57 0.84 42.61
C ASP A 20 -24.94 1.67 41.50
N PRO A 21 -25.58 2.75 41.06
CA PRO A 21 -25.03 3.54 39.94
C PRO A 21 -23.68 4.17 40.27
N ALA A 22 -23.31 4.26 41.55
CA ALA A 22 -22.03 4.83 41.91
C ALA A 22 -20.88 3.84 41.71
N VAL A 23 -21.16 2.54 41.78
CA VAL A 23 -20.13 1.53 41.63
C VAL A 23 -20.07 1.10 40.16
N MET A 24 -20.72 1.89 39.29
CA MET A 24 -20.82 1.54 37.88
C MET A 24 -20.09 2.47 36.94
N GLU A 25 -19.72 3.68 37.38
CA GLU A 25 -19.02 4.59 36.48
C GLU A 25 -17.67 4.02 36.08
N GLY A 26 -17.03 3.24 36.96
CA GLY A 26 -15.80 2.55 36.63
C GLY A 26 -15.95 1.28 35.83
N TYR A 27 -17.17 0.76 35.69
CA TYR A 27 -17.42 -0.47 34.95
C TYR A 27 -18.04 -0.26 33.57
N SER A 28 -18.37 0.97 33.20
CA SER A 28 -19.10 1.20 31.97
C SER A 28 -18.22 1.71 30.84
N HIS A 29 -16.90 1.81 31.06
CA HIS A 29 -16.00 2.30 30.04
C HIS A 29 -14.60 1.78 30.33
N ASP A 30 -13.77 1.75 29.29
CA ASP A 30 -12.36 1.44 29.39
C ASP A 30 -11.58 2.76 29.35
N GLU A 31 -10.29 2.69 29.05
CA GLU A 31 -9.50 3.92 29.03
C GLU A 31 -9.68 4.72 27.75
N ALA A 32 -10.53 4.26 26.84
CA ALA A 32 -10.88 5.04 25.67
C ALA A 32 -11.78 6.20 26.08
N GLU A 33 -11.37 7.43 25.78
CA GLU A 33 -12.13 8.60 26.18
C GLU A 33 -13.39 8.72 25.32
N TRP A 34 -13.46 9.78 24.50
CA TRP A 34 -14.54 10.03 23.54
C TRP A 34 -15.21 8.81 22.89
N ALA A 35 -15.44 7.75 23.66
CA ALA A 35 -16.15 6.58 23.17
C ALA A 35 -17.47 6.50 23.90
N PRO A 36 -18.60 6.64 23.20
CA PRO A 36 -19.89 6.76 23.88
C PRO A 36 -20.26 5.58 24.75
N TYR A 37 -20.21 5.79 26.07
CA TYR A 37 -20.66 4.83 27.07
C TYR A 37 -21.81 5.44 27.84
N ASP A 38 -22.45 4.64 28.68
CA ASP A 38 -23.59 5.10 29.45
C ASP A 38 -23.75 4.23 30.68
N ALA A 39 -24.71 4.59 31.52
CA ALA A 39 -25.02 3.83 32.72
C ALA A 39 -25.74 2.54 32.36
N PRO A 40 -25.18 1.38 32.66
CA PRO A 40 -25.86 0.12 32.39
C PRO A 40 -26.94 -0.15 33.42
N ALA A 41 -27.71 -1.21 33.16
CA ALA A 41 -28.75 -1.61 34.10
C ALA A 41 -28.16 -2.36 35.29
N ALA A 42 -27.28 -3.31 35.03
CA ALA A 42 -26.64 -4.09 36.08
C ALA A 42 -25.24 -4.46 35.65
N VAL A 43 -24.35 -4.59 36.63
CA VAL A 43 -22.99 -5.07 36.43
C VAL A 43 -22.87 -6.40 37.15
N VAL A 44 -22.85 -7.48 36.40
CA VAL A 44 -22.80 -8.82 36.96
C VAL A 44 -21.36 -9.23 37.20
N ARG A 45 -21.11 -9.91 38.32
CA ARG A 45 -19.82 -10.49 38.65
C ARG A 45 -20.01 -11.99 38.81
N PRO A 46 -20.08 -12.73 37.70
CA PRO A 46 -20.34 -14.16 37.81
C PRO A 46 -19.19 -14.90 38.48
N ARG A 47 -19.52 -16.03 39.10
CA ARG A 47 -18.54 -16.83 39.83
C ARG A 47 -18.00 -17.99 39.01
N ASP A 48 -18.84 -18.65 38.23
CA ASP A 48 -18.42 -19.76 37.38
C ASP A 48 -19.19 -19.69 36.08
N THR A 49 -18.91 -20.64 35.17
CA THR A 49 -19.54 -20.63 33.86
C THR A 49 -21.05 -20.71 33.96
N ALA A 50 -21.58 -21.40 34.98
CA ALA A 50 -23.02 -21.53 35.13
C ALA A 50 -23.66 -20.15 35.30
N ASP A 51 -23.01 -19.26 36.05
CA ASP A 51 -23.57 -17.93 36.25
C ASP A 51 -23.59 -17.15 34.94
N VAL A 52 -22.55 -17.30 34.12
CA VAL A 52 -22.55 -16.65 32.80
C VAL A 52 -23.62 -17.28 31.91
N ALA A 53 -23.81 -18.59 32.02
CA ALA A 53 -24.84 -19.25 31.23
C ALA A 53 -26.23 -18.76 31.61
N GLU A 54 -26.40 -18.22 32.82
CA GLU A 54 -27.68 -17.68 33.23
C GLU A 54 -27.85 -16.22 32.81
N VAL A 55 -26.81 -15.40 32.94
CA VAL A 55 -26.93 -14.01 32.53
C VAL A 55 -27.16 -13.94 31.03
N VAL A 56 -26.51 -14.80 30.26
CA VAL A 56 -26.74 -14.81 28.83
C VAL A 56 -28.16 -15.34 28.54
N ARG A 57 -28.61 -16.33 29.32
CA ARG A 57 -29.94 -16.89 29.10
C ARG A 57 -31.04 -15.91 29.47
N ILE A 58 -30.89 -15.20 30.60
CA ILE A 58 -31.85 -14.17 30.97
C ILE A 58 -31.87 -13.07 29.94
N CYS A 59 -30.68 -12.67 29.51
CA CYS A 59 -30.53 -11.52 28.63
C CYS A 59 -30.98 -11.82 27.21
N ALA A 60 -30.86 -13.09 26.77
CA ALA A 60 -31.33 -13.47 25.43
C ALA A 60 -32.85 -13.45 25.30
N GLY A 61 -33.58 -13.79 26.37
CA GLY A 61 -35.03 -13.75 26.33
C GLY A 61 -35.64 -12.39 26.47
N ARG A 62 -34.83 -11.36 26.69
CA ARG A 62 -35.29 -9.99 26.87
C ARG A 62 -34.70 -9.02 25.86
N GLY A 63 -33.72 -9.43 25.06
CA GLY A 63 -33.08 -8.52 24.15
C GLY A 63 -32.18 -7.50 24.82
N VAL A 64 -31.72 -7.78 26.02
CA VAL A 64 -30.83 -6.87 26.73
C VAL A 64 -29.40 -7.17 26.32
N ALA A 65 -28.64 -6.12 26.03
CA ALA A 65 -27.29 -6.25 25.52
C ALA A 65 -26.33 -6.66 26.63
N VAL A 66 -25.35 -7.50 26.26
CA VAL A 66 -24.35 -7.99 27.19
C VAL A 66 -22.98 -7.62 26.65
N VAL A 67 -22.20 -6.90 27.45
CA VAL A 67 -20.84 -6.52 27.09
C VAL A 67 -19.89 -7.13 28.10
N GLY A 68 -19.02 -8.02 27.62
CA GLY A 68 -18.02 -8.59 28.50
C GLY A 68 -16.96 -7.56 28.87
N ARG A 69 -16.35 -7.75 30.04
CA ARG A 69 -15.32 -6.82 30.49
C ARG A 69 -14.27 -7.58 31.28
N GLY A 70 -13.01 -7.35 30.94
CA GLY A 70 -11.90 -7.86 31.72
C GLY A 70 -11.44 -6.84 32.74
N ALA A 71 -10.41 -6.06 32.37
CA ALA A 71 -9.90 -5.00 33.22
C ALA A 71 -10.21 -3.61 32.70
N GLY A 72 -10.87 -3.49 31.55
CA GLY A 72 -11.21 -2.19 31.01
C GLY A 72 -10.03 -1.33 30.61
N THR A 73 -9.05 -1.92 29.92
CA THR A 73 -7.87 -1.19 29.49
C THR A 73 -7.84 -0.94 27.98
N GLY A 74 -8.94 -1.20 27.28
CA GLY A 74 -8.98 -0.96 25.86
C GLY A 74 -8.90 0.51 25.52
N LEU A 75 -8.41 0.80 24.31
CA LEU A 75 -8.31 2.17 23.81
C LEU A 75 -9.25 2.42 22.63
N SER A 76 -10.22 1.53 22.40
CA SER A 76 -11.18 1.71 21.32
C SER A 76 -12.62 1.66 21.81
N GLY A 77 -12.84 1.67 23.12
CA GLY A 77 -14.19 1.63 23.64
C GLY A 77 -14.91 0.32 23.45
N ALA A 78 -14.17 -0.78 23.30
CA ALA A 78 -14.78 -2.07 23.00
C ALA A 78 -15.62 -2.60 24.15
N ALA A 79 -15.35 -2.18 25.39
CA ALA A 79 -16.09 -2.66 26.56
C ALA A 79 -17.07 -1.64 27.10
N ASN A 80 -17.29 -0.55 26.38
CA ASN A 80 -18.19 0.50 26.84
C ASN A 80 -19.63 0.00 26.85
N ALA A 81 -20.37 0.35 27.90
CA ALA A 81 -21.75 -0.08 28.06
C ALA A 81 -22.73 0.93 27.51
N GLY A 82 -23.97 0.49 27.32
CA GLY A 82 -25.04 1.34 26.86
C GLY A 82 -26.20 1.37 27.85
N ARG A 83 -27.19 2.22 27.55
CA ARG A 83 -28.36 2.36 28.40
C ARG A 83 -29.10 1.04 28.54
N GLY A 84 -29.08 0.45 29.74
CA GLY A 84 -29.77 -0.79 30.00
C GLY A 84 -28.96 -2.04 29.77
N TRP A 85 -27.70 -1.92 29.33
CA TRP A 85 -26.88 -3.08 29.06
C TRP A 85 -26.54 -3.82 30.36
N VAL A 86 -25.92 -4.98 30.21
CA VAL A 86 -25.43 -5.78 31.32
C VAL A 86 -23.94 -6.01 31.11
N VAL A 87 -23.14 -5.57 32.08
CA VAL A 87 -21.68 -5.66 32.01
C VAL A 87 -21.29 -6.92 32.79
N VAL A 88 -20.92 -7.97 32.07
CA VAL A 88 -20.48 -9.21 32.70
C VAL A 88 -19.01 -9.06 33.07
N SER A 89 -18.73 -9.00 34.38
CA SER A 89 -17.38 -8.82 34.89
C SER A 89 -16.79 -10.17 35.26
N PHE A 90 -15.77 -10.61 34.52
CA PHE A 90 -15.10 -11.88 34.76
C PHE A 90 -14.03 -11.76 35.83
N GLU A 91 -14.14 -10.78 36.73
CA GLU A 91 -13.09 -10.56 37.71
C GLU A 91 -13.08 -11.63 38.80
N ARG A 92 -14.16 -12.41 38.91
CA ARG A 92 -14.25 -13.49 39.88
C ARG A 92 -13.75 -14.82 39.34
N MET A 93 -13.58 -14.94 38.02
CA MET A 93 -13.02 -16.14 37.41
C MET A 93 -11.58 -15.82 37.05
N ASN A 94 -10.71 -15.85 38.05
CA ASN A 94 -9.33 -15.43 37.90
C ASN A 94 -8.36 -16.47 38.46
N ARG A 95 -8.67 -17.74 38.23
CA ARG A 95 -7.78 -18.82 38.65
C ARG A 95 -7.15 -19.48 37.42
N VAL A 96 -5.92 -19.93 37.60
CA VAL A 96 -5.24 -20.77 36.61
C VAL A 96 -5.52 -22.22 37.00
N LEU A 97 -6.21 -22.94 36.12
CA LEU A 97 -6.76 -24.24 36.47
C LEU A 97 -5.85 -25.42 36.16
N GLU A 98 -4.70 -25.17 35.52
CA GLU A 98 -3.78 -26.25 35.14
C GLU A 98 -2.59 -25.71 34.37
N VAL A 99 -1.43 -26.36 34.55
CA VAL A 99 -0.24 -26.10 33.74
C VAL A 99 0.30 -27.46 33.34
N ASP A 100 -0.19 -28.01 32.22
CA ASP A 100 0.25 -29.31 31.76
C ASP A 100 1.70 -29.20 31.32
N THR A 101 2.61 -29.69 32.17
CA THR A 101 4.03 -29.48 31.95
C THR A 101 4.58 -30.34 30.82
N VAL A 102 4.03 -31.55 30.63
CA VAL A 102 4.49 -32.40 29.54
C VAL A 102 3.90 -31.94 28.21
N GLN A 103 2.63 -31.51 28.23
CA GLN A 103 1.99 -30.98 27.03
C GLN A 103 2.44 -29.56 26.71
N GLN A 104 3.01 -28.86 27.70
CA GLN A 104 3.43 -27.46 27.54
C GLN A 104 2.25 -26.57 27.18
N THR A 105 1.19 -26.69 27.96
CA THR A 105 0.00 -25.85 27.82
C THR A 105 -0.43 -25.40 29.21
N VAL A 106 -1.24 -24.36 29.24
CA VAL A 106 -1.82 -23.85 30.47
C VAL A 106 -3.32 -23.71 30.25
N THR A 107 -4.09 -23.87 31.33
CA THR A 107 -5.54 -23.74 31.28
C THR A 107 -5.92 -22.63 32.24
N VAL A 108 -6.44 -21.53 31.71
CA VAL A 108 -6.69 -20.32 32.49
C VAL A 108 -8.12 -19.86 32.27
N GLN A 109 -8.63 -19.14 33.26
CA GLN A 109 -9.93 -18.49 33.27
C GLN A 109 -9.80 -17.09 32.68
N PRO A 110 -10.85 -16.54 32.09
CA PRO A 110 -10.71 -15.29 31.34
C PRO A 110 -10.31 -14.09 32.19
N GLY A 111 -10.34 -14.20 33.52
CA GLY A 111 -10.00 -13.07 34.36
C GLY A 111 -8.56 -12.95 34.81
N VAL A 112 -7.73 -13.96 34.57
CA VAL A 112 -6.35 -13.92 35.04
C VAL A 112 -5.59 -12.82 34.30
N VAL A 113 -4.82 -12.02 35.04
CA VAL A 113 -4.04 -10.95 34.45
C VAL A 113 -2.87 -11.54 33.66
N ASN A 114 -2.43 -10.79 32.63
CA ASN A 114 -1.38 -11.28 31.73
C ASN A 114 -0.11 -11.62 32.50
N ASP A 115 0.37 -10.71 33.34
CA ASP A 115 1.59 -10.96 34.09
C ASP A 115 1.39 -12.06 35.14
N ASP A 116 0.23 -12.07 35.80
CA ASP A 116 -0.06 -13.15 36.75
C ASP A 116 0.02 -14.52 36.08
N LEU A 117 -0.33 -14.60 34.80
CA LEU A 117 -0.18 -15.85 34.07
C LEU A 117 1.28 -16.12 33.74
N ARG A 118 2.00 -15.10 33.30
CA ARG A 118 3.39 -15.29 32.90
C ARG A 118 4.26 -15.71 34.08
N ALA A 119 4.00 -15.13 35.25
CA ALA A 119 4.76 -15.52 36.44
C ALA A 119 4.48 -16.96 36.83
N ARG A 120 3.23 -17.40 36.69
CA ARG A 120 2.86 -18.76 37.08
C ARG A 120 3.54 -19.80 36.20
N VAL A 121 3.48 -19.62 34.88
CA VAL A 121 4.08 -20.61 33.98
C VAL A 121 5.60 -20.57 34.05
N ALA A 122 6.18 -19.45 34.50
CA ALA A 122 7.62 -19.39 34.66
C ALA A 122 8.12 -20.33 35.74
N GLN A 123 7.29 -20.61 36.75
CA GLN A 123 7.68 -21.54 37.81
C GLN A 123 7.89 -22.95 37.27
N ASP A 124 7.18 -23.31 36.21
CA ASP A 124 7.27 -24.64 35.61
C ASP A 124 8.11 -24.64 34.33
N GLY A 125 8.96 -23.64 34.16
CA GLY A 125 9.86 -23.58 33.01
C GLY A 125 9.21 -23.36 31.67
N LEU A 126 7.96 -22.88 31.63
CA LEU A 126 7.27 -22.59 30.39
C LEU A 126 7.03 -21.08 30.27
N TRP A 127 6.77 -20.63 29.05
CA TRP A 127 6.72 -19.19 28.77
C TRP A 127 5.55 -18.85 27.87
N TYR A 128 4.88 -17.75 28.19
CA TYR A 128 3.82 -17.20 27.35
C TYR A 128 4.32 -15.94 26.69
N PRO A 129 4.63 -15.98 25.39
CA PRO A 129 5.32 -14.86 24.74
C PRO A 129 4.51 -13.57 24.73
N PRO A 130 3.20 -13.58 24.30
CA PRO A 130 2.53 -12.30 24.06
C PRO A 130 2.53 -11.37 25.26
N ASP A 131 3.23 -10.24 25.13
CA ASP A 131 3.38 -9.27 26.22
C ASP A 131 2.93 -7.89 25.76
N PRO A 132 1.63 -7.63 25.76
CA PRO A 132 1.14 -6.30 25.38
C PRO A 132 1.51 -5.29 26.45
N ALA A 133 1.83 -4.06 26.01
CA ALA A 133 2.26 -2.98 26.89
C ALA A 133 1.37 -2.81 28.12
N SER A 134 0.21 -3.48 28.15
CA SER A 134 -0.66 -3.52 29.31
C SER A 134 -0.62 -4.91 29.96
N SER A 135 0.57 -5.51 29.99
CA SER A 135 0.72 -6.83 30.59
C SER A 135 0.39 -6.88 32.09
N PRO A 136 0.69 -5.87 32.92
CA PRO A 136 0.30 -5.96 34.33
C PRO A 136 -1.17 -5.67 34.60
N TRP A 137 -1.98 -5.42 33.58
CA TRP A 137 -3.36 -5.04 33.90
C TRP A 137 -4.39 -5.82 33.10
N SER A 138 -4.12 -6.10 31.82
CA SER A 138 -5.15 -6.70 30.97
C SER A 138 -5.35 -8.17 31.34
N THR A 139 -6.54 -8.67 31.02
CA THR A 139 -6.93 -10.05 31.31
C THR A 139 -6.81 -10.91 30.06
N ILE A 140 -6.70 -12.22 30.28
CA ILE A 140 -6.66 -13.15 29.17
C ILE A 140 -7.96 -13.11 28.39
N GLY A 141 -9.09 -13.01 29.10
CA GLY A 141 -10.37 -12.85 28.42
C GLY A 141 -10.40 -11.63 27.52
N GLY A 142 -9.78 -10.54 27.97
CA GLY A 142 -9.68 -9.36 27.13
C GLY A 142 -8.69 -9.52 25.99
N ASN A 143 -7.51 -10.09 26.29
CA ASN A 143 -6.48 -10.28 25.27
C ASN A 143 -6.94 -11.23 24.17
N VAL A 144 -7.74 -12.25 24.52
CA VAL A 144 -8.21 -13.19 23.51
C VAL A 144 -9.24 -12.54 22.60
N ALA A 145 -10.16 -11.76 23.17
CA ALA A 145 -11.21 -11.17 22.36
C ALA A 145 -10.70 -10.05 21.47
N THR A 146 -9.61 -9.39 21.86
CA THR A 146 -9.03 -8.34 21.03
C THR A 146 -7.85 -8.80 20.19
N ASN A 147 -7.37 -10.03 20.38
CA ASN A 147 -6.17 -10.53 19.71
C ASN A 147 -4.99 -9.59 19.95
N ALA A 148 -4.74 -9.30 21.24
CA ALA A 148 -3.73 -8.31 21.59
C ALA A 148 -2.34 -8.83 21.25
N GLY A 149 -1.47 -7.91 20.80
CA GLY A 149 -0.11 -8.24 20.47
C GLY A 149 0.86 -7.47 21.36
N GLY A 150 2.11 -7.92 21.34
CA GLY A 150 3.12 -7.34 22.20
C GLY A 150 4.34 -6.87 21.44
N LEU A 151 5.44 -6.69 22.18
CA LEU A 151 6.70 -6.26 21.57
C LEU A 151 7.39 -7.43 20.89
N CYS A 152 7.25 -8.64 21.44
CA CYS A 152 7.83 -9.84 20.86
C CYS A 152 6.92 -10.50 19.82
N CYS A 153 5.97 -9.75 19.26
CA CYS A 153 5.16 -10.33 18.19
C CYS A 153 6.01 -10.56 16.94
N VAL A 154 7.10 -9.81 16.80
CA VAL A 154 8.04 -10.02 15.72
C VAL A 154 8.83 -11.28 16.09
N LYS A 155 8.38 -12.42 15.54
CA LYS A 155 8.98 -13.77 15.59
C LYS A 155 8.15 -14.72 16.45
N TYR A 156 7.37 -14.21 17.39
CA TYR A 156 6.55 -15.08 18.23
C TYR A 156 5.06 -14.94 17.99
N GLY A 157 4.59 -13.86 17.38
CA GLY A 157 3.21 -13.78 16.98
C GLY A 157 2.32 -13.11 18.01
N VAL A 158 1.03 -13.08 17.66
CA VAL A 158 0.01 -12.45 18.50
C VAL A 158 -0.64 -13.52 19.37
N THR A 159 -1.70 -13.15 20.08
CA THR A 159 -2.38 -14.10 20.95
C THR A 159 -2.98 -15.25 20.15
N ARG A 160 -3.51 -14.97 18.96
CA ARG A 160 -4.05 -16.03 18.13
C ARG A 160 -3.04 -17.15 17.88
N ASP A 161 -1.76 -16.81 17.77
CA ASP A 161 -0.74 -17.84 17.54
C ASP A 161 -0.58 -18.80 18.72
N TYR A 162 -1.36 -18.65 19.79
CA TYR A 162 -1.24 -19.52 20.95
C TYR A 162 -2.58 -20.03 21.49
N VAL A 163 -3.71 -19.60 20.93
CA VAL A 163 -5.02 -20.04 21.40
C VAL A 163 -5.33 -21.39 20.77
N LEU A 164 -5.39 -22.44 21.59
CA LEU A 164 -5.70 -23.78 21.09
C LEU A 164 -7.17 -24.12 21.20
N GLY A 165 -7.78 -23.87 22.36
CA GLY A 165 -9.20 -24.13 22.55
C GLY A 165 -9.75 -23.28 23.66
N MET A 166 -11.07 -23.36 23.84
CA MET A 166 -11.72 -22.50 24.82
C MET A 166 -13.12 -23.03 25.12
N GLU A 167 -13.68 -22.56 26.23
CA GLU A 167 -15.06 -22.82 26.63
C GLU A 167 -15.82 -21.50 26.61
N ALA A 168 -16.84 -21.41 25.77
CA ALA A 168 -17.58 -20.17 25.60
C ALA A 168 -19.07 -20.39 25.87
N VAL A 169 -19.76 -19.29 26.12
CA VAL A 169 -21.20 -19.25 26.28
C VAL A 169 -21.77 -18.44 25.12
N VAL A 170 -22.47 -19.12 24.21
CA VAL A 170 -22.89 -18.47 22.97
C VAL A 170 -24.41 -18.58 22.88
N GLY A 171 -24.97 -18.29 21.71
CA GLY A 171 -26.40 -18.48 21.47
C GLY A 171 -27.27 -17.85 22.53
N SER A 172 -28.26 -18.59 22.98
CA SER A 172 -29.15 -18.19 24.07
C SER A 172 -28.60 -18.57 25.43
N GLY A 173 -27.37 -19.09 25.50
CA GLY A 173 -26.77 -19.43 26.77
C GLY A 173 -26.14 -20.81 26.81
N GLU A 174 -25.86 -21.38 25.64
CA GLU A 174 -25.28 -22.72 25.57
C GLU A 174 -23.77 -22.65 25.83
N VAL A 175 -23.31 -23.51 26.72
CA VAL A 175 -21.88 -23.68 26.97
C VAL A 175 -21.35 -24.69 25.96
N VAL A 176 -20.37 -24.26 25.15
CA VAL A 176 -19.80 -25.09 24.09
C VAL A 176 -18.30 -25.15 24.27
N ARG A 177 -17.71 -26.24 23.80
CA ARG A 177 -16.27 -26.42 23.80
C ARG A 177 -15.76 -26.18 22.38
N LEU A 178 -14.85 -25.21 22.24
CA LEU A 178 -14.33 -24.82 20.94
C LEU A 178 -12.83 -25.11 20.86
N GLY A 179 -12.38 -25.52 19.68
CA GLY A 179 -10.99 -25.77 19.46
C GLY A 179 -10.52 -27.12 19.98
N ARG A 180 -9.23 -27.36 19.76
CA ARG A 180 -8.57 -28.59 20.16
C ARG A 180 -7.86 -28.37 21.50
N THR A 181 -7.30 -29.45 22.04
CA THR A 181 -6.42 -29.36 23.20
C THR A 181 -5.03 -29.92 22.93
N THR A 182 -4.85 -30.67 21.83
CA THR A 182 -3.55 -31.20 21.45
C THR A 182 -2.72 -30.15 20.73
N ALA A 183 -1.66 -30.59 20.03
CA ALA A 183 -0.84 -29.71 19.23
C ALA A 183 -1.13 -29.84 17.74
N LYS A 184 -2.22 -30.51 17.38
CA LYS A 184 -2.65 -30.69 16.00
C LYS A 184 -4.13 -31.02 16.01
N GLY A 185 -4.83 -30.53 14.98
CA GLY A 185 -6.25 -30.77 14.90
C GLY A 185 -6.95 -29.87 13.90
N VAL A 186 -7.63 -30.46 12.92
CA VAL A 186 -8.36 -29.72 11.91
C VAL A 186 -9.86 -29.96 11.98
N THR A 187 -10.30 -30.90 12.82
CA THR A 187 -11.70 -31.31 12.94
C THR A 187 -12.66 -30.12 13.00
N GLY A 188 -13.51 -30.00 11.97
CA GLY A 188 -14.49 -28.93 11.94
C GLY A 188 -13.91 -27.62 11.43
N TYR A 189 -14.60 -26.53 11.77
CA TYR A 189 -14.15 -25.20 11.42
C TYR A 189 -13.19 -24.66 12.48
N ASP A 190 -12.50 -23.58 12.13
CA ASP A 190 -11.64 -22.88 13.08
C ASP A 190 -12.47 -21.84 13.84
N LEU A 191 -13.35 -22.35 14.71
CA LEU A 191 -14.21 -21.48 15.49
C LEU A 191 -13.48 -20.89 16.69
N ALA A 192 -12.57 -21.66 17.30
CA ALA A 192 -11.76 -21.13 18.39
C ALA A 192 -10.93 -19.94 17.93
N GLY A 193 -10.49 -19.95 16.67
CA GLY A 193 -9.76 -18.82 16.12
C GLY A 193 -10.66 -17.65 15.80
N LEU A 194 -11.87 -17.95 15.30
CA LEU A 194 -12.84 -16.89 15.03
C LEU A 194 -13.24 -16.16 16.30
N MET A 195 -13.19 -16.85 17.45
CA MET A 195 -13.47 -16.17 18.71
C MET A 195 -12.36 -15.19 19.08
N VAL A 196 -11.12 -15.45 18.65
CA VAL A 196 -10.03 -14.53 18.89
C VAL A 196 -10.19 -13.32 17.97
N GLY A 197 -10.03 -12.13 18.53
CA GLY A 197 -10.22 -10.91 17.76
C GLY A 197 -11.65 -10.52 17.51
N SER A 198 -12.61 -11.24 18.10
CA SER A 198 -14.03 -10.92 17.93
C SER A 198 -14.53 -9.86 18.91
N GLU A 199 -13.73 -9.47 19.89
CA GLU A 199 -14.06 -8.37 20.81
C GLU A 199 -15.39 -8.62 21.53
N GLY A 200 -15.66 -9.87 21.85
CA GLY A 200 -16.83 -10.21 22.65
C GLY A 200 -18.17 -9.95 22.03
N THR A 201 -18.24 -9.86 20.70
CA THR A 201 -19.51 -9.63 20.02
C THR A 201 -20.09 -10.91 19.43
N LEU A 202 -19.56 -12.08 19.81
CA LEU A 202 -20.10 -13.36 19.37
C LEU A 202 -20.31 -14.34 20.51
N GLY A 203 -19.91 -14.02 21.73
CA GLY A 203 -20.03 -14.91 22.86
C GLY A 203 -19.01 -14.59 23.91
N LEU A 204 -19.28 -15.06 25.12
CA LEU A 204 -18.40 -14.83 26.26
C LEU A 204 -17.52 -16.06 26.49
N VAL A 205 -16.21 -15.86 26.50
CA VAL A 205 -15.28 -16.93 26.82
C VAL A 205 -15.21 -17.09 28.32
N THR A 206 -15.42 -18.31 28.81
CA THR A 206 -15.38 -18.60 30.24
C THR A 206 -14.19 -19.47 30.63
N GLU A 207 -13.41 -19.95 29.68
CA GLU A 207 -12.23 -20.77 29.95
C GLU A 207 -11.43 -20.89 28.66
N VAL A 208 -10.13 -20.67 28.75
CA VAL A 208 -9.22 -20.63 27.61
C VAL A 208 -8.07 -21.58 27.90
N THR A 209 -7.53 -22.19 26.84
CA THR A 209 -6.34 -23.02 27.00
C THR A 209 -5.09 -22.18 26.85
N LEU A 210 -4.49 -22.16 25.66
CA LEU A 210 -3.23 -21.52 25.26
C LEU A 210 -2.07 -22.49 25.33
N ARG A 211 -1.17 -22.40 24.36
CA ARG A 211 0.06 -23.19 24.29
C ARG A 211 1.24 -22.38 24.79
N LEU A 212 2.25 -23.09 25.31
CA LEU A 212 3.40 -22.47 25.94
C LEU A 212 4.69 -22.89 25.23
N VAL A 213 5.77 -22.19 25.54
CA VAL A 213 7.09 -22.47 24.97
C VAL A 213 8.14 -22.40 26.06
N PRO A 214 9.21 -23.19 25.91
CA PRO A 214 10.28 -23.19 26.91
C PRO A 214 10.90 -21.81 27.14
N LEU A 215 11.52 -21.64 28.30
CA LEU A 215 12.00 -20.36 28.79
C LEU A 215 13.30 -19.96 28.06
N ARG A 216 13.12 -19.57 26.80
CA ARG A 216 14.16 -18.95 25.95
C ARG A 216 15.39 -18.43 26.68
N GLU A 220 19.00 -11.56 24.61
CA GLU A 220 19.24 -10.67 25.74
C GLU A 220 20.02 -9.44 25.29
N HIS A 221 20.28 -9.37 23.99
CA HIS A 221 21.11 -8.32 23.42
C HIS A 221 20.24 -7.15 22.98
N THR A 222 20.40 -6.01 23.64
CA THR A 222 19.78 -4.76 23.20
C THR A 222 20.64 -4.13 22.10
N VAL A 223 20.11 -3.10 21.44
CA VAL A 223 20.82 -2.60 20.27
C VAL A 223 20.96 -1.08 20.32
N VAL A 224 19.90 -0.37 20.74
CA VAL A 224 19.90 1.08 20.89
C VAL A 224 20.22 1.79 19.57
N GLY A 225 19.99 3.10 19.52
CA GLY A 225 20.30 3.88 18.34
C GLY A 225 19.74 5.29 18.40
N TYR A 226 20.59 6.28 18.62
CA TYR A 226 20.12 7.66 18.78
C TYR A 226 20.07 8.31 17.41
N PHE A 227 18.86 8.51 16.89
CA PHE A 227 18.63 9.02 15.55
C PHE A 227 17.82 10.32 15.63
N ASP A 228 17.46 10.88 14.46
CA ASP A 228 16.88 12.21 14.41
C ASP A 228 15.44 12.13 13.90
N SER A 229 15.19 12.36 12.63
CA SER A 229 13.84 12.61 12.15
C SER A 229 13.05 11.31 12.02
N LEU A 230 11.75 11.46 11.74
CA LEU A 230 10.90 10.30 11.50
C LEU A 230 11.02 9.82 10.05
N THR A 231 11.27 10.73 9.11
CA THR A 231 11.54 10.32 7.73
C THR A 231 12.75 9.41 7.65
N ASP A 232 13.79 9.69 8.44
CA ASP A 232 14.97 8.84 8.42
C ASP A 232 14.87 7.96 9.65
N ALA A 233 16.00 7.56 10.25
CA ALA A 233 15.94 6.85 11.52
C ALA A 233 15.13 5.58 11.36
N GLY A 234 13.82 5.74 11.15
CA GLY A 234 12.96 4.62 10.83
C GLY A 234 13.49 3.78 9.69
N ARG A 235 13.93 4.42 8.60
CA ARG A 235 14.33 3.69 7.39
C ARG A 235 15.28 2.52 7.67
N ALA A 236 15.82 2.44 8.88
CA ALA A 236 16.54 1.23 9.26
C ALA A 236 15.59 0.09 9.57
N VAL A 237 14.27 0.33 9.50
CA VAL A 237 13.29 -0.74 9.62
C VAL A 237 12.91 -1.26 8.24
N ALA A 238 12.95 -0.40 7.22
CA ALA A 238 12.83 -0.84 5.84
C ALA A 238 14.10 -1.52 5.34
N ALA A 239 15.14 -1.56 6.16
CA ALA A 239 16.41 -2.21 5.83
C ALA A 239 16.68 -3.44 6.69
N VAL A 240 16.37 -3.40 7.98
CA VAL A 240 16.56 -4.57 8.84
C VAL A 240 15.73 -5.74 8.30
N SER A 241 14.47 -5.49 7.97
CA SER A 241 13.65 -6.55 7.37
C SER A 241 14.13 -6.89 5.98
N ALA A 242 14.57 -5.89 5.21
CA ALA A 242 15.02 -6.14 3.85
C ALA A 242 16.39 -6.79 3.81
N ALA A 243 17.21 -6.60 4.85
CA ALA A 243 18.55 -7.14 4.88
C ALA A 243 18.77 -8.13 6.02
N GLY A 244 18.56 -7.71 7.26
CA GLY A 244 18.99 -8.51 8.40
C GLY A 244 17.92 -9.17 9.24
N ILE A 245 17.69 -10.46 8.98
CA ILE A 245 16.89 -11.41 9.76
C ILE A 245 15.71 -10.80 10.51
N VAL A 246 15.41 -11.37 11.68
CA VAL A 246 14.27 -10.97 12.49
C VAL A 246 14.77 -10.64 13.89
N PRO A 247 14.64 -9.39 14.35
CA PRO A 247 14.97 -9.05 15.74
C PRO A 247 13.85 -9.49 16.69
N SER A 248 14.23 -10.19 17.76
CA SER A 248 13.26 -10.61 18.76
C SER A 248 12.40 -9.45 19.25
N ALA A 249 12.87 -8.21 19.08
CA ALA A 249 12.06 -7.04 19.34
C ALA A 249 12.65 -5.89 18.55
N LEU A 250 11.81 -4.89 18.28
CA LEU A 250 12.18 -3.71 17.50
C LEU A 250 11.12 -2.65 17.70
N GLU A 251 11.44 -1.62 18.45
CA GLU A 251 10.49 -0.57 18.78
C GLU A 251 10.97 0.74 18.18
N LEU A 252 10.09 1.73 18.26
CA LEU A 252 10.34 3.05 17.67
C LEU A 252 9.64 4.07 18.57
N ILE A 253 10.41 4.60 19.52
CA ILE A 253 9.89 5.58 20.44
C ILE A 253 10.68 6.86 20.23
N ASP A 254 10.02 7.99 20.43
CA ASP A 254 10.66 9.27 20.21
C ASP A 254 10.93 9.94 21.55
N ARG A 255 11.85 10.90 21.53
CA ARG A 255 12.25 11.58 22.74
C ARG A 255 11.06 12.33 23.36
N PHE A 256 10.05 12.63 22.55
CA PHE A 256 8.88 13.38 23.01
C PHE A 256 8.10 12.63 24.09
N CYS A 257 8.11 11.30 24.06
CA CYS A 257 7.44 10.52 25.09
C CYS A 257 8.34 10.23 26.29
N LEU A 258 9.65 10.13 26.05
CA LEU A 258 10.59 9.83 27.12
C LEU A 258 10.63 10.93 28.18
N GLN A 259 10.78 12.19 27.76
CA GLN A 259 10.81 13.30 28.71
C GLN A 259 9.43 13.61 29.26
N ALA A 260 8.51 12.66 29.13
CA ALA A 260 7.32 12.65 29.96
C ALA A 260 7.29 11.45 30.88
N VAL A 261 8.15 10.45 30.64
CA VAL A 261 8.36 9.37 31.60
C VAL A 261 9.43 9.78 32.61
N ASP A 262 10.40 10.60 32.20
CA ASP A 262 11.47 11.02 33.09
C ASP A 262 11.02 12.06 34.11
N GLU A 263 9.77 12.55 34.00
CA GLU A 263 9.16 13.39 35.01
C GLU A 263 8.31 12.61 35.98
N TRP A 264 7.74 11.49 35.52
CA TRP A 264 6.82 10.70 36.32
C TRP A 264 7.54 9.47 36.85
N LYS A 265 8.45 9.73 37.77
CA LYS A 265 9.29 8.74 38.41
C LYS A 265 10.02 7.85 37.39
N GLY A 273 20.06 11.92 19.63
CA GLY A 273 19.43 12.48 18.46
C GLY A 273 18.05 13.07 18.73
N GLU A 274 17.01 12.45 18.16
CA GLU A 274 15.65 12.95 18.31
C GLU A 274 14.66 11.79 18.44
N VAL A 275 14.86 10.71 17.69
CA VAL A 275 13.93 9.58 17.66
C VAL A 275 14.77 8.30 17.63
N LEU A 276 14.61 7.46 18.66
CA LEU A 276 15.44 6.27 18.76
C LEU A 276 14.80 5.06 18.09
N LEU A 277 15.51 3.94 18.13
CA LEU A 277 15.09 2.71 17.45
C LEU A 277 15.80 1.55 18.16
N LEU A 278 15.12 0.95 19.14
CA LEU A 278 15.71 -0.14 19.89
C LEU A 278 15.43 -1.48 19.21
N ALA A 279 16.41 -2.38 19.28
CA ALA A 279 16.25 -3.73 18.74
C ALA A 279 16.84 -4.74 19.72
N ARG A 280 16.45 -6.01 19.53
CA ARG A 280 16.78 -7.10 20.44
C ARG A 280 17.15 -8.36 19.67
N SER A 281 17.77 -9.30 20.38
CA SER A 281 18.22 -10.57 19.81
C SER A 281 18.37 -11.57 20.97
N ASP A 282 17.52 -12.59 21.00
CA ASP A 282 17.58 -13.61 22.05
C ASP A 282 17.93 -14.94 21.40
N LEU A 283 19.24 -15.23 21.37
CA LEU A 283 19.76 -16.47 20.83
C LEU A 283 20.86 -16.91 21.79
N PRO A 284 20.83 -18.16 22.25
CA PRO A 284 21.79 -18.58 23.29
C PRO A 284 23.19 -18.75 22.72
N GLY A 285 24.17 -18.16 23.41
CA GLY A 285 25.56 -18.39 23.06
C GLY A 285 26.08 -17.48 21.96
N THR A 286 27.07 -18.00 21.22
CA THR A 286 27.66 -17.23 20.12
C THR A 286 26.63 -16.95 19.03
N SER A 287 25.78 -17.92 18.71
CA SER A 287 24.59 -17.56 17.97
C SER A 287 23.76 -16.67 18.88
N GLY A 288 23.72 -15.37 18.58
CA GLY A 288 23.11 -14.41 19.48
C GLY A 288 23.95 -13.18 19.67
N GLN A 289 25.28 -13.34 19.75
CA GLN A 289 26.11 -12.14 19.65
C GLN A 289 26.10 -11.60 18.24
N GLU A 290 26.08 -12.47 17.24
CA GLU A 290 26.01 -11.95 15.86
C GLU A 290 24.67 -11.30 15.54
N GLU A 291 23.57 -11.81 16.08
CA GLU A 291 22.35 -11.06 15.83
C GLU A 291 22.46 -9.65 16.38
N ALA A 292 23.25 -9.46 17.44
CA ALA A 292 23.38 -8.12 17.98
C ALA A 292 24.37 -7.27 17.18
N ASP A 293 25.35 -7.87 16.51
CA ASP A 293 26.16 -7.11 15.55
C ASP A 293 25.65 -7.23 14.12
N ARG A 294 24.64 -8.07 13.85
CA ARG A 294 24.00 -8.03 12.53
C ARG A 294 22.99 -6.89 12.50
N ILE A 295 22.28 -6.70 13.62
CA ILE A 295 21.43 -5.54 13.87
C ILE A 295 22.32 -4.39 14.32
N LEU A 296 23.07 -3.80 13.39
CA LEU A 296 23.79 -2.56 13.60
C LEU A 296 24.14 -2.02 12.23
N GLU A 297 24.41 -2.95 11.31
CA GLU A 297 24.80 -2.62 9.95
C GLU A 297 23.80 -1.67 9.32
N CYS A 298 22.52 -1.86 9.63
CA CYS A 298 21.46 -0.95 9.18
C CYS A 298 21.46 0.38 9.92
N PHE A 299 22.08 0.46 11.10
CA PHE A 299 21.91 1.64 11.93
C PHE A 299 22.92 2.76 11.67
N GLU A 300 24.11 2.48 11.15
CA GLU A 300 25.03 3.56 10.85
C GLU A 300 25.04 3.99 9.39
N LYS A 301 24.55 3.16 8.45
CA LYS A 301 24.41 3.66 7.09
C LYS A 301 23.22 4.61 6.98
N GLU A 302 22.83 5.23 8.10
CA GLU A 302 21.69 6.15 8.14
C GLU A 302 21.95 7.17 9.26
N LYS A 303 22.64 8.25 8.89
CA LYS A 303 23.01 9.32 9.81
C LYS A 303 23.73 8.76 11.03
N ALA A 304 22.97 8.35 12.05
CA ALA A 304 23.49 7.70 13.25
C ALA A 304 24.46 8.58 14.02
N VAL A 305 23.94 9.32 15.01
CA VAL A 305 24.81 10.10 15.88
C VAL A 305 25.61 9.18 16.80
N TYR A 306 24.92 8.21 17.41
CA TYR A 306 25.55 7.38 18.44
C TYR A 306 25.62 5.92 17.99
N ALA A 307 24.56 5.16 18.26
CA ALA A 307 24.46 3.74 17.94
C ALA A 307 25.61 2.94 18.55
N VAL A 308 25.36 2.36 19.72
CA VAL A 308 26.35 1.56 20.44
C VAL A 308 25.77 0.16 20.60
N ARG A 309 26.56 -0.85 20.25
CA ARG A 309 26.18 -2.25 20.47
C ARG A 309 25.42 -2.42 21.79
N SER A 310 25.92 -1.82 22.87
CA SER A 310 25.26 -1.74 24.17
C SER A 310 25.15 -3.13 24.78
N THR A 311 23.94 -3.63 25.08
CA THR A 311 23.69 -4.97 25.64
C THR A 311 24.18 -5.07 27.09
N ASP A 312 24.11 -3.97 27.84
CA ASP A 312 24.64 -3.98 29.20
C ASP A 312 23.53 -4.03 30.24
N GLU A 313 22.75 -5.12 30.27
CA GLU A 313 21.57 -5.23 31.14
C GLU A 313 20.82 -3.91 31.38
N ALA A 316 20.88 1.23 29.14
CA ALA A 316 20.84 -0.21 29.43
C ALA A 316 19.48 -0.77 29.03
N GLU A 317 19.02 -1.78 29.78
CA GLU A 317 17.65 -2.23 29.64
C GLU A 317 16.67 -1.11 29.94
N ALA A 318 17.09 -0.11 30.73
CA ALA A 318 16.24 1.01 31.14
C ALA A 318 15.47 1.65 29.99
N LEU A 319 15.87 1.39 28.75
CA LEU A 319 15.22 2.00 27.60
C LEU A 319 13.96 1.28 27.17
N PHE A 320 13.79 0.00 27.54
CA PHE A 320 12.57 -0.73 27.19
C PHE A 320 11.46 -0.53 28.20
N GLN A 321 11.78 -0.38 29.49
CA GLN A 321 10.75 0.00 30.44
C GLN A 321 10.17 1.36 30.07
N ALA A 322 11.00 2.24 29.54
CA ALA A 322 10.54 3.53 29.03
C ALA A 322 9.56 3.35 27.87
N ARG A 323 9.83 2.41 26.98
CA ARG A 323 8.89 2.14 25.89
C ARG A 323 7.59 1.56 26.43
N ARG A 324 7.65 0.67 27.41
CA ARG A 324 6.42 0.16 27.99
C ARG A 324 5.65 1.26 28.71
N LEU A 325 6.35 2.11 29.47
CA LEU A 325 5.68 3.17 30.20
C LEU A 325 5.45 4.39 29.32
N ALA A 326 5.35 4.18 28.00
CA ALA A 326 5.10 5.30 27.10
C ALA A 326 3.65 5.74 27.19
N TYR A 327 2.72 4.80 27.37
CA TYR A 327 1.31 5.15 27.52
C TYR A 327 0.97 5.38 29.00
N PRO A 328 1.58 4.67 29.95
CA PRO A 328 1.40 5.07 31.36
C PRO A 328 1.87 6.49 31.62
N ALA A 329 2.75 7.02 30.78
CA ALA A 329 3.01 8.44 30.73
C ALA A 329 2.09 9.07 29.68
N LEU A 330 1.95 10.39 29.75
CA LEU A 330 1.09 11.21 28.90
C LEU A 330 -0.39 10.91 29.13
N GLU A 331 -0.75 10.32 30.27
CA GLU A 331 -2.14 10.11 30.66
C GLU A 331 -2.50 10.94 31.87
N ARG A 332 -1.51 11.34 32.65
CA ARG A 332 -1.70 12.24 33.78
C ARG A 332 -1.30 13.65 33.36
N LEU A 333 -0.97 13.81 32.08
CA LEU A 333 -0.64 15.08 31.45
C LEU A 333 -1.77 15.57 30.57
N GLY A 334 -2.97 15.00 30.74
CA GLY A 334 -4.12 15.35 29.95
C GLY A 334 -4.73 14.14 29.25
N PRO A 335 -5.87 14.34 28.60
CA PRO A 335 -6.48 13.27 27.80
C PRO A 335 -5.62 12.94 26.59
N LEU A 336 -5.52 11.64 26.29
CA LEU A 336 -4.65 11.16 25.23
C LEU A 336 -5.51 10.47 24.18
N LEU A 337 -5.42 10.94 22.94
CA LEU A 337 -6.01 10.28 21.79
C LEU A 337 -4.94 9.43 21.12
N THR A 338 -5.22 8.14 20.95
CA THR A 338 -4.27 7.22 20.34
C THR A 338 -4.85 6.61 19.08
N GLU A 339 -3.99 6.44 18.08
CA GLU A 339 -4.34 5.71 16.88
C GLU A 339 -3.39 4.53 16.75
N ASP A 340 -3.80 3.52 15.98
CA ASP A 340 -3.02 2.29 15.87
C ASP A 340 -3.18 1.76 14.43
N VAL A 341 -2.33 2.24 13.54
CA VAL A 341 -2.30 1.75 12.17
C VAL A 341 -1.16 0.77 12.03
N CYS A 342 -1.32 -0.17 11.09
CA CYS A 342 -0.29 -1.14 10.76
C CYS A 342 -0.14 -1.18 9.24
N VAL A 343 1.04 -0.87 8.75
CA VAL A 343 1.31 -0.75 7.32
C VAL A 343 2.40 -1.75 6.97
N PRO A 344 2.58 -2.06 5.68
CA PRO A 344 3.71 -2.92 5.30
C PRO A 344 5.02 -2.31 5.76
N LYS A 345 5.98 -3.19 6.07
CA LYS A 345 7.26 -2.74 6.61
C LYS A 345 7.99 -1.80 5.64
N ALA A 346 7.78 -1.99 4.34
CA ALA A 346 8.43 -1.13 3.35
C ALA A 346 7.80 0.25 3.27
N ARG A 347 6.67 0.49 3.93
CA ARG A 347 5.97 1.75 3.87
C ARG A 347 6.00 2.51 5.19
N VAL A 348 6.74 1.99 6.18
CA VAL A 348 6.92 2.71 7.44
C VAL A 348 7.57 4.08 7.24
N PRO A 349 8.62 4.24 6.42
CA PRO A 349 9.20 5.58 6.26
C PRO A 349 8.21 6.63 5.79
N HIS A 350 7.38 6.31 4.78
CA HIS A 350 6.36 7.27 4.36
C HIS A 350 5.30 7.46 5.42
N MET A 351 4.94 6.38 6.13
CA MET A 351 3.90 6.48 7.14
C MET A 351 4.33 7.43 8.25
N LEU A 352 5.60 7.35 8.65
CA LEU A 352 6.14 8.33 9.59
C LEU A 352 6.17 9.72 8.98
N GLU A 353 6.38 9.81 7.66
CA GLU A 353 6.28 11.10 6.97
C GLU A 353 4.86 11.65 7.01
N ALA A 354 3.86 10.79 6.84
CA ALA A 354 2.49 11.27 6.80
C ALA A 354 2.02 11.72 8.17
N ILE A 355 2.47 11.03 9.23
CA ILE A 355 2.08 11.44 10.58
C ILE A 355 2.68 12.79 10.93
N GLU A 356 3.96 12.98 10.62
CA GLU A 356 4.59 14.27 10.91
C GLU A 356 4.07 15.37 10.00
N ALA A 357 3.70 15.03 8.75
CA ALA A 357 3.09 16.01 7.86
C ALA A 357 1.67 16.32 8.26
N ALA A 358 0.92 15.33 8.76
CA ALA A 358 -0.40 15.60 9.30
C ALA A 358 -0.34 16.38 10.61
N GLY A 359 0.82 16.41 11.26
CA GLY A 359 0.97 17.23 12.44
C GLY A 359 1.05 18.72 12.18
N GLU A 360 1.41 19.11 10.96
CA GLU A 360 1.41 20.53 10.59
C GLU A 360 0.16 20.96 9.86
N ARG A 361 -0.45 20.07 9.07
CA ARG A 361 -1.72 20.40 8.43
C ARG A 361 -2.82 20.66 9.44
N PHE A 362 -2.64 20.29 10.71
CA PHE A 362 -3.66 20.55 11.72
C PHE A 362 -3.03 21.02 13.03
N ASP A 363 -1.95 21.81 12.92
CA ASP A 363 -1.21 22.41 14.03
C ASP A 363 -1.23 21.60 15.32
N THR A 364 -1.10 20.27 15.21
CA THR A 364 -1.05 19.39 16.36
C THR A 364 0.23 18.58 16.33
N ARG A 365 1.02 18.66 17.39
CA ARG A 365 2.32 18.01 17.48
C ARG A 365 2.12 16.57 17.94
N ILE A 366 2.13 15.65 16.99
CA ILE A 366 1.78 14.25 17.23
C ILE A 366 3.03 13.49 17.66
N GLY A 367 2.99 12.91 18.86
CA GLY A 367 4.05 12.03 19.29
C GLY A 367 3.93 10.64 18.70
N ASN A 368 5.07 10.00 18.48
CA ASN A 368 5.13 8.75 17.74
C ASN A 368 5.84 7.68 18.57
N ILE A 369 5.13 6.57 18.82
CA ILE A 369 5.71 5.33 19.28
C ILE A 369 5.21 4.24 18.35
N ALA A 370 6.01 3.20 18.15
CA ALA A 370 5.66 2.20 17.16
C ALA A 370 6.38 0.89 17.42
N HIS A 371 5.68 -0.22 17.21
CA HIS A 371 6.31 -1.54 17.12
C HIS A 371 6.87 -1.64 15.71
N ALA A 372 8.06 -1.06 15.53
CA ALA A 372 8.68 -0.97 14.21
C ALA A 372 9.07 -2.32 13.65
N GLY A 373 9.05 -3.38 14.47
CA GLY A 373 9.43 -4.70 13.99
C GLY A 373 8.47 -5.29 12.97
N ASP A 374 7.24 -4.77 12.91
CA ASP A 374 6.28 -5.27 11.94
C ASP A 374 5.51 -4.15 11.24
N GLY A 375 5.93 -2.89 11.42
CA GLY A 375 5.26 -1.80 10.75
C GLY A 375 4.01 -1.31 11.45
N ASN A 376 3.85 -1.64 12.73
CA ASN A 376 2.69 -1.21 13.50
C ASN A 376 3.05 0.08 14.24
N LEU A 377 2.40 1.18 13.88
CA LEU A 377 2.66 2.49 14.46
C LEU A 377 1.54 2.87 15.41
N HIS A 378 1.92 3.59 16.48
CA HIS A 378 0.98 4.12 17.48
C HIS A 378 1.17 5.63 17.50
N PRO A 379 0.58 6.37 16.56
CA PRO A 379 0.57 7.83 16.68
C PRO A 379 -0.30 8.25 17.86
N LEU A 380 0.17 9.25 18.58
CA LEU A 380 -0.54 9.71 19.77
C LEU A 380 -0.33 11.20 19.95
N PHE A 381 -1.41 11.92 20.25
CA PHE A 381 -1.37 13.33 20.57
C PHE A 381 -2.04 13.57 21.91
N ILE A 382 -1.50 14.49 22.70
CA ILE A 382 -2.06 14.83 24.01
C ILE A 382 -2.83 16.14 23.86
N VAL A 383 -4.13 16.09 24.18
CA VAL A 383 -4.98 17.27 24.04
C VAL A 383 -5.01 18.05 25.35
N PRO A 384 -4.69 19.34 25.34
CA PRO A 384 -4.82 20.15 26.56
C PRO A 384 -6.29 20.28 26.92
N ALA A 385 -6.65 19.89 28.15
CA ALA A 385 -8.02 19.99 28.62
C ALA A 385 -8.65 21.37 28.43
N GLY A 386 -7.90 22.33 27.92
CA GLY A 386 -8.43 23.65 27.62
C GLY A 386 -8.27 24.10 26.18
N ASP A 387 -7.24 23.59 25.49
CA ASP A 387 -7.02 23.93 24.08
C ASP A 387 -7.95 23.05 23.24
N GLU A 388 -9.01 23.68 22.72
CA GLU A 388 -10.07 22.98 22.03
C GLU A 388 -9.73 22.61 20.58
N GLU A 389 -9.24 23.58 19.80
CA GLU A 389 -9.09 23.37 18.38
C GLU A 389 -8.04 22.31 18.07
N ALA A 390 -7.01 22.21 18.90
CA ALA A 390 -6.05 21.12 18.75
C ALA A 390 -6.70 19.77 19.05
N LYS A 391 -7.73 19.75 19.90
CA LYS A 391 -8.52 18.54 20.11
C LYS A 391 -9.32 18.15 18.89
N ARG A 392 -9.82 19.13 18.14
CA ARG A 392 -10.70 18.84 17.01
C ARG A 392 -9.97 18.74 15.68
N ARG A 393 -8.82 19.40 15.55
CA ARG A 393 -7.95 19.11 14.42
C ARG A 393 -7.32 17.73 14.54
N ALA A 394 -6.98 17.31 15.76
CA ALA A 394 -6.35 16.01 15.94
C ALA A 394 -7.26 14.89 15.47
N LYS A 395 -8.55 14.97 15.78
CA LYS A 395 -9.47 13.95 15.29
C LYS A 395 -9.44 13.89 13.77
N GLN A 396 -9.47 15.05 13.12
CA GLN A 396 -9.32 15.09 11.67
C GLN A 396 -7.92 14.67 11.27
N ALA A 397 -6.92 14.99 12.10
CA ALA A 397 -5.55 14.58 11.81
C ALA A 397 -5.38 13.07 11.97
N PHE A 398 -5.99 12.49 13.01
CA PHE A 398 -5.94 11.05 13.17
C PHE A 398 -6.90 10.33 12.22
N GLU A 399 -7.82 11.07 11.59
CA GLU A 399 -8.68 10.48 10.58
C GLU A 399 -8.00 10.39 9.22
N VAL A 400 -7.15 11.36 8.86
CA VAL A 400 -6.40 11.26 7.61
C VAL A 400 -5.28 10.23 7.73
N ILE A 401 -4.81 9.94 8.94
CA ILE A 401 -3.78 8.92 9.12
C ILE A 401 -4.34 7.54 8.78
N VAL A 402 -5.54 7.23 9.28
CA VAL A 402 -6.15 5.95 8.95
C VAL A 402 -6.48 5.88 7.47
N ASP A 403 -7.01 6.97 6.91
CA ASP A 403 -7.31 6.98 5.48
C ASP A 403 -6.04 6.87 4.65
N GLU A 404 -4.90 7.34 5.18
CA GLU A 404 -3.64 7.17 4.47
C GLU A 404 -3.09 5.76 4.63
N ALA A 405 -3.16 5.22 5.85
CA ALA A 405 -2.65 3.87 6.09
C ALA A 405 -3.43 2.83 5.31
N LEU A 406 -4.70 3.12 5.01
CA LEU A 406 -5.50 2.20 4.20
C LEU A 406 -5.04 2.20 2.75
N ALA A 407 -4.66 3.37 2.22
CA ALA A 407 -4.25 3.45 0.82
C ALA A 407 -2.87 2.83 0.58
N VAL A 408 -1.97 2.87 1.56
CA VAL A 408 -0.65 2.25 1.35
C VAL A 408 -0.76 0.74 1.33
N GLY A 409 -1.80 0.18 1.95
CA GLY A 409 -1.97 -1.26 1.96
C GLY A 409 -1.99 -1.84 3.35
N GLY A 410 -2.24 -1.00 4.35
CA GLY A 410 -2.29 -1.43 5.73
C GLY A 410 -3.71 -1.61 6.23
N THR A 411 -3.84 -1.69 7.54
CA THR A 411 -5.13 -1.91 8.19
C THR A 411 -5.34 -0.86 9.27
N VAL A 412 -6.62 -0.64 9.61
CA VAL A 412 -6.98 0.46 10.51
C VAL A 412 -6.51 0.18 11.93
N THR A 413 -6.34 -1.08 12.30
CA THR A 413 -5.88 -1.43 13.64
C THR A 413 -4.90 -2.59 13.56
N GLY A 414 -3.93 -2.59 14.45
CA GLY A 414 -2.91 -3.62 14.46
C GLY A 414 -2.97 -4.53 15.67
N GLU A 415 -3.48 -4.01 16.79
CA GLU A 415 -3.56 -4.80 18.00
C GLU A 415 -4.70 -4.35 18.92
N HIS A 416 -4.97 -3.05 18.94
CA HIS A 416 -5.93 -2.47 19.87
C HIS A 416 -7.38 -2.85 19.56
N GLY A 417 -7.67 -3.36 18.36
CA GLY A 417 -9.02 -3.71 18.00
C GLY A 417 -9.82 -2.53 17.48
N VAL A 418 -10.96 -2.85 16.87
CA VAL A 418 -11.80 -1.82 16.26
C VAL A 418 -12.62 -1.10 17.33
N GLY A 419 -13.42 -1.84 18.07
CA GLY A 419 -14.20 -1.25 19.16
C GLY A 419 -15.20 -0.24 18.62
N LEU A 420 -15.09 1.00 19.10
CA LEU A 420 -15.96 2.09 18.66
C LEU A 420 -15.22 3.18 17.90
N LEU A 421 -14.04 3.59 18.38
CA LEU A 421 -13.34 4.74 17.83
C LEU A 421 -12.79 4.48 16.43
N LYS A 422 -12.71 3.22 15.99
CA LYS A 422 -12.16 2.88 14.69
C LYS A 422 -13.18 2.13 13.84
N MET A 423 -14.48 2.36 14.08
CA MET A 423 -15.51 1.61 13.38
C MET A 423 -15.69 2.04 11.93
N ARG A 424 -15.71 3.35 11.69
CA ARG A 424 -15.88 3.86 10.34
C ARG A 424 -14.71 3.41 9.48
N GLY A 425 -13.53 3.99 9.67
CA GLY A 425 -12.31 3.56 9.00
C GLY A 425 -12.20 2.07 8.74
N ALA A 426 -12.63 1.25 9.71
CA ALA A 426 -12.62 -0.20 9.51
C ALA A 426 -13.63 -0.63 8.46
N ALA A 427 -14.81 0.02 8.43
CA ALA A 427 -15.81 -0.30 7.43
C ALA A 427 -15.29 -0.01 6.02
N ASP A 428 -14.41 0.99 5.89
CA ASP A 428 -13.84 1.31 4.59
C ASP A 428 -12.84 0.24 4.15
N GLU A 429 -12.09 -0.32 5.10
CA GLU A 429 -11.12 -1.35 4.74
C GLU A 429 -11.82 -2.64 4.33
N LEU A 430 -12.73 -3.12 5.18
CA LEU A 430 -13.42 -4.37 4.88
C LEU A 430 -14.30 -4.24 3.64
N GLY A 431 -14.93 -3.07 3.47
CA GLY A 431 -15.77 -2.84 2.32
C GLY A 431 -17.17 -3.37 2.53
N PRO A 432 -18.03 -3.16 1.53
CA PRO A 432 -19.45 -3.55 1.71
C PRO A 432 -19.65 -5.04 1.73
N HIS A 433 -18.89 -5.80 0.94
CA HIS A 433 -19.10 -7.25 0.85
C HIS A 433 -18.70 -7.95 2.14
N VAL A 434 -17.56 -7.58 2.72
CA VAL A 434 -17.10 -8.24 3.93
C VAL A 434 -18.01 -7.90 5.11
N LEU A 435 -18.51 -6.66 5.14
CA LEU A 435 -19.45 -6.27 6.19
C LEU A 435 -20.72 -7.09 6.13
N ALA A 436 -21.16 -7.45 4.92
CA ALA A 436 -22.35 -8.30 4.79
C ALA A 436 -22.12 -9.67 5.43
N MET A 437 -20.92 -10.23 5.26
CA MET A 437 -20.60 -11.50 5.89
C MET A 437 -20.51 -11.36 7.41
N HIS A 438 -20.05 -10.19 7.90
CA HIS A 438 -19.94 -9.99 9.34
C HIS A 438 -21.32 -10.03 9.99
N ARG A 439 -22.28 -9.31 9.42
CA ARG A 439 -23.64 -9.34 9.95
C ARG A 439 -24.24 -10.74 9.84
N ALA A 440 -23.94 -11.45 8.75
CA ALA A 440 -24.44 -12.80 8.58
C ALA A 440 -23.85 -13.75 9.60
N VAL A 441 -22.55 -13.64 9.88
CA VAL A 441 -21.91 -14.51 10.85
C VAL A 441 -22.44 -14.23 12.26
N LYS A 442 -22.44 -12.96 12.65
CA LYS A 442 -22.94 -12.61 13.98
C LYS A 442 -24.40 -13.00 14.15
N GLY A 443 -25.19 -12.91 13.07
CA GLY A 443 -26.57 -13.32 13.14
C GLY A 443 -26.75 -14.80 13.43
N ALA A 444 -25.81 -15.62 12.95
CA ALA A 444 -25.92 -17.06 13.16
C ALA A 444 -25.51 -17.47 14.57
N LEU A 445 -24.45 -16.87 15.10
CA LEU A 445 -23.95 -17.21 16.43
C LEU A 445 -24.56 -16.34 17.53
N ASP A 446 -25.15 -15.20 17.17
CA ASP A 446 -25.86 -14.34 18.11
C ASP A 446 -27.21 -13.98 17.50
N PRO A 447 -28.15 -14.94 17.49
CA PRO A 447 -29.45 -14.67 16.86
C PRO A 447 -30.26 -13.62 17.58
N ALA A 448 -30.05 -13.44 18.89
CA ALA A 448 -30.76 -12.42 19.64
C ALA A 448 -30.12 -11.05 19.52
N GLY A 449 -28.89 -10.96 19.06
CA GLY A 449 -28.21 -9.69 18.90
C GLY A 449 -27.87 -9.00 20.20
N ILE A 450 -27.47 -9.77 21.22
CA ILE A 450 -27.24 -9.21 22.55
C ILE A 450 -25.75 -9.03 22.88
N PHE A 451 -24.86 -9.73 22.19
CA PHE A 451 -23.43 -9.72 22.53
C PHE A 451 -22.76 -8.49 21.93
N ASN A 452 -22.62 -7.44 22.74
CA ASN A 452 -21.91 -6.21 22.39
C ASN A 452 -22.36 -5.70 21.03
N PRO A 453 -23.61 -5.28 20.89
CA PRO A 453 -24.13 -4.89 19.57
C PRO A 453 -23.67 -3.50 19.16
N GLY A 454 -23.32 -3.38 17.88
CA GLY A 454 -22.92 -2.11 17.32
C GLY A 454 -21.45 -1.81 17.44
N LYS A 455 -20.62 -2.81 17.72
CA LYS A 455 -19.19 -2.62 17.80
C LYS A 455 -18.51 -3.43 16.70
N VAL A 456 -17.37 -2.91 16.25
CA VAL A 456 -16.62 -3.41 15.09
C VAL A 456 -17.41 -3.10 13.83
N PHE A 457 -18.58 -3.70 13.69
CA PHE A 457 -19.51 -3.35 12.63
C PHE A 457 -20.85 -2.98 13.26
N ALA A 458 -21.68 -2.29 12.47
CA ALA A 458 -22.99 -1.85 12.93
C ALA A 458 -24.06 -2.78 12.38
N LEU A 459 -24.84 -3.38 13.27
CA LEU A 459 -25.98 -4.17 12.84
C LEU A 459 -27.04 -3.28 12.23
N GLU A 460 -27.58 -3.73 11.10
CA GLU A 460 -28.66 -3.13 10.25
C GLU A 460 -28.17 -3.18 8.81
N GLY B 3 -30.59 -26.22 -20.80
CA GLY B 3 -29.75 -27.09 -20.00
C GLY B 3 -28.86 -26.35 -19.02
N VAL B 4 -28.21 -27.11 -18.14
CA VAL B 4 -27.32 -26.50 -17.16
C VAL B 4 -25.91 -26.29 -17.69
N VAL B 5 -25.47 -27.14 -18.63
CA VAL B 5 -24.12 -27.01 -19.16
C VAL B 5 -24.10 -25.85 -20.13
N GLU B 6 -25.25 -25.60 -20.75
CA GLU B 6 -25.39 -24.53 -21.72
C GLU B 6 -25.01 -23.19 -21.10
N GLU B 7 -25.36 -22.96 -19.84
CA GLU B 7 -25.00 -21.69 -19.20
C GLU B 7 -23.51 -21.63 -18.91
N LEU B 8 -22.90 -22.77 -18.53
CA LEU B 8 -21.45 -22.80 -18.34
C LEU B 8 -20.74 -22.53 -19.66
N VAL B 9 -21.25 -23.10 -20.74
CA VAL B 9 -20.65 -22.85 -22.06
C VAL B 9 -20.96 -21.43 -22.52
N ALA B 10 -22.08 -20.86 -22.08
CA ALA B 10 -22.44 -19.50 -22.45
C ALA B 10 -21.67 -18.43 -21.68
N ALA B 11 -21.09 -18.77 -20.52
CA ALA B 11 -20.36 -17.74 -19.76
C ALA B 11 -18.88 -17.72 -20.11
N ILE B 12 -18.17 -18.82 -19.84
CA ILE B 12 -16.75 -18.93 -20.17
C ILE B 12 -16.47 -20.36 -20.62
N GLY B 13 -17.33 -20.91 -21.47
CA GLY B 13 -17.24 -22.32 -21.72
C GLY B 13 -16.78 -22.77 -23.10
N ALA B 14 -15.50 -22.53 -23.41
CA ALA B 14 -14.91 -23.00 -24.66
C ALA B 14 -13.91 -24.10 -24.37
N GLU B 15 -12.78 -23.78 -23.72
CA GLU B 15 -11.78 -24.77 -23.35
C GLU B 15 -11.71 -24.92 -21.84
N GLN B 16 -12.62 -24.29 -21.11
CA GLN B 16 -12.70 -24.38 -19.66
C GLN B 16 -13.66 -25.46 -19.18
N VAL B 17 -14.75 -25.69 -19.90
CA VAL B 17 -15.76 -26.66 -19.50
C VAL B 17 -15.52 -27.96 -20.26
N VAL B 18 -15.36 -29.05 -19.52
CA VAL B 18 -15.20 -30.39 -20.09
C VAL B 18 -16.38 -31.23 -19.64
N THR B 19 -16.90 -32.04 -20.56
CA THR B 19 -18.07 -32.86 -20.28
C THR B 19 -17.88 -34.34 -20.63
N ASP B 20 -16.75 -34.73 -21.19
CA ASP B 20 -16.52 -36.12 -21.53
C ASP B 20 -16.48 -36.96 -20.26
N PRO B 21 -17.37 -37.94 -20.11
CA PRO B 21 -17.39 -38.73 -18.86
C PRO B 21 -16.11 -39.52 -18.63
N ALA B 22 -15.29 -39.74 -19.66
CA ALA B 22 -14.03 -40.44 -19.46
C ALA B 22 -12.96 -39.54 -18.89
N VAL B 23 -13.03 -38.23 -19.18
CA VAL B 23 -12.06 -37.27 -18.69
C VAL B 23 -12.54 -36.59 -17.41
N MET B 24 -13.56 -37.14 -16.75
CA MET B 24 -14.09 -36.55 -15.53
C MET B 24 -13.87 -37.42 -14.29
N GLU B 25 -13.63 -38.72 -14.45
CA GLU B 25 -13.40 -39.59 -13.29
C GLU B 25 -12.10 -39.25 -12.59
N GLY B 26 -11.11 -38.74 -13.30
CA GLY B 26 -9.91 -38.31 -12.62
C GLY B 26 -10.05 -37.00 -11.89
N TYR B 27 -11.16 -36.30 -12.11
CA TYR B 27 -11.46 -35.04 -11.45
C TYR B 27 -12.54 -35.14 -10.38
N SER B 28 -13.17 -36.30 -10.22
CA SER B 28 -14.33 -36.43 -9.34
C SER B 28 -14.03 -37.14 -8.02
N HIS B 29 -12.79 -37.53 -7.75
CA HIS B 29 -12.49 -38.21 -6.50
C HIS B 29 -11.00 -38.08 -6.19
N ASP B 30 -10.68 -38.22 -4.90
CA ASP B 30 -9.30 -38.28 -4.47
C ASP B 30 -8.92 -39.73 -4.19
N GLU B 31 -7.82 -39.93 -3.45
CA GLU B 31 -7.29 -41.25 -3.15
C GLU B 31 -7.94 -41.93 -1.94
N ALA B 32 -8.97 -41.33 -1.35
CA ALA B 32 -9.66 -41.97 -0.23
C ALA B 32 -10.45 -43.18 -0.71
N GLU B 33 -10.10 -44.36 -0.19
CA GLU B 33 -10.75 -45.60 -0.59
C GLU B 33 -12.12 -45.73 0.07
N TRP B 34 -13.07 -46.22 -0.73
CA TRP B 34 -14.45 -46.48 -0.28
C TRP B 34 -15.13 -45.19 0.19
N ALA B 35 -14.88 -44.10 -0.53
CA ALA B 35 -15.52 -42.82 -0.28
C ALA B 35 -16.44 -42.52 -1.45
N PRO B 36 -17.75 -42.41 -1.23
CA PRO B 36 -18.68 -42.30 -2.36
C PRO B 36 -18.44 -41.11 -3.27
N TYR B 37 -17.92 -41.39 -4.46
CA TYR B 37 -17.74 -40.42 -5.52
C TYR B 37 -18.58 -40.83 -6.72
N ASP B 38 -18.73 -39.93 -7.68
CA ASP B 38 -19.49 -40.24 -8.87
C ASP B 38 -19.16 -39.22 -9.95
N ALA B 39 -19.71 -39.43 -11.14
CA ALA B 39 -19.48 -38.53 -12.27
C ALA B 39 -20.25 -37.22 -12.10
N PRO B 40 -19.57 -36.09 -12.06
CA PRO B 40 -20.27 -34.80 -11.97
C PRO B 40 -20.87 -34.42 -13.31
N ALA B 41 -21.61 -33.30 -13.30
CA ALA B 41 -22.21 -32.81 -14.54
C ALA B 41 -21.16 -32.14 -15.42
N ALA B 42 -20.33 -31.29 -14.85
CA ALA B 42 -19.29 -30.61 -15.60
C ALA B 42 -18.08 -30.39 -14.70
N VAL B 43 -16.90 -30.42 -15.30
CA VAL B 43 -15.66 -30.12 -14.60
C VAL B 43 -15.08 -28.86 -15.21
N VAL B 44 -15.18 -27.75 -14.49
CA VAL B 44 -14.68 -26.48 -14.95
C VAL B 44 -13.22 -26.35 -14.54
N ARG B 45 -12.39 -25.80 -15.43
CA ARG B 45 -10.99 -25.51 -15.16
C ARG B 45 -10.78 -24.01 -15.36
N PRO B 46 -11.14 -23.21 -14.36
CA PRO B 46 -11.09 -21.75 -14.53
C PRO B 46 -9.68 -21.23 -14.71
N ARG B 47 -9.60 -20.06 -15.36
CA ARG B 47 -8.36 -19.40 -15.71
C ARG B 47 -7.95 -18.31 -14.72
N ASP B 48 -8.91 -17.53 -14.22
CA ASP B 48 -8.64 -16.50 -13.23
C ASP B 48 -9.81 -16.43 -12.26
N THR B 49 -9.71 -15.52 -11.30
CA THR B 49 -10.76 -15.39 -10.28
C THR B 49 -12.11 -15.06 -10.91
N ALA B 50 -12.12 -14.29 -12.00
CA ALA B 50 -13.39 -13.91 -12.62
C ALA B 50 -14.18 -15.12 -13.11
N ASP B 51 -13.48 -16.12 -13.66
CA ASP B 51 -14.18 -17.30 -14.17
C ASP B 51 -14.81 -18.10 -13.04
N VAL B 52 -14.17 -18.14 -11.87
CA VAL B 52 -14.76 -18.83 -10.73
C VAL B 52 -16.02 -18.10 -10.28
N ALA B 53 -16.00 -16.76 -10.35
CA ALA B 53 -17.17 -15.97 -9.98
C ALA B 53 -18.35 -16.24 -10.89
N GLU B 54 -18.11 -16.78 -12.08
CA GLU B 54 -19.21 -17.14 -12.97
C GLU B 54 -19.76 -18.52 -12.63
N VAL B 55 -18.89 -19.46 -12.29
CA VAL B 55 -19.34 -20.80 -11.93
C VAL B 55 -20.15 -20.76 -10.64
N VAL B 56 -19.74 -19.93 -9.68
CA VAL B 56 -20.48 -19.81 -8.43
C VAL B 56 -21.80 -19.08 -8.67
N ARG B 57 -21.80 -18.09 -9.56
CA ARG B 57 -23.02 -17.34 -9.83
C ARG B 57 -24.09 -18.21 -10.49
N ILE B 58 -23.68 -19.04 -11.45
CA ILE B 58 -24.62 -19.92 -12.13
C ILE B 58 -25.17 -20.96 -11.17
N CYS B 59 -24.29 -21.59 -10.39
CA CYS B 59 -24.73 -22.69 -9.53
C CYS B 59 -25.51 -22.21 -8.31
N ALA B 60 -25.27 -20.97 -7.87
CA ALA B 60 -26.02 -20.45 -6.73
C ALA B 60 -27.48 -20.20 -7.10
N GLY B 61 -27.74 -19.77 -8.33
CA GLY B 61 -29.10 -19.57 -8.80
C GLY B 61 -29.84 -20.82 -9.21
N ARG B 62 -29.17 -21.96 -9.18
CA ARG B 62 -29.73 -23.24 -9.59
C ARG B 62 -29.70 -24.31 -8.51
N GLY B 63 -29.00 -24.08 -7.40
CA GLY B 63 -28.89 -25.10 -6.38
C GLY B 63 -27.98 -26.26 -6.76
N VAL B 64 -27.11 -26.06 -7.75
CA VAL B 64 -26.17 -27.10 -8.18
C VAL B 64 -24.91 -27.02 -7.33
N ALA B 65 -24.48 -28.16 -6.79
CA ALA B 65 -23.35 -28.19 -5.88
C ALA B 65 -22.04 -27.96 -6.62
N VAL B 66 -21.12 -27.29 -5.93
CA VAL B 66 -19.79 -27.00 -6.46
C VAL B 66 -18.76 -27.56 -5.49
N VAL B 67 -17.87 -28.41 -6.00
CA VAL B 67 -16.81 -29.01 -5.20
C VAL B 67 -15.47 -28.57 -5.79
N GLY B 68 -14.69 -27.84 -5.01
CA GLY B 68 -13.37 -27.45 -5.44
C GLY B 68 -12.40 -28.62 -5.50
N ARG B 69 -11.38 -28.49 -6.34
CA ARG B 69 -10.37 -29.52 -6.51
C ARG B 69 -9.00 -28.89 -6.76
N GLY B 70 -8.02 -29.33 -5.99
CA GLY B 70 -6.64 -28.96 -6.25
C GLY B 70 -5.98 -30.03 -7.10
N ALA B 71 -5.28 -30.96 -6.44
CA ALA B 71 -4.66 -32.08 -7.11
C ALA B 71 -5.34 -33.41 -6.81
N GLY B 72 -6.35 -33.42 -5.96
CA GLY B 72 -7.05 -34.65 -5.63
C GLY B 72 -6.19 -35.65 -4.89
N THR B 73 -5.41 -35.19 -3.91
CA THR B 73 -4.55 -36.06 -3.12
C THR B 73 -5.06 -36.24 -1.69
N GLY B 74 -6.28 -35.80 -1.41
CA GLY B 74 -6.83 -35.98 -0.08
C GLY B 74 -7.04 -37.44 0.25
N LEU B 75 -7.01 -37.74 1.55
CA LEU B 75 -7.21 -39.11 2.03
C LEU B 75 -8.51 -39.27 2.81
N SER B 76 -9.41 -38.29 2.73
CA SER B 76 -10.70 -38.36 3.41
C SER B 76 -11.87 -38.11 2.47
N GLY B 77 -11.64 -38.07 1.16
CA GLY B 77 -12.72 -37.81 0.23
C GLY B 77 -13.20 -36.38 0.24
N ALA B 78 -12.36 -35.44 0.65
CA ALA B 78 -12.79 -34.05 0.78
C ALA B 78 -13.13 -33.42 -0.56
N ALA B 79 -12.56 -33.91 -1.66
CA ALA B 79 -12.79 -33.35 -2.98
C ALA B 79 -13.71 -34.21 -3.85
N ASN B 80 -14.33 -35.24 -3.26
CA ASN B 80 -15.20 -36.11 -4.04
C ASN B 80 -16.45 -35.38 -4.50
N ALA B 81 -16.81 -35.58 -5.76
CA ALA B 81 -17.97 -34.97 -6.37
C ALA B 81 -19.16 -35.93 -6.31
N GLY B 82 -20.35 -35.39 -6.58
CA GLY B 82 -21.56 -36.17 -6.64
C GLY B 82 -22.21 -36.05 -8.01
N ARG B 83 -23.25 -36.85 -8.22
CA ARG B 83 -23.98 -36.85 -9.48
C ARG B 83 -24.59 -35.48 -9.75
N GLY B 84 -24.09 -34.81 -10.80
CA GLY B 84 -24.56 -33.50 -11.18
C GLY B 84 -23.81 -32.33 -10.60
N TRP B 85 -22.80 -32.58 -9.76
CA TRP B 85 -22.01 -31.50 -9.19
C TRP B 85 -21.13 -30.86 -10.26
N VAL B 86 -20.45 -29.79 -9.87
CA VAL B 86 -19.49 -29.10 -10.73
C VAL B 86 -18.15 -29.07 -10.01
N VAL B 87 -17.12 -29.63 -10.65
CA VAL B 87 -15.80 -29.74 -10.07
C VAL B 87 -14.97 -28.58 -10.59
N VAL B 88 -14.73 -27.57 -9.75
CA VAL B 88 -13.88 -26.45 -10.12
C VAL B 88 -12.43 -26.89 -9.89
N SER B 89 -11.70 -27.09 -10.99
CA SER B 89 -10.32 -27.55 -10.94
C SER B 89 -9.38 -26.36 -11.09
N PHE B 90 -8.62 -26.07 -10.04
CA PHE B 90 -7.68 -24.95 -10.03
C PHE B 90 -6.35 -25.29 -10.67
N GLU B 91 -6.32 -26.25 -11.60
CA GLU B 91 -5.06 -26.66 -12.21
C GLU B 91 -4.50 -25.63 -13.17
N ARG B 92 -5.31 -24.65 -13.59
CA ARG B 92 -4.84 -23.61 -14.48
C ARG B 92 -4.32 -22.38 -13.74
N MET B 93 -4.58 -22.27 -12.44
CA MET B 93 -4.05 -21.19 -11.62
C MET B 93 -2.91 -21.76 -10.80
N ASN B 94 -1.74 -21.89 -11.44
CA ASN B 94 -0.60 -22.54 -10.84
C ASN B 94 0.64 -21.66 -10.94
N ARG B 95 0.44 -20.37 -10.76
CA ARG B 95 1.50 -19.37 -10.75
C ARG B 95 1.67 -18.77 -9.37
N VAL B 96 2.91 -18.43 -9.03
CA VAL B 96 3.20 -17.64 -7.85
C VAL B 96 3.29 -16.18 -8.30
N LEU B 97 2.37 -15.34 -7.82
CA LEU B 97 2.27 -13.99 -8.38
C LEU B 97 3.03 -12.93 -7.60
N GLU B 98 3.92 -13.31 -6.67
CA GLU B 98 4.65 -12.32 -5.89
C GLU B 98 5.54 -12.96 -4.83
N VAL B 99 6.70 -12.37 -4.59
CA VAL B 99 7.56 -12.73 -3.46
C VAL B 99 8.04 -11.46 -2.78
N ASP B 100 7.26 -10.94 -1.84
CA ASP B 100 7.61 -9.71 -1.14
C ASP B 100 8.80 -9.98 -0.22
N THR B 101 9.99 -9.59 -0.66
CA THR B 101 11.21 -9.92 0.07
C THR B 101 11.38 -9.06 1.32
N VAL B 102 10.94 -7.80 1.29
CA VAL B 102 11.08 -6.93 2.45
C VAL B 102 10.02 -7.25 3.50
N GLN B 103 8.79 -7.52 3.06
CA GLN B 103 7.74 -7.95 3.98
C GLN B 103 7.89 -9.41 4.37
N GLN B 104 8.68 -10.18 3.62
CA GLN B 104 8.86 -11.61 3.85
C GLN B 104 7.54 -12.37 3.74
N THR B 105 6.84 -12.14 2.62
CA THR B 105 5.60 -12.82 2.33
C THR B 105 5.61 -13.30 0.88
N VAL B 106 4.73 -14.25 0.58
CA VAL B 106 4.53 -14.73 -0.76
C VAL B 106 3.04 -14.71 -1.05
N THR B 107 2.68 -14.42 -2.30
CA THR B 107 1.29 -14.35 -2.72
C THR B 107 1.09 -15.35 -3.85
N VAL B 108 0.31 -16.39 -3.59
CA VAL B 108 0.19 -17.52 -4.50
C VAL B 108 -1.27 -17.84 -4.78
N GLN B 109 -1.51 -18.51 -5.98
CA GLN B 109 -2.77 -19.02 -6.50
C GLN B 109 -3.01 -20.45 -5.99
N PRO B 110 -4.29 -20.84 -5.87
CA PRO B 110 -4.62 -22.10 -5.19
C PRO B 110 -4.12 -23.36 -5.88
N GLY B 111 -3.68 -23.29 -7.13
CA GLY B 111 -3.25 -24.50 -7.82
C GLY B 111 -1.79 -24.82 -7.73
N VAL B 112 -0.99 -23.92 -7.15
CA VAL B 112 0.46 -24.12 -7.09
C VAL B 112 0.77 -25.31 -6.21
N VAL B 113 1.66 -26.18 -6.68
CA VAL B 113 2.05 -27.34 -5.89
C VAL B 113 2.88 -26.87 -4.70
N ASN B 114 2.78 -27.61 -3.59
CA ASN B 114 3.43 -27.17 -2.36
C ASN B 114 4.92 -26.99 -2.55
N ASP B 115 5.59 -27.96 -3.17
CA ASP B 115 7.03 -27.84 -3.41
C ASP B 115 7.31 -26.70 -4.38
N ASP B 116 6.49 -26.56 -5.42
CA ASP B 116 6.71 -25.49 -6.39
C ASP B 116 6.80 -24.13 -5.71
N LEU B 117 6.06 -23.97 -4.61
CA LEU B 117 6.12 -22.71 -3.87
C LEU B 117 7.42 -22.60 -3.09
N ARG B 118 7.83 -23.66 -2.39
CA ARG B 118 9.03 -23.59 -1.56
C ARG B 118 10.30 -23.44 -2.39
N ALA B 119 10.36 -24.12 -3.54
CA ALA B 119 11.53 -23.98 -4.40
C ALA B 119 11.64 -22.55 -4.93
N ARG B 120 10.49 -21.92 -5.21
CA ARG B 120 10.49 -20.56 -5.70
C ARG B 120 10.98 -19.58 -4.62
N VAL B 121 10.45 -19.72 -3.40
CA VAL B 121 10.86 -18.83 -2.32
C VAL B 121 12.27 -19.14 -1.82
N ALA B 122 12.77 -20.36 -2.08
CA ALA B 122 14.14 -20.69 -1.69
C ALA B 122 15.15 -19.88 -2.50
N GLN B 123 14.77 -19.48 -3.72
CA GLN B 123 15.67 -18.69 -4.56
C GLN B 123 15.99 -17.33 -3.93
N ASP B 124 15.09 -16.79 -3.12
CA ASP B 124 15.26 -15.50 -2.49
C ASP B 124 15.67 -15.61 -1.02
N GLY B 125 16.22 -16.75 -0.62
CA GLY B 125 16.67 -16.92 0.75
C GLY B 125 15.57 -17.00 1.79
N LEU B 126 14.34 -17.30 1.38
CA LEU B 126 13.22 -17.44 2.30
C LEU B 126 12.76 -18.89 2.33
N TRP B 127 11.97 -19.21 3.36
CA TRP B 127 11.56 -20.58 3.64
C TRP B 127 10.08 -20.63 3.99
N TYR B 128 9.39 -21.62 3.44
CA TYR B 128 8.00 -21.91 3.79
C TYR B 128 8.00 -23.22 4.57
N PRO B 129 7.83 -23.19 5.88
CA PRO B 129 8.08 -24.37 6.72
C PRO B 129 7.17 -25.55 6.43
N PRO B 130 5.83 -25.38 6.41
CA PRO B 130 4.95 -26.57 6.37
C PRO B 130 5.25 -27.48 5.19
N ASP B 131 5.69 -28.70 5.50
CA ASP B 131 6.09 -29.69 4.50
C ASP B 131 5.31 -31.00 4.68
N PRO B 132 4.08 -31.04 4.19
CA PRO B 132 3.28 -32.28 4.30
C PRO B 132 3.82 -33.37 3.38
N ALA B 133 3.75 -34.62 3.87
CA ALA B 133 4.24 -35.79 3.17
C ALA B 133 3.77 -35.92 1.72
N SER B 134 2.77 -35.12 1.32
CA SER B 134 2.33 -35.05 -0.07
C SER B 134 2.77 -33.74 -0.70
N SER B 135 3.97 -33.30 -0.33
CA SER B 135 4.52 -32.06 -0.86
C SER B 135 4.70 -32.06 -2.38
N PRO B 136 5.11 -33.15 -3.04
CA PRO B 136 5.23 -33.12 -4.49
C PRO B 136 3.91 -33.17 -5.25
N TRP B 137 2.77 -33.22 -4.58
CA TRP B 137 1.53 -33.36 -5.33
C TRP B 137 0.43 -32.41 -4.89
N SER B 138 0.30 -32.14 -3.59
CA SER B 138 -0.80 -31.32 -3.11
C SER B 138 -0.55 -29.84 -3.46
N THR B 139 -1.64 -29.09 -3.53
CA THR B 139 -1.61 -27.68 -3.87
C THR B 139 -1.73 -26.81 -2.63
N ILE B 140 -1.27 -25.56 -2.76
CA ILE B 140 -1.38 -24.61 -1.65
C ILE B 140 -2.84 -24.30 -1.35
N GLY B 141 -3.65 -24.14 -2.40
CA GLY B 141 -5.08 -23.94 -2.19
C GLY B 141 -5.72 -25.08 -1.42
N GLY B 142 -5.28 -26.31 -1.70
CA GLY B 142 -5.78 -27.45 -0.94
C GLY B 142 -5.25 -27.48 0.47
N ASN B 143 -3.96 -27.20 0.66
CA ASN B 143 -3.38 -27.20 1.99
C ASN B 143 -4.02 -26.13 2.88
N VAL B 144 -4.44 -25.01 2.30
CA VAL B 144 -5.13 -23.99 3.08
C VAL B 144 -6.52 -24.48 3.46
N ALA B 145 -7.22 -25.13 2.53
CA ALA B 145 -8.56 -25.59 2.82
C ALA B 145 -8.56 -26.77 3.79
N THR B 146 -7.48 -27.55 3.82
CA THR B 146 -7.36 -28.70 4.71
C THR B 146 -6.57 -28.39 5.98
N ASN B 147 -5.89 -27.25 6.06
CA ASN B 147 -4.99 -26.93 7.18
C ASN B 147 -3.93 -28.00 7.35
N ALA B 148 -3.22 -28.29 6.26
CA ALA B 148 -2.24 -29.38 6.24
C ALA B 148 -1.03 -29.04 7.12
N GLY B 149 -0.46 -30.08 7.73
CA GLY B 149 0.73 -29.95 8.55
C GLY B 149 1.88 -30.75 7.96
N GLY B 150 3.08 -30.48 8.48
CA GLY B 150 4.27 -31.14 7.93
C GLY B 150 5.10 -31.92 8.94
N LEU B 151 6.33 -32.26 8.56
CA LEU B 151 7.20 -33.05 9.43
C LEU B 151 7.95 -32.22 10.46
N CYS B 152 8.53 -31.08 10.07
CA CYS B 152 9.19 -30.19 11.02
C CYS B 152 8.24 -29.15 11.58
N CYS B 153 6.93 -29.43 11.51
CA CYS B 153 5.89 -28.56 12.02
C CYS B 153 5.89 -28.47 13.55
N VAL B 154 6.52 -29.42 14.24
CA VAL B 154 6.48 -29.47 15.70
C VAL B 154 7.26 -28.33 16.35
N LYS B 155 7.63 -27.33 15.57
CA LYS B 155 8.24 -26.11 16.11
C LYS B 155 7.79 -24.84 15.40
N TYR B 156 7.33 -24.93 14.15
CA TYR B 156 6.96 -23.76 13.36
C TYR B 156 5.48 -23.66 13.06
N GLY B 157 4.71 -24.73 13.24
CA GLY B 157 3.26 -24.69 13.10
C GLY B 157 2.79 -25.19 11.75
N VAL B 158 1.47 -25.17 11.60
CA VAL B 158 0.79 -25.72 10.42
C VAL B 158 0.54 -24.63 9.38
N THR B 159 -0.22 -24.98 8.33
CA THR B 159 -0.50 -24.03 7.26
C THR B 159 -1.30 -22.84 7.77
N ARG B 160 -2.25 -23.07 8.69
CA ARG B 160 -3.02 -21.95 9.25
C ARG B 160 -2.10 -20.92 9.89
N ASP B 161 -1.00 -21.38 10.50
CA ASP B 161 -0.03 -20.48 11.13
C ASP B 161 0.72 -19.61 10.12
N TYR B 162 0.40 -19.71 8.83
CA TYR B 162 1.06 -18.93 7.80
C TYR B 162 0.10 -18.27 6.82
N VAL B 163 -1.20 -18.47 6.95
CA VAL B 163 -2.17 -17.82 6.08
C VAL B 163 -2.39 -16.41 6.63
N LEU B 164 -1.95 -15.40 5.88
CA LEU B 164 -2.12 -14.01 6.28
C LEU B 164 -3.38 -13.39 5.71
N GLY B 165 -3.64 -13.62 4.43
CA GLY B 165 -4.83 -13.10 3.78
C GLY B 165 -5.16 -13.99 2.61
N MET B 166 -6.30 -13.69 1.98
CA MET B 166 -6.76 -14.54 0.89
C MET B 166 -7.83 -13.82 0.09
N GLU B 167 -8.02 -14.30 -1.13
CA GLU B 167 -9.08 -13.86 -2.03
C GLU B 167 -9.97 -15.05 -2.33
N ALA B 168 -11.24 -14.97 -1.94
CA ALA B 168 -12.16 -16.09 -2.06
C ALA B 168 -13.41 -15.67 -2.84
N VAL B 169 -14.12 -16.68 -3.32
CA VAL B 169 -15.41 -16.50 -3.98
C VAL B 169 -16.46 -17.12 -3.08
N VAL B 170 -17.31 -16.28 -2.50
CA VAL B 170 -18.22 -16.66 -1.43
C VAL B 170 -19.66 -16.36 -1.86
N GLY B 171 -20.60 -17.03 -1.20
CA GLY B 171 -22.02 -16.77 -1.42
C GLY B 171 -22.45 -16.99 -2.86
N SER B 172 -23.17 -16.01 -3.41
CA SER B 172 -23.67 -16.11 -4.77
C SER B 172 -22.65 -15.74 -5.84
N GLY B 173 -21.40 -15.48 -5.47
CA GLY B 173 -20.39 -15.23 -6.47
C GLY B 173 -19.55 -13.98 -6.27
N GLU B 174 -19.56 -13.40 -5.07
CA GLU B 174 -18.81 -12.19 -4.82
C GLU B 174 -17.34 -12.53 -4.59
N VAL B 175 -16.45 -11.83 -5.29
CA VAL B 175 -15.02 -11.94 -5.05
C VAL B 175 -14.65 -11.01 -3.90
N VAL B 176 -14.10 -11.57 -2.83
CA VAL B 176 -13.82 -10.84 -1.61
C VAL B 176 -12.37 -11.03 -1.20
N ARG B 177 -11.81 -10.00 -0.55
CA ARG B 177 -10.50 -10.05 0.07
C ARG B 177 -10.66 -10.25 1.57
N LEU B 178 -10.08 -11.32 2.08
CA LEU B 178 -10.15 -11.66 3.51
C LEU B 178 -8.76 -11.63 4.10
N GLY B 179 -8.66 -11.17 5.34
CA GLY B 179 -7.38 -11.14 6.01
C GLY B 179 -6.55 -9.93 5.61
N ARG B 180 -5.37 -9.85 6.23
CA ARG B 180 -4.43 -8.77 6.00
C ARG B 180 -3.37 -9.19 5.01
N THR B 181 -2.50 -8.25 4.67
CA THR B 181 -1.27 -8.54 3.94
C THR B 181 -0.02 -8.13 4.71
N THR B 182 -0.18 -7.36 5.80
CA THR B 182 0.92 -6.95 6.65
C THR B 182 1.30 -8.04 7.63
N ALA B 183 2.04 -7.68 8.68
CA ALA B 183 2.41 -8.61 9.74
C ALA B 183 1.58 -8.42 11.00
N LYS B 184 0.51 -7.63 10.92
CA LYS B 184 -0.39 -7.41 12.04
C LYS B 184 -1.71 -6.87 11.50
N GLY B 185 -2.80 -7.24 12.17
CA GLY B 185 -4.11 -6.78 11.76
C GLY B 185 -5.21 -7.57 12.44
N VAL B 186 -6.08 -6.86 13.16
CA VAL B 186 -7.21 -7.46 13.85
C VAL B 186 -8.55 -6.97 13.32
N THR B 187 -8.53 -6.03 12.38
CA THR B 187 -9.74 -5.41 11.82
C THR B 187 -10.79 -6.43 11.45
N GLY B 188 -11.92 -6.40 12.14
CA GLY B 188 -13.00 -7.33 11.84
C GLY B 188 -12.77 -8.69 12.50
N TYR B 189 -13.44 -9.69 11.95
CA TYR B 189 -13.30 -11.06 12.39
C TYR B 189 -12.14 -11.75 11.67
N ASP B 190 -11.77 -12.92 12.19
CA ASP B 190 -10.79 -13.78 11.52
C ASP B 190 -11.54 -14.66 10.51
N LEU B 191 -12.03 -14.00 9.46
CA LEU B 191 -12.80 -14.70 8.45
C LEU B 191 -11.88 -15.49 7.51
N ALA B 192 -10.70 -14.95 7.21
CA ALA B 192 -9.73 -15.71 6.44
C ALA B 192 -9.31 -16.97 7.17
N GLY B 193 -9.29 -16.92 8.50
CA GLY B 193 -8.96 -18.12 9.28
C GLY B 193 -10.10 -19.13 9.28
N LEU B 194 -11.34 -18.64 9.32
CA LEU B 194 -12.48 -19.55 9.20
C LEU B 194 -12.48 -20.26 7.87
N MET B 195 -11.97 -19.60 6.82
CA MET B 195 -11.84 -20.25 5.53
C MET B 195 -10.73 -21.31 5.54
N VAL B 196 -9.69 -21.10 6.35
CA VAL B 196 -8.62 -22.08 6.47
C VAL B 196 -9.14 -23.28 7.27
N GLY B 197 -8.86 -24.48 6.78
CA GLY B 197 -9.35 -25.68 7.42
C GLY B 197 -10.81 -25.95 7.20
N SER B 198 -11.49 -25.16 6.36
CA SER B 198 -12.90 -25.36 6.07
C SER B 198 -13.15 -26.40 4.99
N GLU B 199 -12.11 -26.90 4.33
CA GLU B 199 -12.24 -27.97 3.35
C GLU B 199 -13.18 -27.59 2.22
N GLY B 200 -13.15 -26.30 1.84
CA GLY B 200 -13.89 -25.83 0.68
C GLY B 200 -15.39 -25.86 0.80
N THR B 201 -15.94 -25.86 2.02
CA THR B 201 -17.38 -25.86 2.21
C THR B 201 -17.94 -24.47 2.52
N LEU B 202 -17.13 -23.43 2.34
CA LEU B 202 -17.58 -22.06 2.55
C LEU B 202 -17.20 -21.14 1.40
N GLY B 203 -16.44 -21.61 0.42
CA GLY B 203 -16.01 -20.81 -0.70
C GLY B 203 -14.74 -21.37 -1.28
N LEU B 204 -14.47 -20.97 -2.52
CA LEU B 204 -13.26 -21.38 -3.23
C LEU B 204 -12.21 -20.30 -3.10
N VAL B 205 -11.02 -20.70 -2.62
CA VAL B 205 -9.91 -19.77 -2.51
C VAL B 205 -9.30 -19.60 -3.89
N THR B 206 -9.16 -18.35 -4.33
CA THR B 206 -8.57 -18.04 -5.62
C THR B 206 -7.21 -17.35 -5.49
N GLU B 207 -6.80 -17.03 -4.27
CA GLU B 207 -5.53 -16.38 -3.98
C GLU B 207 -5.30 -16.39 -2.48
N VAL B 208 -4.12 -16.79 -2.04
CA VAL B 208 -3.77 -16.78 -0.63
C VAL B 208 -2.45 -16.06 -0.48
N THR B 209 -2.34 -15.22 0.53
CA THR B 209 -1.05 -14.63 0.91
C THR B 209 -0.51 -15.44 2.07
N LEU B 210 0.81 -15.66 2.07
CA LEU B 210 1.44 -16.53 3.05
C LEU B 210 2.65 -15.83 3.63
N ARG B 211 2.93 -16.14 4.90
CA ARG B 211 4.09 -15.59 5.58
C ARG B 211 5.27 -16.53 5.42
N LEU B 212 6.46 -15.96 5.39
CA LEU B 212 7.69 -16.71 5.14
C LEU B 212 8.65 -16.51 6.31
N VAL B 213 9.70 -17.33 6.32
CA VAL B 213 10.71 -17.27 7.37
C VAL B 213 12.08 -17.32 6.70
N PRO B 214 13.09 -16.62 7.22
CA PRO B 214 14.42 -16.68 6.60
C PRO B 214 15.00 -18.09 6.56
N LEU B 215 15.84 -18.31 5.53
CA LEU B 215 16.42 -19.62 5.24
C LEU B 215 17.71 -19.79 6.04
N ARG B 216 17.57 -20.12 7.32
CA ARG B 216 18.74 -20.47 8.10
C ARG B 216 19.20 -21.89 7.80
N ARG B 217 20.50 -22.12 7.94
CA ARG B 217 21.12 -23.42 7.69
C ARG B 217 22.18 -23.69 8.76
N GLY B 218 22.87 -24.80 8.60
CA GLY B 218 23.97 -25.15 9.48
C GLY B 218 23.73 -26.38 10.33
N VAL B 219 22.81 -26.26 11.28
CA VAL B 219 22.57 -27.30 12.27
C VAL B 219 21.42 -28.17 11.77
N GLU B 220 21.78 -29.31 11.18
CA GLU B 220 20.79 -30.30 10.79
C GLU B 220 21.05 -31.59 11.55
N HIS B 221 21.18 -31.49 12.87
CA HIS B 221 21.46 -32.66 13.69
C HIS B 221 20.25 -33.58 13.71
N THR B 222 20.41 -34.78 13.17
CA THR B 222 19.37 -35.79 13.21
C THR B 222 19.76 -36.88 14.20
N VAL B 223 18.76 -37.68 14.58
CA VAL B 223 18.99 -38.74 15.58
C VAL B 223 18.14 -39.93 15.17
N VAL B 224 18.78 -41.04 14.85
CA VAL B 224 18.09 -42.27 14.50
C VAL B 224 18.16 -43.21 15.69
N GLY B 225 17.37 -44.27 15.65
CA GLY B 225 17.41 -45.24 16.73
C GLY B 225 16.33 -46.30 16.67
N TYR B 226 16.60 -47.43 16.01
CA TYR B 226 15.59 -48.49 15.94
C TYR B 226 15.29 -49.05 17.33
N PHE B 227 14.02 -49.36 17.56
CA PHE B 227 13.58 -49.96 18.81
C PHE B 227 13.18 -51.42 18.60
N ASP B 228 12.34 -51.93 19.49
CA ASP B 228 11.90 -53.32 19.54
C ASP B 228 10.40 -53.48 19.40
N SER B 229 9.62 -52.57 19.99
CA SER B 229 8.17 -52.64 19.95
C SER B 229 7.60 -51.25 19.79
N LEU B 230 6.28 -51.19 19.58
CA LEU B 230 5.59 -49.89 19.56
C LEU B 230 5.21 -49.44 20.97
N THR B 231 5.03 -50.40 21.88
CA THR B 231 4.71 -50.06 23.27
C THR B 231 5.85 -49.28 23.93
N ASP B 232 7.10 -49.70 23.70
CA ASP B 232 8.24 -49.06 24.33
C ASP B 232 8.82 -47.91 23.51
N ALA B 233 8.24 -47.61 22.36
CA ALA B 233 8.52 -46.34 21.68
C ALA B 233 7.52 -45.27 22.09
N GLY B 234 6.85 -45.48 23.21
CA GLY B 234 6.00 -44.53 23.88
C GLY B 234 6.84 -43.73 24.85
N ARG B 235 7.22 -44.37 25.95
CA ARG B 235 8.00 -43.76 27.03
C ARG B 235 9.23 -43.01 26.54
N ALA B 236 9.61 -43.19 25.27
CA ALA B 236 10.71 -42.42 24.70
C ALA B 236 10.25 -41.24 23.84
N VAL B 237 8.96 -41.11 23.54
CA VAL B 237 8.48 -39.92 22.84
C VAL B 237 7.87 -38.96 23.87
N ALA B 238 7.30 -39.52 24.94
CA ALA B 238 6.82 -38.71 26.04
C ALA B 238 7.94 -38.20 26.93
N ALA B 239 9.17 -38.72 26.77
CA ALA B 239 10.28 -38.30 27.60
C ALA B 239 11.13 -37.21 26.94
N VAL B 240 11.09 -37.09 25.60
CA VAL B 240 11.85 -36.03 24.95
C VAL B 240 11.24 -34.66 25.22
N SER B 241 9.96 -34.62 25.62
CA SER B 241 9.31 -33.37 25.99
C SER B 241 9.33 -33.10 27.49
N ALA B 242 9.11 -34.14 28.30
CA ALA B 242 9.11 -33.96 29.75
C ALA B 242 10.50 -33.67 30.28
N ALA B 243 11.53 -34.30 29.70
CA ALA B 243 12.89 -34.05 30.14
C ALA B 243 13.44 -32.72 29.67
N GLY B 244 12.78 -32.07 28.70
CA GLY B 244 13.18 -30.73 28.31
C GLY B 244 13.33 -30.49 26.83
N ILE B 245 12.54 -29.55 26.31
CA ILE B 245 12.68 -29.00 24.95
C ILE B 245 12.24 -30.01 23.89
N VAL B 246 11.38 -29.55 22.98
CA VAL B 246 10.86 -30.40 21.90
C VAL B 246 11.81 -30.34 20.71
N PRO B 247 11.82 -31.37 19.85
CA PRO B 247 12.76 -31.39 18.73
C PRO B 247 12.19 -30.74 17.47
N SER B 248 13.11 -30.39 16.56
CA SER B 248 12.72 -29.82 15.27
C SER B 248 11.78 -30.74 14.49
N ALA B 249 11.90 -32.05 14.70
CA ALA B 249 10.99 -33.02 14.09
C ALA B 249 11.15 -34.34 14.82
N LEU B 250 10.13 -35.19 14.71
CA LEU B 250 10.16 -36.48 15.37
C LEU B 250 9.05 -37.38 14.82
N GLU B 251 9.42 -38.37 14.03
CA GLU B 251 8.48 -39.28 13.39
C GLU B 251 8.70 -40.68 13.92
N LEU B 252 7.80 -41.60 13.54
CA LEU B 252 7.85 -42.96 14.06
C LEU B 252 7.29 -43.90 13.00
N ILE B 253 8.17 -44.55 12.25
CA ILE B 253 7.80 -45.48 11.19
C ILE B 253 8.28 -46.88 11.53
N ASP B 254 7.56 -47.88 11.06
CA ASP B 254 7.86 -49.28 11.34
C ASP B 254 8.42 -49.98 10.10
N ARG B 255 9.01 -51.16 10.31
CA ARG B 255 9.69 -51.85 9.22
C ARG B 255 8.75 -52.22 8.08
N PHE B 256 7.46 -52.47 8.36
CA PHE B 256 6.57 -52.88 7.29
C PHE B 256 6.48 -51.81 6.21
N CYS B 257 6.67 -50.55 6.58
CA CYS B 257 6.70 -49.49 5.58
C CYS B 257 8.09 -49.31 4.99
N LEU B 258 9.13 -49.54 5.79
CA LEU B 258 10.50 -49.42 5.29
C LEU B 258 10.82 -50.48 4.25
N GLN B 259 10.58 -51.76 4.57
CA GLN B 259 10.73 -52.83 3.59
C GLN B 259 9.55 -52.88 2.62
N ALA B 260 8.82 -51.79 2.51
CA ALA B 260 7.93 -51.52 1.41
C ALA B 260 8.42 -50.36 0.57
N VAL B 261 9.35 -49.57 1.09
CA VAL B 261 10.07 -48.60 0.29
C VAL B 261 11.28 -49.26 -0.37
N ASP B 262 11.84 -50.30 0.24
CA ASP B 262 13.06 -50.95 -0.26
C ASP B 262 12.81 -51.79 -1.51
N GLU B 263 11.58 -51.93 -1.97
CA GLU B 263 11.31 -52.53 -3.29
C GLU B 263 11.20 -51.45 -4.36
N TRP B 264 12.06 -50.44 -4.23
CA TRP B 264 12.08 -49.23 -5.04
C TRP B 264 13.20 -48.32 -4.56
N LYS B 265 14.10 -47.90 -5.45
CA LYS B 265 15.30 -47.20 -5.04
C LYS B 265 16.01 -47.98 -3.94
N ASN B 266 16.54 -49.14 -4.33
CA ASN B 266 17.21 -50.03 -3.40
C ASN B 266 18.31 -49.29 -2.65
N MET B 267 17.92 -48.55 -1.62
CA MET B 267 18.83 -47.74 -0.83
C MET B 267 19.70 -48.63 0.06
N GLU B 272 19.00 -52.60 12.43
CA GLU B 272 17.61 -52.26 12.13
C GLU B 272 16.66 -52.94 13.10
N GLY B 273 15.41 -52.50 13.12
CA GLY B 273 14.42 -53.03 14.02
C GLY B 273 13.02 -52.85 13.50
N GLU B 274 12.06 -52.84 14.43
CA GLU B 274 10.65 -52.72 14.08
C GLU B 274 10.08 -51.32 14.27
N VAL B 275 10.82 -50.40 14.91
CA VAL B 275 10.39 -49.03 15.13
C VAL B 275 11.58 -48.12 14.91
N LEU B 276 11.49 -47.22 13.93
CA LEU B 276 12.62 -46.36 13.59
C LEU B 276 12.70 -45.15 14.54
N LEU B 277 11.69 -44.28 14.53
CA LEU B 277 11.65 -43.07 15.34
C LEU B 277 12.85 -42.15 15.08
N LEU B 278 12.70 -41.23 14.13
CA LEU B 278 13.73 -40.26 13.77
C LEU B 278 13.55 -38.99 14.59
N ALA B 279 14.66 -38.28 14.84
CA ALA B 279 14.60 -36.99 15.53
C ALA B 279 15.46 -35.96 14.82
N ARG B 280 15.22 -34.69 15.16
CA ARG B 280 15.89 -33.54 14.55
C ARG B 280 16.17 -32.49 15.61
N SER B 281 17.07 -31.57 15.27
CA SER B 281 17.47 -30.51 16.20
C SER B 281 18.12 -29.37 15.41
N ASP B 282 17.45 -28.21 15.39
CA ASP B 282 17.94 -27.02 14.67
C ASP B 282 18.21 -25.93 15.70
N LEU B 283 19.46 -25.82 16.12
CA LEU B 283 19.88 -24.83 17.10
C LEU B 283 21.19 -24.14 16.69
N GLN B 289 25.65 -26.45 19.46
CA GLN B 289 24.32 -26.70 19.96
C GLN B 289 24.26 -27.92 20.90
N GLU B 290 23.79 -27.69 22.12
CA GLU B 290 23.61 -28.73 23.12
C GLU B 290 22.52 -29.70 22.68
N GLU B 291 21.90 -30.39 23.64
CA GLU B 291 20.73 -31.22 23.36
C GLU B 291 20.98 -32.36 22.37
N ALA B 292 21.95 -32.18 21.46
CA ALA B 292 22.05 -33.12 20.34
C ALA B 292 22.50 -34.50 20.79
N ASP B 293 23.14 -34.60 21.95
CA ASP B 293 23.34 -35.87 22.62
C ASP B 293 22.30 -36.15 23.69
N ARG B 294 21.39 -35.19 23.97
CA ARG B 294 20.39 -35.42 25.00
C ARG B 294 19.14 -36.12 24.49
N ILE B 295 18.77 -35.93 23.21
CA ILE B 295 17.70 -36.74 22.66
C ILE B 295 18.12 -38.18 22.43
N LEU B 296 19.39 -38.51 22.63
CA LEU B 296 19.70 -39.93 22.71
C LEU B 296 19.22 -40.51 24.04
N GLU B 297 19.43 -39.80 25.15
CA GLU B 297 19.15 -40.41 26.45
C GLU B 297 17.75 -41.00 26.55
N CYS B 298 16.77 -40.45 25.83
CA CYS B 298 15.47 -41.10 25.83
C CYS B 298 15.53 -42.46 25.14
N PHE B 299 16.54 -42.70 24.29
CA PHE B 299 16.58 -43.93 23.51
C PHE B 299 17.39 -45.06 24.16
N GLU B 300 18.40 -44.76 25.01
CA GLU B 300 19.13 -45.83 25.72
C GLU B 300 18.65 -46.05 27.14
N LYS B 301 17.95 -45.08 27.74
CA LYS B 301 17.30 -45.36 29.01
C LYS B 301 16.17 -46.34 28.81
N GLU B 302 15.49 -46.25 27.67
CA GLU B 302 14.56 -47.27 27.23
C GLU B 302 15.26 -48.24 26.29
N LYS B 303 14.57 -49.33 25.96
CA LYS B 303 15.16 -50.37 25.12
C LYS B 303 15.38 -49.85 23.70
N ALA B 304 16.56 -50.16 23.14
CA ALA B 304 16.87 -49.77 21.78
C ALA B 304 17.96 -50.69 21.24
N VAL B 305 17.75 -51.19 20.01
CA VAL B 305 18.78 -51.98 19.36
C VAL B 305 19.93 -51.11 18.86
N TYR B 306 19.68 -49.81 18.65
CA TYR B 306 20.69 -48.94 18.06
C TYR B 306 20.26 -47.49 18.30
N ALA B 307 21.22 -46.57 18.14
CA ALA B 307 20.98 -45.14 18.31
C ALA B 307 22.23 -44.31 18.02
N VAL B 308 22.35 -43.74 16.81
CA VAL B 308 23.53 -42.97 16.43
C VAL B 308 23.10 -41.55 16.07
N ARG B 309 23.36 -40.60 16.97
CA ARG B 309 23.23 -39.16 16.73
C ARG B 309 23.71 -38.65 15.37
N SER B 310 24.08 -39.54 14.44
CA SER B 310 24.53 -39.24 13.09
C SER B 310 24.07 -37.90 12.51
N THR B 311 25.03 -37.04 12.20
CA THR B 311 24.78 -35.76 11.54
C THR B 311 25.05 -35.80 10.04
N ASP B 312 25.39 -36.96 9.48
CA ASP B 312 25.73 -37.07 8.08
C ASP B 312 24.52 -37.63 7.31
N GLU B 313 24.76 -38.23 6.15
CA GLU B 313 23.65 -38.66 5.31
C GLU B 313 23.64 -40.17 5.14
N ALA B 316 21.34 -42.13 6.90
CA ALA B 316 21.00 -41.20 7.96
C ALA B 316 19.92 -40.23 7.51
N GLU B 317 20.24 -39.40 6.52
CA GLU B 317 19.25 -38.50 5.94
C GLU B 317 18.39 -39.18 4.89
N ALA B 318 18.81 -40.34 4.39
CA ALA B 318 17.98 -41.08 3.46
C ALA B 318 16.75 -41.65 4.14
N LEU B 319 16.86 -42.00 5.42
CA LEU B 319 15.73 -42.54 6.18
C LEU B 319 14.56 -41.57 6.25
N PHE B 320 14.79 -40.27 6.01
CA PHE B 320 13.70 -39.32 6.04
C PHE B 320 12.93 -39.34 4.73
N GLN B 321 13.63 -39.55 3.61
CA GLN B 321 12.92 -39.80 2.36
C GLN B 321 12.08 -41.06 2.46
N ALA B 322 12.57 -42.08 3.17
CA ALA B 322 11.75 -43.26 3.43
C ALA B 322 10.52 -42.92 4.25
N ARG B 323 10.65 -42.06 5.26
CA ARG B 323 9.51 -41.65 6.06
C ARG B 323 8.53 -40.81 5.24
N ARG B 324 9.05 -39.89 4.43
CA ARG B 324 8.19 -39.07 3.57
C ARG B 324 7.50 -39.92 2.51
N LEU B 325 8.26 -40.81 1.87
CA LEU B 325 7.76 -41.66 0.80
C LEU B 325 7.15 -42.95 1.32
N ALA B 326 6.67 -42.95 2.57
CA ALA B 326 6.06 -44.15 3.13
C ALA B 326 4.68 -44.40 2.55
N TYR B 327 3.92 -43.33 2.29
CA TYR B 327 2.62 -43.49 1.66
C TYR B 327 2.82 -43.45 0.14
N PRO B 328 3.80 -42.71 -0.39
CA PRO B 328 4.19 -42.95 -1.79
C PRO B 328 4.68 -44.37 -2.00
N ALA B 329 5.13 -45.05 -0.95
CA ALA B 329 5.26 -46.49 -0.95
C ALA B 329 3.95 -47.04 -0.41
N LEU B 330 3.81 -48.36 -0.41
CA LEU B 330 2.55 -48.99 0.00
C LEU B 330 1.47 -48.69 -1.04
N GLU B 331 1.56 -47.50 -1.65
CA GLU B 331 0.71 -47.11 -2.77
C GLU B 331 0.78 -48.11 -3.91
N ARG B 332 1.81 -48.96 -3.90
CA ARG B 332 2.00 -49.99 -4.90
C ARG B 332 1.72 -51.38 -4.37
N LEU B 333 1.28 -51.51 -3.11
CA LEU B 333 1.00 -52.81 -2.52
C LEU B 333 -0.50 -53.04 -2.30
N GLY B 334 -1.36 -52.26 -2.93
CA GLY B 334 -2.79 -52.46 -2.75
C GLY B 334 -3.53 -51.27 -2.22
N PRO B 335 -4.85 -51.40 -2.11
CA PRO B 335 -5.64 -50.32 -1.49
C PRO B 335 -5.28 -50.18 -0.02
N LEU B 336 -5.17 -48.93 0.42
CA LEU B 336 -4.67 -48.60 1.75
C LEU B 336 -5.74 -47.82 2.48
N LEU B 337 -6.15 -48.33 3.66
CA LEU B 337 -7.00 -47.57 4.54
C LEU B 337 -6.10 -46.89 5.57
N THR B 338 -6.21 -45.57 5.67
CA THR B 338 -5.41 -44.78 6.59
C THR B 338 -6.29 -44.02 7.57
N GLU B 339 -5.82 -43.91 8.80
CA GLU B 339 -6.48 -43.10 9.82
C GLU B 339 -5.53 -42.01 10.29
N ASP B 340 -6.09 -40.96 10.89
CA ASP B 340 -5.30 -39.81 11.33
C ASP B 340 -5.93 -39.29 12.62
N VAL B 341 -5.55 -39.89 13.73
CA VAL B 341 -5.96 -39.43 15.05
C VAL B 341 -4.81 -38.66 15.68
N CYS B 342 -5.15 -37.71 16.55
CA CYS B 342 -4.16 -36.94 17.29
C CYS B 342 -4.59 -36.90 18.75
N VAL B 343 -3.74 -37.41 19.63
CA VAL B 343 -4.05 -37.53 21.05
C VAL B 343 -3.03 -36.69 21.82
N PRO B 344 -3.27 -36.38 23.10
CA PRO B 344 -2.25 -35.66 23.87
C PRO B 344 -0.91 -36.39 23.86
N LYS B 345 0.16 -35.60 23.95
CA LYS B 345 1.51 -36.16 23.85
C LYS B 345 1.78 -37.18 24.94
N ALA B 346 1.20 -36.99 26.12
CA ALA B 346 1.39 -37.93 27.22
C ALA B 346 0.63 -39.23 27.04
N ARG B 347 -0.24 -39.31 26.03
CA ARG B 347 -1.07 -40.49 25.80
C ARG B 347 -0.70 -41.25 24.53
N VAL B 348 0.37 -40.83 23.85
CA VAL B 348 0.87 -41.59 22.71
C VAL B 348 1.27 -43.01 23.10
N PRO B 349 2.01 -43.25 24.21
CA PRO B 349 2.32 -44.64 24.56
C PRO B 349 1.10 -45.52 24.74
N HIS B 350 0.07 -45.01 25.42
CA HIS B 350 -1.16 -45.79 25.59
C HIS B 350 -1.85 -46.06 24.27
N MET B 351 -1.82 -45.08 23.36
CA MET B 351 -2.46 -45.25 22.05
C MET B 351 -1.74 -46.30 21.21
N LEU B 352 -0.41 -46.27 21.17
CA LEU B 352 0.33 -47.26 20.39
C LEU B 352 0.13 -48.68 20.91
N GLU B 353 -0.04 -48.83 22.23
CA GLU B 353 -0.40 -50.14 22.75
C GLU B 353 -1.81 -50.55 22.34
N ALA B 354 -2.74 -49.59 22.31
CA ALA B 354 -4.14 -49.92 22.02
C ALA B 354 -4.35 -50.27 20.55
N ILE B 355 -3.65 -49.57 19.65
CA ILE B 355 -3.81 -49.87 18.23
C ILE B 355 -3.23 -51.24 17.90
N GLU B 356 -2.05 -51.56 18.44
CA GLU B 356 -1.45 -52.87 18.19
C GLU B 356 -2.24 -53.98 18.87
N ALA B 357 -2.86 -53.68 20.01
CA ALA B 357 -3.73 -54.65 20.65
C ALA B 357 -5.03 -54.81 19.87
N ALA B 358 -5.52 -53.72 19.28
CA ALA B 358 -6.66 -53.79 18.37
C ALA B 358 -6.31 -54.48 17.07
N GLY B 359 -5.02 -54.64 16.77
CA GLY B 359 -4.62 -55.37 15.58
C GLY B 359 -4.83 -56.86 15.68
N GLU B 360 -4.93 -57.41 16.89
CA GLU B 360 -5.25 -58.82 17.11
C GLU B 360 -6.72 -59.05 17.49
N ARG B 361 -7.35 -58.09 18.19
CA ARG B 361 -8.78 -58.17 18.43
C ARG B 361 -9.54 -58.20 17.11
N PHE B 362 -8.87 -57.81 16.03
CA PHE B 362 -9.37 -57.84 14.67
C PHE B 362 -8.25 -58.29 13.74
N ASP B 363 -7.52 -59.33 14.17
CA ASP B 363 -6.31 -59.89 13.53
C ASP B 363 -5.92 -59.31 12.17
N THR B 364 -5.90 -57.98 12.08
CA THR B 364 -5.41 -57.27 10.90
C THR B 364 -4.18 -56.50 11.35
N ARG B 365 -3.05 -56.76 10.69
CA ARG B 365 -1.76 -56.24 11.12
C ARG B 365 -1.60 -54.84 10.57
N ILE B 366 -1.88 -53.85 11.42
CA ILE B 366 -1.91 -52.45 11.03
C ILE B 366 -0.51 -51.87 11.15
N GLY B 367 0.01 -51.36 10.03
CA GLY B 367 1.27 -50.65 10.07
C GLY B 367 1.09 -49.25 10.64
N ASN B 368 2.13 -48.77 11.31
CA ASN B 368 2.05 -47.53 12.08
C ASN B 368 3.10 -46.54 11.61
N ILE B 369 2.63 -45.35 11.25
CA ILE B 369 3.45 -44.15 11.09
C ILE B 369 2.81 -43.10 11.97
N ALA B 370 3.62 -42.20 12.50
CA ALA B 370 3.07 -41.26 13.45
C ALA B 370 3.97 -40.04 13.56
N HIS B 371 3.35 -38.86 13.64
CA HIS B 371 4.05 -37.65 14.05
C HIS B 371 4.11 -37.70 15.57
N ALA B 372 5.04 -38.51 16.09
CA ALA B 372 5.09 -38.70 17.53
C ALA B 372 5.55 -37.46 18.28
N GLY B 373 6.10 -36.47 17.58
CA GLY B 373 6.51 -35.24 18.22
C GLY B 373 5.36 -34.37 18.71
N ASP B 374 4.16 -34.59 18.18
CA ASP B 374 3.00 -33.83 18.60
C ASP B 374 1.77 -34.71 18.81
N GLY B 375 1.92 -36.03 18.80
CA GLY B 375 0.84 -36.95 19.09
C GLY B 375 -0.09 -37.28 17.95
N ASN B 376 0.31 -37.02 16.71
CA ASN B 376 -0.51 -37.34 15.55
C ASN B 376 -0.08 -38.71 15.02
N LEU B 377 -0.97 -39.68 15.09
CA LEU B 377 -0.69 -41.05 14.69
C LEU B 377 -1.39 -41.39 13.38
N HIS B 378 -0.74 -42.21 12.55
CA HIS B 378 -1.29 -42.68 11.28
C HIS B 378 -1.32 -44.21 11.28
N PRO B 379 -2.32 -44.82 11.91
CA PRO B 379 -2.53 -46.26 11.71
C PRO B 379 -3.00 -46.52 10.28
N LEU B 380 -2.49 -47.60 9.69
CA LEU B 380 -2.82 -47.93 8.32
C LEU B 380 -2.82 -49.45 8.12
N PHE B 381 -3.82 -49.95 7.41
CA PHE B 381 -3.91 -51.35 7.04
C PHE B 381 -4.04 -51.45 5.53
N ILE B 382 -3.39 -52.45 4.95
CA ILE B 382 -3.43 -52.69 3.52
C ILE B 382 -4.39 -53.85 3.26
N VAL B 383 -5.40 -53.61 2.41
CA VAL B 383 -6.46 -54.58 2.15
C VAL B 383 -6.05 -55.52 1.01
N PRO B 384 -6.16 -56.84 1.20
CA PRO B 384 -5.79 -57.77 0.13
C PRO B 384 -6.71 -57.68 -1.09
N ALA B 385 -7.84 -56.97 -1.00
CA ALA B 385 -8.75 -56.71 -2.11
C ALA B 385 -9.45 -57.95 -2.64
N GLY B 386 -9.19 -59.12 -2.07
CA GLY B 386 -9.90 -60.32 -2.50
C GLY B 386 -10.67 -60.90 -1.33
N ASP B 387 -10.18 -60.62 -0.12
CA ASP B 387 -10.87 -60.98 1.12
C ASP B 387 -11.92 -59.91 1.38
N GLU B 388 -13.20 -60.26 1.23
CA GLU B 388 -14.24 -59.25 1.39
C GLU B 388 -14.42 -58.89 2.86
N GLU B 389 -14.45 -59.89 3.74
CA GLU B 389 -14.66 -59.63 5.16
C GLU B 389 -13.51 -58.81 5.74
N ALA B 390 -12.30 -58.96 5.18
CA ALA B 390 -11.18 -58.14 5.62
C ALA B 390 -11.43 -56.66 5.36
N LYS B 391 -12.28 -56.33 4.39
CA LYS B 391 -12.72 -54.95 4.26
C LYS B 391 -13.50 -54.52 5.49
N ARG B 392 -14.29 -55.43 6.07
CA ARG B 392 -15.12 -55.09 7.22
C ARG B 392 -14.44 -55.42 8.54
N ARG B 393 -13.47 -56.34 8.52
CA ARG B 393 -12.62 -56.57 9.69
C ARG B 393 -11.73 -55.36 9.95
N ALA B 394 -11.14 -54.78 8.90
CA ALA B 394 -10.30 -53.61 9.05
C ALA B 394 -11.11 -52.37 9.40
N LYS B 395 -12.27 -52.20 8.78
CA LYS B 395 -13.08 -51.00 9.02
C LYS B 395 -13.42 -50.83 10.49
N GLN B 396 -13.93 -51.88 11.14
CA GLN B 396 -14.25 -51.78 12.57
C GLN B 396 -13.01 -51.64 13.42
N ALA B 397 -11.87 -52.18 12.98
CA ALA B 397 -10.64 -52.06 13.76
C ALA B 397 -10.18 -50.61 13.85
N PHE B 398 -10.29 -49.87 12.75
CA PHE B 398 -9.98 -48.44 12.76
C PHE B 398 -11.08 -47.62 13.41
N GLU B 399 -12.24 -48.23 13.65
CA GLU B 399 -13.35 -47.56 14.34
C GLU B 399 -13.18 -47.53 15.85
N VAL B 400 -12.59 -48.59 16.42
CA VAL B 400 -12.30 -48.57 17.86
C VAL B 400 -11.10 -47.66 18.14
N ILE B 401 -10.23 -47.46 17.15
CA ILE B 401 -9.10 -46.55 17.32
C ILE B 401 -9.60 -45.11 17.41
N VAL B 402 -10.54 -44.72 16.55
CA VAL B 402 -11.12 -43.38 16.62
C VAL B 402 -11.90 -43.20 17.92
N ASP B 403 -12.68 -44.22 18.32
CA ASP B 403 -13.42 -44.12 19.58
C ASP B 403 -12.48 -44.08 20.77
N GLU B 404 -11.28 -44.65 20.66
CA GLU B 404 -10.32 -44.58 21.76
C GLU B 404 -9.66 -43.20 21.82
N ALA B 405 -9.34 -42.62 20.67
CA ALA B 405 -8.73 -41.29 20.67
C ALA B 405 -9.69 -40.24 21.21
N LEU B 406 -11.01 -40.44 21.03
CA LEU B 406 -11.97 -39.49 21.57
C LEU B 406 -12.09 -39.60 23.08
N ALA B 407 -12.09 -40.83 23.61
CA ALA B 407 -12.20 -41.02 25.05
C ALA B 407 -10.92 -40.62 25.77
N VAL B 408 -9.77 -40.75 25.10
CA VAL B 408 -8.50 -40.37 25.70
C VAL B 408 -8.35 -38.85 25.77
N GLY B 409 -9.02 -38.12 24.87
CA GLY B 409 -8.96 -36.68 24.89
C GLY B 409 -8.37 -36.05 23.65
N GLY B 410 -8.33 -36.80 22.54
CA GLY B 410 -7.77 -36.34 21.30
C GLY B 410 -8.84 -35.89 20.32
N THR B 411 -8.44 -35.80 19.05
CA THR B 411 -9.33 -35.34 17.99
C THR B 411 -9.34 -36.36 16.85
N VAL B 412 -10.42 -36.34 16.07
CA VAL B 412 -10.62 -37.36 15.05
C VAL B 412 -9.66 -37.16 13.87
N THR B 413 -9.21 -35.93 13.63
CA THR B 413 -8.25 -35.68 12.56
C THR B 413 -7.23 -34.64 13.02
N GLY B 414 -5.99 -34.80 12.56
CA GLY B 414 -4.92 -33.91 12.96
C GLY B 414 -4.38 -33.08 11.82
N GLU B 415 -4.49 -33.58 10.59
CA GLU B 415 -4.00 -32.87 9.42
C GLU B 415 -4.79 -33.25 8.18
N HIS B 416 -5.22 -34.52 8.09
CA HIS B 416 -5.90 -35.00 6.90
C HIS B 416 -7.30 -34.42 6.73
N GLY B 417 -7.86 -33.82 7.78
CA GLY B 417 -9.19 -33.25 7.69
C GLY B 417 -10.29 -34.29 7.86
N VAL B 418 -11.50 -33.78 8.07
CA VAL B 418 -12.65 -34.67 8.29
C VAL B 418 -13.10 -35.26 6.95
N GLY B 419 -13.48 -34.40 6.01
CA GLY B 419 -13.87 -34.87 4.70
C GLY B 419 -15.11 -35.74 4.76
N LEU B 420 -14.98 -36.98 4.30
CA LEU B 420 -16.06 -37.96 4.32
C LEU B 420 -15.81 -39.14 5.24
N LEU B 421 -14.59 -39.69 5.24
CA LEU B 421 -14.31 -40.92 5.96
C LEU B 421 -14.30 -40.74 7.47
N LYS B 422 -14.26 -39.51 7.99
CA LYS B 422 -14.21 -39.26 9.42
C LYS B 422 -15.39 -38.42 9.88
N MET B 423 -16.51 -38.50 9.16
CA MET B 423 -17.67 -37.68 9.49
C MET B 423 -18.39 -38.18 10.73
N ARG B 424 -18.57 -39.51 10.85
CA ARG B 424 -19.23 -40.06 12.03
C ARG B 424 -18.44 -39.77 13.30
N GLY B 425 -17.11 -39.91 13.24
CA GLY B 425 -16.30 -39.65 14.41
C GLY B 425 -16.23 -38.18 14.79
N ALA B 426 -16.15 -37.30 13.78
CA ALA B 426 -16.12 -35.87 14.06
C ALA B 426 -17.44 -35.38 14.66
N ALA B 427 -18.56 -35.91 14.19
CA ALA B 427 -19.85 -35.50 14.73
C ALA B 427 -19.98 -35.87 16.20
N ASP B 428 -19.35 -36.97 16.63
CA ASP B 428 -19.38 -37.32 18.04
C ASP B 428 -18.49 -36.39 18.86
N GLU B 429 -17.37 -35.96 18.29
CA GLU B 429 -16.47 -35.06 19.02
C GLU B 429 -17.08 -33.67 19.14
N LEU B 430 -17.53 -33.10 18.02
CA LEU B 430 -18.05 -31.74 18.03
C LEU B 430 -19.30 -31.63 18.90
N GLY B 431 -20.17 -32.64 18.85
CA GLY B 431 -21.37 -32.63 19.64
C GLY B 431 -22.50 -31.85 18.99
N PRO B 432 -23.67 -31.84 19.62
CA PRO B 432 -24.83 -31.19 18.97
C PRO B 432 -24.72 -29.69 18.93
N HIS B 433 -24.17 -29.05 19.97
CA HIS B 433 -24.13 -27.60 20.01
C HIS B 433 -23.15 -27.05 18.97
N VAL B 434 -21.96 -27.65 18.86
CA VAL B 434 -20.98 -27.18 17.90
C VAL B 434 -21.42 -27.48 16.48
N LEU B 435 -22.04 -28.64 16.26
CA LEU B 435 -22.57 -28.95 14.94
C LEU B 435 -23.68 -27.99 14.55
N ALA B 436 -24.50 -27.58 15.52
CA ALA B 436 -25.54 -26.59 15.24
C ALA B 436 -24.93 -25.26 14.80
N MET B 437 -23.82 -24.87 15.41
CA MET B 437 -23.13 -23.66 14.99
C MET B 437 -22.52 -23.83 13.60
N HIS B 438 -22.10 -25.05 13.25
CA HIS B 438 -21.51 -25.29 11.94
C HIS B 438 -22.52 -25.04 10.83
N ARG B 439 -23.71 -25.65 10.95
CA ARG B 439 -24.75 -25.42 9.95
C ARG B 439 -25.21 -23.97 9.93
N ALA B 440 -25.23 -23.31 11.10
CA ALA B 440 -25.63 -21.92 11.15
C ALA B 440 -24.64 -21.03 10.41
N VAL B 441 -23.34 -21.31 10.55
CA VAL B 441 -22.33 -20.50 9.86
C VAL B 441 -22.41 -20.72 8.35
N LYS B 442 -22.38 -21.98 7.92
CA LYS B 442 -22.46 -22.27 6.48
C LYS B 442 -23.76 -21.74 5.90
N GLY B 443 -24.85 -21.81 6.67
CA GLY B 443 -26.10 -21.23 6.20
C GLY B 443 -26.03 -19.73 6.02
N ALA B 444 -25.23 -19.06 6.84
CA ALA B 444 -25.11 -17.60 6.75
C ALA B 444 -24.21 -17.18 5.60
N LEU B 445 -23.09 -17.88 5.41
CA LEU B 445 -22.14 -17.51 4.37
C LEU B 445 -22.42 -18.20 3.05
N ASP B 446 -23.20 -19.28 3.05
CA ASP B 446 -23.63 -19.97 1.84
C ASP B 446 -25.12 -20.23 1.99
N PRO B 447 -25.96 -19.20 1.81
CA PRO B 447 -27.40 -19.39 2.02
C PRO B 447 -28.03 -20.34 1.02
N ALA B 448 -27.44 -20.50 -0.17
CA ALA B 448 -27.94 -21.43 -1.15
C ALA B 448 -27.45 -22.86 -0.94
N GLY B 449 -26.44 -23.06 -0.11
CA GLY B 449 -25.94 -24.41 0.14
C GLY B 449 -25.21 -25.04 -1.03
N ILE B 450 -24.38 -24.26 -1.72
CA ILE B 450 -23.74 -24.73 -2.95
C ILE B 450 -22.30 -25.17 -2.75
N PHE B 451 -21.62 -24.68 -1.72
CA PHE B 451 -20.20 -24.93 -1.49
C PHE B 451 -19.99 -26.26 -0.79
N ASN B 452 -19.69 -27.30 -1.58
CA ASN B 452 -19.35 -28.63 -1.11
C ASN B 452 -20.32 -29.12 -0.04
N PRO B 453 -21.59 -29.35 -0.38
CA PRO B 453 -22.57 -29.73 0.64
C PRO B 453 -22.45 -31.19 1.03
N GLY B 454 -22.59 -31.45 2.33
CA GLY B 454 -22.55 -32.80 2.85
C GLY B 454 -21.17 -33.28 3.25
N LYS B 455 -20.21 -32.38 3.42
CA LYS B 455 -18.87 -32.73 3.88
C LYS B 455 -18.63 -32.10 5.24
N VAL B 456 -17.60 -32.60 5.92
CA VAL B 456 -17.25 -32.18 7.28
C VAL B 456 -18.41 -32.48 8.24
N PHE B 457 -19.53 -31.80 8.06
CA PHE B 457 -20.75 -32.07 8.79
C PHE B 457 -21.90 -32.35 7.82
N ALA B 458 -22.98 -32.91 8.36
CA ALA B 458 -24.15 -33.26 7.56
C ALA B 458 -25.22 -32.19 7.74
N LEU B 459 -25.63 -31.59 6.63
CA LEU B 459 -26.75 -30.66 6.65
C LEU B 459 -28.05 -31.39 6.94
N GLU B 460 -28.88 -30.79 7.79
CA GLU B 460 -30.17 -31.38 8.16
C GLU B 460 -31.09 -31.49 6.95
N GLY C 3 67.60 25.99 39.49
CA GLY C 3 67.11 26.92 40.49
C GLY C 3 65.61 27.12 40.48
N VAL C 4 65.08 27.61 41.60
CA VAL C 4 63.66 27.88 41.80
C VAL C 4 62.87 26.58 41.64
N VAL C 5 62.95 25.96 40.45
CA VAL C 5 62.15 24.76 40.23
C VAL C 5 62.73 23.60 41.01
N GLU C 6 64.06 23.48 41.02
CA GLU C 6 64.72 22.43 41.77
C GLU C 6 64.45 22.59 43.26
N GLU C 7 64.43 23.84 43.75
CA GLU C 7 64.22 24.10 45.17
C GLU C 7 62.77 23.89 45.60
N LEU C 8 61.81 24.26 44.75
CA LEU C 8 60.40 24.03 45.08
C LEU C 8 60.07 22.54 45.16
N VAL C 9 60.66 21.73 44.27
CA VAL C 9 60.34 20.31 44.30
C VAL C 9 60.88 19.65 45.56
N ALA C 10 61.95 20.19 46.14
CA ALA C 10 62.46 19.66 47.39
C ALA C 10 61.63 20.09 48.59
N ALA C 11 60.81 21.14 48.43
CA ALA C 11 59.97 21.65 49.51
C ALA C 11 58.59 21.01 49.51
N ILE C 12 57.88 21.08 48.38
CA ILE C 12 56.53 20.53 48.30
C ILE C 12 56.34 19.80 46.98
N GLY C 13 57.25 20.04 46.03
CA GLY C 13 57.04 19.56 44.68
C GLY C 13 56.99 18.04 44.60
N ALA C 14 56.14 17.58 43.66
CA ALA C 14 55.90 16.20 43.25
C ALA C 14 54.60 16.23 42.47
N GLU C 15 53.50 16.51 43.16
CA GLU C 15 52.20 16.70 42.53
C GLU C 15 51.72 18.13 42.68
N GLN C 16 52.54 19.01 43.28
CA GLN C 16 52.24 20.43 43.44
C GLN C 16 52.90 21.30 42.38
N VAL C 17 54.10 20.97 41.94
CA VAL C 17 54.86 21.78 40.99
C VAL C 17 54.68 21.19 39.59
N VAL C 18 54.18 22.01 38.68
CA VAL C 18 54.05 21.66 37.27
C VAL C 18 54.95 22.60 36.48
N THR C 19 55.67 22.05 35.50
CA THR C 19 56.57 22.83 34.68
C THR C 19 56.34 22.62 33.19
N ASP C 20 55.43 21.75 32.82
CA ASP C 20 55.12 21.48 31.42
C ASP C 20 54.60 22.73 30.75
N PRO C 21 55.26 23.23 29.70
CA PRO C 21 54.77 24.46 29.04
C PRO C 21 53.39 24.31 28.45
N ALA C 22 52.90 23.09 28.26
CA ALA C 22 51.54 22.89 27.76
C ALA C 22 50.52 23.08 28.87
N VAL C 23 50.92 22.82 30.12
CA VAL C 23 50.04 23.03 31.26
C VAL C 23 50.27 24.42 31.88
N MET C 24 50.99 25.30 31.18
CA MET C 24 51.29 26.63 31.67
C MET C 24 50.72 27.77 30.85
N GLU C 25 50.41 27.54 29.57
CA GLU C 25 49.89 28.65 28.78
C GLU C 25 48.50 29.06 29.26
N GLY C 26 47.73 28.11 29.79
CA GLY C 26 46.44 28.40 30.38
C GLY C 26 46.48 28.96 31.79
N TYR C 27 47.66 28.95 32.43
CA TYR C 27 47.83 29.47 33.78
C TYR C 27 48.53 30.83 33.80
N SER C 28 48.95 31.34 32.65
CA SER C 28 49.76 32.54 32.59
C SER C 28 48.97 33.77 32.19
N HIS C 29 47.66 33.66 32.01
CA HIS C 29 46.85 34.81 31.65
C HIS C 29 45.41 34.53 32.03
N ASP C 30 44.65 35.61 32.20
CA ASP C 30 43.22 35.53 32.44
C ASP C 30 42.48 35.79 31.12
N GLU C 31 41.20 36.10 31.20
CA GLU C 31 40.48 36.37 29.96
C GLU C 31 40.68 37.79 29.47
N ALA C 32 41.49 38.58 30.17
CA ALA C 32 41.86 39.89 29.66
C ALA C 32 42.86 39.69 28.53
N GLU C 33 42.43 39.94 27.30
CA GLU C 33 43.36 39.81 26.19
C GLU C 33 44.20 41.09 26.15
N TRP C 34 45.16 41.11 25.24
CA TRP C 34 46.00 42.31 25.05
C TRP C 34 46.67 42.74 26.35
N ALA C 35 47.00 41.78 27.20
CA ALA C 35 47.72 42.01 28.45
C ALA C 35 49.05 41.28 28.40
N PRO C 36 50.18 41.97 28.45
CA PRO C 36 51.48 41.28 28.29
C PRO C 36 51.73 40.21 29.35
N TYR C 37 51.65 38.94 28.96
CA TYR C 37 52.00 37.82 29.82
C TYR C 37 53.12 37.02 29.17
N ASP C 38 53.66 36.04 29.92
CA ASP C 38 54.76 35.25 29.43
C ASP C 38 54.76 33.91 30.16
N ALA C 39 55.65 33.02 29.73
CA ALA C 39 55.77 31.68 30.30
C ALA C 39 56.45 31.72 31.67
N PRO C 40 55.80 31.27 32.73
CA PRO C 40 56.44 31.25 34.05
C PRO C 40 57.42 30.09 34.20
N ALA C 41 58.16 30.12 35.31
CA ALA C 41 59.10 29.06 35.61
C ALA C 41 58.41 27.83 36.20
N ALA C 42 57.52 28.03 37.17
CA ALA C 42 56.80 26.94 37.79
C ALA C 42 55.40 27.41 38.15
N VAL C 43 54.44 26.49 38.06
CA VAL C 43 53.06 26.73 38.47
C VAL C 43 52.77 25.83 39.65
N VAL C 44 52.67 26.41 40.83
CA VAL C 44 52.46 25.66 42.05
C VAL C 44 50.97 25.43 42.26
N ARG C 45 50.61 24.23 42.72
CA ARG C 45 49.25 23.87 43.09
C ARG C 45 49.26 23.46 44.55
N PRO C 46 49.30 24.41 45.48
CA PRO C 46 49.41 24.05 46.89
C PRO C 46 48.18 23.33 47.38
N ARG C 47 48.37 22.52 48.43
CA ARG C 47 47.31 21.71 49.00
C ARG C 47 46.66 22.36 50.21
N ASP C 48 47.46 23.00 51.07
CA ASP C 48 46.94 23.68 52.25
C ASP C 48 47.73 24.97 52.46
N THR C 49 47.39 25.67 53.54
CA THR C 49 48.06 26.93 53.86
C THR C 49 49.56 26.72 54.06
N ALA C 50 49.95 25.55 54.59
CA ALA C 50 51.36 25.28 54.85
C ALA C 50 52.18 25.29 53.56
N ASP C 51 51.61 24.75 52.47
CA ASP C 51 52.33 24.71 51.21
C ASP C 51 52.59 26.10 50.66
N VAL C 52 51.65 27.02 50.84
CA VAL C 52 51.83 28.40 50.37
C VAL C 52 52.96 29.08 51.13
N ALA C 53 53.08 28.81 52.43
CA ALA C 53 54.13 29.42 53.24
C ALA C 53 55.53 29.01 52.79
N GLU C 54 55.67 27.89 52.10
CA GLU C 54 57.00 27.47 51.61
C GLU C 54 57.33 28.14 50.29
N VAL C 55 56.36 28.23 49.37
CA VAL C 55 56.63 28.87 48.08
C VAL C 55 56.92 30.35 48.29
N VAL C 56 56.23 30.98 49.24
CA VAL C 56 56.51 32.38 49.54
C VAL C 56 57.89 32.50 50.17
N ARG C 57 58.26 31.53 51.01
CA ARG C 57 59.58 31.56 51.64
C ARG C 57 60.69 31.36 50.62
N ILE C 58 60.50 30.42 49.69
CA ILE C 58 61.51 30.17 48.67
C ILE C 58 61.63 31.36 47.74
N CYS C 59 60.49 31.89 47.29
CA CYS C 59 60.52 32.96 46.29
C CYS C 59 60.96 34.29 46.90
N ALA C 60 60.76 34.49 48.21
CA ALA C 60 61.20 35.73 48.83
C ALA C 60 62.71 35.82 48.90
N GLY C 61 63.40 34.69 49.08
CA GLY C 61 64.85 34.65 49.11
C GLY C 61 65.53 34.71 47.77
N ARG C 62 64.77 34.69 46.68
CA ARG C 62 65.32 34.70 45.32
C ARG C 62 64.85 35.87 44.48
N GLY C 63 63.85 36.62 44.93
CA GLY C 63 63.33 37.72 44.14
C GLY C 63 62.55 37.31 42.93
N VAL C 64 62.07 36.07 42.88
CA VAL C 64 61.24 35.60 41.77
C VAL C 64 59.79 35.94 42.10
N ALA C 65 59.09 36.52 41.13
CA ALA C 65 57.76 37.05 41.37
C ALA C 65 56.74 35.93 41.56
N VAL C 66 55.76 36.20 42.42
CA VAL C 66 54.68 35.27 42.72
C VAL C 66 53.36 35.97 42.42
N VAL C 67 52.56 35.38 41.54
CA VAL C 67 51.25 35.89 41.19
C VAL C 67 50.20 34.85 41.55
N GLY C 68 49.32 35.19 42.48
CA GLY C 68 48.23 34.30 42.81
C GLY C 68 47.22 34.22 41.68
N ARG C 69 46.51 33.09 41.62
CA ARG C 69 45.53 32.89 40.56
C ARG C 69 44.35 32.10 41.09
N GLY C 70 43.14 32.59 40.80
CA GLY C 70 41.94 31.85 41.09
C GLY C 70 41.50 31.02 39.89
N ALA C 71 40.59 31.58 39.09
CA ALA C 71 40.11 30.92 37.89
C ALA C 71 40.58 31.59 36.61
N GLY C 72 41.35 32.67 36.70
CA GLY C 72 41.80 33.36 35.50
C GLY C 72 40.68 34.04 34.73
N THR C 73 39.79 34.73 35.44
CA THR C 73 38.67 35.43 34.81
C THR C 73 38.84 36.94 34.85
N GLY C 74 40.02 37.44 35.20
CA GLY C 74 40.23 38.87 35.26
C GLY C 74 40.14 39.53 33.91
N LEU C 75 39.77 40.81 33.91
CA LEU C 75 39.71 41.62 32.70
C LEU C 75 40.75 42.72 32.68
N SER C 76 41.73 42.67 33.58
CA SER C 76 42.82 43.64 33.60
C SER C 76 44.19 42.98 33.59
N GLY C 77 44.25 41.67 33.38
CA GLY C 77 45.54 40.98 33.37
C GLY C 77 46.21 40.90 34.71
N ALA C 78 45.44 40.97 35.80
CA ALA C 78 46.02 41.00 37.14
C ALA C 78 46.71 39.70 37.51
N ALA C 79 46.33 38.58 36.90
CA ALA C 79 46.89 37.28 37.21
C ALA C 79 47.88 36.81 36.15
N ASN C 80 48.25 37.67 35.21
CA ASN C 80 49.17 37.31 34.16
C ASN C 80 50.56 37.06 34.72
N ALA C 81 51.22 36.03 34.21
CA ALA C 81 52.54 35.66 34.67
C ALA C 81 53.62 36.33 33.83
N GLY C 82 54.85 36.31 34.36
CA GLY C 82 56.00 36.85 33.66
C GLY C 82 57.05 35.77 33.43
N ARG C 83 58.08 36.14 32.67
CA ARG C 83 59.17 35.23 32.37
C ARG C 83 59.85 34.76 33.66
N GLY C 84 59.64 33.49 34.02
CA GLY C 84 60.26 32.95 35.20
C GLY C 84 59.44 33.07 36.47
N TRP C 85 58.25 33.66 36.41
CA TRP C 85 57.43 33.83 37.60
C TRP C 85 56.93 32.49 38.11
N VAL C 86 56.27 32.53 39.27
CA VAL C 86 55.64 31.36 39.87
C VAL C 86 54.17 31.68 40.07
N VAL C 87 53.31 30.88 39.43
CA VAL C 87 51.86 31.09 39.48
C VAL C 87 51.28 30.15 40.53
N VAL C 88 50.91 30.71 41.68
CA VAL C 88 50.29 29.94 42.75
C VAL C 88 48.81 29.78 42.45
N SER C 89 48.39 28.55 42.16
CA SER C 89 47.02 28.23 41.81
C SER C 89 46.27 27.71 43.03
N PHE C 90 45.27 28.45 43.48
CA PHE C 90 44.48 28.08 44.65
C PHE C 90 43.36 27.11 44.28
N GLU C 91 43.55 26.33 43.21
CA GLU C 91 42.50 25.45 42.74
C GLU C 91 42.28 24.25 43.65
N ARG C 92 43.23 23.94 44.52
CA ARG C 92 43.12 22.79 45.40
C ARG C 92 42.51 23.12 46.76
N MET C 93 42.46 24.38 47.14
CA MET C 93 41.82 24.81 48.38
C MET C 93 40.46 25.41 48.04
N ASN C 94 39.48 24.53 47.85
CA ASN C 94 38.16 24.92 47.38
C ASN C 94 37.07 24.34 48.28
N ARG C 95 37.29 24.35 49.58
CA ARG C 95 36.28 23.88 50.53
C ARG C 95 35.68 25.04 51.32
N VAL C 96 34.41 24.88 51.67
CA VAL C 96 33.75 25.77 52.61
C VAL C 96 33.96 25.13 53.98
N LEU C 97 34.71 25.80 54.85
CA LEU C 97 35.20 25.15 56.05
C LEU C 97 34.28 25.33 57.26
N GLU C 98 33.16 26.03 57.10
CA GLU C 98 32.23 26.29 58.20
C GLU C 98 31.11 27.21 57.74
N VAL C 99 29.91 27.00 58.29
CA VAL C 99 28.79 27.92 58.09
C VAL C 99 28.19 28.14 59.49
N ASP C 100 28.73 29.11 60.21
CA ASP C 100 28.26 29.44 61.56
C ASP C 100 26.86 30.03 61.45
N THR C 101 25.84 29.22 61.75
CA THR C 101 24.47 29.64 61.54
C THR C 101 24.01 30.66 62.57
N VAL C 102 24.53 30.56 63.80
CA VAL C 102 24.13 31.50 64.84
C VAL C 102 24.83 32.84 64.65
N GLN C 103 26.11 32.81 64.28
CA GLN C 103 26.83 34.03 63.96
C GLN C 103 26.51 34.55 62.57
N GLN C 104 25.95 33.71 61.70
CA GLN C 104 25.62 34.06 60.32
C GLN C 104 26.88 34.49 59.55
N THR C 105 27.89 33.62 59.57
CA THR C 105 29.13 33.83 58.85
C THR C 105 29.53 32.55 58.14
N VAL C 106 30.42 32.69 57.15
CA VAL C 106 31.01 31.56 56.45
C VAL C 106 32.51 31.75 56.40
N THR C 107 33.24 30.63 56.43
CA THR C 107 34.68 30.64 56.36
C THR C 107 35.12 29.78 55.17
N VAL C 108 35.70 30.42 54.16
CA VAL C 108 36.03 29.76 52.91
C VAL C 108 37.49 30.04 52.55
N GLN C 109 38.04 29.15 51.72
CA GLN C 109 39.34 29.03 51.06
C GLN C 109 39.32 29.81 49.75
N PRO C 110 40.46 30.32 49.27
CA PRO C 110 40.43 31.22 48.10
C PRO C 110 39.96 30.54 46.83
N GLY C 111 39.83 29.22 46.81
CA GLY C 111 39.43 28.51 45.61
C GLY C 111 37.96 28.27 45.43
N VAL C 112 37.13 28.58 46.43
CA VAL C 112 35.69 28.32 46.32
C VAL C 112 35.10 29.21 45.23
N VAL C 113 34.31 28.60 44.35
CA VAL C 113 33.64 29.37 43.30
C VAL C 113 32.53 30.21 43.92
N ASN C 114 32.25 31.36 43.30
CA ASN C 114 31.26 32.28 43.87
C ASN C 114 29.91 31.60 44.01
N ASP C 115 29.43 30.98 42.93
CA ASP C 115 28.12 30.34 42.97
C ASP C 115 28.14 29.14 43.92
N ASP C 116 29.24 28.38 43.93
CA ASP C 116 29.34 27.26 44.86
C ASP C 116 29.14 27.70 46.30
N LEU C 117 29.58 28.91 46.64
CA LEU C 117 29.37 29.42 48.00
C LEU C 117 27.91 29.82 48.21
N ARG C 118 27.32 30.51 47.23
CA ARG C 118 25.95 31.00 47.39
C ARG C 118 24.96 29.84 47.49
N ALA C 119 25.19 28.77 46.73
CA ALA C 119 24.33 27.60 46.82
C ALA C 119 24.44 26.94 48.19
N ARG C 120 25.65 26.92 48.75
CA ARG C 120 25.86 26.30 50.06
C ARG C 120 25.13 27.06 51.16
N VAL C 121 25.28 28.39 51.18
CA VAL C 121 24.61 29.18 52.21
C VAL C 121 23.10 29.23 51.96
N ALA C 122 22.65 28.97 50.74
CA ALA C 122 21.22 28.93 50.50
C ALA C 122 20.55 27.77 51.22
N GLN C 123 21.28 26.66 51.42
CA GLN C 123 20.74 25.54 52.17
C GLN C 123 20.48 25.91 53.62
N ASP C 124 21.25 26.87 54.16
CA ASP C 124 21.13 27.29 55.54
C ASP C 124 20.36 28.60 55.69
N GLY C 125 19.56 28.97 54.70
CA GLY C 125 18.74 30.16 54.79
C GLY C 125 19.51 31.46 54.81
N LEU C 126 20.77 31.45 54.40
CA LEU C 126 21.60 32.64 54.37
C LEU C 126 21.93 33.00 52.93
N TRP C 127 22.39 34.23 52.72
CA TRP C 127 22.59 34.76 51.39
C TRP C 127 23.92 35.52 51.32
N TYR C 128 24.66 35.29 50.24
CA TYR C 128 25.86 36.07 49.93
C TYR C 128 25.59 36.94 48.73
N PRO C 129 25.40 38.25 48.90
CA PRO C 129 24.91 39.11 47.81
C PRO C 129 25.87 39.18 46.63
N PRO C 130 27.20 39.44 46.84
CA PRO C 130 28.08 39.74 45.70
C PRO C 130 28.10 38.71 44.56
N ASP C 131 27.71 39.16 43.36
CA ASP C 131 27.67 38.35 42.15
C ASP C 131 28.60 39.04 41.14
N PRO C 132 29.91 38.79 41.26
CA PRO C 132 30.92 39.53 40.50
C PRO C 132 31.03 39.26 39.00
N ALA C 133 29.91 39.33 38.28
CA ALA C 133 29.86 39.12 36.82
C ALA C 133 30.57 37.87 36.32
N SER C 134 31.41 37.24 37.13
CA SER C 134 32.00 35.94 36.87
C SER C 134 31.54 34.93 37.92
N SER C 135 30.27 35.02 38.32
CA SER C 135 29.77 34.19 39.42
C SER C 135 29.88 32.69 39.20
N PRO C 136 29.64 32.12 38.01
CA PRO C 136 29.82 30.67 37.85
C PRO C 136 31.26 30.22 37.69
N TRP C 137 32.23 31.12 37.70
CA TRP C 137 33.62 30.75 37.42
C TRP C 137 34.60 31.32 38.42
N SER C 138 34.38 32.54 38.90
CA SER C 138 35.38 33.22 39.72
C SER C 138 35.45 32.61 41.11
N THR C 139 36.59 32.82 41.75
CA THR C 139 36.84 32.32 43.10
C THR C 139 36.62 33.43 44.12
N ILE C 140 36.32 33.03 45.35
CA ILE C 140 36.14 34.01 46.43
C ILE C 140 37.46 34.70 46.73
N GLY C 141 38.57 33.96 46.71
CA GLY C 141 39.87 34.57 46.90
C GLY C 141 40.15 35.65 45.87
N GLY C 142 39.70 35.45 44.64
CA GLY C 142 39.84 36.48 43.62
C GLY C 142 38.93 37.66 43.90
N ASN C 143 37.69 37.38 44.30
CA ASN C 143 36.76 38.46 44.61
C ASN C 143 37.27 39.33 45.74
N VAL C 144 38.01 38.73 46.69
CA VAL C 144 38.58 39.51 47.78
C VAL C 144 39.74 40.37 47.28
N ALA C 145 40.62 39.80 46.45
CA ALA C 145 41.79 40.56 46.00
C ALA C 145 41.42 41.65 45.01
N THR C 146 40.32 41.48 44.27
CA THR C 146 39.87 42.50 43.34
C THR C 146 38.78 43.39 43.91
N ASN C 147 38.26 43.07 45.10
CA ASN C 147 37.14 43.79 45.70
C ASN C 147 35.96 43.80 44.74
N ALA C 148 35.58 42.60 44.29
CA ALA C 148 34.59 42.48 43.24
C ALA C 148 33.22 42.92 43.71
N GLY C 149 32.48 43.55 42.80
CA GLY C 149 31.13 44.02 43.07
C GLY C 149 30.14 43.34 42.14
N GLY C 150 28.86 43.51 42.46
CA GLY C 150 27.84 42.87 41.66
C GLY C 150 26.81 43.80 41.06
N LEU C 151 25.71 43.24 40.59
CA LEU C 151 24.66 44.06 39.98
C LEU C 151 23.75 44.69 41.02
N CYS C 152 23.42 43.94 42.07
CA CYS C 152 22.59 44.43 43.16
C CYS C 152 23.40 45.08 44.28
N CYS C 153 24.64 45.50 44.00
CA CYS C 153 25.48 46.12 45.01
C CYS C 153 24.98 47.50 45.43
N VAL C 154 24.13 48.14 44.63
CA VAL C 154 23.64 49.48 44.93
C VAL C 154 22.66 49.45 46.10
N LYS C 155 22.62 48.32 46.80
CA LYS C 155 21.83 48.15 48.03
C LYS C 155 22.52 47.30 49.08
N TYR C 156 23.39 46.38 48.69
CA TYR C 156 24.02 45.45 49.62
C TYR C 156 25.52 45.63 49.75
N GLY C 157 26.15 46.37 48.84
CA GLY C 157 27.57 46.69 48.95
C GLY C 157 28.43 45.77 48.10
N VAL C 158 29.73 46.02 48.18
CA VAL C 158 30.72 45.30 47.39
C VAL C 158 31.22 44.12 48.22
N THR C 159 32.21 43.38 47.71
CA THR C 159 32.73 42.24 48.46
C THR C 159 33.39 42.68 49.75
N ARG C 160 34.10 43.82 49.71
CA ARG C 160 34.78 44.32 50.90
C ARG C 160 33.80 44.51 52.06
N ASP C 161 32.56 44.89 51.75
CA ASP C 161 31.53 45.11 52.76
C ASP C 161 31.10 43.84 53.50
N TYR C 162 31.73 42.69 53.20
CA TYR C 162 31.40 41.43 53.83
C TYR C 162 32.62 40.69 54.33
N VAL C 163 33.82 41.22 54.13
CA VAL C 163 35.04 40.58 54.60
C VAL C 163 35.23 40.93 56.07
N LEU C 164 35.13 39.92 56.95
CA LEU C 164 35.33 40.12 58.38
C LEU C 164 36.78 39.83 58.79
N GLY C 165 37.32 38.70 58.31
CA GLY C 165 38.69 38.33 58.62
C GLY C 165 39.22 37.41 57.55
N MET C 166 40.51 37.10 57.67
CA MET C 166 41.18 36.28 56.67
C MET C 166 42.51 35.78 57.21
N GLU C 167 43.02 34.73 56.57
CA GLU C 167 44.34 34.16 56.85
C GLU C 167 45.20 34.33 55.61
N ALA C 168 46.28 35.09 55.74
CA ALA C 168 47.13 35.41 54.60
C ALA C 168 48.58 35.02 54.85
N VAL C 169 49.32 34.92 53.75
CA VAL C 169 50.76 34.73 53.72
C VAL C 169 51.32 36.01 53.12
N VAL C 170 52.05 36.79 53.92
CA VAL C 170 52.33 38.16 53.55
C VAL C 170 53.81 38.48 53.41
N GLY C 171 54.53 38.47 54.53
CA GLY C 171 55.97 38.72 54.54
C GLY C 171 56.83 37.77 53.75
N SER C 172 57.89 37.28 54.39
CA SER C 172 58.80 36.31 53.79
C SER C 172 58.27 34.89 53.88
N GLY C 173 57.01 34.72 54.29
CA GLY C 173 56.38 33.42 54.38
C GLY C 173 55.63 33.23 55.68
N GLU C 174 55.31 34.33 56.35
CA GLU C 174 54.58 34.27 57.62
C GLU C 174 53.10 34.09 57.37
N VAL C 175 52.50 33.11 58.03
CA VAL C 175 51.05 32.95 58.05
C VAL C 175 50.48 33.80 59.18
N VAL C 176 49.62 34.75 58.83
CA VAL C 176 49.05 35.68 59.81
C VAL C 176 47.54 35.64 59.69
N ARG C 177 46.88 35.94 60.81
CA ARG C 177 45.43 36.07 60.86
C ARG C 177 45.07 37.55 60.89
N LEU C 178 44.27 37.98 59.93
CA LEU C 178 43.89 39.38 59.80
C LEU C 178 42.39 39.51 60.01
N GLY C 179 41.99 40.62 60.63
CA GLY C 179 40.58 40.88 60.85
C GLY C 179 40.03 40.16 62.07
N ARG C 180 38.74 40.39 62.29
CA ARG C 180 37.98 39.84 63.40
C ARG C 180 37.21 38.61 62.95
N THR C 181 36.52 37.97 63.88
CA THR C 181 35.56 36.93 63.55
C THR C 181 34.15 37.27 64.02
N THR C 182 33.99 38.28 64.88
CA THR C 182 32.68 38.74 65.32
C THR C 182 32.09 39.71 64.30
N ALA C 183 31.08 40.47 64.72
CA ALA C 183 30.46 41.50 63.89
C ALA C 183 30.91 42.90 64.28
N LYS C 184 31.96 43.02 65.09
CA LYS C 184 32.48 44.31 65.52
C LYS C 184 33.92 44.15 65.94
N GLY C 185 34.71 45.19 65.72
CA GLY C 185 36.12 45.16 66.06
C GLY C 185 36.94 46.27 65.45
N VAL C 186 37.62 47.04 66.28
CA VAL C 186 38.48 48.12 65.83
C VAL C 186 39.94 47.89 66.19
N THR C 187 40.24 46.83 66.94
CA THR C 187 41.59 46.55 67.40
C THR C 187 42.60 46.59 66.26
N GLY C 188 43.53 47.53 66.34
CA GLY C 188 44.56 47.66 65.33
C GLY C 188 44.12 48.42 64.09
N TYR C 189 44.84 48.17 63.00
CA TYR C 189 44.53 48.74 61.70
C TYR C 189 43.53 47.86 60.96
N ASP C 190 42.97 48.41 59.88
CA ASP C 190 42.12 47.65 58.97
C ASP C 190 43.00 46.96 57.92
N LEU C 191 43.75 45.97 58.39
CA LEU C 191 44.67 45.26 57.49
C LEU C 191 43.94 44.23 56.63
N ALA C 192 42.93 43.56 57.20
CA ALA C 192 42.14 42.64 56.40
C ALA C 192 41.42 43.36 55.27
N GLY C 193 41.04 44.62 55.49
CA GLY C 193 40.43 45.42 54.45
C GLY C 193 41.43 45.92 53.43
N LEU C 194 42.64 46.23 53.89
CA LEU C 194 43.70 46.64 52.98
C LEU C 194 44.06 45.53 52.00
N MET C 195 43.90 44.27 52.42
CA MET C 195 44.14 43.16 51.51
C MET C 195 43.07 43.08 50.42
N VAL C 196 41.86 43.53 50.73
CA VAL C 196 40.80 43.55 49.72
C VAL C 196 41.07 44.65 48.72
N GLY C 197 40.94 44.34 47.44
CA GLY C 197 41.23 45.29 46.38
C GLY C 197 42.70 45.48 46.09
N SER C 198 43.58 44.69 46.71
CA SER C 198 45.01 44.79 46.49
C SER C 198 45.48 43.99 45.28
N GLU C 199 44.61 43.17 44.69
CA GLU C 199 44.93 42.41 43.48
C GLU C 199 46.17 41.54 43.67
N GLY C 200 46.32 41.00 44.88
CA GLY C 200 47.39 40.04 45.16
C GLY C 200 48.80 40.59 45.13
N THR C 201 48.99 41.89 45.29
CA THR C 201 50.32 42.47 45.30
C THR C 201 50.84 42.76 46.70
N LEU C 202 50.18 42.23 47.73
CA LEU C 202 50.63 42.37 49.11
C LEU C 202 50.63 41.06 49.88
N GLY C 203 50.15 39.98 49.30
CA GLY C 203 50.09 38.70 49.98
C GLY C 203 49.03 37.81 49.39
N LEU C 204 49.17 36.52 49.66
CA LEU C 204 48.24 35.51 49.18
C LEU C 204 47.28 35.13 50.31
N VAL C 205 45.98 35.24 50.03
CA VAL C 205 44.96 34.86 50.99
C VAL C 205 44.74 33.35 50.89
N THR C 206 44.78 32.67 52.03
CA THR C 206 44.57 31.23 52.07
C THR C 206 43.28 30.82 52.75
N GLU C 207 42.53 31.77 53.31
CA GLU C 207 41.28 31.50 54.01
C GLU C 207 40.57 32.81 54.29
N VAL C 208 39.27 32.88 54.00
CA VAL C 208 38.52 34.12 54.16
C VAL C 208 37.32 33.86 55.05
N THR C 209 37.05 34.80 55.95
CA THR C 209 35.82 34.84 56.72
C THR C 209 34.88 35.85 56.08
N LEU C 210 33.62 35.48 55.92
CA LEU C 210 32.66 36.33 55.23
C LEU C 210 31.40 36.46 56.07
N ARG C 211 30.79 37.64 56.01
CA ARG C 211 29.55 37.92 56.71
C ARG C 211 28.36 37.64 55.81
N LEU C 212 27.27 37.20 56.41
CA LEU C 212 26.12 36.74 55.65
C LEU C 212 24.87 37.54 56.00
N VAL C 213 23.85 37.35 55.17
CA VAL C 213 22.56 38.02 55.32
C VAL C 213 21.46 37.01 55.05
N PRO C 214 20.34 37.14 55.77
CA PRO C 214 19.21 36.22 55.53
C PRO C 214 18.77 36.25 54.07
N LEU C 215 18.15 35.15 53.65
CA LEU C 215 17.87 34.94 52.23
C LEU C 215 16.68 35.75 51.73
N ARG C 216 15.54 35.64 52.44
CA ARG C 216 14.36 36.44 52.12
C ARG C 216 13.88 36.16 50.70
N ARG C 217 13.18 35.04 50.53
CA ARG C 217 12.69 34.60 49.23
C ARG C 217 11.45 35.40 48.83
N GLY C 218 11.19 35.45 47.53
CA GLY C 218 9.98 36.01 47.01
C GLY C 218 10.08 37.51 46.78
N VAL C 219 9.16 38.00 45.93
CA VAL C 219 9.05 39.42 45.59
C VAL C 219 10.36 39.91 44.99
N GLU C 220 10.55 39.65 43.70
CA GLU C 220 11.71 40.15 42.96
C GLU C 220 11.21 40.97 41.77
N HIS C 221 10.39 41.97 42.04
CA HIS C 221 9.53 42.59 41.03
C HIS C 221 10.35 43.35 39.98
N THR C 222 10.14 43.00 38.70
CA THR C 222 10.73 43.67 37.57
C THR C 222 9.91 44.89 37.16
N VAL C 223 10.49 45.70 36.28
CA VAL C 223 9.81 46.88 35.78
C VAL C 223 10.42 47.26 34.42
N VAL C 224 9.54 47.70 33.50
CA VAL C 224 9.87 48.29 32.20
C VAL C 224 10.89 47.50 31.37
N GLY C 225 11.57 48.19 30.44
CA GLY C 225 12.54 47.59 29.55
C GLY C 225 13.18 48.50 28.51
N TYR C 226 12.51 48.75 27.38
CA TYR C 226 13.16 49.22 26.17
C TYR C 226 13.07 50.73 25.99
N PHE C 227 14.07 51.28 25.29
CA PHE C 227 14.09 52.68 24.85
C PHE C 227 14.62 52.83 23.42
N ASP C 228 15.23 53.99 23.13
CA ASP C 228 15.67 54.32 21.77
C ASP C 228 17.16 54.64 21.70
N SER C 229 17.62 55.70 22.38
CA SER C 229 19.01 56.11 22.33
C SER C 229 19.63 56.05 23.72
N LEU C 230 20.96 55.93 23.73
CA LEU C 230 21.70 55.95 25.00
C LEU C 230 21.42 57.22 25.78
N THR C 231 21.29 58.35 25.08
CA THR C 231 20.91 59.60 25.72
C THR C 231 19.44 59.57 26.14
N ASP C 232 18.56 59.09 25.26
CA ASP C 232 17.13 59.10 25.54
C ASP C 232 16.80 58.30 26.80
N ALA C 233 17.53 57.19 27.05
CA ALA C 233 17.46 56.45 28.30
C ALA C 233 18.52 56.91 29.31
N GLY C 234 18.97 58.15 29.23
CA GLY C 234 19.90 58.69 30.20
C GLY C 234 19.30 59.26 31.46
N ARG C 235 18.76 60.48 31.38
CA ARG C 235 18.24 61.25 32.51
C ARG C 235 17.28 60.51 33.44
N ALA C 236 16.85 59.30 33.09
CA ALA C 236 16.01 58.53 34.01
C ALA C 236 16.77 58.02 35.22
N VAL C 237 18.07 58.30 35.32
CA VAL C 237 18.82 57.93 36.52
C VAL C 237 18.88 59.08 37.51
N ALA C 238 18.84 60.32 37.03
CA ALA C 238 18.76 61.49 37.90
C ALA C 238 17.35 61.63 38.47
N PRO C 247 16.96 51.14 44.56
CA PRO C 247 16.62 50.11 43.57
C PRO C 247 17.40 48.81 43.79
N SER C 248 16.67 47.71 43.95
CA SER C 248 17.31 46.40 44.13
C SER C 248 18.26 46.07 42.99
N ALA C 249 18.04 46.64 41.80
CA ALA C 249 18.95 46.46 40.68
C ALA C 249 18.68 47.54 39.64
N LEU C 250 19.67 47.77 38.78
CA LEU C 250 19.57 48.75 37.72
C LEU C 250 20.68 48.56 36.69
N GLU C 251 20.34 47.99 35.54
CA GLU C 251 21.30 47.70 34.49
C GLU C 251 20.93 48.46 33.22
N LEU C 252 21.84 48.44 32.26
CA LEU C 252 21.66 49.18 31.01
C LEU C 252 22.41 48.43 29.91
N ILE C 253 21.68 47.66 29.11
CA ILE C 253 22.30 46.89 28.03
C ILE C 253 21.77 47.46 26.71
N ASP C 254 22.60 47.39 25.69
CA ASP C 254 22.36 48.06 24.41
C ASP C 254 21.97 47.10 23.30
N ARG C 255 21.59 47.71 22.18
CA ARG C 255 21.08 46.99 21.00
C ARG C 255 22.08 45.95 20.50
N PHE C 256 23.38 46.22 20.64
CA PHE C 256 24.42 45.34 20.12
C PHE C 256 24.54 44.03 20.89
N CYS C 257 24.25 44.01 22.21
CA CYS C 257 24.47 42.80 22.99
C CYS C 257 23.27 41.83 23.04
N LEU C 258 22.02 42.33 23.04
CA LEU C 258 20.89 41.42 23.09
C LEU C 258 20.85 40.52 21.87
N GLN C 259 20.89 41.11 20.68
CA GLN C 259 21.01 40.34 19.45
C GLN C 259 22.48 39.91 19.28
N ALA C 260 23.21 39.82 20.39
CA ALA C 260 24.45 39.06 20.45
C ALA C 260 24.38 37.88 21.40
N VAL C 261 23.44 37.87 22.34
CA VAL C 261 23.18 36.70 23.19
C VAL C 261 22.11 35.77 22.60
N ASP C 262 21.18 36.30 21.82
CA ASP C 262 20.04 35.56 21.29
C ASP C 262 20.43 34.54 20.21
N GLU C 263 21.71 34.44 19.87
CA GLU C 263 22.24 33.43 18.96
C GLU C 263 22.73 32.20 19.69
N TRP C 264 22.48 32.13 21.00
CA TRP C 264 23.06 31.13 21.89
C TRP C 264 21.92 30.52 22.72
N LYS C 265 21.31 29.48 22.15
CA LYS C 265 20.11 28.84 22.69
C LYS C 265 18.97 29.84 22.83
N ASN C 266 18.70 30.58 21.76
CA ASN C 266 17.47 31.36 21.55
C ASN C 266 17.16 32.19 22.80
N MET C 267 15.95 32.12 23.36
CA MET C 267 15.48 32.93 24.48
C MET C 267 16.07 34.34 24.52
N GLY C 273 13.74 47.97 20.81
CA GLY C 273 14.56 49.17 20.87
C GLY C 273 16.03 48.87 21.06
N GLU C 274 16.81 49.91 21.36
CA GLU C 274 18.26 49.76 21.53
C GLU C 274 18.63 49.45 22.98
N VAL C 275 18.54 50.45 23.84
CA VAL C 275 19.09 50.38 25.18
C VAL C 275 18.02 49.86 26.14
N LEU C 276 18.33 48.79 26.86
CA LEU C 276 17.44 48.29 27.89
C LEU C 276 17.70 49.08 29.17
N LEU C 277 16.99 48.74 30.25
CA LEU C 277 17.04 49.56 31.47
C LEU C 277 16.09 49.00 32.53
N LEU C 278 16.39 47.80 33.00
CA LEU C 278 15.56 47.10 33.98
C LEU C 278 15.88 47.49 35.42
N ALA C 279 14.85 47.45 36.27
CA ALA C 279 14.99 47.74 37.69
C ALA C 279 14.22 46.70 38.51
N ARG C 280 14.50 46.66 39.81
CA ARG C 280 13.97 45.63 40.71
C ARG C 280 13.53 46.22 42.04
N SER C 281 12.82 45.39 42.82
CA SER C 281 12.28 45.78 44.12
C SER C 281 11.98 44.52 44.95
N ASP C 282 12.72 44.32 46.04
CA ASP C 282 12.54 43.16 46.91
C ASP C 282 12.06 43.61 48.29
N LEU C 283 10.74 43.73 48.44
CA LEU C 283 10.10 44.02 49.74
C LEU C 283 8.81 43.23 49.87
N PRO C 284 8.58 42.65 51.02
CA PRO C 284 7.53 41.65 51.13
C PRO C 284 6.15 42.26 51.10
N GLY C 285 5.22 41.51 50.49
CA GLY C 285 3.82 41.87 50.50
C GLY C 285 3.50 42.98 49.52
N THR C 286 2.43 43.72 49.84
CA THR C 286 2.11 44.93 49.09
C THR C 286 3.28 45.91 49.06
N SER C 287 4.24 45.75 49.96
CA SER C 287 5.43 46.57 50.01
C SER C 287 6.39 46.33 48.84
N GLY C 288 6.07 45.41 47.93
CA GLY C 288 6.89 45.24 46.74
C GLY C 288 6.92 46.48 45.88
N GLN C 289 5.79 46.82 45.27
CA GLN C 289 5.68 47.99 44.41
C GLN C 289 5.50 49.30 45.20
N GLU C 290 5.53 49.27 46.55
CA GLU C 290 5.48 50.55 47.25
C GLU C 290 6.68 51.37 46.85
N GLU C 291 7.75 50.68 46.44
CA GLU C 291 8.96 51.26 45.92
C GLU C 291 9.09 51.21 44.41
N ALA C 292 8.53 50.17 43.78
CA ALA C 292 8.75 49.82 42.38
C ALA C 292 7.75 50.43 41.38
N ASP C 293 6.71 51.12 41.82
CA ASP C 293 5.98 51.88 40.81
C ASP C 293 6.68 53.20 40.56
N ARG C 294 7.11 53.84 41.65
CA ARG C 294 7.91 55.05 41.56
C ARG C 294 9.15 54.86 40.68
N ILE C 295 9.73 53.66 40.67
CA ILE C 295 10.86 53.43 39.77
C ILE C 295 10.41 53.24 38.33
N LEU C 296 9.14 52.91 38.11
CA LEU C 296 8.59 53.02 36.76
C LEU C 296 8.41 54.48 36.40
N GLU C 297 8.04 55.31 37.39
CA GLU C 297 7.72 56.72 37.16
C GLU C 297 8.83 57.49 36.42
N CYS C 298 10.09 57.12 36.62
CA CYS C 298 11.16 57.77 35.87
C CYS C 298 11.16 57.40 34.40
N PHE C 299 10.52 56.29 34.01
CA PHE C 299 10.65 55.80 32.65
C PHE C 299 9.59 56.35 31.70
N GLU C 300 8.47 56.89 32.20
CA GLU C 300 7.53 57.54 31.29
C GLU C 300 7.80 59.03 31.18
N LYS C 301 8.54 59.61 32.12
CA LYS C 301 9.03 60.98 31.97
C LYS C 301 10.12 61.08 30.90
N GLU C 302 10.71 59.95 30.51
CA GLU C 302 11.44 59.82 29.26
C GLU C 302 10.56 59.12 28.24
N LYS C 303 10.93 59.26 26.96
CA LYS C 303 10.15 58.60 25.93
C LYS C 303 10.40 57.10 25.96
N ALA C 304 9.55 56.38 26.69
CA ALA C 304 9.65 54.92 26.76
C ALA C 304 9.00 54.32 25.53
N VAL C 305 9.82 53.73 24.65
CA VAL C 305 9.28 53.01 23.51
C VAL C 305 8.54 51.76 23.97
N TYR C 306 8.85 51.28 25.17
CA TYR C 306 8.05 50.25 25.82
C TYR C 306 8.12 50.53 27.31
N ALA C 307 7.19 49.92 28.06
CA ALA C 307 7.12 50.16 29.50
C ALA C 307 6.09 49.26 30.16
N VAL C 308 6.54 48.21 30.84
CA VAL C 308 5.62 47.24 31.42
C VAL C 308 5.74 47.21 32.94
N ARG C 309 4.73 46.58 33.56
CA ARG C 309 4.74 46.27 34.97
C ARG C 309 5.48 44.96 35.23
N SER C 310 5.33 44.00 34.32
CA SER C 310 6.14 42.78 34.28
C SER C 310 6.01 41.94 35.54
N THR C 311 4.86 41.98 36.21
CA THR C 311 4.64 41.05 37.31
C THR C 311 4.86 39.59 36.91
N ASP C 312 5.06 39.31 35.63
CA ASP C 312 5.30 37.96 35.13
C ASP C 312 6.75 37.85 34.69
N GLU C 313 7.64 37.96 35.68
CA GLU C 313 9.07 38.01 35.43
C GLU C 313 9.59 36.82 34.64
N GLU C 314 8.91 35.68 34.69
CA GLU C 314 9.29 34.53 33.87
C GLU C 314 9.58 34.94 32.43
N GLU C 315 9.01 36.06 31.99
CA GLU C 315 9.47 36.78 30.80
C GLU C 315 10.73 37.58 31.10
N ALA C 316 10.71 38.37 32.18
CA ALA C 316 11.76 39.35 32.46
C ALA C 316 12.91 38.81 33.29
N GLU C 317 12.77 37.66 33.94
CA GLU C 317 13.94 37.03 34.54
C GLU C 317 15.02 36.85 33.49
N ALA C 318 14.66 36.23 32.36
CA ALA C 318 15.57 35.98 31.24
C ALA C 318 16.28 37.24 30.76
N LEU C 319 15.69 38.41 30.96
CA LEU C 319 16.33 39.66 30.57
C LEU C 319 17.56 39.98 31.42
N PHE C 320 17.67 39.43 32.63
CA PHE C 320 18.84 39.71 33.46
C PHE C 320 20.00 38.77 33.14
N GLN C 321 19.71 37.51 32.80
CA GLN C 321 20.76 36.61 32.30
C GLN C 321 21.32 37.13 30.99
N ALA C 322 20.49 37.77 30.16
CA ALA C 322 21.00 38.43 28.96
C ALA C 322 22.03 39.50 29.31
N ARG C 323 21.77 40.25 30.38
CA ARG C 323 22.76 41.20 30.88
C ARG C 323 23.99 40.45 31.40
N ARG C 324 23.76 39.32 32.06
CA ARG C 324 24.86 38.49 32.56
C ARG C 324 25.67 37.89 31.42
N LEU C 325 24.98 37.34 30.43
CA LEU C 325 25.64 36.68 29.30
C LEU C 325 26.03 37.65 28.21
N ALA C 326 26.22 38.93 28.53
CA ALA C 326 26.64 39.87 27.48
C ALA C 326 28.10 39.66 27.12
N TYR C 327 28.94 39.37 28.11
CA TYR C 327 30.33 39.08 27.85
C TYR C 327 30.53 37.58 27.63
N PRO C 328 29.82 36.70 28.36
CA PRO C 328 29.88 35.27 28.01
C PRO C 328 29.35 34.93 26.63
N ALA C 329 28.56 35.80 26.00
CA ALA C 329 28.22 35.61 24.59
C ALA C 329 29.25 36.26 23.67
N LEU C 330 29.89 37.33 24.13
CA LEU C 330 30.93 37.97 23.34
C LEU C 330 32.27 37.29 23.66
N GLU C 331 33.34 37.80 23.06
CA GLU C 331 34.61 37.07 22.96
C GLU C 331 34.36 35.71 22.30
N ARG C 332 33.27 35.69 21.54
CA ARG C 332 32.88 34.60 20.67
C ARG C 332 32.36 35.22 19.38
N LEU C 333 32.33 36.55 19.33
CA LEU C 333 32.02 37.38 18.18
C LEU C 333 33.27 38.11 17.70
N GLY C 334 34.43 37.64 18.15
CA GLY C 334 35.70 38.26 17.88
C GLY C 334 36.38 38.61 19.19
N PRO C 335 37.62 39.09 19.13
CA PRO C 335 38.28 39.57 20.36
C PRO C 335 37.60 40.82 20.89
N LEU C 336 37.48 40.91 22.22
CA LEU C 336 36.70 41.96 22.87
C LEU C 336 37.58 42.80 23.78
N LEU C 337 37.61 44.11 23.52
CA LEU C 337 38.22 45.09 24.42
C LEU C 337 37.12 45.73 25.26
N THR C 338 37.26 45.69 26.58
CA THR C 338 36.30 46.27 27.49
C THR C 338 36.96 47.32 28.39
N GLU C 339 36.22 48.38 28.69
CA GLU C 339 36.64 49.39 29.64
C GLU C 339 35.64 49.45 30.78
N ASP C 340 36.06 49.98 31.93
CA ASP C 340 35.21 49.99 33.12
C ASP C 340 35.50 51.24 33.94
N VAL C 341 34.82 52.34 33.61
CA VAL C 341 34.93 53.58 34.38
C VAL C 341 33.72 53.69 35.30
N CYS C 342 33.90 54.40 36.42
CA CYS C 342 32.83 54.66 37.37
C CYS C 342 32.83 56.15 37.70
N VAL C 343 31.72 56.82 37.39
CA VAL C 343 31.59 58.27 37.57
C VAL C 343 30.40 58.56 38.49
N PRO C 344 30.27 59.79 39.01
CA PRO C 344 29.10 60.11 39.83
C PRO C 344 27.78 59.85 39.11
N LYS C 345 26.77 59.50 39.90
CA LYS C 345 25.47 59.11 39.36
C LYS C 345 24.81 60.23 38.56
N ALA C 346 25.06 61.49 38.92
CA ALA C 346 24.45 62.60 38.21
C ALA C 346 25.05 62.85 36.83
N ARG C 347 26.15 62.18 36.49
CA ARG C 347 26.83 62.38 35.23
C ARG C 347 26.77 61.16 34.32
N VAL C 348 26.02 60.13 34.70
CA VAL C 348 25.81 58.99 33.80
C VAL C 348 25.19 59.42 32.49
N PRO C 349 24.15 60.26 32.45
CA PRO C 349 23.62 60.71 31.15
C PRO C 349 24.66 61.42 30.30
N HIS C 350 25.46 62.30 30.91
CA HIS C 350 26.48 63.01 30.14
C HIS C 350 27.55 62.06 29.63
N MET C 351 27.93 61.06 30.42
CA MET C 351 28.96 60.15 29.98
C MET C 351 28.50 59.29 28.80
N LEU C 352 27.26 58.80 28.85
CA LEU C 352 26.75 58.03 27.73
C LEU C 352 26.71 58.86 26.47
N GLU C 353 26.50 60.17 26.60
CA GLU C 353 26.69 61.08 25.47
C GLU C 353 28.15 61.13 25.05
N ALA C 354 29.06 61.10 26.03
CA ALA C 354 30.49 61.19 25.74
C ALA C 354 31.02 59.91 25.12
N ILE C 355 30.49 58.74 25.50
CA ILE C 355 30.96 57.48 24.94
C ILE C 355 30.63 57.41 23.45
N GLU C 356 29.40 57.77 23.10
CA GLU C 356 29.01 57.73 21.69
C GLU C 356 29.72 58.80 20.87
N ALA C 357 30.05 59.93 21.49
CA ALA C 357 30.81 60.96 20.79
C ALA C 357 32.27 60.53 20.59
N ALA C 358 32.83 59.83 21.57
CA ALA C 358 34.16 59.26 21.39
C ALA C 358 34.15 58.08 20.42
N GLY C 359 32.98 57.46 20.20
CA GLY C 359 32.87 56.44 19.17
C GLY C 359 32.84 56.98 17.77
N GLU C 360 32.52 58.26 17.61
CA GLU C 360 32.50 58.91 16.31
C GLU C 360 33.80 59.66 16.03
N ARG C 361 34.43 60.20 17.06
CA ARG C 361 35.74 60.82 16.92
C ARG C 361 36.81 59.82 16.51
N PHE C 362 36.55 58.52 16.59
CA PHE C 362 37.52 57.52 16.17
C PHE C 362 36.86 56.37 15.42
N ASP C 363 35.86 56.68 14.60
CA ASP C 363 35.12 55.71 13.77
C ASP C 363 35.01 54.35 14.44
N THR C 364 34.66 54.32 15.72
CA THR C 364 34.58 53.09 16.50
C THR C 364 33.18 52.83 17.01
N ARG C 365 32.64 51.65 16.73
CA ARG C 365 31.28 51.30 17.15
C ARG C 365 31.36 50.77 18.59
N ILE C 366 31.13 51.66 19.56
CA ILE C 366 31.28 51.29 20.96
C ILE C 366 29.95 50.78 21.50
N GLY C 367 29.93 49.52 21.92
CA GLY C 367 28.80 49.01 22.64
C GLY C 367 28.82 49.42 24.10
N ASN C 368 27.64 49.62 24.68
CA ASN C 368 27.50 50.19 26.01
C ASN C 368 26.71 49.26 26.91
N ILE C 369 27.33 48.84 28.02
CA ILE C 369 26.64 48.21 29.12
C ILE C 369 27.04 48.93 30.39
N ALA C 370 26.14 48.98 31.37
CA ALA C 370 26.40 49.79 32.54
C ALA C 370 25.54 49.35 33.73
N HIS C 371 26.15 49.36 34.91
CA HIS C 371 25.42 49.30 36.18
C HIS C 371 24.92 50.71 36.48
N ALA C 372 23.78 51.06 35.89
CA ALA C 372 23.28 52.42 36.01
C ALA C 372 22.90 52.79 37.44
N GLY C 373 22.79 51.82 38.34
CA GLY C 373 22.46 52.10 39.73
C GLY C 373 23.56 52.79 40.51
N ASP C 374 24.80 52.72 40.05
CA ASP C 374 25.90 53.35 40.77
C ASP C 374 26.86 54.13 39.87
N GLY C 375 26.53 54.30 38.58
CA GLY C 375 27.37 55.08 37.71
C GLY C 375 28.59 54.35 37.19
N ASN C 376 28.62 53.02 37.29
CA ASN C 376 29.73 52.23 36.79
C ASN C 376 29.37 51.77 35.39
N LEU C 377 30.10 52.27 34.40
CA LEU C 377 29.84 51.99 33.00
C LEU C 377 30.87 51.01 32.45
N HIS C 378 30.41 50.15 31.53
CA HIS C 378 31.26 49.20 30.84
C HIS C 378 31.17 49.48 29.35
N PRO C 379 31.87 50.49 28.85
CA PRO C 379 31.97 50.65 27.40
C PRO C 379 32.76 49.51 26.80
N LEU C 380 32.31 49.02 25.66
CA LEU C 380 32.97 47.86 25.06
C LEU C 380 32.93 47.95 23.55
N PHE C 381 34.05 47.67 22.92
CA PHE C 381 34.15 47.54 21.48
C PHE C 381 34.73 46.18 21.15
N ILE C 382 34.18 45.56 20.13
CA ILE C 382 34.63 44.25 19.66
C ILE C 382 35.47 44.48 18.41
N VAL C 383 36.70 43.99 18.41
CA VAL C 383 37.55 44.19 17.24
C VAL C 383 37.22 43.09 16.23
N PRO C 384 36.97 43.42 14.98
CA PRO C 384 36.47 42.41 14.03
C PRO C 384 37.41 41.25 13.81
N ALA C 385 38.60 41.49 13.27
CA ALA C 385 39.56 40.40 13.08
C ALA C 385 40.95 40.94 12.82
N GLY C 386 41.43 40.79 11.59
CA GLY C 386 42.71 41.31 11.19
C GLY C 386 42.67 42.78 10.84
N ASP C 387 41.69 43.50 11.39
CA ASP C 387 41.56 44.94 11.21
C ASP C 387 42.55 45.62 12.13
N GLU C 388 43.59 46.23 11.54
CA GLU C 388 44.67 46.81 12.33
C GLU C 388 44.30 48.11 13.04
N GLU C 389 44.19 49.22 12.29
CA GLU C 389 44.03 50.52 12.92
C GLU C 389 42.71 50.65 13.68
N ALA C 390 41.66 49.93 13.28
CA ALA C 390 40.40 50.01 14.02
C ALA C 390 40.59 49.61 15.47
N LYS C 391 41.57 48.76 15.76
CA LYS C 391 42.02 48.54 17.13
C LYS C 391 42.67 49.79 17.70
N ARG C 392 43.40 50.54 16.86
CA ARG C 392 44.24 51.60 17.37
C ARG C 392 43.48 52.91 17.50
N ARG C 393 42.42 53.09 16.71
CA ARG C 393 41.46 54.15 16.97
C ARG C 393 40.62 53.83 18.20
N ALA C 394 40.25 52.56 18.38
CA ALA C 394 39.42 52.18 19.51
C ALA C 394 40.15 52.40 20.83
N LYS C 395 41.44 52.05 20.89
CA LYS C 395 42.21 52.35 22.10
C LYS C 395 42.20 53.83 22.38
N GLN C 396 42.37 54.66 21.35
CA GLN C 396 42.29 56.10 21.54
C GLN C 396 40.91 56.52 22.01
N ALA C 397 39.87 55.82 21.57
CA ALA C 397 38.52 56.15 22.04
C ALA C 397 38.34 55.76 23.51
N PHE C 398 38.88 54.61 23.90
CA PHE C 398 38.80 54.21 25.30
C PHE C 398 39.82 54.93 26.18
N GLU C 399 40.81 55.60 25.58
CA GLU C 399 41.72 56.43 26.37
C GLU C 399 41.15 57.81 26.66
N VAL C 400 40.36 58.38 25.75
CA VAL C 400 39.73 59.66 26.07
C VAL C 400 38.59 59.47 27.05
N ILE C 401 38.00 58.27 27.11
CA ILE C 401 36.92 58.01 28.07
C ILE C 401 37.47 58.00 29.50
N VAL C 402 38.58 57.31 29.74
CA VAL C 402 39.15 57.28 31.08
C VAL C 402 39.64 58.65 31.48
N ASP C 403 40.28 59.37 30.56
CA ASP C 403 40.70 60.74 30.85
C ASP C 403 39.50 61.64 31.08
N GLU C 404 38.36 61.30 30.47
CA GLU C 404 37.12 62.04 30.69
C GLU C 404 36.47 61.67 32.01
N ALA C 405 36.50 60.39 32.39
CA ALA C 405 35.88 59.97 33.64
C ALA C 405 36.56 60.59 34.85
N LEU C 406 37.85 60.90 34.73
CA LEU C 406 38.55 61.57 35.84
C LEU C 406 38.12 63.02 35.98
N ALA C 407 37.86 63.70 34.86
CA ALA C 407 37.48 65.11 34.93
C ALA C 407 36.10 65.28 35.54
N VAL C 408 35.22 64.29 35.38
CA VAL C 408 33.90 64.37 35.99
C VAL C 408 33.98 64.13 37.50
N GLY C 409 34.99 63.40 37.96
CA GLY C 409 35.14 63.13 39.36
C GLY C 409 35.02 61.64 39.66
N GLY C 410 35.22 60.83 38.63
CA GLY C 410 35.09 59.39 38.74
C GLY C 410 36.42 58.68 38.88
N THR C 411 36.39 57.37 38.64
CA THR C 411 37.54 56.50 38.82
C THR C 411 37.80 55.68 37.55
N VAL C 412 39.04 55.23 37.41
CA VAL C 412 39.45 54.50 36.21
C VAL C 412 38.84 53.11 36.18
N THR C 413 38.57 52.54 37.35
CA THR C 413 37.95 51.23 37.47
C THR C 413 36.97 51.23 38.63
N GLY C 414 35.90 50.46 38.47
CA GLY C 414 34.87 50.40 39.49
C GLY C 414 34.77 49.04 40.16
N GLU C 415 35.15 48.00 39.44
CA GLU C 415 35.03 46.64 39.98
C GLU C 415 36.07 45.70 39.37
N HIS C 416 36.40 45.91 38.09
CA HIS C 416 37.31 45.00 37.40
C HIS C 416 38.75 45.12 37.89
N GLY C 417 39.10 46.18 38.60
CA GLY C 417 40.45 46.36 39.10
C GLY C 417 41.38 46.98 38.07
N VAL C 418 42.53 47.44 38.57
CA VAL C 418 43.50 48.10 37.70
C VAL C 418 44.30 47.09 36.90
N GLY C 419 45.00 46.19 37.58
CA GLY C 419 45.77 45.16 36.90
C GLY C 419 46.89 45.75 36.05
N LEU C 420 46.84 45.47 34.75
CA LEU C 420 47.81 45.96 33.77
C LEU C 420 47.21 46.93 32.76
N LEU C 421 46.02 46.63 32.25
CA LEU C 421 45.46 47.37 31.13
C LEU C 421 45.04 48.78 31.52
N LYS C 422 44.91 49.08 32.81
CA LYS C 422 44.43 50.37 33.27
C LYS C 422 45.44 51.04 34.20
N MET C 423 46.73 50.72 34.04
CA MET C 423 47.72 51.24 34.98
C MET C 423 47.99 52.71 34.71
N ARG C 424 48.19 53.08 33.45
CA ARG C 424 48.21 54.49 33.10
C ARG C 424 46.80 55.04 33.24
N GLY C 425 46.68 56.26 33.73
CA GLY C 425 45.37 56.87 33.92
C GLY C 425 44.95 56.67 35.37
N ALA C 426 45.21 55.47 35.90
CA ALA C 426 45.04 55.28 37.33
C ALA C 426 46.07 56.10 38.08
N ALA C 427 47.29 56.16 37.54
CA ALA C 427 48.34 57.01 38.09
C ALA C 427 47.94 58.48 38.00
N ASP C 428 47.16 58.83 36.97
CA ASP C 428 46.71 60.21 36.83
C ASP C 428 45.65 60.54 37.89
N GLU C 429 44.81 59.57 38.24
CA GLU C 429 43.82 59.80 39.29
C GLU C 429 44.49 59.87 40.65
N LEU C 430 45.30 58.86 40.98
CA LEU C 430 45.93 58.81 42.30
C LEU C 430 46.91 59.96 42.49
N GLY C 431 47.62 60.33 41.43
CA GLY C 431 48.58 61.42 41.50
C GLY C 431 49.92 60.95 42.01
N PRO C 432 50.89 61.86 42.06
CA PRO C 432 52.25 61.43 42.42
C PRO C 432 52.42 61.08 43.89
N HIS C 433 51.76 61.83 44.79
CA HIS C 433 51.96 61.60 46.22
C HIS C 433 51.32 60.28 46.67
N VAL C 434 50.12 59.98 46.19
CA VAL C 434 49.45 58.75 46.60
C VAL C 434 50.19 57.54 46.06
N LEU C 435 50.73 57.63 44.85
CA LEU C 435 51.53 56.55 44.30
C LEU C 435 52.80 56.34 45.13
N ALA C 436 53.39 57.45 45.61
CA ALA C 436 54.57 57.33 46.45
C ALA C 436 54.26 56.58 47.74
N MET C 437 53.08 56.83 48.32
CA MET C 437 52.67 56.07 49.50
C MET C 437 52.42 54.61 49.17
N HIS C 438 51.93 54.32 47.96
CA HIS C 438 51.67 52.94 47.57
C HIS C 438 52.96 52.13 47.55
N ARG C 439 53.99 52.65 46.89
CA ARG C 439 55.27 51.98 46.88
C ARG C 439 55.87 51.90 48.27
N ALA C 440 55.64 52.92 49.10
CA ALA C 440 56.13 52.88 50.47
C ALA C 440 55.42 51.80 51.27
N VAL C 441 54.10 51.67 51.08
CA VAL C 441 53.34 50.64 51.79
C VAL C 441 53.74 49.25 51.30
N LYS C 442 53.76 49.06 49.98
CA LYS C 442 54.14 47.77 49.43
C LYS C 442 55.55 47.37 49.87
N GLY C 443 56.45 48.34 49.99
CA GLY C 443 57.78 48.05 50.49
C GLY C 443 57.80 47.52 51.91
N ALA C 444 56.85 47.96 52.73
CA ALA C 444 56.82 47.55 54.13
C ALA C 444 56.25 46.14 54.30
N LEU C 445 55.19 45.81 53.59
CA LEU C 445 54.56 44.50 53.72
C LEU C 445 55.11 43.46 52.74
N ASP C 446 55.77 43.91 51.68
CA ASP C 446 56.44 43.02 50.73
C ASP C 446 57.85 43.56 50.51
N PRO C 447 58.74 43.35 51.48
CA PRO C 447 60.10 43.92 51.36
C PRO C 447 60.89 43.30 50.23
N ALA C 448 60.59 42.06 49.84
CA ALA C 448 61.29 41.43 48.72
C ALA C 448 60.71 41.84 47.38
N GLY C 449 59.51 42.40 47.36
CA GLY C 449 58.90 42.83 46.12
C GLY C 449 58.53 41.70 45.18
N ILE C 450 58.03 40.59 45.73
CA ILE C 450 57.75 39.40 44.92
C ILE C 450 56.28 39.22 44.59
N PHE C 451 55.38 39.84 45.35
CA PHE C 451 53.94 39.61 45.18
C PHE C 451 53.45 40.49 44.04
N ASN C 452 53.35 39.90 42.85
CA ASN C 452 52.82 40.56 41.67
C ASN C 452 53.45 41.94 41.45
N PRO C 453 54.75 42.01 41.21
CA PRO C 453 55.42 43.30 41.10
C PRO C 453 55.22 43.96 39.74
N GLY C 454 55.00 45.27 39.77
CA GLY C 454 54.83 46.04 38.56
C GLY C 454 53.41 46.10 38.06
N LYS C 455 52.43 45.75 38.88
CA LYS C 455 51.02 45.83 38.52
C LYS C 455 50.34 46.85 39.41
N VAL C 456 49.17 47.31 38.97
CA VAL C 456 48.41 48.39 39.62
C VAL C 456 49.23 49.68 39.56
N PHE C 457 50.38 49.69 40.23
CA PHE C 457 51.34 50.78 40.10
C PHE C 457 52.70 50.20 39.72
N ALA C 458 53.58 51.06 39.24
CA ALA C 458 54.92 50.67 38.83
C ALA C 458 55.89 51.07 39.93
N LEU C 459 56.64 50.11 40.46
CA LEU C 459 57.67 50.43 41.43
C LEU C 459 58.77 51.24 40.76
N GLU C 460 59.15 52.34 41.38
CA GLU C 460 60.20 53.21 40.84
C GLU C 460 61.18 53.64 41.92
N GLY D 3 31.27 -42.72 -19.05
CA GLY D 3 30.61 -41.46 -19.36
C GLY D 3 30.08 -41.42 -20.78
N VAL D 4 28.80 -41.72 -20.95
CA VAL D 4 28.18 -41.74 -22.27
C VAL D 4 27.15 -40.63 -22.38
N VAL D 5 27.62 -39.38 -22.47
CA VAL D 5 26.75 -38.21 -22.58
C VAL D 5 27.41 -37.20 -23.50
N GLU D 6 28.72 -37.03 -23.32
CA GLU D 6 29.47 -36.01 -24.07
C GLU D 6 29.40 -36.26 -25.57
N GLU D 7 29.52 -37.53 -25.98
CA GLU D 7 29.48 -37.83 -27.41
C GLU D 7 28.06 -37.71 -27.94
N LEU D 8 27.07 -38.11 -27.14
CA LEU D 8 25.67 -37.98 -27.53
C LEU D 8 25.23 -36.52 -27.60
N VAL D 9 25.67 -35.69 -26.65
CA VAL D 9 25.25 -34.29 -26.68
C VAL D 9 25.92 -33.56 -27.83
N ALA D 10 27.09 -34.01 -28.27
CA ALA D 10 27.74 -33.40 -29.42
C ALA D 10 27.10 -33.83 -30.73
N ALA D 11 26.37 -34.95 -30.75
CA ALA D 11 25.73 -35.42 -31.97
C ALA D 11 24.28 -34.94 -32.09
N ILE D 12 23.44 -35.29 -31.12
CA ILE D 12 22.02 -34.89 -31.12
C ILE D 12 21.55 -34.55 -29.72
N GLY D 13 22.33 -33.77 -28.98
CA GLY D 13 22.07 -33.57 -27.57
C GLY D 13 20.93 -32.66 -27.17
N ALA D 14 21.20 -31.79 -26.19
CA ALA D 14 20.27 -30.80 -25.68
C ALA D 14 19.11 -31.43 -24.94
N GLU D 15 17.96 -31.60 -25.60
CA GLU D 15 16.78 -32.17 -24.97
C GLU D 15 16.49 -33.58 -25.46
N GLN D 16 17.40 -34.20 -26.20
CA GLN D 16 17.21 -35.58 -26.63
C GLN D 16 17.85 -36.56 -25.66
N VAL D 17 18.97 -36.19 -25.06
CA VAL D 17 19.68 -37.04 -24.11
C VAL D 17 19.29 -36.59 -22.71
N VAL D 18 18.74 -37.50 -21.92
CA VAL D 18 18.35 -37.21 -20.54
C VAL D 18 19.14 -38.09 -19.60
N THR D 19 19.66 -37.48 -18.52
CA THR D 19 20.45 -38.20 -17.53
C THR D 19 20.03 -37.95 -16.09
N ASP D 20 19.09 -37.06 -15.83
CA ASP D 20 18.66 -36.78 -14.47
C ASP D 20 18.01 -38.02 -13.86
N PRO D 21 18.55 -38.57 -12.77
CA PRO D 21 18.03 -39.84 -12.24
C PRO D 21 16.58 -39.79 -11.77
N ALA D 22 16.03 -38.60 -11.51
CA ALA D 22 14.62 -38.55 -11.11
C ALA D 22 13.71 -38.63 -12.33
N VAL D 23 14.17 -38.14 -13.48
CA VAL D 23 13.39 -38.17 -14.71
C VAL D 23 13.75 -39.40 -15.57
N MET D 24 14.45 -40.38 -14.97
CA MET D 24 14.89 -41.56 -15.68
C MET D 24 14.27 -42.85 -15.18
N GLU D 25 13.76 -42.88 -13.96
CA GLU D 25 13.25 -44.12 -13.38
C GLU D 25 11.96 -44.58 -14.06
N GLY D 26 11.14 -43.65 -14.55
CA GLY D 26 9.90 -44.01 -15.21
C GLY D 26 10.03 -44.55 -16.62
N TYR D 27 11.22 -44.49 -17.21
CA TYR D 27 11.46 -45.00 -18.54
C TYR D 27 12.23 -46.32 -18.56
N SER D 28 12.61 -46.84 -17.39
CA SER D 28 13.52 -47.98 -17.33
C SER D 28 12.83 -49.31 -17.02
N HIS D 29 11.49 -49.33 -16.95
CA HIS D 29 10.80 -50.58 -16.67
C HIS D 29 9.38 -50.49 -17.20
N ASP D 30 8.78 -51.65 -17.46
CA ASP D 30 7.40 -51.75 -17.89
C ASP D 30 6.52 -52.11 -16.69
N GLU D 31 5.31 -52.61 -16.96
CA GLU D 31 4.40 -52.90 -15.86
C GLU D 31 4.67 -54.23 -15.18
N ALA D 32 5.66 -55.00 -15.64
CA ALA D 32 6.10 -56.17 -14.89
C ALA D 32 6.97 -55.65 -13.75
N GLU D 33 6.53 -55.83 -12.50
CA GLU D 33 7.30 -55.33 -11.38
C GLU D 33 8.50 -56.22 -11.09
N TRP D 34 8.25 -57.41 -10.53
CA TRP D 34 9.28 -58.41 -10.21
C TRP D 34 10.22 -58.74 -11.36
N ALA D 35 10.59 -57.72 -12.13
CA ALA D 35 11.52 -57.88 -13.25
C ALA D 35 12.75 -57.05 -12.95
N PRO D 36 13.95 -57.65 -12.86
CA PRO D 36 15.14 -56.87 -12.51
C PRO D 36 15.36 -55.74 -13.49
N TYR D 37 15.10 -54.52 -13.04
CA TYR D 37 15.24 -53.29 -13.81
C TYR D 37 16.34 -52.43 -13.19
N ASP D 38 16.52 -51.22 -13.72
CA ASP D 38 17.64 -50.41 -13.28
C ASP D 38 17.36 -48.93 -13.50
N ALA D 39 18.23 -48.11 -12.93
CA ALA D 39 18.46 -46.76 -13.43
C ALA D 39 19.48 -46.84 -14.56
N PRO D 40 19.13 -46.47 -15.78
CA PRO D 40 20.11 -46.50 -16.88
C PRO D 40 21.08 -45.33 -16.81
N ALA D 41 22.07 -45.38 -17.72
CA ALA D 41 23.06 -44.30 -17.79
C ALA D 41 22.47 -43.09 -18.50
N ALA D 42 21.79 -43.30 -19.63
CA ALA D 42 21.18 -42.21 -20.36
C ALA D 42 19.89 -42.71 -20.98
N VAL D 43 18.89 -41.84 -21.06
CA VAL D 43 17.63 -42.10 -21.74
C VAL D 43 17.52 -41.12 -22.89
N VAL D 44 17.71 -41.62 -24.11
CA VAL D 44 17.66 -40.78 -25.30
C VAL D 44 16.22 -40.71 -25.78
N ARG D 45 15.80 -39.52 -26.21
CA ARG D 45 14.48 -39.29 -26.79
C ARG D 45 14.71 -38.76 -28.19
N PRO D 46 14.99 -39.64 -29.15
CA PRO D 46 15.35 -39.21 -30.50
C PRO D 46 14.18 -38.52 -31.20
N ARG D 47 14.52 -37.71 -32.19
CA ARG D 47 13.54 -36.91 -32.92
C ARG D 47 13.10 -37.54 -34.23
N ASP D 48 14.01 -38.13 -35.00
CA ASP D 48 13.65 -38.78 -36.26
C ASP D 48 14.51 -40.02 -36.44
N THR D 49 14.34 -40.68 -37.58
CA THR D 49 15.07 -41.91 -37.86
C THR D 49 16.58 -41.71 -37.81
N ALA D 50 17.06 -40.52 -38.20
CA ALA D 50 18.49 -40.25 -38.21
C ALA D 50 19.09 -40.31 -36.80
N ASP D 51 18.37 -39.80 -35.81
CA ASP D 51 18.91 -39.76 -34.45
C ASP D 51 19.10 -41.16 -33.87
N VAL D 52 18.20 -42.09 -34.20
CA VAL D 52 18.34 -43.46 -33.71
C VAL D 52 19.57 -44.12 -34.32
N ALA D 53 19.87 -43.81 -35.58
CA ALA D 53 21.04 -44.40 -36.23
C ALA D 53 22.35 -43.98 -35.60
N GLU D 54 22.39 -42.84 -34.91
CA GLU D 54 23.63 -42.40 -34.27
C GLU D 54 23.81 -42.95 -32.86
N VAL D 55 22.74 -43.02 -32.07
CA VAL D 55 22.89 -43.54 -30.71
C VAL D 55 23.32 -45.00 -30.74
N VAL D 56 22.80 -45.76 -31.70
CA VAL D 56 23.24 -47.15 -31.86
C VAL D 56 24.67 -47.18 -32.38
N ARG D 57 25.03 -46.23 -33.24
CA ARG D 57 26.39 -46.18 -33.79
C ARG D 57 27.40 -45.87 -32.69
N ILE D 58 27.05 -44.94 -31.80
CA ILE D 58 27.94 -44.62 -30.68
C ILE D 58 28.07 -45.84 -29.76
N CYS D 59 26.94 -46.46 -29.43
CA CYS D 59 26.95 -47.57 -28.48
C CYS D 59 27.50 -48.84 -29.09
N ALA D 60 27.44 -49.00 -30.42
CA ALA D 60 28.03 -50.18 -31.03
C ALA D 60 29.54 -50.16 -30.93
N GLY D 61 30.14 -48.99 -31.00
CA GLY D 61 31.57 -48.82 -30.81
C GLY D 61 32.00 -48.82 -29.36
N ARG D 62 31.04 -48.88 -28.42
CA ARG D 62 31.34 -48.85 -27.00
C ARG D 62 30.82 -50.08 -26.26
N GLY D 63 29.98 -50.90 -26.90
CA GLY D 63 29.45 -52.09 -26.26
C GLY D 63 28.45 -51.85 -25.15
N VAL D 64 27.85 -50.66 -25.10
CA VAL D 64 26.83 -50.35 -24.10
C VAL D 64 25.48 -50.77 -24.65
N ALA D 65 24.69 -51.46 -23.83
CA ALA D 65 23.43 -52.02 -24.29
C ALA D 65 22.42 -50.91 -24.56
N VAL D 66 21.60 -51.13 -25.58
CA VAL D 66 20.54 -50.20 -25.97
C VAL D 66 19.23 -50.97 -25.94
N VAL D 67 18.27 -50.46 -25.17
CA VAL D 67 16.95 -51.07 -25.05
C VAL D 67 15.91 -50.08 -25.57
N GLY D 68 15.21 -50.46 -26.64
CA GLY D 68 14.13 -49.64 -27.13
C GLY D 68 12.94 -49.65 -26.18
N ARG D 69 12.14 -48.58 -26.26
CA ARG D 69 10.98 -48.46 -25.39
C ARG D 69 9.86 -47.77 -26.15
N GLY D 70 8.68 -48.38 -26.10
CA GLY D 70 7.50 -47.73 -26.64
C GLY D 70 6.78 -46.92 -25.58
N ALA D 71 5.79 -47.53 -24.93
CA ALA D 71 5.07 -46.89 -23.84
C ALA D 71 5.38 -47.52 -22.49
N GLY D 72 6.23 -48.53 -22.44
CA GLY D 72 6.57 -49.20 -21.20
C GLY D 72 5.39 -49.93 -20.60
N THR D 73 4.63 -50.65 -21.43
CA THR D 73 3.46 -51.41 -20.99
C THR D 73 3.67 -52.91 -21.05
N GLY D 74 4.90 -53.37 -21.25
CA GLY D 74 5.14 -54.80 -21.31
C GLY D 74 4.89 -55.48 -19.99
N LEU D 75 4.54 -56.76 -20.05
CA LEU D 75 4.29 -57.57 -18.86
C LEU D 75 5.32 -58.67 -18.67
N SER D 76 6.44 -58.61 -19.40
CA SER D 76 7.49 -59.60 -19.27
C SER D 76 8.86 -58.98 -19.00
N GLY D 77 8.92 -57.70 -18.69
CA GLY D 77 10.19 -57.05 -18.44
C GLY D 77 11.06 -56.88 -19.67
N ALA D 78 10.44 -56.85 -20.86
CA ALA D 78 11.20 -56.76 -22.10
C ALA D 78 11.90 -55.42 -22.27
N ALA D 79 11.41 -54.37 -21.61
CA ALA D 79 11.99 -53.03 -21.75
C ALA D 79 12.82 -52.60 -20.55
N ASN D 80 13.09 -53.51 -19.62
CA ASN D 80 13.88 -53.17 -18.43
C ASN D 80 15.34 -52.91 -18.80
N ALA D 81 15.91 -51.87 -18.22
CA ALA D 81 17.28 -51.43 -18.47
C ALA D 81 18.26 -51.99 -17.43
N GLY D 82 19.56 -51.87 -17.75
CA GLY D 82 20.63 -52.23 -16.84
C GLY D 82 21.58 -51.07 -16.59
N ARG D 83 22.52 -51.29 -15.67
CA ARG D 83 23.54 -50.28 -15.35
C ARG D 83 24.39 -49.95 -16.56
N GLY D 84 24.26 -48.73 -17.05
CA GLY D 84 24.97 -48.27 -18.21
C GLY D 84 24.23 -48.42 -19.53
N TRP D 85 23.02 -48.99 -19.50
CA TRP D 85 22.25 -49.14 -20.73
C TRP D 85 21.75 -47.77 -21.21
N VAL D 86 21.18 -47.77 -22.41
CA VAL D 86 20.56 -46.59 -23.00
C VAL D 86 19.13 -46.93 -23.35
N VAL D 87 18.18 -46.20 -22.77
CA VAL D 87 16.76 -46.44 -23.02
C VAL D 87 16.33 -45.46 -24.09
N VAL D 88 16.16 -45.96 -25.31
CA VAL D 88 15.69 -45.15 -26.43
C VAL D 88 14.16 -45.09 -26.35
N SER D 89 13.63 -43.91 -26.02
CA SER D 89 12.20 -43.71 -25.86
C SER D 89 11.62 -43.14 -27.15
N PHE D 90 10.75 -43.91 -27.80
CA PHE D 90 10.14 -43.50 -29.06
C PHE D 90 8.89 -42.65 -28.85
N GLU D 91 8.82 -41.95 -27.73
CA GLU D 91 7.64 -41.15 -27.43
C GLU D 91 7.56 -39.91 -28.32
N ARG D 92 8.66 -39.54 -28.97
CA ARG D 92 8.69 -38.36 -29.83
C ARG D 92 8.37 -38.66 -31.29
N MET D 93 8.39 -39.93 -31.70
CA MET D 93 8.03 -40.32 -33.07
C MET D 93 6.62 -40.92 -33.04
N ASN D 94 5.63 -40.05 -33.06
CA ASN D 94 4.24 -40.45 -32.92
C ASN D 94 3.39 -39.85 -34.04
N ARG D 95 3.91 -39.86 -35.26
CA ARG D 95 3.18 -39.35 -36.42
C ARG D 95 2.77 -40.50 -37.34
N VAL D 96 1.61 -40.35 -37.96
CA VAL D 96 1.16 -41.25 -39.02
C VAL D 96 1.57 -40.61 -40.34
N LEU D 97 2.48 -41.27 -41.08
CA LEU D 97 3.12 -40.62 -42.21
C LEU D 97 2.47 -40.95 -43.55
N GLU D 98 1.31 -41.61 -43.57
CA GLU D 98 0.64 -41.99 -44.81
C GLU D 98 -0.59 -42.84 -44.57
N VAL D 99 -1.61 -42.66 -45.41
CA VAL D 99 -2.74 -43.59 -45.47
C VAL D 99 -3.06 -43.85 -46.94
N ASP D 100 -2.36 -44.80 -47.55
CA ASP D 100 -2.59 -45.12 -48.96
C ASP D 100 -3.95 -45.80 -49.08
N THR D 101 -4.95 -45.05 -49.53
CA THR D 101 -6.32 -45.56 -49.54
C THR D 101 -6.57 -46.56 -50.66
N VAL D 102 -5.91 -46.40 -51.81
CA VAL D 102 -6.10 -47.36 -52.89
C VAL D 102 -5.31 -48.64 -52.64
N GLN D 103 -4.09 -48.51 -52.10
CA GLN D 103 -3.30 -49.68 -51.72
C GLN D 103 -3.79 -50.29 -50.42
N GLN D 104 -4.56 -49.56 -49.62
CA GLN D 104 -5.06 -50.02 -48.32
C GLN D 104 -3.91 -50.36 -47.38
N THR D 105 -2.99 -49.42 -47.22
CA THR D 105 -1.87 -49.56 -46.29
C THR D 105 -1.69 -48.24 -45.54
N VAL D 106 -1.02 -48.31 -44.39
CA VAL D 106 -0.66 -47.15 -43.61
C VAL D 106 0.80 -47.25 -43.21
N THR D 107 1.43 -46.08 -43.05
CA THR D 107 2.83 -45.98 -42.64
C THR D 107 2.88 -45.18 -41.35
N VAL D 108 3.30 -45.85 -40.26
CA VAL D 108 3.29 -45.27 -38.93
C VAL D 108 4.66 -45.42 -38.30
N GLN D 109 4.96 -44.53 -37.34
CA GLN D 109 6.17 -44.44 -36.52
C GLN D 109 6.03 -45.28 -35.25
N PRO D 110 7.15 -45.75 -34.71
CA PRO D 110 7.07 -46.73 -33.61
C PRO D 110 6.43 -46.21 -32.34
N GLY D 111 6.22 -44.90 -32.22
CA GLY D 111 5.62 -44.35 -31.01
C GLY D 111 4.12 -44.18 -31.07
N VAL D 112 3.52 -44.41 -32.24
CA VAL D 112 2.09 -44.21 -32.40
C VAL D 112 1.35 -45.24 -31.57
N VAL D 113 0.36 -44.78 -30.79
CA VAL D 113 -0.43 -45.69 -29.97
C VAL D 113 -1.35 -46.51 -30.87
N ASN D 114 -1.62 -47.75 -30.44
CA ASN D 114 -2.43 -48.66 -31.25
C ASN D 114 -3.82 -48.09 -31.52
N ASP D 115 -4.49 -47.64 -30.46
CA ASP D 115 -5.85 -47.12 -30.62
C ASP D 115 -5.83 -45.84 -31.43
N ASP D 116 -4.83 -44.99 -31.21
CA ASP D 116 -4.66 -43.77 -32.01
C ASP D 116 -4.57 -44.08 -33.50
N LEU D 117 -4.01 -45.24 -33.85
CA LEU D 117 -3.90 -45.62 -35.25
C LEU D 117 -5.26 -45.97 -35.84
N ARG D 118 -6.08 -46.72 -35.10
CA ARG D 118 -7.38 -47.11 -35.63
C ARG D 118 -8.28 -45.90 -35.85
N ALA D 119 -8.18 -44.91 -34.96
CA ALA D 119 -8.95 -43.69 -35.15
C ALA D 119 -8.53 -42.96 -36.42
N ARG D 120 -7.22 -42.96 -36.72
CA ARG D 120 -6.74 -42.29 -37.92
C ARG D 120 -7.22 -43.03 -39.18
N VAL D 121 -7.07 -44.36 -39.19
CA VAL D 121 -7.49 -45.13 -40.36
C VAL D 121 -9.00 -45.23 -40.47
N ALA D 122 -9.75 -45.09 -39.37
CA ALA D 122 -11.21 -45.10 -39.44
C ALA D 122 -11.69 -43.90 -40.24
N GLN D 123 -10.87 -42.84 -40.23
CA GLN D 123 -11.18 -41.63 -40.95
C GLN D 123 -11.20 -41.83 -42.45
N ASP D 124 -10.38 -42.74 -42.98
CA ASP D 124 -10.32 -43.03 -44.41
C ASP D 124 -11.02 -44.35 -44.76
N GLY D 125 -11.92 -44.81 -43.91
CA GLY D 125 -12.66 -46.02 -44.19
C GLY D 125 -11.85 -47.31 -44.13
N LEU D 126 -10.67 -47.28 -43.52
CA LEU D 126 -9.84 -48.46 -43.38
C LEU D 126 -9.75 -48.86 -41.90
N TRP D 127 -9.35 -50.10 -41.66
CA TRP D 127 -9.37 -50.64 -40.31
C TRP D 127 -8.12 -51.45 -40.04
N TYR D 128 -7.57 -51.28 -38.84
CA TYR D 128 -6.44 -52.08 -38.37
C TYR D 128 -6.94 -53.05 -37.30
N PRO D 129 -7.05 -54.33 -37.61
CA PRO D 129 -7.74 -55.28 -36.70
C PRO D 129 -7.07 -55.43 -35.35
N PRO D 130 -5.75 -55.68 -35.27
CA PRO D 130 -5.17 -56.06 -33.96
C PRO D 130 -5.47 -55.05 -32.87
N ASP D 131 -6.21 -55.50 -31.86
CA ASP D 131 -6.66 -54.66 -30.74
C ASP D 131 -6.23 -55.27 -29.42
N PRO D 132 -4.97 -55.06 -29.01
CA PRO D 132 -4.51 -55.59 -27.73
C PRO D 132 -5.17 -54.86 -26.57
N ALA D 133 -5.47 -55.61 -25.51
CA ALA D 133 -6.15 -55.10 -24.32
C ALA D 133 -5.51 -53.81 -23.77
N SER D 134 -4.32 -53.47 -24.25
CA SER D 134 -3.66 -52.21 -23.92
C SER D 134 -3.63 -51.29 -25.14
N SER D 135 -4.70 -51.32 -25.94
CA SER D 135 -4.77 -50.48 -27.12
C SER D 135 -4.71 -48.99 -26.82
N PRO D 136 -5.31 -48.47 -25.73
CA PRO D 136 -5.16 -47.04 -25.44
C PRO D 136 -3.80 -46.65 -24.87
N TRP D 137 -2.86 -47.58 -24.73
CA TRP D 137 -1.61 -47.23 -24.09
C TRP D 137 -0.39 -47.69 -24.86
N SER D 138 -0.39 -48.89 -25.42
CA SER D 138 0.79 -49.44 -26.06
C SER D 138 1.04 -48.78 -27.41
N THR D 139 2.29 -48.82 -27.85
CA THR D 139 2.71 -48.22 -29.11
C THR D 139 2.81 -49.28 -30.20
N ILE D 140 2.74 -48.82 -31.45
CA ILE D 140 2.87 -49.72 -32.59
C ILE D 140 4.25 -50.35 -32.61
N GLY D 141 5.28 -49.55 -32.29
CA GLY D 141 6.62 -50.12 -32.18
C GLY D 141 6.69 -51.23 -31.17
N GLY D 142 5.95 -51.10 -30.06
CA GLY D 142 5.87 -52.17 -29.10
C GLY D 142 5.06 -53.35 -29.62
N ASN D 143 3.93 -53.06 -30.28
CA ASN D 143 3.11 -54.12 -30.84
C ASN D 143 3.86 -54.90 -31.92
N VAL D 144 4.70 -54.21 -32.70
CA VAL D 144 5.47 -54.89 -33.74
C VAL D 144 6.60 -55.72 -33.13
N ALA D 145 7.32 -55.15 -32.16
CA ALA D 145 8.47 -55.86 -31.60
C ALA D 145 8.06 -57.03 -30.71
N THR D 146 6.87 -56.97 -30.13
CA THR D 146 6.37 -58.05 -29.28
C THR D 146 5.45 -59.00 -30.05
N ASN D 147 5.05 -58.64 -31.26
CA ASN D 147 4.07 -59.38 -32.04
C ASN D 147 2.78 -59.54 -31.23
N ALA D 148 2.27 -58.40 -30.76
CA ALA D 148 1.11 -58.40 -29.87
C ALA D 148 -0.15 -58.80 -30.62
N GLY D 149 -1.04 -59.49 -29.90
CA GLY D 149 -2.30 -59.93 -30.46
C GLY D 149 -3.48 -59.28 -29.75
N GLY D 150 -4.66 -59.45 -30.35
CA GLY D 150 -5.85 -58.82 -29.82
C GLY D 150 -6.97 -59.80 -29.54
N LEU D 151 -8.18 -59.27 -29.40
CA LEU D 151 -9.34 -60.11 -29.11
C LEU D 151 -9.87 -60.79 -30.36
N CYS D 152 -9.81 -60.10 -31.51
CA CYS D 152 -10.26 -60.64 -32.78
C CYS D 152 -9.17 -61.41 -33.51
N CYS D 153 -8.13 -61.85 -32.80
CA CYS D 153 -7.07 -62.64 -33.41
C CYS D 153 -7.57 -64.03 -33.80
N VAL D 154 -8.72 -64.45 -33.27
CA VAL D 154 -9.25 -65.78 -33.56
C VAL D 154 -9.70 -65.92 -35.02
N LYS D 155 -9.80 -64.81 -35.74
CA LYS D 155 -10.14 -64.86 -37.17
C LYS D 155 -9.34 -63.88 -38.02
N TYR D 156 -8.78 -62.82 -37.44
CA TYR D 156 -8.07 -61.81 -38.22
C TYR D 156 -6.56 -61.83 -37.99
N GLY D 157 -6.08 -62.50 -36.95
CA GLY D 157 -4.66 -62.72 -36.78
C GLY D 157 -4.00 -61.72 -35.85
N VAL D 158 -2.69 -61.90 -35.73
CA VAL D 158 -1.84 -61.13 -34.83
C VAL D 158 -1.24 -59.97 -35.62
N THR D 159 -0.32 -59.22 -34.99
CA THR D 159 0.30 -58.08 -35.67
C THR D 159 1.10 -58.51 -36.89
N ARG D 160 1.79 -59.65 -36.79
CA ARG D 160 2.59 -60.15 -37.92
C ARG D 160 1.75 -60.28 -39.19
N ASP D 161 0.47 -60.63 -39.06
CA ASP D 161 -0.40 -60.77 -40.22
C ASP D 161 -0.70 -59.45 -40.91
N TYR D 162 -0.12 -58.34 -40.44
CA TYR D 162 -0.36 -57.03 -41.04
C TYR D 162 0.91 -56.23 -41.24
N VAL D 163 2.07 -56.74 -40.83
CA VAL D 163 3.34 -56.05 -41.02
C VAL D 163 3.83 -56.36 -42.43
N LEU D 164 3.85 -55.36 -43.30
CA LEU D 164 4.32 -55.53 -44.67
C LEU D 164 5.80 -55.17 -44.82
N GLY D 165 6.20 -54.04 -44.25
CA GLY D 165 7.58 -53.61 -44.32
C GLY D 165 7.89 -52.71 -43.14
N MET D 166 9.16 -52.32 -43.03
CA MET D 166 9.59 -51.55 -41.88
C MET D 166 10.96 -50.95 -42.18
N GLU D 167 11.29 -49.91 -41.42
CA GLU D 167 12.63 -49.32 -41.43
C GLU D 167 13.23 -49.46 -40.04
N ALA D 168 14.31 -50.21 -39.93
CA ALA D 168 14.96 -50.49 -38.66
C ALA D 168 16.41 -50.06 -38.73
N VAL D 169 17.02 -49.89 -37.57
CA VAL D 169 18.43 -49.56 -37.45
C VAL D 169 19.12 -50.74 -36.78
N VAL D 170 19.96 -51.45 -37.53
CA VAL D 170 20.53 -52.70 -37.06
C VAL D 170 22.05 -52.62 -37.09
N GLY D 171 22.70 -53.79 -37.02
CA GLY D 171 24.15 -53.89 -37.14
C GLY D 171 24.88 -52.92 -36.24
N SER D 172 25.89 -52.26 -36.80
CA SER D 172 26.65 -51.22 -36.11
C SER D 172 26.02 -49.85 -36.24
N GLY D 173 24.83 -49.74 -36.86
CA GLY D 173 24.16 -48.47 -36.98
C GLY D 173 23.65 -48.16 -38.37
N GLU D 174 23.55 -49.18 -39.22
CA GLU D 174 23.09 -48.98 -40.59
C GLU D 174 21.57 -48.89 -40.63
N VAL D 175 21.06 -47.86 -41.32
CA VAL D 175 19.62 -47.74 -41.57
C VAL D 175 19.28 -48.56 -42.80
N VAL D 176 18.40 -49.55 -42.64
CA VAL D 176 18.04 -50.46 -43.72
C VAL D 176 16.52 -50.50 -43.87
N ARG D 177 16.07 -50.80 -45.09
CA ARG D 177 14.66 -51.00 -45.39
C ARG D 177 14.39 -52.50 -45.51
N LEU D 178 13.46 -52.99 -44.70
CA LEU D 178 13.12 -54.41 -44.66
C LEU D 178 11.66 -54.60 -45.07
N GLY D 179 11.41 -55.71 -45.76
CA GLY D 179 10.08 -56.05 -46.19
C GLY D 179 9.65 -55.34 -47.46
N ARG D 180 8.44 -55.67 -47.90
CA ARG D 180 7.84 -55.11 -49.10
C ARG D 180 6.89 -53.98 -48.75
N THR D 181 6.35 -53.33 -49.80
CA THR D 181 5.28 -52.36 -49.63
C THR D 181 4.02 -52.72 -50.41
N THR D 182 4.10 -53.66 -51.34
CA THR D 182 2.91 -54.10 -52.08
C THR D 182 2.14 -55.13 -51.26
N ALA D 183 1.24 -55.86 -51.90
CA ALA D 183 0.49 -56.92 -51.24
C ALA D 183 1.01 -58.30 -51.56
N LYS D 184 2.19 -58.39 -52.17
CA LYS D 184 2.82 -59.66 -52.50
C LYS D 184 4.32 -59.42 -52.71
N GLY D 185 5.12 -60.41 -52.32
CA GLY D 185 6.56 -60.28 -52.46
C GLY D 185 7.31 -61.33 -51.65
N VAL D 186 8.14 -62.12 -52.33
CA VAL D 186 8.92 -63.17 -51.70
C VAL D 186 10.43 -62.95 -51.83
N THR D 187 10.85 -61.91 -52.56
CA THR D 187 12.26 -61.64 -52.82
C THR D 187 13.12 -61.67 -51.55
N GLY D 188 14.07 -62.60 -51.51
CA GLY D 188 14.97 -62.69 -50.38
C GLY D 188 14.37 -63.46 -49.21
N TYR D 189 14.94 -63.20 -48.04
CA TYR D 189 14.45 -63.81 -46.81
C TYR D 189 13.32 -62.97 -46.22
N ASP D 190 12.62 -63.58 -45.26
CA ASP D 190 11.58 -62.89 -44.49
C ASP D 190 12.22 -62.20 -43.29
N LEU D 191 12.95 -61.12 -43.59
CA LEU D 191 13.68 -60.40 -42.56
C LEU D 191 12.76 -59.52 -41.72
N ALA D 192 11.76 -58.90 -42.35
CA ALA D 192 10.79 -58.10 -41.59
C ALA D 192 10.01 -58.96 -40.60
N GLY D 193 9.77 -60.23 -40.93
CA GLY D 193 9.06 -61.10 -40.00
C GLY D 193 9.92 -61.53 -38.83
N LEU D 194 11.21 -61.78 -39.08
CA LEU D 194 12.13 -62.07 -37.99
C LEU D 194 12.28 -60.87 -37.06
N MET D 195 12.12 -59.66 -37.59
CA MET D 195 12.12 -58.47 -36.74
C MET D 195 10.85 -58.41 -35.89
N VAL D 196 9.75 -58.96 -36.40
CA VAL D 196 8.53 -59.04 -35.61
C VAL D 196 8.70 -60.12 -34.55
N GLY D 197 8.32 -59.81 -33.31
CA GLY D 197 8.53 -60.74 -32.23
C GLY D 197 9.94 -60.80 -31.72
N SER D 198 10.83 -59.93 -32.20
CA SER D 198 12.21 -59.93 -31.74
C SER D 198 12.41 -59.15 -30.45
N GLU D 199 11.39 -58.42 -30.00
CA GLU D 199 11.41 -57.73 -28.70
C GLU D 199 12.63 -56.82 -28.57
N GLY D 200 12.99 -56.18 -29.68
CA GLY D 200 14.07 -55.22 -29.66
C GLY D 200 15.45 -55.82 -29.39
N THR D 201 15.63 -57.10 -29.65
CA THR D 201 16.90 -57.77 -29.44
C THR D 201 17.68 -57.96 -30.74
N LEU D 202 17.23 -57.33 -31.84
CA LEU D 202 17.93 -57.36 -33.11
C LEU D 202 18.04 -56.01 -33.77
N GLY D 203 17.38 -54.99 -33.25
CA GLY D 203 17.39 -53.65 -33.81
C GLY D 203 16.12 -52.92 -33.42
N LEU D 204 16.19 -51.59 -33.50
CA LEU D 204 15.06 -50.74 -33.19
C LEU D 204 14.39 -50.30 -34.50
N VAL D 205 13.10 -50.57 -34.62
CA VAL D 205 12.35 -50.14 -35.79
C VAL D 205 11.94 -48.68 -35.63
N THR D 206 12.18 -47.89 -36.66
CA THR D 206 11.88 -46.47 -36.66
C THR D 206 10.70 -46.11 -37.56
N GLU D 207 10.15 -47.07 -38.29
CA GLU D 207 9.04 -46.84 -39.20
C GLU D 207 8.46 -48.17 -39.65
N VAL D 208 7.15 -48.32 -39.59
CA VAL D 208 6.48 -49.57 -39.97
C VAL D 208 5.39 -49.26 -40.97
N THR D 209 5.28 -50.10 -42.01
CA THR D 209 4.13 -50.09 -42.89
C THR D 209 3.20 -51.22 -42.46
N LEU D 210 1.90 -51.00 -42.58
CA LEU D 210 0.92 -51.96 -42.12
C LEU D 210 -0.17 -52.15 -43.17
N ARG D 211 -0.69 -53.37 -43.22
CA ARG D 211 -1.78 -53.69 -44.13
C ARG D 211 -3.12 -53.47 -43.43
N LEU D 212 -4.11 -53.04 -44.20
CA LEU D 212 -5.41 -52.65 -43.68
C LEU D 212 -6.51 -53.49 -44.31
N VAL D 213 -7.70 -53.37 -43.73
CA VAL D 213 -8.89 -54.08 -44.18
C VAL D 213 -10.02 -53.06 -44.20
N PRO D 214 -10.96 -53.14 -45.15
CA PRO D 214 -12.09 -52.22 -45.14
C PRO D 214 -12.89 -52.31 -43.85
N LEU D 215 -13.64 -51.26 -43.56
CA LEU D 215 -14.30 -51.12 -42.26
C LEU D 215 -15.53 -52.03 -42.23
N ARG D 216 -15.57 -52.90 -41.23
CA ARG D 216 -16.68 -53.80 -40.88
C ARG D 216 -18.00 -53.49 -41.58
N THR D 222 -24.17 -61.19 -31.08
CA THR D 222 -23.49 -61.51 -29.83
C THR D 222 -24.25 -62.63 -29.11
N VAL D 223 -23.59 -63.24 -28.12
CA VAL D 223 -24.12 -64.36 -27.35
C VAL D 223 -23.73 -64.10 -25.90
N VAL D 224 -24.59 -64.55 -24.98
CA VAL D 224 -24.38 -64.30 -23.56
C VAL D 224 -23.15 -65.06 -23.07
N GLY D 225 -23.37 -66.18 -22.37
CA GLY D 225 -22.28 -66.98 -21.86
C GLY D 225 -22.47 -67.42 -20.42
N TYR D 226 -21.92 -66.66 -19.48
CA TYR D 226 -22.01 -66.93 -18.05
C TYR D 226 -21.58 -68.35 -17.69
N PHE D 227 -22.51 -69.15 -17.18
CA PHE D 227 -22.31 -70.54 -16.75
C PHE D 227 -21.77 -70.56 -15.32
N ASP D 228 -21.17 -71.67 -14.88
CA ASP D 228 -20.68 -71.75 -13.51
C ASP D 228 -19.24 -72.29 -13.40
N SER D 229 -19.10 -73.60 -13.25
CA SER D 229 -17.80 -74.19 -12.95
C SER D 229 -16.80 -73.88 -14.06
N LEU D 230 -15.57 -73.57 -13.66
CA LEU D 230 -14.56 -73.03 -14.57
C LEU D 230 -14.27 -73.95 -15.74
N THR D 231 -14.64 -75.22 -15.64
CA THR D 231 -14.25 -76.15 -16.69
C THR D 231 -15.21 -76.18 -17.89
N ASP D 232 -16.36 -75.49 -17.87
CA ASP D 232 -17.16 -75.41 -19.10
C ASP D 232 -16.75 -74.25 -19.98
N ALA D 233 -16.19 -73.23 -19.36
CA ALA D 233 -15.33 -72.30 -20.04
C ALA D 233 -14.47 -73.13 -20.99
N GLY D 234 -14.08 -74.33 -20.52
CA GLY D 234 -13.51 -75.38 -21.33
C GLY D 234 -14.55 -76.29 -21.97
N ARG D 235 -15.44 -76.91 -21.16
CA ARG D 235 -16.48 -77.82 -21.65
C ARG D 235 -17.27 -77.21 -22.80
N ALA D 236 -17.09 -75.91 -23.07
CA ALA D 236 -17.79 -75.24 -24.17
C ALA D 236 -16.91 -74.60 -25.25
N VAL D 237 -15.59 -74.62 -25.15
CA VAL D 237 -14.81 -74.04 -26.23
C VAL D 237 -14.40 -75.10 -27.25
N ALA D 238 -14.21 -76.34 -26.82
CA ALA D 238 -13.94 -77.43 -27.75
C ALA D 238 -15.18 -77.87 -28.53
N ALA D 239 -16.35 -77.29 -28.22
CA ALA D 239 -17.57 -77.61 -28.95
C ALA D 239 -17.88 -76.61 -30.06
N VAL D 240 -17.55 -75.34 -29.87
CA VAL D 240 -17.77 -74.34 -30.92
C VAL D 240 -16.75 -74.43 -32.04
N SER D 241 -15.67 -75.19 -31.85
CA SER D 241 -14.67 -75.40 -32.90
C SER D 241 -14.73 -76.77 -33.53
N ALA D 242 -15.18 -77.79 -32.79
CA ALA D 242 -15.35 -79.11 -33.38
C ALA D 242 -16.48 -79.10 -34.41
N ALA D 243 -17.57 -78.41 -34.11
CA ALA D 243 -18.65 -78.15 -35.06
C ALA D 243 -18.71 -76.65 -35.34
N GLY D 244 -19.48 -76.30 -36.37
CA GLY D 244 -19.55 -74.90 -36.75
C GLY D 244 -18.22 -74.40 -37.31
N ILE D 245 -18.04 -73.08 -37.22
CA ILE D 245 -16.80 -72.45 -37.67
C ILE D 245 -16.25 -71.56 -36.57
N VAL D 246 -15.53 -70.51 -36.96
CA VAL D 246 -14.76 -69.68 -36.02
C VAL D 246 -15.47 -68.36 -35.74
N PRO D 247 -15.52 -67.91 -34.48
CA PRO D 247 -16.20 -66.65 -34.16
C PRO D 247 -15.30 -65.43 -34.28
N SER D 248 -15.94 -64.27 -34.45
CA SER D 248 -15.22 -63.01 -34.55
C SER D 248 -14.35 -62.74 -33.32
N ALA D 249 -14.78 -63.20 -32.15
CA ALA D 249 -14.00 -63.10 -30.93
C ALA D 249 -14.63 -64.03 -29.90
N LEU D 250 -13.84 -64.39 -28.88
CA LEU D 250 -14.36 -65.27 -27.86
C LEU D 250 -13.46 -65.26 -26.62
N GLU D 251 -13.91 -64.59 -25.56
CA GLU D 251 -13.16 -64.45 -24.33
C GLU D 251 -13.90 -65.14 -23.19
N LEU D 252 -13.22 -65.21 -22.06
CA LEU D 252 -13.65 -66.07 -20.96
C LEU D 252 -13.19 -65.44 -19.65
N ILE D 253 -14.11 -64.78 -18.95
CA ILE D 253 -13.79 -64.08 -17.72
C ILE D 253 -14.51 -64.77 -16.54
N ASP D 254 -13.89 -64.70 -15.37
CA ASP D 254 -14.37 -65.39 -14.18
C ASP D 254 -14.96 -64.40 -13.19
N ARG D 255 -15.60 -64.96 -12.16
CA ARG D 255 -16.32 -64.16 -11.18
C ARG D 255 -15.42 -63.15 -10.48
N PHE D 256 -14.14 -63.48 -10.28
CA PHE D 256 -13.24 -62.56 -9.58
C PHE D 256 -12.95 -61.30 -10.38
N CYS D 257 -12.92 -61.38 -11.71
CA CYS D 257 -12.59 -60.19 -12.48
C CYS D 257 -13.81 -59.32 -12.75
N LEU D 258 -14.99 -59.92 -12.92
CA LEU D 258 -16.19 -59.11 -13.08
C LEU D 258 -16.48 -58.29 -11.82
N GLN D 259 -16.47 -58.94 -10.66
CA GLN D 259 -16.70 -58.27 -9.39
C GLN D 259 -15.46 -57.47 -8.99
N ALA D 260 -14.59 -57.21 -9.94
CA ALA D 260 -13.57 -56.18 -9.79
C ALA D 260 -13.75 -55.03 -10.75
N VAL D 261 -14.53 -55.20 -11.80
CA VAL D 261 -14.91 -54.09 -12.66
C VAL D 261 -16.17 -53.38 -12.17
N ASP D 262 -17.10 -54.10 -11.54
CA ASP D 262 -18.32 -53.43 -11.10
C ASP D 262 -18.12 -52.59 -9.85
N GLU D 263 -16.99 -52.74 -9.17
CA GLU D 263 -16.55 -51.86 -8.08
C GLU D 263 -15.50 -50.86 -8.55
N TRP D 264 -15.67 -50.37 -9.76
CA TRP D 264 -14.70 -49.50 -10.43
C TRP D 264 -15.44 -48.34 -11.07
N LYS D 265 -16.64 -48.61 -11.55
CA LYS D 265 -17.44 -47.65 -12.28
C LYS D 265 -18.89 -48.11 -12.17
N ASN D 266 -19.81 -47.17 -12.40
CA ASN D 266 -21.21 -47.56 -12.44
C ASN D 266 -21.44 -48.51 -13.61
N MET D 267 -21.13 -49.79 -13.40
CA MET D 267 -21.28 -50.81 -14.42
C MET D 267 -22.64 -51.49 -14.37
N GLY D 268 -23.14 -51.78 -13.17
CA GLY D 268 -24.44 -52.38 -13.00
C GLY D 268 -24.58 -53.72 -13.71
N LEU D 269 -23.73 -54.68 -13.37
CA LEU D 269 -23.71 -55.99 -14.01
C LEU D 269 -24.07 -57.04 -12.97
N SER D 270 -25.33 -57.51 -13.02
CA SER D 270 -25.80 -58.50 -12.06
C SER D 270 -25.15 -59.85 -12.34
N ALA D 271 -24.57 -60.46 -11.32
CA ALA D 271 -23.87 -61.73 -11.47
C ALA D 271 -24.87 -62.87 -11.59
N GLU D 272 -24.59 -63.78 -12.52
CA GLU D 272 -25.42 -64.96 -12.74
C GLU D 272 -24.61 -66.25 -12.76
N GLY D 273 -23.31 -66.18 -12.47
CA GLY D 273 -22.48 -67.37 -12.47
C GLY D 273 -21.04 -67.00 -12.24
N GLU D 274 -20.22 -68.02 -12.03
CA GLU D 274 -18.80 -67.79 -11.76
C GLU D 274 -18.07 -67.38 -13.02
N VAL D 275 -18.04 -68.26 -14.03
CA VAL D 275 -17.36 -67.93 -15.28
C VAL D 275 -18.31 -67.17 -16.19
N LEU D 276 -17.80 -66.79 -17.36
CA LEU D 276 -18.59 -66.12 -18.38
C LEU D 276 -17.87 -66.36 -19.70
N LEU D 277 -18.64 -66.42 -20.78
CA LEU D 277 -18.11 -66.87 -22.07
C LEU D 277 -18.78 -66.05 -23.18
N LEU D 278 -18.15 -64.94 -23.53
CA LEU D 278 -18.65 -64.09 -24.60
C LEU D 278 -18.08 -64.57 -25.93
N ALA D 279 -18.92 -64.51 -26.95
CA ALA D 279 -18.53 -64.84 -28.31
C ALA D 279 -19.19 -63.83 -29.23
N ARG D 280 -18.71 -63.80 -30.48
CA ARG D 280 -19.19 -62.82 -31.45
C ARG D 280 -19.38 -63.54 -32.78
N SER D 281 -20.08 -62.88 -33.69
CA SER D 281 -20.42 -63.50 -34.97
C SER D 281 -20.57 -62.37 -35.97
N ASP D 282 -19.66 -62.33 -36.94
CA ASP D 282 -19.60 -61.21 -37.84
C ASP D 282 -19.87 -61.60 -39.28
N LEU D 283 -21.13 -61.57 -39.66
CA LEU D 283 -21.46 -61.92 -41.03
C LEU D 283 -22.54 -60.95 -41.54
N PRO D 284 -22.33 -60.27 -42.66
CA PRO D 284 -23.22 -59.17 -43.04
C PRO D 284 -24.64 -59.64 -43.37
N GLY D 285 -25.61 -58.85 -42.92
CA GLY D 285 -27.01 -59.11 -43.22
C GLY D 285 -27.62 -60.24 -42.42
N THR D 286 -28.41 -61.08 -43.09
CA THR D 286 -29.03 -62.23 -42.46
C THR D 286 -28.02 -63.28 -42.02
N SER D 287 -26.77 -63.18 -42.47
CA SER D 287 -25.74 -64.13 -42.07
C SER D 287 -25.19 -63.85 -40.68
N GLY D 288 -25.43 -62.67 -40.13
CA GLY D 288 -25.02 -62.37 -38.76
C GLY D 288 -25.70 -63.26 -37.74
N GLN D 289 -26.76 -63.94 -38.12
CA GLN D 289 -27.45 -64.87 -37.26
C GLN D 289 -27.50 -66.29 -37.82
N GLU D 290 -26.83 -66.57 -38.95
CA GLU D 290 -26.87 -67.94 -39.43
C GLU D 290 -26.22 -68.89 -38.44
N GLU D 291 -25.24 -68.41 -37.66
CA GLU D 291 -24.64 -69.17 -36.58
C GLU D 291 -24.76 -68.52 -35.21
N ALA D 292 -24.91 -67.18 -35.13
CA ALA D 292 -24.95 -66.52 -33.82
C ALA D 292 -26.14 -67.03 -33.01
N ASP D 293 -27.07 -67.71 -33.67
CA ASP D 293 -28.09 -68.53 -33.04
C ASP D 293 -27.56 -69.95 -32.82
N ARG D 294 -27.09 -70.60 -33.88
CA ARG D 294 -26.48 -71.92 -33.79
C ARG D 294 -25.29 -71.97 -32.82
N ILE D 295 -24.59 -70.86 -32.58
CA ILE D 295 -23.55 -70.95 -31.55
C ILE D 295 -24.16 -70.97 -30.16
N LEU D 296 -25.48 -70.82 -30.06
CA LEU D 296 -26.19 -71.21 -28.86
C LEU D 296 -26.33 -72.73 -28.82
N GLU D 297 -26.53 -73.34 -29.99
CA GLU D 297 -26.69 -74.78 -30.09
C GLU D 297 -25.54 -75.50 -29.39
N CYS D 298 -24.34 -74.93 -29.43
CA CYS D 298 -23.27 -75.48 -28.62
C CYS D 298 -23.49 -75.17 -27.14
N PHE D 299 -24.20 -74.09 -26.83
CA PHE D 299 -24.30 -73.59 -25.46
C PHE D 299 -25.46 -74.17 -24.65
N GLU D 300 -26.50 -74.69 -25.30
CA GLU D 300 -27.57 -75.30 -24.53
C GLU D 300 -27.38 -76.80 -24.33
N LYS D 301 -26.59 -77.45 -25.16
CA LYS D 301 -26.19 -78.82 -24.87
C LYS D 301 -25.14 -78.88 -23.78
N GLU D 302 -24.63 -77.74 -23.34
CA GLU D 302 -23.72 -77.66 -22.20
C GLU D 302 -24.45 -77.10 -20.98
N LYS D 303 -23.78 -77.19 -19.83
CA LYS D 303 -24.31 -76.66 -18.59
C LYS D 303 -24.60 -75.18 -18.72
N ALA D 304 -25.85 -74.82 -18.97
CA ALA D 304 -26.25 -73.46 -19.30
C ALA D 304 -27.10 -72.88 -18.17
N VAL D 305 -26.47 -72.14 -17.27
CA VAL D 305 -27.22 -71.38 -16.27
C VAL D 305 -27.87 -70.17 -16.93
N TYR D 306 -27.20 -69.57 -17.92
CA TYR D 306 -27.73 -68.40 -18.60
C TYR D 306 -27.17 -68.32 -20.01
N ALA D 307 -28.05 -68.24 -21.01
CA ALA D 307 -27.68 -68.14 -22.41
C ALA D 307 -28.91 -67.86 -23.25
N VAL D 308 -29.15 -66.59 -23.57
CA VAL D 308 -30.32 -66.12 -24.30
C VAL D 308 -29.96 -65.39 -25.59
N ARG D 309 -28.68 -65.40 -25.99
CA ARG D 309 -28.25 -64.79 -27.25
C ARG D 309 -28.42 -63.27 -27.19
N SER D 310 -28.00 -62.67 -26.08
CA SER D 310 -28.03 -61.23 -25.84
C SER D 310 -27.76 -60.35 -27.06
N THR D 311 -28.56 -60.51 -28.11
CA THR D 311 -28.54 -59.71 -29.34
C THR D 311 -28.59 -58.18 -29.18
N ASP D 312 -28.58 -57.66 -27.96
CA ASP D 312 -28.72 -56.21 -27.78
C ASP D 312 -27.34 -55.61 -27.57
N GLU D 313 -26.55 -55.70 -28.64
CA GLU D 313 -25.15 -55.30 -28.69
C GLU D 313 -24.97 -53.81 -28.35
N GLU D 314 -25.54 -53.40 -27.24
CA GLU D 314 -25.36 -52.14 -26.54
C GLU D 314 -25.14 -52.34 -25.05
N GLU D 315 -25.95 -53.20 -24.42
CA GLU D 315 -25.61 -53.68 -23.08
C GLU D 315 -24.48 -54.70 -23.13
N ALA D 316 -24.49 -55.56 -24.14
CA ALA D 316 -23.41 -56.52 -24.33
C ALA D 316 -22.07 -55.84 -24.62
N GLU D 317 -22.11 -54.60 -25.13
CA GLU D 317 -20.88 -53.83 -25.30
C GLU D 317 -20.23 -53.50 -23.98
N ALA D 318 -20.98 -53.61 -22.87
CA ALA D 318 -20.39 -53.47 -21.55
C ALA D 318 -19.78 -54.77 -21.04
N LEU D 319 -20.24 -55.91 -21.55
CA LEU D 319 -19.63 -57.18 -21.16
C LEU D 319 -18.22 -57.32 -21.73
N PHE D 320 -17.94 -56.63 -22.83
CA PHE D 320 -16.58 -56.67 -23.38
C PHE D 320 -15.69 -55.61 -22.75
N GLN D 321 -16.24 -54.44 -22.44
CA GLN D 321 -15.48 -53.44 -21.70
C GLN D 321 -15.04 -53.99 -20.34
N ALA D 322 -15.88 -54.83 -19.72
CA ALA D 322 -15.43 -55.52 -18.51
C ALA D 322 -14.25 -56.44 -18.84
N ARG D 323 -14.33 -57.17 -19.95
CA ARG D 323 -13.17 -57.95 -20.41
C ARG D 323 -12.07 -57.02 -20.87
N ARG D 324 -12.42 -55.91 -21.52
CA ARG D 324 -11.41 -54.93 -21.92
C ARG D 324 -10.72 -54.33 -20.70
N LEU D 325 -11.50 -53.99 -19.67
CA LEU D 325 -10.95 -53.40 -18.46
C LEU D 325 -10.55 -54.44 -17.42
N ALA D 326 -10.26 -55.67 -17.83
CA ALA D 326 -9.94 -56.71 -16.84
C ALA D 326 -8.54 -56.54 -16.26
N TYR D 327 -7.55 -56.18 -17.09
CA TYR D 327 -6.20 -55.97 -16.54
C TYR D 327 -5.92 -54.53 -16.11
N PRO D 328 -6.44 -53.51 -16.80
CA PRO D 328 -6.29 -52.15 -16.25
C PRO D 328 -6.92 -51.97 -14.87
N ALA D 329 -7.82 -52.85 -14.47
CA ALA D 329 -8.27 -52.92 -13.09
C ALA D 329 -7.32 -53.87 -12.36
N LEU D 330 -7.70 -54.38 -11.19
CA LEU D 330 -6.83 -55.28 -10.42
C LEU D 330 -5.50 -54.62 -10.06
N GLU D 331 -4.82 -54.01 -11.06
CA GLU D 331 -3.62 -53.24 -10.81
C GLU D 331 -3.84 -52.15 -9.76
N ARG D 332 -5.09 -51.85 -9.41
CA ARG D 332 -5.44 -50.98 -8.30
C ARG D 332 -5.92 -51.78 -7.10
N LEU D 333 -5.89 -53.11 -7.18
CA LEU D 333 -6.22 -53.97 -6.05
C LEU D 333 -4.99 -54.65 -5.47
N GLY D 334 -3.79 -54.19 -5.82
CA GLY D 334 -2.58 -54.78 -5.34
C GLY D 334 -1.63 -55.23 -6.43
N PRO D 335 -0.44 -55.68 -6.02
CA PRO D 335 0.52 -56.21 -7.01
C PRO D 335 0.03 -57.52 -7.62
N LEU D 336 0.18 -57.61 -8.94
CA LEU D 336 -0.38 -58.70 -9.73
C LEU D 336 0.70 -59.41 -10.53
N LEU D 337 0.80 -60.73 -10.36
CA LEU D 337 1.60 -61.57 -11.24
C LEU D 337 0.66 -62.17 -12.29
N THR D 338 1.02 -62.00 -13.57
CA THR D 338 0.20 -62.47 -14.69
C THR D 338 0.96 -63.49 -15.52
N GLU D 339 0.22 -64.46 -16.06
CA GLU D 339 0.72 -65.48 -16.97
C GLU D 339 0.04 -65.38 -18.32
N ASP D 340 0.71 -65.94 -19.34
CA ASP D 340 0.23 -65.94 -20.72
C ASP D 340 0.72 -67.25 -21.36
N VAL D 341 -0.06 -68.32 -21.16
CA VAL D 341 0.19 -69.60 -21.80
C VAL D 341 -0.78 -69.78 -22.96
N CYS D 342 -0.37 -70.55 -23.96
CA CYS D 342 -1.21 -70.88 -25.10
C CYS D 342 -1.15 -72.38 -25.36
N VAL D 343 -2.30 -73.04 -25.29
CA VAL D 343 -2.37 -74.49 -25.43
C VAL D 343 -3.25 -74.80 -26.64
N PRO D 344 -3.19 -76.03 -27.15
CA PRO D 344 -4.09 -76.42 -28.26
C PRO D 344 -5.55 -76.24 -27.89
N LYS D 345 -6.36 -75.96 -28.91
CA LYS D 345 -7.78 -75.68 -28.69
C LYS D 345 -8.51 -76.86 -28.06
N ALA D 346 -8.08 -78.09 -28.37
CA ALA D 346 -8.72 -79.28 -27.79
C ALA D 346 -8.35 -79.54 -26.34
N ARG D 347 -7.36 -78.83 -25.80
CA ARG D 347 -6.91 -79.06 -24.43
C ARG D 347 -7.19 -77.87 -23.52
N VAL D 348 -7.90 -76.86 -24.01
CA VAL D 348 -8.30 -75.74 -23.14
C VAL D 348 -9.12 -76.24 -21.96
N PRO D 349 -10.10 -77.15 -22.10
CA PRO D 349 -10.84 -77.60 -20.91
C PRO D 349 -9.95 -78.19 -19.82
N HIS D 350 -9.01 -79.07 -20.19
CA HIS D 350 -8.10 -79.60 -19.18
C HIS D 350 -7.16 -78.52 -18.66
N MET D 351 -6.75 -77.60 -19.55
CA MET D 351 -5.82 -76.57 -19.11
C MET D 351 -6.47 -75.69 -18.05
N LEU D 352 -7.73 -75.32 -18.25
CA LEU D 352 -8.45 -74.57 -17.23
C LEU D 352 -8.62 -75.38 -15.96
N GLU D 353 -8.69 -76.71 -16.07
CA GLU D 353 -8.67 -77.56 -14.88
C GLU D 353 -7.34 -77.44 -14.15
N ALA D 354 -6.23 -77.30 -14.89
CA ALA D 354 -4.92 -77.25 -14.26
C ALA D 354 -4.70 -75.95 -13.50
N ILE D 355 -5.23 -74.83 -14.02
CA ILE D 355 -5.05 -73.56 -13.32
C ILE D 355 -5.81 -73.57 -11.99
N GLU D 356 -7.06 -74.04 -12.01
CA GLU D 356 -7.84 -74.07 -10.78
C GLU D 356 -7.31 -75.12 -9.81
N ALA D 357 -6.77 -76.23 -10.33
CA ALA D 357 -6.17 -77.24 -9.46
C ALA D 357 -4.82 -76.78 -8.93
N ALA D 358 -4.03 -76.05 -9.74
CA ALA D 358 -2.79 -75.47 -9.24
C ALA D 358 -3.04 -74.33 -8.28
N GLY D 359 -4.25 -73.77 -8.28
CA GLY D 359 -4.61 -72.78 -7.29
C GLY D 359 -4.86 -73.38 -5.92
N GLU D 360 -5.12 -74.69 -5.86
CA GLU D 360 -5.34 -75.42 -4.62
C GLU D 360 -4.07 -76.11 -4.13
N ARG D 361 -3.22 -76.58 -5.04
CA ARG D 361 -1.92 -77.14 -4.67
C ARG D 361 -0.99 -76.09 -4.07
N PHE D 362 -1.37 -74.80 -4.14
CA PHE D 362 -0.57 -73.71 -3.60
C PHE D 362 -1.43 -72.70 -2.83
N ASP D 363 -2.66 -73.09 -2.46
CA ASP D 363 -3.61 -72.23 -1.76
C ASP D 363 -3.51 -70.80 -2.26
N THR D 364 -3.43 -70.66 -3.59
CA THR D 364 -3.31 -69.39 -4.26
C THR D 364 -4.54 -69.18 -5.13
N ARG D 365 -5.19 -68.05 -4.94
CA ARG D 365 -6.46 -67.72 -5.58
C ARG D 365 -6.22 -67.20 -6.99
N ILE D 366 -6.35 -68.07 -7.98
CA ILE D 366 -6.01 -67.74 -9.36
C ILE D 366 -7.24 -67.20 -10.07
N GLY D 367 -7.17 -65.94 -10.49
CA GLY D 367 -8.18 -65.39 -11.38
C GLY D 367 -7.89 -65.75 -12.83
N ASN D 368 -8.95 -65.94 -13.61
CA ASN D 368 -8.82 -66.44 -14.97
C ASN D 368 -9.53 -65.53 -15.96
N ILE D 369 -8.76 -65.01 -16.92
CA ILE D 369 -9.29 -64.44 -18.16
C ILE D 369 -8.50 -65.07 -19.29
N ALA D 370 -9.14 -65.24 -20.45
CA ALA D 370 -8.50 -65.97 -21.52
C ALA D 370 -9.14 -65.63 -22.85
N HIS D 371 -8.32 -65.53 -23.89
CA HIS D 371 -8.81 -65.51 -25.27
C HIS D 371 -9.08 -66.96 -25.65
N ALA D 372 -10.24 -67.44 -25.19
CA ALA D 372 -10.59 -68.85 -25.35
C ALA D 372 -10.84 -69.25 -26.80
N GLY D 373 -10.96 -68.29 -27.72
CA GLY D 373 -11.20 -68.64 -29.11
C GLY D 373 -10.02 -69.28 -29.79
N ASP D 374 -8.81 -69.14 -29.22
CA ASP D 374 -7.61 -69.73 -29.82
C ASP D 374 -6.73 -70.43 -28.80
N GLY D 375 -7.22 -70.62 -27.57
CA GLY D 375 -6.46 -71.35 -26.58
C GLY D 375 -5.39 -70.55 -25.87
N ASN D 376 -5.44 -69.22 -25.93
CA ASN D 376 -4.49 -68.37 -25.24
C ASN D 376 -5.09 -67.98 -23.90
N LEU D 377 -4.49 -68.46 -22.81
CA LEU D 377 -4.99 -68.24 -21.47
C LEU D 377 -4.11 -67.25 -20.72
N HIS D 378 -4.75 -66.44 -19.88
CA HIS D 378 -4.07 -65.49 -19.01
C HIS D 378 -4.41 -65.79 -17.56
N PRO D 379 -3.75 -66.77 -16.94
CA PRO D 379 -3.88 -66.93 -15.49
C PRO D 379 -3.23 -65.75 -14.80
N LEU D 380 -3.87 -65.28 -13.73
CA LEU D 380 -3.38 -64.11 -13.03
C LEU D 380 -3.71 -64.20 -11.56
N PHE D 381 -2.71 -63.89 -10.72
CA PHE D 381 -2.89 -63.83 -9.28
C PHE D 381 -2.44 -62.48 -8.76
N ILE D 382 -3.16 -61.95 -7.79
CA ILE D 382 -2.84 -60.69 -7.15
C ILE D 382 -2.19 -61.02 -5.81
N VAL D 383 -0.96 -60.54 -5.60
CA VAL D 383 -0.20 -60.91 -4.42
C VAL D 383 -0.47 -59.99 -3.25
N PRO D 384 -0.84 -60.53 -2.08
CA PRO D 384 -1.08 -59.69 -0.89
C PRO D 384 0.21 -59.06 -0.41
N ALA D 385 0.22 -57.73 -0.33
CA ALA D 385 1.30 -56.89 0.15
C ALA D 385 2.24 -57.54 1.17
N GLY D 386 1.72 -57.80 2.37
CA GLY D 386 2.55 -58.36 3.42
C GLY D 386 2.87 -59.84 3.28
N ASP D 387 2.05 -60.59 2.56
CA ASP D 387 2.30 -62.03 2.43
C ASP D 387 3.38 -62.29 1.39
N GLU D 388 4.59 -62.58 1.87
CA GLU D 388 5.66 -63.02 1.00
C GLU D 388 5.50 -64.50 0.65
N GLU D 389 4.93 -65.28 1.58
CA GLU D 389 4.83 -66.72 1.37
C GLU D 389 3.91 -67.05 0.20
N ALA D 390 2.77 -66.35 0.09
CA ALA D 390 1.87 -66.54 -1.05
C ALA D 390 2.51 -66.10 -2.36
N LYS D 391 3.47 -65.20 -2.26
CA LYS D 391 4.28 -64.75 -3.38
C LYS D 391 5.13 -65.87 -3.97
N ARG D 392 5.68 -66.74 -3.12
CA ARG D 392 6.51 -67.84 -3.64
C ARG D 392 5.69 -69.11 -3.80
N ARG D 393 4.55 -69.22 -3.13
CA ARG D 393 3.60 -70.25 -3.49
C ARG D 393 3.02 -69.99 -4.87
N ALA D 394 2.67 -68.73 -5.16
CA ALA D 394 2.16 -68.38 -6.48
C ALA D 394 3.24 -68.46 -7.54
N LYS D 395 4.44 -67.95 -7.24
CA LYS D 395 5.54 -67.99 -8.20
C LYS D 395 5.86 -69.43 -8.59
N GLN D 396 5.90 -70.35 -7.61
CA GLN D 396 6.04 -71.76 -7.93
C GLN D 396 4.82 -72.29 -8.67
N ALA D 397 3.63 -71.74 -8.36
CA ALA D 397 2.41 -72.18 -9.03
C ALA D 397 2.38 -71.76 -10.50
N PHE D 398 2.82 -70.54 -10.79
CA PHE D 398 2.84 -70.09 -12.17
C PHE D 398 3.98 -70.72 -12.99
N GLU D 399 4.94 -71.36 -12.34
CA GLU D 399 5.91 -72.16 -13.09
C GLU D 399 5.37 -73.54 -13.40
N VAL D 400 4.53 -74.09 -12.52
CA VAL D 400 3.88 -75.37 -12.80
C VAL D 400 2.84 -75.20 -13.89
N ILE D 401 2.29 -73.99 -14.04
CA ILE D 401 1.34 -73.73 -15.12
C ILE D 401 2.05 -73.79 -16.47
N VAL D 402 3.20 -73.13 -16.57
CA VAL D 402 3.97 -73.14 -17.81
C VAL D 402 4.54 -74.53 -18.09
N ASP D 403 5.11 -75.18 -17.08
CA ASP D 403 5.69 -76.50 -17.31
C ASP D 403 4.64 -77.54 -17.67
N GLU D 404 3.42 -77.38 -17.17
CA GLU D 404 2.37 -78.32 -17.56
C GLU D 404 1.79 -77.96 -18.93
N ALA D 405 1.67 -76.66 -19.22
CA ALA D 405 1.16 -76.23 -20.52
C ALA D 405 2.10 -76.64 -21.65
N LEU D 406 3.39 -76.78 -21.36
CA LEU D 406 4.33 -77.23 -22.39
C LEU D 406 4.15 -78.71 -22.71
N ALA D 407 3.86 -79.52 -21.69
CA ALA D 407 3.69 -80.96 -21.91
C ALA D 407 2.42 -81.24 -22.70
N VAL D 408 1.43 -80.35 -22.61
CA VAL D 408 0.20 -80.52 -23.37
C VAL D 408 0.43 -80.29 -24.87
N GLY D 409 1.45 -79.52 -25.23
CA GLY D 409 1.76 -79.27 -26.62
C GLY D 409 1.65 -77.81 -27.01
N GLY D 410 1.68 -76.93 -26.02
CA GLY D 410 1.54 -75.51 -26.23
C GLY D 410 2.86 -74.77 -26.23
N THR D 411 2.76 -73.44 -26.06
CA THR D 411 3.91 -72.56 -26.06
C THR D 411 3.91 -71.71 -24.79
N VAL D 412 5.09 -71.22 -24.42
CA VAL D 412 5.23 -70.54 -23.13
C VAL D 412 4.54 -69.19 -23.16
N THR D 413 4.48 -68.54 -24.32
CA THR D 413 3.83 -67.23 -24.44
C THR D 413 3.10 -67.12 -25.77
N GLY D 414 1.98 -66.40 -25.75
CA GLY D 414 1.15 -66.22 -26.92
C GLY D 414 1.07 -64.80 -27.45
N GLU D 415 1.27 -63.80 -26.58
CA GLU D 415 1.16 -62.40 -26.97
C GLU D 415 2.05 -61.51 -26.10
N HIS D 416 2.19 -61.85 -24.82
CA HIS D 416 2.96 -61.01 -23.93
C HIS D 416 4.45 -61.03 -24.23
N GLY D 417 4.93 -62.01 -24.98
CA GLY D 417 6.34 -62.12 -25.27
C GLY D 417 7.11 -62.78 -24.14
N VAL D 418 8.36 -63.14 -24.44
CA VAL D 418 9.20 -63.81 -23.44
C VAL D 418 9.70 -62.81 -22.41
N GLY D 419 10.41 -61.78 -22.86
CA GLY D 419 10.89 -60.75 -21.95
C GLY D 419 11.86 -61.32 -20.93
N LEU D 420 11.55 -61.16 -19.65
CA LEU D 420 12.40 -61.67 -18.58
C LEU D 420 11.73 -62.75 -17.73
N LEU D 421 10.47 -62.54 -17.34
CA LEU D 421 9.81 -63.45 -16.39
C LEU D 421 9.49 -64.81 -16.98
N LYS D 422 9.55 -64.97 -18.31
CA LYS D 422 9.21 -66.22 -18.97
C LYS D 422 10.41 -66.73 -19.76
N MET D 423 11.62 -66.36 -19.31
CA MET D 423 12.86 -66.66 -20.00
C MET D 423 13.28 -68.12 -19.84
N ARG D 424 13.14 -68.67 -18.63
CA ARG D 424 13.45 -70.07 -18.38
C ARG D 424 12.55 -70.98 -19.20
N GLY D 425 11.29 -71.13 -18.80
CA GLY D 425 10.30 -71.90 -19.53
C GLY D 425 10.41 -71.85 -21.04
N ALA D 426 10.74 -70.68 -21.59
CA ALA D 426 10.92 -70.56 -23.04
C ALA D 426 12.14 -71.35 -23.51
N ALA D 427 13.22 -71.33 -22.73
CA ALA D 427 14.40 -72.12 -23.09
C ALA D 427 14.10 -73.61 -23.08
N ASP D 428 13.19 -74.06 -22.21
CA ASP D 428 12.83 -75.47 -22.18
C ASP D 428 12.00 -75.87 -23.39
N GLU D 429 11.14 -74.97 -23.86
CA GLU D 429 10.33 -75.28 -25.04
C GLU D 429 11.18 -75.31 -26.29
N LEU D 430 11.99 -74.27 -26.52
CA LEU D 430 12.79 -74.18 -27.72
C LEU D 430 13.86 -75.27 -27.76
N GLY D 431 14.44 -75.61 -26.61
CA GLY D 431 15.46 -76.63 -26.55
C GLY D 431 16.85 -76.09 -26.84
N PRO D 432 17.87 -76.97 -26.73
CA PRO D 432 19.25 -76.48 -26.86
C PRO D 432 19.64 -76.10 -28.27
N HIS D 433 19.20 -76.85 -29.29
CA HIS D 433 19.61 -76.56 -30.65
C HIS D 433 18.97 -75.27 -31.17
N VAL D 434 17.70 -75.05 -30.86
CA VAL D 434 17.03 -73.83 -31.30
C VAL D 434 17.65 -72.63 -30.59
N LEU D 435 18.05 -72.81 -29.33
CA LEU D 435 18.77 -71.75 -28.62
C LEU D 435 20.09 -71.44 -29.30
N ALA D 436 20.76 -72.47 -29.84
CA ALA D 436 22.00 -72.25 -30.58
C ALA D 436 21.77 -71.40 -31.83
N MET D 437 20.66 -71.63 -32.53
CA MET D 437 20.34 -70.82 -33.69
C MET D 437 20.02 -69.39 -33.31
N HIS D 438 19.42 -69.18 -32.13
CA HIS D 438 19.09 -67.83 -31.70
C HIS D 438 20.33 -66.99 -31.49
N ARG D 439 21.33 -67.52 -30.76
CA ARG D 439 22.58 -66.76 -30.61
C ARG D 439 23.28 -66.57 -31.94
N ALA D 440 23.19 -67.56 -32.83
CA ALA D 440 23.80 -67.43 -34.15
C ALA D 440 23.14 -66.33 -34.96
N VAL D 441 21.81 -66.23 -34.89
CA VAL D 441 21.10 -65.18 -35.62
C VAL D 441 21.42 -63.81 -35.03
N LYS D 442 21.25 -63.67 -33.71
CA LYS D 442 21.54 -62.39 -33.06
C LYS D 442 23.00 -62.01 -33.23
N GLY D 443 23.90 -62.99 -33.21
CA GLY D 443 25.31 -62.71 -33.45
C GLY D 443 25.58 -62.18 -34.85
N ALA D 444 24.77 -62.60 -35.83
CA ALA D 444 25.00 -62.17 -37.21
C ALA D 444 24.48 -60.75 -37.46
N LEU D 445 23.30 -60.42 -36.92
CA LEU D 445 22.71 -59.10 -37.14
C LEU D 445 23.10 -58.08 -36.08
N ASP D 446 23.61 -58.53 -34.93
CA ASP D 446 24.09 -57.64 -33.88
C ASP D 446 25.48 -58.12 -33.46
N PRO D 447 26.50 -57.84 -34.28
CA PRO D 447 27.84 -58.34 -33.95
C PRO D 447 28.43 -57.71 -32.70
N ALA D 448 27.99 -56.50 -32.33
CA ALA D 448 28.48 -55.88 -31.11
C ALA D 448 27.71 -56.34 -29.87
N GLY D 449 26.55 -56.96 -30.05
CA GLY D 449 25.77 -57.45 -28.93
C GLY D 449 25.16 -56.36 -28.06
N ILE D 450 24.68 -55.28 -28.67
CA ILE D 450 24.18 -54.14 -27.92
C ILE D 450 22.65 -54.08 -27.85
N PHE D 451 21.95 -54.76 -28.75
CA PHE D 451 20.49 -54.67 -28.86
C PHE D 451 19.83 -55.57 -27.82
N ASN D 452 19.50 -54.98 -26.68
CA ASN D 452 18.75 -55.59 -25.58
C ASN D 452 19.22 -57.00 -25.23
N PRO D 453 20.43 -57.17 -24.73
CA PRO D 453 20.92 -58.52 -24.43
C PRO D 453 20.34 -59.02 -23.11
N GLY D 454 20.00 -60.31 -23.08
CA GLY D 454 19.48 -60.91 -21.87
C GLY D 454 17.96 -60.95 -21.71
N LYS D 455 17.20 -60.89 -22.80
CA LYS D 455 15.75 -60.99 -22.70
C LYS D 455 15.21 -62.30 -23.26
N VAL D 456 15.01 -62.41 -24.57
CA VAL D 456 14.42 -63.61 -25.16
C VAL D 456 15.22 -64.83 -24.74
N PHE D 457 16.48 -64.87 -25.13
CA PHE D 457 17.42 -65.90 -24.72
C PHE D 457 18.61 -65.27 -24.02
N ALA D 458 19.38 -66.09 -23.30
CA ALA D 458 20.52 -65.63 -22.53
C ALA D 458 21.80 -65.91 -23.32
N LEU D 459 22.58 -64.87 -23.57
CA LEU D 459 23.88 -65.04 -24.21
C LEU D 459 24.82 -65.80 -23.29
N GLU D 460 25.54 -66.76 -23.86
CA GLU D 460 26.48 -67.58 -23.10
C GLU D 460 27.63 -66.75 -22.54
N GLY E 3 33.81 11.13 -55.99
CA GLY E 3 33.21 9.84 -55.71
C GLY E 3 32.10 9.45 -56.68
N VAL E 4 31.61 8.22 -56.52
CA VAL E 4 30.53 7.70 -57.36
C VAL E 4 29.21 8.46 -57.19
N VAL E 5 29.00 9.17 -56.08
CA VAL E 5 27.69 9.78 -55.86
C VAL E 5 27.50 10.99 -56.75
N GLU E 6 28.55 11.80 -56.90
CA GLU E 6 28.46 13.00 -57.72
C GLU E 6 28.21 12.68 -59.18
N GLU E 7 28.76 11.56 -59.68
CA GLU E 7 28.62 11.24 -61.10
C GLU E 7 27.17 10.90 -61.46
N LEU E 8 26.45 10.24 -60.55
CA LEU E 8 25.03 10.00 -60.79
C LEU E 8 24.28 11.33 -60.88
N VAL E 9 24.63 12.28 -60.01
CA VAL E 9 24.02 13.61 -60.05
C VAL E 9 24.52 14.39 -61.26
N ALA E 10 25.73 14.10 -61.74
CA ALA E 10 26.27 14.81 -62.89
C ALA E 10 25.67 14.34 -64.21
N ALA E 11 25.08 13.14 -64.25
CA ALA E 11 24.44 12.65 -65.47
C ALA E 11 22.96 12.99 -65.47
N ILE E 12 22.24 12.53 -64.45
CA ILE E 12 20.81 12.79 -64.30
C ILE E 12 20.53 13.04 -62.83
N GLY E 13 20.76 14.27 -62.38
CA GLY E 13 20.70 14.54 -60.95
C GLY E 13 19.55 15.38 -60.45
N ALA E 14 19.88 16.35 -59.60
CA ALA E 14 18.96 17.31 -58.99
C ALA E 14 17.86 16.63 -58.17
N GLU E 15 16.89 16.02 -58.83
CA GLU E 15 15.79 15.35 -58.15
C GLU E 15 15.81 13.83 -58.33
N GLN E 16 16.84 13.29 -58.98
CA GLN E 16 16.92 11.86 -59.17
C GLN E 16 17.76 11.15 -58.12
N VAL E 17 18.80 11.80 -57.61
CA VAL E 17 19.71 11.20 -56.63
C VAL E 17 19.29 11.64 -55.24
N VAL E 18 19.07 10.67 -54.35
CA VAL E 18 18.68 10.93 -52.97
C VAL E 18 19.79 10.44 -52.06
N THR E 19 20.14 11.25 -51.06
CA THR E 19 21.17 10.92 -50.10
C THR E 19 20.76 11.08 -48.65
N ASP E 20 19.56 11.59 -48.38
CA ASP E 20 19.11 11.76 -46.99
C ASP E 20 18.94 10.40 -46.34
N PRO E 21 19.70 10.08 -45.29
CA PRO E 21 19.59 8.75 -44.69
C PRO E 21 18.25 8.47 -44.02
N ALA E 22 17.48 9.50 -43.67
CA ALA E 22 16.19 9.24 -43.02
C ALA E 22 15.07 8.94 -44.02
N VAL E 23 15.08 9.56 -45.20
CA VAL E 23 14.01 9.33 -46.18
C VAL E 23 14.44 8.31 -47.24
N MET E 24 15.57 7.64 -47.03
CA MET E 24 16.09 6.69 -48.01
C MET E 24 16.18 5.26 -47.50
N GLU E 25 16.24 5.05 -46.19
CA GLU E 25 16.34 3.70 -45.65
C GLU E 25 15.06 2.92 -45.89
N GLY E 26 13.92 3.60 -46.02
CA GLY E 26 12.67 2.92 -46.30
C GLY E 26 12.59 2.34 -47.70
N TYR E 27 13.58 2.62 -48.53
CA TYR E 27 13.68 2.09 -49.89
C TYR E 27 14.68 0.96 -49.98
N SER E 28 15.34 0.61 -48.87
CA SER E 28 16.43 -0.36 -48.86
C SER E 28 16.00 -1.73 -48.36
N HIS E 29 14.71 -1.94 -48.10
CA HIS E 29 14.24 -3.24 -47.64
C HIS E 29 12.76 -3.39 -47.99
N ASP E 30 12.32 -4.63 -48.10
CA ASP E 30 10.92 -4.95 -48.27
C ASP E 30 10.34 -5.40 -46.93
N GLU E 31 9.20 -6.09 -46.96
CA GLU E 31 8.54 -6.52 -45.73
C GLU E 31 9.14 -7.80 -45.15
N ALA E 32 10.21 -8.33 -45.72
CA ALA E 32 10.93 -9.45 -45.12
C ALA E 32 11.64 -8.96 -43.86
N GLU E 33 11.32 -9.57 -42.72
CA GLU E 33 11.83 -9.09 -41.44
C GLU E 33 13.30 -9.43 -41.22
N TRP E 34 13.61 -10.71 -41.08
CA TRP E 34 14.99 -11.16 -40.86
C TRP E 34 15.76 -11.39 -42.15
N ALA E 35 15.62 -10.47 -43.11
CA ALA E 35 16.36 -10.51 -44.35
C ALA E 35 17.35 -9.35 -44.32
N PRO E 36 18.66 -9.63 -44.32
CA PRO E 36 19.66 -8.58 -44.12
C PRO E 36 19.64 -7.46 -45.15
N TYR E 37 19.22 -6.27 -44.73
CA TYR E 37 19.32 -5.08 -45.56
C TYR E 37 20.27 -4.10 -44.86
N ASP E 38 20.64 -3.05 -45.57
CA ASP E 38 21.60 -2.10 -45.02
C ASP E 38 21.46 -0.77 -45.75
N ALA E 39 22.20 0.22 -45.29
CA ALA E 39 22.14 1.56 -45.89
C ALA E 39 22.85 1.61 -47.24
N PRO E 40 22.13 1.91 -48.32
CA PRO E 40 22.77 2.04 -49.64
C PRO E 40 23.49 3.38 -49.78
N ALA E 41 24.20 3.53 -50.89
CA ALA E 41 24.89 4.78 -51.18
C ALA E 41 23.96 5.85 -51.73
N ALA E 42 23.12 5.50 -52.70
CA ALA E 42 22.20 6.44 -53.30
C ALA E 42 20.93 5.72 -53.71
N VAL E 43 19.81 6.46 -53.64
CA VAL E 43 18.52 5.96 -54.10
C VAL E 43 18.10 6.82 -55.29
N VAL E 44 18.18 6.24 -56.47
CA VAL E 44 17.83 6.94 -57.70
C VAL E 44 16.34 6.76 -57.97
N ARG E 45 15.69 7.82 -58.43
CA ARG E 45 14.29 7.80 -58.85
C ARG E 45 14.26 8.20 -60.31
N PRO E 46 14.56 7.27 -61.22
CA PRO E 46 14.65 7.61 -62.64
C PRO E 46 13.31 8.04 -63.19
N ARG E 47 13.38 8.86 -64.25
CA ARG E 47 12.20 9.45 -64.88
C ARG E 47 11.73 8.70 -66.11
N ASP E 48 12.65 8.24 -66.96
CA ASP E 48 12.33 7.48 -68.15
C ASP E 48 13.41 6.42 -68.36
N THR E 49 13.26 5.66 -69.44
CA THR E 49 14.22 4.59 -69.74
C THR E 49 15.63 5.14 -69.87
N ALA E 50 15.77 6.38 -70.37
CA ALA E 50 17.08 6.97 -70.55
C ALA E 50 17.81 7.11 -69.22
N ASP E 51 17.10 7.48 -68.16
CA ASP E 51 17.74 7.65 -66.85
C ASP E 51 18.26 6.32 -66.30
N VAL E 52 17.51 5.23 -66.51
CA VAL E 52 18.01 3.93 -66.07
C VAL E 52 19.24 3.54 -66.86
N ALA E 53 19.25 3.86 -68.15
CA ALA E 53 20.43 3.62 -68.98
C ALA E 53 21.61 4.46 -68.51
N GLU E 54 21.35 5.53 -67.75
CA GLU E 54 22.42 6.36 -67.23
C GLU E 54 23.01 5.77 -65.95
N VAL E 55 22.15 5.26 -65.07
CA VAL E 55 22.61 4.69 -63.81
C VAL E 55 23.39 3.39 -64.05
N VAL E 56 22.93 2.56 -64.99
CA VAL E 56 23.59 1.28 -65.22
C VAL E 56 24.96 1.45 -65.85
N ARG E 57 25.12 2.43 -66.76
CA ARG E 57 26.40 2.59 -67.43
C ARG E 57 27.49 3.03 -66.45
N ILE E 58 27.15 3.94 -65.54
CA ILE E 58 28.13 4.37 -64.54
C ILE E 58 28.48 3.21 -63.62
N CYS E 59 27.48 2.47 -63.16
CA CYS E 59 27.70 1.40 -62.20
C CYS E 59 28.37 0.18 -62.80
N ALA E 60 28.24 -0.04 -64.12
CA ALA E 60 28.90 -1.18 -64.74
C ALA E 60 30.41 -1.03 -64.75
N GLY E 61 30.90 0.19 -64.91
CA GLY E 61 32.32 0.47 -64.87
C GLY E 61 32.91 0.55 -63.49
N ARG E 62 32.08 0.40 -62.46
CA ARG E 62 32.51 0.53 -61.07
C ARG E 62 32.27 -0.72 -60.24
N GLY E 63 31.50 -1.69 -60.72
CA GLY E 63 31.21 -2.87 -59.93
C GLY E 63 30.33 -2.63 -58.74
N VAL E 64 29.60 -1.51 -58.71
CA VAL E 64 28.70 -1.19 -57.62
C VAL E 64 27.34 -1.82 -57.90
N ALA E 65 26.78 -2.49 -56.90
CA ALA E 65 25.54 -3.24 -57.10
C ALA E 65 24.35 -2.32 -57.28
N VAL E 66 23.42 -2.74 -58.13
CA VAL E 66 22.18 -2.02 -58.40
C VAL E 66 21.03 -2.98 -58.14
N VAL E 67 20.11 -2.59 -57.26
CA VAL E 67 18.92 -3.39 -56.96
C VAL E 67 17.69 -2.57 -57.34
N GLY E 68 16.92 -3.07 -58.29
CA GLY E 68 15.68 -2.41 -58.64
C GLY E 68 14.64 -2.55 -57.54
N ARG E 69 13.73 -1.59 -57.48
CA ARG E 69 12.69 -1.60 -56.47
C ARG E 69 11.40 -1.03 -57.04
N GLY E 70 10.30 -1.76 -56.85
CA GLY E 70 8.99 -1.27 -57.19
C GLY E 70 8.31 -0.61 -56.00
N ALA E 71 7.51 -1.39 -55.27
CA ALA E 71 6.84 -0.89 -54.08
C ALA E 71 7.39 -1.47 -52.78
N GLY E 72 8.39 -2.35 -52.86
CA GLY E 72 8.97 -2.92 -51.66
C GLY E 72 8.01 -3.78 -50.86
N THR E 73 7.24 -4.64 -51.53
CA THR E 73 6.28 -5.50 -50.87
C THR E 73 6.70 -6.97 -50.87
N GLY E 74 7.94 -7.26 -51.23
CA GLY E 74 8.40 -8.64 -51.24
C GLY E 74 8.47 -9.23 -49.84
N LEU E 75 8.33 -10.55 -49.77
CA LEU E 75 8.43 -11.28 -48.51
C LEU E 75 9.66 -12.18 -48.46
N SER E 76 10.61 -12.00 -49.37
CA SER E 76 11.83 -12.79 -49.38
C SER E 76 13.08 -11.92 -49.40
N GLY E 77 12.96 -10.62 -49.17
CA GLY E 77 14.12 -9.75 -49.20
C GLY E 77 14.70 -9.56 -50.57
N ALA E 78 13.90 -9.74 -51.63
CA ALA E 78 14.41 -9.66 -52.99
C ALA E 78 14.86 -8.25 -53.36
N ALA E 79 14.34 -7.23 -52.70
CA ALA E 79 14.71 -5.85 -52.99
C ALA E 79 15.60 -5.23 -51.92
N ASN E 80 16.08 -6.04 -50.97
CA ASN E 80 16.91 -5.49 -49.91
C ASN E 80 18.25 -5.04 -50.47
N ALA E 81 18.70 -3.87 -50.03
CA ALA E 81 19.93 -3.26 -50.52
C ALA E 81 21.11 -3.59 -49.59
N GLY E 82 22.31 -3.33 -50.10
CA GLY E 82 23.53 -3.52 -49.35
C GLY E 82 24.30 -2.21 -49.22
N ARG E 83 25.38 -2.26 -48.44
CA ARG E 83 26.20 -1.07 -48.22
C ARG E 83 26.79 -0.55 -49.53
N GLY E 84 26.36 0.63 -49.96
CA GLY E 84 26.86 1.24 -51.16
C GLY E 84 26.09 0.90 -52.41
N TRP E 85 25.03 0.11 -52.32
CA TRP E 85 24.25 -0.24 -53.49
C TRP E 85 23.49 0.99 -53.99
N VAL E 86 22.85 0.83 -55.14
CA VAL E 86 22.02 1.88 -55.73
C VAL E 86 20.63 1.29 -55.88
N VAL E 87 19.65 1.91 -55.22
CA VAL E 87 18.27 1.43 -55.24
C VAL E 87 17.55 2.26 -56.30
N VAL E 88 17.35 1.66 -57.47
CA VAL E 88 16.60 2.30 -58.54
C VAL E 88 15.13 2.07 -58.27
N SER E 89 14.41 3.13 -57.90
CA SER E 89 13.00 3.05 -57.56
C SER E 89 12.21 3.46 -58.79
N PHE E 90 11.45 2.52 -59.36
CA PHE E 90 10.69 2.77 -60.56
C PHE E 90 9.34 3.39 -60.24
N GLU E 91 9.27 4.11 -59.12
CA GLU E 91 8.01 4.70 -58.68
C GLU E 91 7.60 5.89 -59.54
N ARG E 92 8.54 6.44 -60.33
CA ARG E 92 8.23 7.55 -61.21
C ARG E 92 7.79 7.10 -62.59
N MET E 93 8.00 5.83 -62.94
CA MET E 93 7.54 5.27 -64.20
C MET E 93 6.29 4.45 -63.86
N ASN E 94 5.18 5.14 -63.69
CA ASN E 94 3.94 4.53 -63.22
C ASN E 94 2.78 4.91 -64.13
N ARG E 95 3.03 4.92 -65.43
CA ARG E 95 2.01 5.22 -66.42
C ARG E 95 1.68 3.98 -67.25
N VAL E 96 0.43 3.88 -67.66
CA VAL E 96 0.00 2.88 -68.63
C VAL E 96 0.13 3.52 -70.00
N LEU E 97 1.03 2.99 -70.83
CA LEU E 97 1.44 3.69 -72.03
C LEU E 97 0.67 3.27 -73.28
N GLU E 98 -0.35 2.41 -73.15
CA GLU E 98 -1.14 1.94 -74.28
C GLU E 98 -2.14 0.88 -73.85
N VAL E 99 -3.32 0.88 -74.48
CA VAL E 99 -4.27 -0.22 -74.34
C VAL E 99 -4.78 -0.56 -75.74
N ASP E 100 -4.06 -1.43 -76.43
CA ASP E 100 -4.42 -1.82 -77.80
C ASP E 100 -5.68 -2.65 -77.76
N THR E 101 -6.81 -2.06 -78.14
CA THR E 101 -8.10 -2.74 -77.99
C THR E 101 -8.29 -3.85 -79.03
N VAL E 102 -7.76 -3.67 -80.24
CA VAL E 102 -7.91 -4.71 -81.25
C VAL E 102 -6.89 -5.81 -81.06
N GLN E 103 -5.66 -5.46 -80.68
CA GLN E 103 -4.63 -6.45 -80.40
C GLN E 103 -4.80 -7.10 -79.04
N GLN E 104 -5.56 -6.50 -78.13
CA GLN E 104 -5.77 -7.01 -76.78
C GLN E 104 -4.44 -7.13 -76.03
N THR E 105 -3.68 -6.03 -76.01
CA THR E 105 -2.44 -5.96 -75.28
C THR E 105 -2.37 -4.66 -74.50
N VAL E 106 -1.51 -4.64 -73.48
CA VAL E 106 -1.24 -3.45 -72.71
C VAL E 106 0.26 -3.30 -72.56
N THR E 107 0.73 -2.06 -72.53
CA THR E 107 2.15 -1.74 -72.35
C THR E 107 2.27 -0.80 -71.17
N VAL E 108 2.92 -1.27 -70.10
CA VAL E 108 3.00 -0.55 -68.84
C VAL E 108 4.45 -0.41 -68.42
N GLN E 109 4.69 0.58 -67.61
CA GLN E 109 5.95 0.92 -66.97
C GLN E 109 6.10 0.15 -65.66
N PRO E 110 7.34 -0.11 -65.23
CA PRO E 110 7.55 -1.02 -64.09
C PRO E 110 6.96 -0.54 -62.78
N GLY E 111 6.51 0.72 -62.68
CA GLY E 111 5.94 1.24 -61.46
C GLY E 111 4.44 1.13 -61.33
N VAL E 112 3.75 0.70 -62.39
CA VAL E 112 2.28 0.64 -62.37
C VAL E 112 1.82 -0.41 -61.37
N VAL E 113 0.85 -0.03 -60.54
CA VAL E 113 0.28 -0.96 -59.56
C VAL E 113 -0.61 -1.96 -60.30
N ASN E 114 -0.70 -3.19 -59.75
CA ASN E 114 -1.42 -4.26 -60.43
C ASN E 114 -2.89 -3.89 -60.67
N ASP E 115 -3.59 -3.45 -59.63
CA ASP E 115 -4.99 -3.07 -59.81
C ASP E 115 -5.09 -1.81 -60.66
N ASP E 116 -4.19 -0.86 -60.47
CA ASP E 116 -4.20 0.32 -61.34
C ASP E 116 -4.16 -0.11 -62.80
N LEU E 117 -3.47 -1.22 -63.09
CA LEU E 117 -3.47 -1.78 -64.43
C LEU E 117 -4.80 -2.44 -64.75
N ARG E 118 -5.31 -3.27 -63.84
CA ARG E 118 -6.55 -3.98 -64.10
C ARG E 118 -7.74 -3.03 -64.19
N ALA E 119 -7.76 -1.99 -63.34
CA ALA E 119 -8.82 -1.01 -63.42
C ALA E 119 -8.79 -0.25 -64.74
N ARG E 120 -7.59 0.05 -65.23
CA ARG E 120 -7.46 0.78 -66.49
C ARG E 120 -7.97 -0.04 -67.66
N VAL E 121 -7.54 -1.30 -67.74
CA VAL E 121 -7.97 -2.16 -68.85
C VAL E 121 -9.44 -2.54 -68.73
N ALA E 122 -10.02 -2.45 -67.53
CA ALA E 122 -11.44 -2.73 -67.37
C ALA E 122 -12.31 -1.71 -68.08
N GLN E 123 -11.81 -0.48 -68.22
CA GLN E 123 -12.58 0.55 -68.92
C GLN E 123 -12.79 0.19 -70.39
N ASP E 124 -11.87 -0.59 -70.96
CA ASP E 124 -11.96 -1.00 -72.36
C ASP E 124 -12.46 -2.44 -72.50
N GLY E 125 -13.14 -2.97 -71.48
CA GLY E 125 -13.69 -4.30 -71.54
C GLY E 125 -12.67 -5.41 -71.54
N LEU E 126 -11.44 -5.13 -71.12
CA LEU E 126 -10.37 -6.12 -71.07
C LEU E 126 -10.00 -6.40 -69.61
N TRP E 127 -9.32 -7.53 -69.41
CA TRP E 127 -9.02 -8.02 -68.08
C TRP E 127 -7.59 -8.53 -67.99
N TYR E 128 -6.92 -8.20 -66.89
CA TYR E 128 -5.60 -8.74 -66.60
C TYR E 128 -5.71 -9.75 -65.46
N PRO E 129 -5.63 -11.05 -65.74
CA PRO E 129 -5.98 -12.07 -64.74
C PRO E 129 -5.08 -12.08 -63.52
N PRO E 130 -3.75 -12.13 -63.65
CA PRO E 130 -2.91 -12.38 -62.47
C PRO E 130 -3.15 -11.37 -61.36
N ASP E 131 -3.66 -11.87 -60.23
CA ASP E 131 -4.02 -11.04 -59.08
C ASP E 131 -3.29 -11.51 -57.82
N PRO E 132 -2.03 -11.13 -57.65
CA PRO E 132 -1.29 -11.54 -56.45
C PRO E 132 -1.78 -10.82 -55.20
N ALA E 133 -1.41 -11.39 -54.06
CA ALA E 133 -1.82 -10.89 -52.74
C ALA E 133 -1.54 -9.41 -52.53
N SER E 134 -0.68 -8.81 -53.35
CA SER E 134 -0.39 -7.39 -53.26
C SER E 134 -0.93 -6.61 -54.45
N SER E 135 -2.13 -6.99 -54.89
CA SER E 135 -2.73 -6.29 -56.03
C SER E 135 -2.94 -4.79 -55.78
N PRO E 136 -3.32 -4.33 -54.57
CA PRO E 136 -3.37 -2.88 -54.36
C PRO E 136 -2.02 -2.24 -54.10
N TRP E 137 -0.93 -3.00 -54.10
CA TRP E 137 0.34 -2.39 -53.69
C TRP E 137 1.49 -2.68 -54.64
N SER E 138 1.60 -3.90 -55.15
CA SER E 138 2.77 -4.29 -55.92
C SER E 138 2.76 -3.67 -57.31
N THR E 139 3.95 -3.56 -57.88
CA THR E 139 4.15 -3.01 -59.21
C THR E 139 4.34 -4.14 -60.22
N ILE E 140 4.06 -3.82 -61.48
CA ILE E 140 4.25 -4.81 -62.55
C ILE E 140 5.72 -5.17 -62.67
N GLY E 141 6.61 -4.18 -62.51
CA GLY E 141 8.03 -4.47 -62.51
C GLY E 141 8.40 -5.49 -61.46
N GLY E 142 7.75 -5.42 -60.30
CA GLY E 142 7.96 -6.44 -59.29
C GLY E 142 7.31 -7.77 -59.64
N ASN E 143 6.07 -7.72 -60.14
CA ASN E 143 5.38 -8.96 -60.51
C ASN E 143 6.06 -9.67 -61.67
N VAL E 144 6.64 -8.93 -62.61
CA VAL E 144 7.33 -9.59 -63.72
C VAL E 144 8.63 -10.21 -63.24
N ALA E 145 9.37 -9.50 -62.37
CA ALA E 145 10.64 -10.01 -61.89
C ALA E 145 10.45 -11.15 -60.89
N THR E 146 9.31 -11.18 -60.21
CA THR E 146 9.00 -12.25 -59.25
C THR E 146 8.14 -13.34 -59.86
N ASN E 147 7.58 -13.13 -61.05
CA ASN E 147 6.66 -14.07 -61.69
C ASN E 147 5.52 -14.42 -60.74
N ALA E 148 4.87 -13.37 -60.22
CA ALA E 148 3.86 -13.53 -59.19
C ALA E 148 2.60 -14.18 -59.74
N GLY E 149 1.95 -14.99 -58.89
CA GLY E 149 0.72 -15.66 -59.23
C GLY E 149 -0.42 -15.20 -58.35
N GLY E 150 -1.64 -15.55 -58.78
CA GLY E 150 -2.84 -15.16 -58.08
C GLY E 150 -3.76 -16.31 -57.72
N LEU E 151 -5.02 -15.98 -57.45
CA LEU E 151 -6.03 -16.99 -57.12
C LEU E 151 -6.57 -17.67 -58.37
N CYS E 152 -6.64 -16.94 -59.48
CA CYS E 152 -7.13 -17.48 -60.73
C CYS E 152 -6.04 -18.18 -61.52
N CYS E 153 -4.94 -18.55 -60.86
CA CYS E 153 -3.87 -19.28 -61.51
C CYS E 153 -4.25 -20.72 -61.80
N VAL E 154 -5.23 -21.27 -61.10
CA VAL E 154 -5.63 -22.66 -61.31
C VAL E 154 -6.40 -22.78 -62.63
N LYS E 155 -6.50 -21.69 -63.38
CA LYS E 155 -7.10 -21.75 -64.70
C LYS E 155 -6.46 -20.80 -65.70
N TYR E 156 -5.87 -19.68 -65.27
CA TYR E 156 -5.30 -18.71 -66.19
C TYR E 156 -3.78 -18.57 -66.10
N GLY E 157 -3.16 -19.08 -65.03
CA GLY E 157 -1.72 -19.07 -64.95
C GLY E 157 -1.20 -17.89 -64.17
N VAL E 158 0.12 -17.79 -64.13
CA VAL E 158 0.82 -16.77 -63.37
C VAL E 158 1.10 -15.57 -64.26
N THR E 159 1.91 -14.64 -63.77
CA THR E 159 2.23 -13.43 -64.55
C THR E 159 2.91 -13.79 -65.86
N ARG E 160 3.73 -14.84 -65.84
CA ARG E 160 4.43 -15.31 -67.03
C ARG E 160 3.48 -15.55 -68.20
N ASP E 161 2.27 -16.02 -67.93
CA ASP E 161 1.34 -16.32 -69.01
C ASP E 161 0.88 -15.09 -69.80
N TYR E 162 1.36 -13.89 -69.47
CA TYR E 162 0.89 -12.70 -70.17
C TYR E 162 1.99 -11.75 -70.58
N VAL E 163 3.25 -12.02 -70.23
CA VAL E 163 4.35 -11.15 -70.64
C VAL E 163 4.74 -11.51 -72.07
N LEU E 164 4.51 -10.59 -73.00
CA LEU E 164 4.83 -10.80 -74.41
C LEU E 164 6.22 -10.28 -74.76
N GLY E 165 6.55 -9.07 -74.33
CA GLY E 165 7.84 -8.49 -74.61
C GLY E 165 8.17 -7.46 -73.56
N MET E 166 9.38 -6.90 -73.66
CA MET E 166 9.83 -5.95 -72.66
C MET E 166 11.02 -5.17 -73.17
N GLU E 167 11.27 -4.03 -72.54
CA GLU E 167 12.45 -3.21 -72.77
C GLU E 167 13.23 -3.16 -71.48
N ALA E 168 14.46 -3.68 -71.51
CA ALA E 168 15.30 -3.78 -70.33
C ALA E 168 16.64 -3.10 -70.58
N VAL E 169 17.34 -2.81 -69.50
CA VAL E 169 18.69 -2.24 -69.54
C VAL E 169 19.64 -3.28 -68.98
N VAL E 170 20.50 -3.84 -69.83
CA VAL E 170 21.34 -4.96 -69.43
C VAL E 170 22.81 -4.63 -69.64
N GLY E 171 23.65 -5.66 -69.62
CA GLY E 171 25.07 -5.51 -69.94
C GLY E 171 25.74 -4.38 -69.17
N SER E 172 26.51 -3.59 -69.90
CA SER E 172 27.17 -2.41 -69.36
C SER E 172 26.28 -1.17 -69.43
N GLY E 173 25.02 -1.33 -69.82
CA GLY E 173 24.10 -0.22 -69.87
C GLY E 173 23.32 -0.12 -71.17
N GLU E 174 23.30 -1.22 -71.93
CA GLU E 174 22.61 -1.23 -73.22
C GLU E 174 21.11 -1.38 -73.02
N VAL E 175 20.34 -0.51 -73.67
CA VAL E 175 18.88 -0.63 -73.71
C VAL E 175 18.53 -1.56 -74.86
N VAL E 176 17.86 -2.68 -74.54
CA VAL E 176 17.50 -3.68 -75.53
C VAL E 176 16.02 -3.96 -75.46
N ARG E 177 15.45 -4.33 -76.60
CA ARG E 177 14.05 -4.76 -76.69
C ARG E 177 14.05 -6.28 -76.79
N LEU E 178 13.40 -6.95 -75.84
CA LEU E 178 13.37 -8.41 -75.82
C LEU E 178 11.95 -8.90 -76.01
N GLY E 179 11.83 -10.00 -76.74
CA GLY E 179 10.54 -10.62 -77.01
C GLY E 179 9.80 -9.88 -78.11
N ARG E 180 8.65 -10.44 -78.47
CA ARG E 180 7.79 -9.88 -79.49
C ARG E 180 6.63 -9.10 -78.85
N THR E 181 5.82 -8.49 -79.71
CA THR E 181 4.61 -7.80 -79.29
C THR E 181 3.34 -8.41 -79.85
N THR E 182 3.45 -9.33 -80.82
CA THR E 182 2.28 -10.03 -81.34
C THR E 182 1.93 -11.17 -80.39
N ALA E 183 1.13 -12.12 -80.87
CA ALA E 183 0.76 -13.29 -80.09
C ALA E 183 1.54 -14.54 -80.50
N LYS E 184 2.62 -14.37 -81.26
CA LYS E 184 3.42 -15.50 -81.71
C LYS E 184 4.81 -15.00 -82.07
N GLY E 185 5.80 -15.87 -81.86
CA GLY E 185 7.18 -15.53 -82.15
C GLY E 185 8.21 -16.47 -81.57
N VAL E 186 9.04 -17.05 -82.43
CA VAL E 186 10.12 -17.94 -82.00
C VAL E 186 11.49 -17.41 -82.33
N THR E 187 11.60 -16.30 -83.05
CA THR E 187 12.90 -15.74 -83.44
C THR E 187 13.83 -15.59 -82.23
N GLY E 188 14.92 -16.34 -82.24
CA GLY E 188 15.90 -16.27 -81.16
C GLY E 188 15.50 -17.11 -79.96
N TYR E 189 16.11 -16.76 -78.82
CA TYR E 189 15.82 -17.38 -77.55
C TYR E 189 14.68 -16.67 -76.83
N ASP E 190 14.17 -17.31 -75.79
CA ASP E 190 13.18 -16.70 -74.90
C ASP E 190 13.92 -15.91 -73.82
N LEU E 191 14.53 -14.80 -74.25
CA LEU E 191 15.30 -13.99 -73.32
C LEU E 191 14.39 -13.14 -72.43
N ALA E 192 13.29 -12.64 -72.99
CA ALA E 192 12.30 -11.94 -72.16
C ALA E 192 11.70 -12.87 -71.12
N GLY E 193 11.56 -14.16 -71.46
CA GLY E 193 11.05 -15.11 -70.49
C GLY E 193 12.08 -15.46 -69.43
N LEU E 194 13.36 -15.55 -69.83
CA LEU E 194 14.43 -15.72 -68.86
C LEU E 194 14.49 -14.51 -67.94
N MET E 195 14.09 -13.34 -68.44
CA MET E 195 14.01 -12.14 -67.61
C MET E 195 12.87 -12.23 -66.61
N VAL E 196 11.79 -12.94 -66.95
CA VAL E 196 10.68 -13.12 -66.03
C VAL E 196 11.09 -14.12 -64.94
N GLY E 197 10.79 -13.76 -63.69
CA GLY E 197 11.17 -14.59 -62.57
C GLY E 197 12.63 -14.51 -62.19
N SER E 198 13.39 -13.61 -62.80
CA SER E 198 14.80 -13.45 -62.50
C SER E 198 15.07 -12.57 -61.30
N GLU E 199 14.04 -11.91 -60.74
CA GLU E 199 14.16 -11.12 -59.52
C GLU E 199 15.22 -10.03 -59.66
N GLY E 200 15.34 -9.46 -60.86
CA GLY E 200 16.22 -8.33 -61.09
C GLY E 200 17.69 -8.60 -60.97
N THR E 201 18.13 -9.85 -61.14
CA THR E 201 19.55 -10.19 -61.08
C THR E 201 20.18 -10.34 -62.46
N LEU E 202 19.49 -9.89 -63.51
CA LEU E 202 20.00 -9.93 -64.87
C LEU E 202 19.87 -8.62 -65.61
N GLY E 203 19.22 -7.63 -65.04
CA GLY E 203 19.00 -6.35 -65.67
C GLY E 203 17.77 -5.68 -65.09
N LEU E 204 17.68 -4.38 -65.30
CA LEU E 204 16.54 -3.60 -64.82
C LEU E 204 15.54 -3.43 -65.95
N VAL E 205 14.31 -3.88 -65.73
CA VAL E 205 13.25 -3.76 -66.73
C VAL E 205 12.64 -2.37 -66.63
N THR E 206 12.54 -1.68 -67.77
CA THR E 206 11.98 -0.34 -67.82
C THR E 206 10.63 -0.28 -68.55
N GLU E 207 10.19 -1.38 -69.15
CA GLU E 207 8.93 -1.40 -69.90
C GLU E 207 8.55 -2.82 -70.26
N VAL E 208 7.29 -3.20 -70.03
CA VAL E 208 6.79 -4.55 -70.35
C VAL E 208 5.51 -4.41 -71.15
N THR E 209 5.34 -5.28 -72.14
CA THR E 209 4.04 -5.44 -72.78
C THR E 209 3.35 -6.65 -72.18
N LEU E 210 2.02 -6.62 -72.18
CA LEU E 210 1.24 -7.66 -71.52
C LEU E 210 0.08 -8.08 -72.41
N ARG E 211 -0.32 -9.35 -72.29
CA ARG E 211 -1.49 -9.84 -73.01
C ARG E 211 -2.73 -9.65 -72.15
N LEU E 212 -3.85 -9.37 -72.80
CA LEU E 212 -5.11 -9.14 -72.11
C LEU E 212 -6.17 -10.10 -72.63
N VAL E 213 -7.27 -10.20 -71.89
CA VAL E 213 -8.39 -11.05 -72.26
C VAL E 213 -9.70 -10.33 -71.98
N PRO E 214 -10.72 -10.62 -72.77
CA PRO E 214 -12.05 -10.01 -72.53
C PRO E 214 -12.57 -10.29 -71.13
N LEU E 215 -13.51 -9.45 -70.71
CA LEU E 215 -13.98 -9.45 -69.33
C LEU E 215 -14.89 -10.63 -69.06
N ARG E 216 -14.44 -11.54 -68.18
CA ARG E 216 -15.23 -12.62 -67.58
C ARG E 216 -16.74 -12.41 -67.70
N ARG E 217 -17.23 -11.31 -67.13
CA ARG E 217 -18.63 -10.88 -67.09
C ARG E 217 -19.63 -12.01 -66.81
N GLY E 218 -20.08 -12.09 -65.57
CA GLY E 218 -21.18 -12.96 -65.21
C GLY E 218 -20.76 -14.31 -64.67
N VAL E 219 -21.69 -15.27 -64.78
CA VAL E 219 -21.56 -16.62 -64.27
C VAL E 219 -21.25 -16.58 -62.77
N GLU E 220 -20.00 -16.92 -62.40
CA GLU E 220 -19.46 -16.97 -61.04
C GLU E 220 -20.44 -17.48 -59.98
N HIS E 221 -20.19 -18.68 -59.46
CA HIS E 221 -21.09 -19.31 -58.50
C HIS E 221 -20.56 -19.27 -57.06
N THR E 222 -19.29 -19.66 -56.85
CA THR E 222 -18.68 -19.85 -55.54
C THR E 222 -19.38 -20.98 -54.78
N VAL E 223 -18.74 -21.52 -53.75
CA VAL E 223 -19.36 -22.68 -53.10
C VAL E 223 -19.15 -22.66 -51.59
N VAL E 224 -17.89 -22.50 -51.15
CA VAL E 224 -17.50 -22.48 -49.73
C VAL E 224 -18.05 -23.72 -49.03
N GLY E 225 -17.65 -23.93 -47.78
CA GLY E 225 -18.20 -25.08 -47.09
C GLY E 225 -17.53 -25.34 -45.77
N TYR E 226 -16.20 -25.27 -45.81
CA TYR E 226 -15.28 -25.54 -44.71
C TYR E 226 -15.52 -26.87 -44.00
N PHE E 227 -14.64 -27.17 -43.04
CA PHE E 227 -14.76 -28.30 -42.15
C PHE E 227 -14.07 -27.98 -40.84
N ASP E 228 -13.22 -28.88 -40.35
CA ASP E 228 -12.56 -28.66 -39.07
C ASP E 228 -11.08 -29.00 -39.09
N SER E 229 -10.75 -30.29 -39.22
CA SER E 229 -9.37 -30.72 -39.14
C SER E 229 -8.53 -30.14 -40.28
N LEU E 230 -7.23 -30.00 -40.04
CA LEU E 230 -6.31 -29.45 -41.01
C LEU E 230 -5.77 -30.49 -41.98
N THR E 231 -5.68 -31.75 -41.54
CA THR E 231 -5.35 -32.90 -42.39
C THR E 231 -6.04 -32.86 -43.74
N ASP E 232 -7.19 -32.17 -43.80
CA ASP E 232 -8.06 -32.20 -44.97
C ASP E 232 -7.96 -30.95 -45.83
N ALA E 233 -6.88 -30.86 -46.61
CA ALA E 233 -7.02 -30.60 -48.03
C ALA E 233 -7.00 -31.90 -48.81
N GLY E 234 -7.25 -33.02 -48.14
CA GLY E 234 -7.44 -34.33 -48.73
C GLY E 234 -8.87 -34.63 -49.05
N ARG E 235 -9.63 -34.97 -48.00
CA ARG E 235 -11.02 -35.41 -48.10
C ARG E 235 -11.88 -34.50 -48.96
N ALA E 236 -11.39 -33.32 -49.36
CA ALA E 236 -12.19 -32.53 -50.30
C ALA E 236 -11.42 -31.71 -51.33
N VAL E 237 -10.09 -31.61 -51.22
CA VAL E 237 -9.35 -30.93 -52.29
C VAL E 237 -8.70 -31.96 -53.20
N ALA E 238 -8.28 -33.09 -52.63
CA ALA E 238 -7.80 -34.19 -53.46
C ALA E 238 -8.94 -34.91 -54.15
N ALA E 239 -10.18 -34.45 -53.96
CA ALA E 239 -11.36 -35.00 -54.60
C ALA E 239 -11.84 -34.16 -55.78
N VAL E 240 -11.76 -32.82 -55.67
CA VAL E 240 -12.16 -31.97 -56.79
C VAL E 240 -11.24 -32.21 -57.98
N SER E 241 -9.94 -32.31 -57.74
CA SER E 241 -8.99 -32.78 -58.75
C SER E 241 -8.89 -34.29 -58.57
N ALA E 242 -9.84 -34.99 -59.16
CA ALA E 242 -10.15 -36.41 -59.03
C ALA E 242 -11.63 -36.54 -59.33
N ALA E 243 -12.21 -35.44 -59.80
CA ALA E 243 -13.61 -35.32 -60.20
C ALA E 243 -13.75 -34.69 -61.58
N GLY E 244 -12.93 -33.70 -61.92
CA GLY E 244 -12.98 -33.07 -63.23
C GLY E 244 -13.79 -31.79 -63.23
N ILE E 245 -13.12 -30.66 -63.00
CA ILE E 245 -13.81 -29.37 -62.85
C ILE E 245 -12.91 -28.23 -63.32
N VAL E 246 -11.62 -28.33 -63.02
CA VAL E 246 -10.65 -27.22 -63.02
C VAL E 246 -11.32 -25.94 -62.54
N PRO E 247 -11.39 -25.73 -61.22
CA PRO E 247 -12.09 -24.57 -60.68
C PRO E 247 -11.32 -23.27 -60.85
N SER E 248 -12.05 -22.22 -61.24
CA SER E 248 -11.46 -20.89 -61.41
C SER E 248 -10.68 -20.43 -60.18
N ALA E 249 -11.00 -20.95 -59.00
CA ALA E 249 -10.23 -20.66 -57.80
C ALA E 249 -10.55 -21.70 -56.74
N LEU E 250 -9.64 -21.81 -55.77
CA LEU E 250 -9.78 -22.77 -54.69
C LEU E 250 -8.78 -22.36 -53.60
N GLU E 251 -9.29 -21.76 -52.53
CA GLU E 251 -8.45 -21.27 -51.46
C GLU E 251 -8.75 -22.03 -50.17
N LEU E 252 -7.91 -21.77 -49.17
CA LEU E 252 -7.97 -22.51 -47.91
C LEU E 252 -7.57 -21.54 -46.81
N ILE E 253 -8.56 -20.98 -46.13
CA ILE E 253 -8.30 -20.07 -45.02
C ILE E 253 -8.82 -20.73 -43.76
N ASP E 254 -8.12 -20.49 -42.66
CA ASP E 254 -8.43 -21.13 -41.39
C ASP E 254 -8.92 -20.11 -40.37
N ARG E 255 -9.55 -20.60 -39.31
CA ARG E 255 -10.05 -19.71 -38.27
C ARG E 255 -8.92 -18.91 -37.65
N PHE E 256 -7.68 -19.44 -37.72
CA PHE E 256 -6.55 -18.75 -37.13
C PHE E 256 -6.38 -17.38 -37.77
N CYS E 257 -6.72 -17.26 -39.06
CA CYS E 257 -6.70 -16.00 -39.79
C CYS E 257 -8.04 -15.28 -39.81
N LEU E 258 -9.15 -16.04 -39.73
CA LEU E 258 -10.48 -15.45 -39.87
C LEU E 258 -10.77 -14.42 -38.78
N GLN E 259 -10.58 -14.79 -37.51
CA GLN E 259 -10.79 -13.81 -36.45
C GLN E 259 -9.64 -12.81 -36.35
N ALA E 260 -8.83 -12.67 -37.40
CA ALA E 260 -7.94 -11.53 -37.56
C ALA E 260 -8.32 -10.63 -38.72
N VAL E 261 -9.15 -11.10 -39.65
CA VAL E 261 -9.74 -10.22 -40.65
C VAL E 261 -11.05 -9.63 -40.15
N ASP E 262 -11.76 -10.34 -39.26
CA ASP E 262 -13.03 -9.91 -38.70
C ASP E 262 -12.87 -8.76 -37.70
N GLU E 263 -11.67 -8.18 -37.62
CA GLU E 263 -11.45 -6.98 -36.82
C GLU E 263 -11.72 -5.71 -37.60
N TRP E 264 -12.12 -5.83 -38.87
CA TRP E 264 -12.38 -4.67 -39.72
C TRP E 264 -13.68 -4.97 -40.48
N LYS E 265 -14.77 -4.39 -40.01
CA LYS E 265 -16.11 -4.69 -40.52
C LYS E 265 -16.38 -6.19 -40.51
N SER E 270 -18.55 -15.34 -38.74
CA SER E 270 -17.48 -16.22 -38.28
C SER E 270 -17.79 -17.67 -38.63
N ALA E 271 -19.06 -17.96 -38.87
CA ALA E 271 -19.53 -19.31 -39.17
C ALA E 271 -19.19 -20.27 -38.03
N GLU E 272 -19.08 -21.57 -38.34
CA GLU E 272 -18.75 -22.59 -37.34
C GLU E 272 -17.78 -23.60 -37.95
N GLY E 273 -16.50 -23.29 -37.89
CA GLY E 273 -15.48 -24.19 -38.41
C GLY E 273 -14.09 -23.63 -38.16
N GLU E 274 -13.12 -24.54 -38.20
CA GLU E 274 -11.72 -24.15 -38.02
C GLU E 274 -11.11 -23.72 -39.35
N VAL E 275 -10.67 -24.67 -40.16
CA VAL E 275 -10.14 -24.37 -41.48
C VAL E 275 -11.30 -24.27 -42.47
N LEU E 276 -11.25 -23.28 -43.34
CA LEU E 276 -12.31 -23.09 -44.33
C LEU E 276 -11.80 -23.50 -45.70
N LEU E 277 -12.72 -23.50 -46.67
CA LEU E 277 -12.40 -24.00 -48.01
C LEU E 277 -13.29 -23.28 -49.02
N LEU E 278 -12.76 -22.24 -49.64
CA LEU E 278 -13.48 -21.50 -50.67
C LEU E 278 -13.23 -22.13 -52.03
N ALA E 279 -14.25 -22.12 -52.89
CA ALA E 279 -14.10 -22.60 -54.25
C ALA E 279 -14.80 -21.63 -55.20
N ARG E 280 -14.40 -21.69 -56.47
CA ARG E 280 -14.90 -20.76 -57.48
C ARG E 280 -15.06 -21.48 -58.81
N SER E 281 -15.85 -20.87 -59.69
CA SER E 281 -16.09 -21.39 -61.02
C SER E 281 -16.64 -20.28 -61.89
N ASP E 282 -16.55 -20.46 -63.21
CA ASP E 282 -17.05 -19.47 -64.18
C ASP E 282 -17.14 -20.16 -65.54
N LEU E 283 -18.32 -20.70 -65.83
CA LEU E 283 -18.65 -21.42 -67.05
C LEU E 283 -20.01 -20.94 -67.52
N PRO E 284 -20.13 -20.46 -68.79
CA PRO E 284 -21.35 -19.81 -69.28
C PRO E 284 -22.68 -20.09 -68.57
N GLY E 285 -23.05 -19.19 -67.65
CA GLY E 285 -24.36 -19.13 -67.00
C GLY E 285 -25.14 -20.41 -66.82
N THR E 286 -25.88 -20.81 -67.86
CA THR E 286 -26.62 -22.07 -67.80
C THR E 286 -25.69 -23.25 -67.58
N SER E 287 -24.43 -23.12 -67.97
CA SER E 287 -23.41 -24.14 -67.75
C SER E 287 -22.60 -23.88 -66.50
N GLY E 288 -22.98 -22.90 -65.69
CA GLY E 288 -22.27 -22.66 -64.45
C GLY E 288 -22.50 -23.76 -63.44
N GLN E 289 -23.71 -24.31 -63.39
CA GLN E 289 -24.07 -25.32 -62.41
C GLN E 289 -23.88 -26.74 -62.93
N GLU E 290 -23.31 -26.92 -64.13
CA GLU E 290 -23.00 -28.27 -64.56
C GLU E 290 -21.97 -28.88 -63.64
N GLU E 291 -21.10 -28.02 -63.09
CA GLU E 291 -20.09 -28.34 -62.09
C GLU E 291 -20.39 -27.77 -60.71
N ALA E 292 -21.15 -26.67 -60.62
CA ALA E 292 -21.33 -25.98 -59.35
C ALA E 292 -22.24 -26.70 -58.37
N ASP E 293 -23.11 -27.60 -58.83
CA ASP E 293 -23.76 -28.50 -57.88
C ASP E 293 -22.96 -29.77 -57.71
N ARG E 294 -21.90 -29.92 -58.49
CA ARG E 294 -21.00 -31.06 -58.46
C ARG E 294 -19.77 -30.79 -57.62
N ILE E 295 -19.29 -29.55 -57.57
CA ILE E 295 -18.18 -29.23 -56.68
C ILE E 295 -18.61 -29.12 -55.23
N LEU E 296 -19.91 -29.23 -54.95
CA LEU E 296 -20.35 -29.50 -53.59
C LEU E 296 -20.13 -30.96 -53.26
N GLU E 297 -20.34 -31.83 -54.26
CA GLU E 297 -20.29 -33.28 -54.06
C GLU E 297 -18.98 -33.71 -53.43
N CYS E 298 -17.88 -33.02 -53.76
CA CYS E 298 -16.60 -33.29 -53.13
C CYS E 298 -16.52 -32.80 -51.69
N PHE E 299 -17.38 -31.88 -51.27
CA PHE E 299 -17.21 -31.24 -49.96
C PHE E 299 -17.89 -31.97 -48.81
N GLU E 300 -18.91 -32.78 -49.07
CA GLU E 300 -19.49 -33.55 -47.98
C GLU E 300 -18.92 -34.97 -47.90
N LYS E 301 -18.31 -35.47 -48.97
CA LYS E 301 -17.61 -36.74 -48.91
C LYS E 301 -16.34 -36.58 -48.07
N TYR E 306 -19.94 -30.38 -42.64
CA TYR E 306 -20.78 -29.21 -42.87
C TYR E 306 -20.34 -28.47 -44.13
N ALA E 307 -21.31 -28.12 -44.97
CA ALA E 307 -21.05 -27.48 -46.26
C ALA E 307 -22.35 -27.06 -46.93
N VAL E 308 -22.63 -25.75 -46.98
CA VAL E 308 -23.89 -25.24 -47.49
C VAL E 308 -23.62 -24.53 -48.81
N ARG E 309 -24.05 -25.17 -49.91
CA ARG E 309 -24.06 -24.60 -51.25
C ARG E 309 -24.41 -23.11 -51.24
N SER E 310 -23.41 -22.25 -51.12
CA SER E 310 -23.62 -20.80 -51.16
C SER E 310 -23.37 -20.27 -52.56
N THR E 311 -24.29 -20.61 -53.47
CA THR E 311 -24.26 -20.06 -54.81
C THR E 311 -25.17 -18.84 -54.95
N ASP E 312 -25.96 -18.54 -53.93
CA ASP E 312 -26.92 -17.44 -53.99
C ASP E 312 -26.60 -16.26 -53.07
N GLU E 313 -25.48 -15.57 -53.27
CA GLU E 313 -25.16 -14.49 -52.35
C GLU E 313 -24.04 -13.64 -52.93
N GLU E 314 -24.08 -12.35 -52.62
CA GLU E 314 -23.13 -11.37 -53.13
C GLU E 314 -22.20 -10.83 -52.07
N GLU E 315 -22.26 -11.34 -50.84
CA GLU E 315 -21.12 -11.21 -49.94
C GLU E 315 -19.99 -12.13 -50.36
N ALA E 316 -20.16 -12.85 -51.48
CA ALA E 316 -19.15 -13.78 -51.98
C ALA E 316 -17.82 -13.07 -52.20
N GLU E 317 -17.86 -11.81 -52.64
CA GLU E 317 -16.64 -11.02 -52.72
C GLU E 317 -15.99 -10.89 -51.35
N ALA E 318 -16.80 -10.70 -50.31
CA ALA E 318 -16.28 -10.62 -48.96
C ALA E 318 -15.90 -11.98 -48.39
N LEU E 319 -16.39 -13.08 -48.97
CA LEU E 319 -15.83 -14.38 -48.61
C LEU E 319 -14.35 -14.46 -48.96
N PHE E 320 -13.96 -13.80 -50.05
CA PHE E 320 -12.57 -13.75 -50.48
C PHE E 320 -11.82 -12.52 -49.98
N GLN E 321 -12.49 -11.37 -49.81
CA GLN E 321 -11.80 -10.23 -49.22
C GLN E 321 -11.20 -10.60 -47.88
N ALA E 322 -11.87 -11.44 -47.11
CA ALA E 322 -11.25 -12.00 -45.90
C ALA E 322 -10.04 -12.86 -46.27
N ARG E 323 -10.18 -13.69 -47.31
CA ARG E 323 -9.05 -14.46 -47.82
C ARG E 323 -8.02 -13.55 -48.48
N ARG E 324 -8.49 -12.53 -49.21
CA ARG E 324 -7.57 -11.57 -49.84
C ARG E 324 -6.81 -10.76 -48.82
N LEU E 325 -7.50 -10.25 -47.80
CA LEU E 325 -6.87 -9.47 -46.76
C LEU E 325 -6.34 -10.31 -45.60
N ALA E 326 -6.03 -11.60 -45.86
CA ALA E 326 -5.49 -12.44 -44.81
C ALA E 326 -4.04 -12.07 -44.49
N TYR E 327 -3.28 -11.65 -45.51
CA TYR E 327 -1.91 -11.21 -45.30
C TYR E 327 -1.87 -9.73 -44.94
N PRO E 328 -2.73 -8.88 -45.50
CA PRO E 328 -2.82 -7.50 -44.97
C PRO E 328 -3.29 -7.44 -43.53
N ALA E 329 -4.00 -8.46 -43.05
CA ALA E 329 -4.23 -8.65 -41.63
C ALA E 329 -3.08 -9.49 -41.10
N LEU E 330 -3.18 -9.98 -39.86
CA LEU E 330 -2.11 -10.77 -39.25
C LEU E 330 -0.84 -9.92 -39.21
N GLU E 331 -0.42 -9.39 -40.37
CA GLU E 331 0.70 -8.44 -40.43
C GLU E 331 0.49 -7.22 -39.54
N ARG E 332 -0.74 -6.97 -39.09
CA ARG E 332 -0.95 -5.88 -38.15
C ARG E 332 -0.92 -6.37 -36.71
N LEU E 333 -0.64 -7.65 -36.52
CA LEU E 333 -0.60 -8.28 -35.22
C LEU E 333 0.82 -8.64 -34.77
N GLY E 334 1.84 -8.06 -35.40
CA GLY E 334 3.22 -8.40 -35.07
C GLY E 334 4.01 -8.85 -36.28
N PRO E 335 5.30 -9.13 -36.07
CA PRO E 335 6.11 -9.65 -37.18
C PRO E 335 5.63 -11.03 -37.62
N LEU E 336 5.59 -11.23 -38.94
CA LEU E 336 5.03 -12.43 -39.53
C LEU E 336 6.12 -13.11 -40.36
N LEU E 337 6.45 -14.35 -40.00
CA LEU E 337 7.37 -15.14 -40.81
C LEU E 337 6.53 -16.01 -41.73
N THR E 338 6.79 -15.91 -43.03
CA THR E 338 6.03 -16.64 -44.04
C THR E 338 6.93 -17.54 -44.88
N GLU E 339 6.41 -18.71 -45.23
CA GLU E 339 7.01 -19.62 -46.20
C GLU E 339 6.02 -19.83 -47.33
N ASP E 340 6.53 -20.31 -48.47
CA ASP E 340 5.69 -20.49 -49.65
C ASP E 340 6.20 -21.74 -50.38
N VAL E 341 5.70 -22.89 -49.96
CA VAL E 341 6.03 -24.14 -50.64
C VAL E 341 4.87 -24.52 -51.54
N CYS E 342 5.18 -25.23 -52.61
CA CYS E 342 4.20 -25.73 -53.56
C CYS E 342 4.46 -27.20 -53.81
N VAL E 343 3.49 -28.04 -53.50
CA VAL E 343 3.64 -29.49 -53.59
C VAL E 343 2.60 -29.99 -54.59
N PRO E 344 2.75 -31.23 -55.08
CA PRO E 344 1.73 -31.76 -55.99
C PRO E 344 0.35 -31.73 -55.35
N LYS E 345 -0.67 -31.52 -56.20
CA LYS E 345 -2.02 -31.36 -55.70
C LYS E 345 -2.51 -32.61 -54.98
N ALA E 346 -2.05 -33.78 -55.40
CA ALA E 346 -2.43 -35.03 -54.74
C ALA E 346 -1.72 -35.22 -53.40
N ARG E 347 -0.76 -34.37 -53.07
CA ARG E 347 0.05 -34.52 -51.86
C ARG E 347 -0.19 -33.39 -50.86
N VAL E 348 -1.15 -32.50 -51.13
CA VAL E 348 -1.50 -31.47 -50.15
C VAL E 348 -1.99 -32.06 -48.84
N PRO E 349 -2.85 -33.09 -48.80
CA PRO E 349 -3.26 -33.64 -47.50
C PRO E 349 -2.10 -34.11 -46.64
N HIS E 350 -1.12 -34.79 -47.22
CA HIS E 350 0.04 -35.21 -46.44
C HIS E 350 0.84 -34.01 -45.94
N MET E 351 0.93 -32.96 -46.75
CA MET E 351 1.72 -31.80 -46.35
C MET E 351 1.07 -31.07 -45.18
N LEU E 352 -0.25 -30.83 -45.25
CA LEU E 352 -0.92 -30.17 -44.14
C LEU E 352 -0.88 -31.00 -42.87
N GLU E 353 -0.80 -32.33 -42.99
CA GLU E 353 -0.49 -33.12 -41.81
C GLU E 353 0.90 -32.78 -41.29
N ALA E 354 1.83 -32.53 -42.20
CA ALA E 354 3.21 -32.26 -41.79
C ALA E 354 3.37 -30.87 -41.18
N ILE E 355 2.64 -29.87 -41.68
CA ILE E 355 2.75 -28.54 -41.09
C ILE E 355 2.18 -28.54 -39.68
N GLU E 356 1.01 -29.16 -39.49
CA GLU E 356 0.41 -29.21 -38.16
C GLU E 356 1.22 -30.08 -37.22
N ALA E 357 1.87 -31.13 -37.74
CA ALA E 357 2.74 -31.96 -36.91
C ALA E 357 4.07 -31.25 -36.63
N ALA E 358 4.60 -30.51 -37.60
CA ALA E 358 5.79 -29.70 -37.34
C ALA E 358 5.47 -28.50 -36.46
N GLY E 359 4.19 -28.14 -36.34
CA GLY E 359 3.79 -27.11 -35.40
C GLY E 359 3.80 -27.56 -33.96
N GLU E 360 3.81 -28.86 -33.71
CA GLU E 360 3.85 -29.39 -32.36
C GLU E 360 5.25 -29.75 -31.90
N ARG E 361 6.11 -30.22 -32.81
CA ARG E 361 7.51 -30.45 -32.48
C ARG E 361 8.25 -29.16 -32.12
N PHE E 362 7.66 -27.98 -32.37
CA PHE E 362 8.39 -26.77 -32.06
C PHE E 362 7.52 -25.74 -31.36
N ASP E 363 6.52 -26.18 -30.60
CA ASP E 363 5.59 -25.31 -29.86
C ASP E 363 5.31 -24.01 -30.62
N THR E 364 5.09 -24.11 -31.93
CA THR E 364 4.84 -22.98 -32.80
C THR E 364 3.45 -23.07 -33.42
N ARG E 365 2.67 -22.01 -33.27
CA ARG E 365 1.28 -21.97 -33.74
C ARG E 365 1.31 -21.55 -35.21
N ILE E 366 1.35 -22.53 -36.10
CA ILE E 366 1.49 -22.24 -37.53
C ILE E 366 0.10 -22.13 -38.13
N GLY E 367 -0.28 -20.92 -38.55
CA GLY E 367 -1.49 -20.76 -39.31
C GLY E 367 -1.26 -21.06 -40.78
N ASN E 368 -2.27 -21.62 -41.43
CA ASN E 368 -2.14 -22.08 -42.80
C ASN E 368 -3.23 -21.46 -43.66
N ILE E 369 -2.81 -20.74 -44.71
CA ILE E 369 -3.67 -20.39 -45.81
C ILE E 369 -2.93 -20.81 -47.08
N ALA E 370 -3.68 -21.22 -48.10
CA ALA E 370 -3.03 -21.87 -49.22
C ALA E 370 -3.91 -21.80 -50.46
N HIS E 371 -3.26 -21.67 -51.61
CA HIS E 371 -3.91 -21.84 -52.91
C HIS E 371 -4.08 -23.34 -53.13
N ALA E 372 -5.13 -23.89 -52.53
CA ALA E 372 -5.36 -25.32 -52.57
C ALA E 372 -5.68 -25.83 -53.97
N GLY E 373 -6.01 -24.94 -54.91
CA GLY E 373 -6.31 -25.38 -56.26
C GLY E 373 -5.11 -25.88 -57.04
N ASP E 374 -3.89 -25.51 -56.63
CA ASP E 374 -2.70 -25.94 -57.34
C ASP E 374 -1.59 -26.43 -56.42
N GLY E 375 -1.88 -26.64 -55.14
CA GLY E 375 -0.87 -27.17 -54.23
C GLY E 375 0.10 -26.16 -53.69
N ASN E 376 -0.22 -24.86 -53.76
CA ASN E 376 0.65 -23.81 -53.25
C ASN E 376 0.26 -23.52 -51.82
N LEU E 377 1.14 -23.82 -50.88
CA LEU E 377 0.89 -23.64 -49.45
C LEU E 377 1.66 -22.44 -48.93
N HIS E 378 1.02 -21.70 -48.03
CA HIS E 378 1.63 -20.55 -47.36
C HIS E 378 1.56 -20.77 -45.85
N PRO E 379 2.48 -21.54 -45.28
CA PRO E 379 2.58 -21.58 -43.82
C PRO E 379 3.13 -20.26 -43.29
N LEU E 380 2.54 -19.78 -42.19
CA LEU E 380 2.99 -18.52 -41.61
C LEU E 380 2.78 -18.57 -40.11
N PHE E 381 3.78 -18.09 -39.38
CA PHE E 381 3.71 -17.97 -37.91
C PHE E 381 3.95 -16.53 -37.53
N ILE E 382 3.21 -16.06 -36.52
CA ILE E 382 3.34 -14.71 -36.01
C ILE E 382 4.17 -14.82 -34.72
N VAL E 383 5.28 -14.09 -34.66
CA VAL E 383 6.21 -14.18 -33.55
C VAL E 383 5.75 -13.22 -32.46
N PRO E 384 5.50 -13.68 -31.23
CA PRO E 384 5.09 -12.77 -30.16
C PRO E 384 6.19 -11.80 -29.74
N ALA E 385 5.81 -10.81 -28.92
CA ALA E 385 6.66 -9.81 -28.28
C ALA E 385 8.14 -9.85 -28.62
N GLY E 386 8.97 -10.11 -27.61
CA GLY E 386 10.41 -10.25 -27.79
C GLY E 386 10.82 -11.65 -27.35
N ASP E 387 9.99 -12.62 -27.72
CA ASP E 387 10.26 -14.02 -27.42
C ASP E 387 11.29 -14.51 -28.44
N GLU E 388 12.53 -14.71 -27.98
CA GLU E 388 13.61 -15.12 -28.88
C GLU E 388 13.46 -16.58 -29.28
N GLU E 389 13.15 -17.45 -28.32
CA GLU E 389 13.05 -18.87 -28.63
C GLU E 389 11.93 -19.15 -29.63
N ALA E 390 10.82 -18.41 -29.54
CA ALA E 390 9.76 -18.56 -30.53
C ALA E 390 10.19 -18.07 -31.90
N LYS E 391 11.11 -17.11 -31.94
CA LYS E 391 11.65 -16.67 -33.23
C LYS E 391 12.47 -17.76 -33.92
N ARG E 392 13.22 -18.55 -33.17
CA ARG E 392 14.06 -19.58 -33.79
C ARG E 392 13.45 -20.97 -33.73
N ARG E 393 12.47 -21.25 -32.87
CA ARG E 393 11.73 -22.50 -33.05
C ARG E 393 10.96 -22.48 -34.35
N ALA E 394 10.37 -21.33 -34.70
CA ALA E 394 9.64 -21.23 -35.96
C ALA E 394 10.58 -21.32 -37.16
N LYS E 395 11.75 -20.67 -37.08
CA LYS E 395 12.69 -20.72 -38.19
C LYS E 395 13.09 -22.16 -38.50
N GLN E 396 13.45 -22.93 -37.47
CA GLN E 396 13.74 -24.34 -37.70
C GLN E 396 12.49 -25.13 -38.10
N ALA E 397 11.32 -24.71 -37.62
CA ALA E 397 10.09 -25.39 -37.99
C ALA E 397 9.75 -25.15 -39.45
N PHE E 398 9.96 -23.92 -39.94
CA PHE E 398 9.73 -23.63 -41.36
C PHE E 398 10.83 -24.18 -42.25
N GLU E 399 11.96 -24.60 -41.69
CA GLU E 399 12.97 -25.29 -42.48
C GLU E 399 12.64 -26.76 -42.66
N VAL E 400 11.97 -27.36 -41.68
CA VAL E 400 11.50 -28.73 -41.84
C VAL E 400 10.34 -28.79 -42.81
N ILE E 401 9.61 -27.68 -42.94
CA ILE E 401 8.49 -27.64 -43.89
C ILE E 401 9.00 -27.66 -45.33
N VAL E 402 9.99 -26.81 -45.64
CA VAL E 402 10.52 -26.75 -46.99
C VAL E 402 11.28 -28.02 -47.34
N ASP E 403 12.10 -28.53 -46.41
CA ASP E 403 12.83 -29.77 -46.69
C ASP E 403 11.89 -30.95 -46.87
N GLU E 404 10.73 -30.92 -46.24
CA GLU E 404 9.74 -31.98 -46.46
C GLU E 404 9.02 -31.78 -47.79
N ALA E 405 8.74 -30.53 -48.15
CA ALA E 405 8.08 -30.26 -49.42
C ALA E 405 8.93 -30.69 -50.61
N LEU E 406 10.26 -30.66 -50.47
CA LEU E 406 11.12 -31.13 -51.55
C LEU E 406 11.06 -32.64 -51.69
N ALA E 407 11.00 -33.36 -50.56
CA ALA E 407 10.92 -34.82 -50.62
C ALA E 407 9.56 -35.26 -51.15
N VAL E 408 8.53 -34.45 -50.95
CA VAL E 408 7.20 -34.76 -51.47
C VAL E 408 7.15 -34.58 -52.98
N GLY E 409 8.02 -33.74 -53.53
CA GLY E 409 8.08 -33.54 -54.96
C GLY E 409 7.76 -32.12 -55.40
N GLY E 410 7.83 -31.17 -54.49
CA GLY E 410 7.51 -29.79 -54.78
C GLY E 410 8.72 -28.91 -55.00
N THR E 411 8.49 -27.61 -54.91
CA THR E 411 9.53 -26.59 -55.13
C THR E 411 9.52 -25.63 -53.94
N VAL E 412 10.66 -24.95 -53.76
CA VAL E 412 10.85 -24.13 -52.56
C VAL E 412 9.94 -22.91 -52.57
N THR E 413 9.61 -22.38 -53.74
CA THR E 413 8.72 -21.22 -53.81
C THR E 413 7.78 -21.37 -55.00
N GLY E 414 6.57 -20.86 -54.81
CA GLY E 414 5.54 -20.97 -55.84
C GLY E 414 5.16 -19.64 -56.46
N GLU E 415 5.32 -18.55 -55.71
CA GLU E 415 4.96 -17.23 -56.24
C GLU E 415 5.80 -16.12 -55.61
N HIS E 416 6.15 -16.26 -54.34
CA HIS E 416 6.87 -15.20 -53.66
C HIS E 416 8.31 -15.06 -54.14
N GLY E 417 8.84 -16.05 -54.84
CA GLY E 417 10.21 -16.00 -55.33
C GLY E 417 11.20 -16.43 -54.27
N VAL E 418 12.43 -16.68 -54.72
CA VAL E 418 13.47 -17.16 -53.81
C VAL E 418 14.02 -16.00 -52.98
N GLY E 419 14.57 -14.99 -53.64
CA GLY E 419 15.05 -13.83 -52.92
C GLY E 419 16.20 -14.18 -51.98
N LEU E 420 16.00 -13.90 -50.69
CA LEU E 420 17.00 -14.17 -49.66
C LEU E 420 16.56 -15.23 -48.65
N LEU E 421 15.31 -15.17 -48.17
CA LEU E 421 14.90 -16.04 -47.07
C LEU E 421 14.77 -17.51 -47.47
N LYS E 422 14.74 -17.81 -48.77
CA LYS E 422 14.62 -19.19 -49.25
C LYS E 422 15.82 -19.54 -50.13
N MET E 423 16.94 -18.88 -49.88
CA MET E 423 18.13 -19.04 -50.73
C MET E 423 18.82 -20.37 -50.47
N ARG E 424 18.92 -20.77 -49.21
CA ARG E 424 19.50 -22.07 -48.85
C ARG E 424 18.67 -23.16 -49.51
N GLY E 425 17.47 -23.40 -48.96
CA GLY E 425 16.51 -24.35 -49.51
C GLY E 425 16.49 -24.47 -51.02
N ALA E 426 16.70 -23.34 -51.72
CA ALA E 426 16.75 -23.39 -53.18
C ALA E 426 17.95 -24.18 -53.69
N ALA E 427 19.10 -24.08 -53.01
CA ALA E 427 20.27 -24.83 -53.44
C ALA E 427 20.02 -26.34 -53.40
N ASP E 428 19.16 -26.80 -52.50
CA ASP E 428 18.86 -28.22 -52.43
C ASP E 428 17.99 -28.66 -53.61
N GLU E 429 17.06 -27.80 -54.04
CA GLU E 429 16.17 -28.18 -55.14
C GLU E 429 16.91 -28.19 -56.49
N LEU E 430 17.56 -27.08 -56.85
CA LEU E 430 18.23 -27.03 -58.15
C LEU E 430 19.41 -27.99 -58.22
N GLY E 431 20.16 -28.11 -57.13
CA GLY E 431 21.32 -28.98 -57.11
C GLY E 431 22.53 -28.29 -57.68
N PRO E 432 23.68 -28.99 -57.67
CA PRO E 432 24.93 -28.34 -58.09
C PRO E 432 24.98 -28.03 -59.57
N HIS E 433 24.42 -28.91 -60.41
CA HIS E 433 24.53 -28.72 -61.85
C HIS E 433 23.73 -27.51 -62.33
N VAL E 434 22.51 -27.34 -61.80
CA VAL E 434 21.67 -26.22 -62.25
C VAL E 434 22.25 -24.89 -61.81
N LEU E 435 22.86 -24.84 -60.62
CA LEU E 435 23.54 -23.62 -60.19
C LEU E 435 24.69 -23.27 -61.13
N ALA E 436 25.36 -24.27 -61.70
CA ALA E 436 26.40 -23.99 -62.67
C ALA E 436 25.85 -23.22 -63.87
N MET E 437 24.66 -23.59 -64.33
CA MET E 437 24.02 -22.85 -65.40
C MET E 437 23.56 -21.47 -64.93
N HIS E 438 23.15 -21.36 -63.67
CA HIS E 438 22.67 -20.08 -63.15
C HIS E 438 23.77 -19.04 -63.12
N ARG E 439 24.92 -19.36 -62.53
CA ARG E 439 26.03 -18.41 -62.53
C ARG E 439 26.54 -18.12 -63.93
N ALA E 440 26.53 -19.14 -64.81
CA ALA E 440 27.02 -18.93 -66.17
C ALA E 440 26.15 -17.95 -66.91
N VAL E 441 24.82 -18.03 -66.74
CA VAL E 441 23.93 -17.09 -67.40
C VAL E 441 24.13 -15.68 -66.87
N LYS E 442 24.10 -15.51 -65.55
CA LYS E 442 24.29 -14.19 -64.98
C LYS E 442 25.67 -13.63 -65.32
N GLY E 443 26.69 -14.49 -65.37
CA GLY E 443 28.01 -14.03 -65.76
C GLY E 443 28.08 -13.55 -67.20
N ALA E 444 27.31 -14.17 -68.09
CA ALA E 444 27.34 -13.78 -69.50
C ALA E 444 26.50 -12.52 -69.76
N LEU E 445 25.35 -12.41 -69.10
CA LEU E 445 24.46 -11.28 -69.32
C LEU E 445 24.73 -10.12 -68.36
N ASP E 446 25.45 -10.36 -67.27
CA ASP E 446 25.86 -9.33 -66.34
C ASP E 446 27.36 -9.53 -66.08
N PRO E 447 28.22 -9.16 -67.02
CA PRO E 447 29.65 -9.41 -66.85
C PRO E 447 30.27 -8.61 -65.71
N ALA E 448 29.70 -7.46 -65.36
CA ALA E 448 30.23 -6.68 -64.25
C ALA E 448 29.72 -7.17 -62.89
N GLY E 449 28.65 -7.97 -62.88
CA GLY E 449 28.11 -8.49 -61.64
C GLY E 449 27.46 -7.47 -60.74
N ILE E 450 26.75 -6.49 -61.32
CA ILE E 450 26.17 -5.41 -60.54
C ILE E 450 24.66 -5.59 -60.33
N PHE E 451 24.00 -6.40 -61.14
CA PHE E 451 22.56 -6.55 -61.11
C PHE E 451 22.17 -7.50 -60.00
N ASN E 452 21.83 -6.93 -58.84
CA ASN E 452 21.34 -7.67 -57.68
C ASN E 452 22.20 -8.90 -57.38
N PRO E 453 23.48 -8.71 -57.04
CA PRO E 453 24.36 -9.86 -56.82
C PRO E 453 24.16 -10.47 -55.45
N GLY E 454 24.17 -11.80 -55.41
CA GLY E 454 24.03 -12.53 -54.16
C GLY E 454 22.61 -12.83 -53.76
N LYS E 455 21.65 -12.73 -54.69
CA LYS E 455 20.27 -13.09 -54.42
C LYS E 455 19.88 -14.26 -55.31
N VAL E 456 18.82 -14.96 -54.89
CA VAL E 456 18.36 -16.20 -55.53
C VAL E 456 19.43 -17.27 -55.38
N PHE E 457 20.59 -17.06 -56.02
CA PHE E 457 21.75 -17.91 -55.84
C PHE E 457 22.94 -17.06 -55.41
N ALA E 458 23.97 -17.72 -54.90
CA ALA E 458 25.16 -17.05 -54.39
C ALA E 458 26.29 -17.11 -55.42
N LEU E 459 26.77 -15.94 -55.82
CA LEU E 459 27.96 -15.87 -56.66
C LEU E 459 29.17 -16.34 -55.88
N GLU E 460 30.02 -17.14 -56.52
CA GLU E 460 31.22 -17.65 -55.86
C GLU E 460 32.16 -16.52 -55.44
N GLY F 3 0.98 3.43 52.82
CA GLY F 3 0.21 2.19 52.88
C GLY F 3 -1.27 2.41 53.15
N VAL F 4 -1.57 2.80 54.38
CA VAL F 4 -2.95 3.08 54.84
C VAL F 4 -3.83 1.85 54.68
N VAL F 5 -4.09 1.46 53.43
CA VAL F 5 -5.01 0.38 53.06
C VAL F 5 -4.81 -0.85 53.94
N GLU F 6 -3.55 -1.19 54.23
CA GLU F 6 -3.26 -2.39 55.02
C GLU F 6 -3.86 -2.30 56.41
N GLU F 7 -3.80 -1.12 57.02
CA GLU F 7 -4.35 -0.93 58.36
C GLU F 7 -5.87 -0.95 58.34
N LEU F 8 -6.49 -0.42 57.28
CA LEU F 8 -7.94 -0.43 57.18
C LEU F 8 -8.48 -1.86 57.09
N VAL F 9 -7.81 -2.72 56.31
CA VAL F 9 -8.27 -4.10 56.22
C VAL F 9 -7.97 -4.85 57.50
N ALA F 10 -6.93 -4.44 58.23
CA ALA F 10 -6.61 -5.06 59.51
C ALA F 10 -7.53 -4.56 60.63
N ALA F 11 -8.20 -3.43 60.43
CA ALA F 11 -9.09 -2.87 61.45
C ALA F 11 -10.53 -3.34 61.27
N ILE F 12 -11.09 -3.13 60.08
CA ILE F 12 -12.46 -3.53 59.81
C ILE F 12 -12.57 -4.11 58.41
N GLY F 13 -11.64 -4.99 58.04
CA GLY F 13 -11.51 -5.44 56.66
C GLY F 13 -12.69 -6.14 56.00
N ALA F 14 -12.46 -7.39 55.57
CA ALA F 14 -13.50 -8.20 54.94
C ALA F 14 -14.21 -7.47 53.80
N GLU F 15 -15.37 -6.87 54.11
CA GLU F 15 -16.18 -6.18 53.11
C GLU F 15 -16.18 -4.65 53.29
N GLN F 16 -15.32 -4.10 54.15
CA GLN F 16 -15.37 -2.65 54.31
C GLN F 16 -14.41 -1.90 53.39
N VAL F 17 -13.27 -2.47 53.06
CA VAL F 17 -12.24 -1.77 52.30
C VAL F 17 -12.35 -2.16 50.83
N VAL F 18 -12.47 -1.16 49.97
CA VAL F 18 -12.51 -1.34 48.52
C VAL F 18 -11.30 -0.66 47.91
N THR F 19 -10.62 -1.36 46.99
CA THR F 19 -9.44 -0.83 46.33
C THR F 19 -9.47 -1.01 44.81
N ASP F 20 -10.45 -1.69 44.25
CA ASP F 20 -10.54 -1.92 42.82
C ASP F 20 -10.74 -0.60 42.09
N PRO F 21 -9.87 -0.22 41.17
CA PRO F 21 -10.02 1.09 40.50
C PRO F 21 -11.31 1.26 39.74
N ALA F 22 -11.99 0.16 39.41
CA ALA F 22 -13.30 0.26 38.76
C ALA F 22 -14.40 0.53 39.78
N VAL F 23 -14.20 0.12 41.03
CA VAL F 23 -15.18 0.26 42.10
C VAL F 23 -14.94 1.56 42.85
N MET F 24 -14.06 2.41 42.32
CA MET F 24 -13.73 3.67 42.99
C MET F 24 -14.01 4.93 42.18
N GLU F 25 -14.16 4.84 40.85
CA GLU F 25 -14.33 6.04 40.05
C GLU F 25 -15.66 6.74 40.36
N GLY F 26 -16.69 5.98 40.72
CA GLY F 26 -17.96 6.57 41.10
C GLY F 26 -18.03 7.09 42.52
N TYR F 27 -17.03 6.83 43.34
CA TYR F 27 -17.01 7.29 44.73
C TYR F 27 -16.12 8.50 44.94
N SER F 28 -15.43 8.96 43.90
CA SER F 28 -14.45 10.02 44.03
C SER F 28 -14.94 11.37 43.54
N HIS F 29 -16.21 11.48 43.14
CA HIS F 29 -16.72 12.75 42.66
C HIS F 29 -18.23 12.78 42.81
N ASP F 30 -18.77 13.98 42.88
CA ASP F 30 -20.21 14.21 42.85
C ASP F 30 -20.61 14.66 41.44
N GLU F 31 -21.78 15.29 41.32
CA GLU F 31 -22.29 15.77 40.04
C GLU F 31 -21.73 17.12 39.64
N ALA F 32 -20.75 17.65 40.38
CA ALA F 32 -20.12 18.91 40.03
C ALA F 32 -19.28 18.78 38.76
N GLU F 33 -19.63 19.56 37.74
CA GLU F 33 -18.92 19.52 36.47
C GLU F 33 -17.58 20.27 36.49
N TRP F 34 -17.31 21.09 37.53
CA TRP F 34 -16.05 21.84 37.62
C TRP F 34 -15.24 21.42 38.81
N ALA F 35 -15.32 20.16 39.22
CA ALA F 35 -14.59 19.82 40.42
C ALA F 35 -13.45 18.86 40.14
N PRO F 36 -12.21 19.29 40.28
CA PRO F 36 -11.08 18.38 40.03
C PRO F 36 -11.11 17.22 41.01
N TYR F 37 -11.39 16.02 40.51
CA TYR F 37 -11.35 14.84 41.36
C TYR F 37 -10.21 13.95 40.90
N ASP F 38 -9.94 12.91 41.69
CA ASP F 38 -8.80 12.05 41.43
C ASP F 38 -9.09 10.67 42.01
N ALA F 39 -8.20 9.74 41.73
CA ALA F 39 -8.34 8.38 42.24
C ALA F 39 -7.98 8.32 43.72
N PRO F 40 -8.91 7.93 44.59
CA PRO F 40 -8.57 7.80 46.01
C PRO F 40 -7.78 6.53 46.26
N ALA F 41 -7.27 6.41 47.49
CA ALA F 41 -6.51 5.23 47.86
C ALA F 41 -7.44 4.05 48.19
N ALA F 42 -8.45 4.30 49.01
CA ALA F 42 -9.41 3.27 49.39
C ALA F 42 -10.77 3.92 49.63
N VAL F 43 -11.82 3.16 49.35
CA VAL F 43 -13.18 3.59 49.63
C VAL F 43 -13.73 2.66 50.71
N VAL F 44 -13.83 3.16 51.93
CA VAL F 44 -14.30 2.39 53.06
C VAL F 44 -15.82 2.48 53.13
N ARG F 45 -16.45 1.35 53.46
CA ARG F 45 -17.90 1.28 53.66
C ARG F 45 -18.18 0.78 55.07
N PRO F 46 -18.12 1.66 56.07
CA PRO F 46 -18.28 1.23 57.46
C PRO F 46 -19.68 0.70 57.74
N ARG F 47 -19.78 -0.14 58.77
CA ARG F 47 -21.01 -0.79 59.15
C ARG F 47 -21.76 -0.08 60.28
N ASP F 48 -21.06 0.41 61.29
CA ASP F 48 -21.67 1.13 62.40
C ASP F 48 -20.74 2.25 62.82
N THR F 49 -21.14 2.96 63.88
CA THR F 49 -20.35 4.08 64.37
C THR F 49 -18.95 3.63 64.77
N ALA F 50 -18.80 2.41 65.28
CA ALA F 50 -17.50 1.92 65.73
C ALA F 50 -16.50 1.86 64.58
N ASP F 51 -16.94 1.43 63.40
CA ASP F 51 -16.03 1.30 62.28
C ASP F 51 -15.50 2.66 61.82
N VAL F 52 -16.34 3.70 61.88
CA VAL F 52 -15.89 5.04 61.51
C VAL F 52 -14.84 5.54 62.49
N ALA F 53 -14.99 5.22 63.78
CA ALA F 53 -14.01 5.64 64.77
C ALA F 53 -12.65 5.00 64.54
N GLU F 54 -12.60 3.87 63.83
CA GLU F 54 -11.32 3.26 63.48
C GLU F 54 -10.73 3.87 62.23
N VAL F 55 -11.59 4.19 61.25
CA VAL F 55 -11.10 4.79 60.01
C VAL F 55 -10.49 6.16 60.28
N VAL F 56 -11.10 6.92 61.19
CA VAL F 56 -10.55 8.23 61.55
C VAL F 56 -9.25 8.07 62.33
N ARG F 57 -9.18 7.07 63.21
CA ARG F 57 -7.99 6.86 64.02
C ARG F 57 -6.80 6.44 63.17
N ILE F 58 -7.03 5.57 62.19
CA ILE F 58 -5.94 5.13 61.31
C ILE F 58 -5.42 6.30 60.48
N CYS F 59 -6.33 7.09 59.91
CA CYS F 59 -5.92 8.15 59.01
C CYS F 59 -5.30 9.33 59.74
N ALA F 60 -5.62 9.53 61.02
CA ALA F 60 -5.02 10.61 61.79
C ALA F 60 -3.54 10.34 62.05
N GLY F 61 -3.15 9.08 62.21
CA GLY F 61 -1.76 8.74 62.44
C GLY F 61 -0.88 8.78 61.22
N ARG F 62 -1.45 9.02 60.04
CA ARG F 62 -0.70 9.10 58.80
C ARG F 62 -0.86 10.44 58.08
N GLY F 63 -1.80 11.28 58.51
CA GLY F 63 -2.02 12.54 57.83
C GLY F 63 -2.66 12.40 56.46
N VAL F 64 -3.31 11.28 56.19
CA VAL F 64 -3.99 11.06 54.91
C VAL F 64 -5.40 11.63 55.01
N ALA F 65 -5.80 12.39 53.99
CA ALA F 65 -7.06 13.10 54.03
C ALA F 65 -8.24 12.14 53.94
N VAL F 66 -9.32 12.49 54.64
CA VAL F 66 -10.54 11.70 54.68
C VAL F 66 -11.69 12.58 54.23
N VAL F 67 -12.42 12.13 53.22
CA VAL F 67 -13.59 12.83 52.70
C VAL F 67 -14.80 11.94 52.89
N GLY F 68 -15.75 12.38 53.70
CA GLY F 68 -16.99 11.65 53.85
C GLY F 68 -17.84 11.75 52.60
N ARG F 69 -18.69 10.75 52.40
CA ARG F 69 -19.55 10.71 51.22
C ARG F 69 -20.89 10.11 51.59
N GLY F 70 -21.97 10.80 51.23
CA GLY F 70 -23.31 10.27 51.37
C GLY F 70 -23.77 9.60 50.09
N ALA F 71 -24.50 10.34 49.26
CA ALA F 71 -24.95 9.85 47.97
C ALA F 71 -24.21 10.47 46.80
N GLY F 72 -23.29 11.40 47.07
CA GLY F 72 -22.52 12.02 46.00
C GLY F 72 -23.37 12.86 45.06
N THR F 73 -24.30 13.64 45.62
CA THR F 73 -25.18 14.47 44.81
C THR F 73 -24.84 15.95 44.93
N GLY F 74 -23.71 16.30 45.53
CA GLY F 74 -23.35 17.69 45.65
C GLY F 74 -23.07 18.30 44.29
N LEU F 75 -23.30 19.61 44.18
CA LEU F 75 -23.07 20.36 42.96
C LEU F 75 -21.93 21.36 43.11
N SER F 76 -21.12 21.23 44.16
CA SER F 76 -19.99 22.11 44.39
C SER F 76 -18.69 21.33 44.59
N GLY F 77 -18.69 20.03 44.29
CA GLY F 77 -17.51 19.22 44.48
C GLY F 77 -17.15 18.98 45.92
N ALA F 78 -18.13 19.04 46.83
CA ALA F 78 -17.86 18.91 48.26
C ALA F 78 -17.40 17.53 48.64
N ALA F 79 -17.74 16.50 47.86
CA ALA F 79 -17.36 15.13 48.19
C ALA F 79 -16.25 14.58 47.30
N ASN F 80 -15.64 15.42 46.46
CA ASN F 80 -14.59 14.92 45.57
C ASN F 80 -13.34 14.54 46.35
N ALA F 81 -12.76 13.42 45.97
CA ALA F 81 -11.57 12.90 46.63
C ALA F 81 -10.32 13.39 45.93
N GLY F 82 -9.17 13.23 46.60
CA GLY F 82 -7.90 13.60 46.07
C GLY F 82 -6.97 12.40 45.97
N ARG F 83 -5.81 12.64 45.37
CA ARG F 83 -4.82 11.58 45.18
C ARG F 83 -4.43 10.95 46.50
N GLY F 84 -4.85 9.71 46.74
CA GLY F 84 -4.50 9.00 47.95
C GLY F 84 -5.49 9.15 49.10
N TRP F 85 -6.57 9.90 48.92
CA TRP F 85 -7.53 10.11 50.00
C TRP F 85 -8.27 8.82 50.34
N VAL F 86 -9.09 8.89 51.39
CA VAL F 86 -9.94 7.78 51.81
C VAL F 86 -11.38 8.28 51.81
N VAL F 87 -12.23 7.64 51.01
CA VAL F 87 -13.63 8.02 50.85
C VAL F 87 -14.48 7.15 51.75
N VAL F 88 -14.99 7.72 52.84
CA VAL F 88 -15.88 7.01 53.75
C VAL F 88 -17.29 7.06 53.18
N SER F 89 -17.80 5.89 52.77
CA SER F 89 -19.13 5.78 52.17
C SER F 89 -20.11 5.35 53.25
N PHE F 90 -21.06 6.23 53.58
CA PHE F 90 -22.04 5.95 54.62
C PHE F 90 -23.25 5.19 54.10
N GLU F 91 -23.08 4.41 53.03
CA GLU F 91 -24.22 3.75 52.42
C GLU F 91 -24.74 2.56 53.23
N ARG F 92 -23.96 2.04 54.19
CA ARG F 92 -24.44 0.92 54.99
C ARG F 92 -25.13 1.33 56.28
N MET F 93 -24.99 2.58 56.72
CA MET F 93 -25.71 3.07 57.89
C MET F 93 -26.87 3.92 57.39
N ASN F 94 -27.94 3.24 56.99
CA ASN F 94 -29.10 3.88 56.38
C ASN F 94 -30.39 3.42 57.05
N ARG F 95 -30.37 3.28 58.37
CA ARG F 95 -31.54 2.90 59.15
C ARG F 95 -32.03 4.09 59.97
N VAL F 96 -33.34 4.14 60.17
CA VAL F 96 -33.95 5.11 61.08
C VAL F 96 -34.01 4.43 62.45
N LEU F 97 -33.27 4.98 63.42
CA LEU F 97 -33.05 4.28 64.68
C LEU F 97 -34.04 4.66 65.78
N GLU F 98 -35.06 5.46 65.48
CA GLU F 98 -36.04 5.89 66.47
C GLU F 98 -37.02 6.89 65.89
N VAL F 99 -38.28 6.81 66.32
CA VAL F 99 -39.27 7.85 66.04
C VAL F 99 -40.03 8.13 67.33
N ASP F 100 -39.52 9.04 68.14
CA ASP F 100 -40.12 9.37 69.43
C ASP F 100 -41.46 10.07 69.20
N THR F 101 -42.56 9.36 69.42
CA THR F 101 -43.88 9.87 69.06
C THR F 101 -44.34 10.98 70.00
N VAL F 102 -43.97 10.91 71.29
CA VAL F 102 -44.37 11.95 72.23
C VAL F 102 -43.44 13.14 72.15
N GLN F 103 -42.13 12.91 71.97
CA GLN F 103 -41.16 13.99 71.84
C GLN F 103 -41.20 14.66 70.48
N GLN F 104 -41.78 14.00 69.47
CA GLN F 104 -41.81 14.52 68.09
C GLN F 104 -40.40 14.74 67.56
N THR F 105 -39.57 13.70 67.68
CA THR F 105 -38.21 13.72 67.15
C THR F 105 -37.95 12.39 66.44
N VAL F 106 -36.94 12.41 65.57
CA VAL F 106 -36.48 11.22 64.88
C VAL F 106 -34.96 11.15 65.02
N THR F 107 -34.44 9.93 65.10
CA THR F 107 -33.00 9.69 65.21
C THR F 107 -32.59 8.80 64.05
N VAL F 108 -31.78 9.36 63.14
CA VAL F 108 -31.42 8.68 61.91
C VAL F 108 -29.90 8.69 61.75
N GLN F 109 -29.42 7.73 60.97
CA GLN F 109 -28.06 7.49 60.55
C GLN F 109 -27.74 8.30 59.29
N PRO F 110 -26.48 8.67 59.07
CA PRO F 110 -26.17 9.62 58.00
C PRO F 110 -26.49 9.14 56.58
N GLY F 111 -26.81 7.86 56.40
CA GLY F 111 -27.08 7.35 55.07
C GLY F 111 -28.51 7.37 54.62
N VAL F 112 -29.46 7.70 55.51
CA VAL F 112 -30.87 7.67 55.15
C VAL F 112 -31.17 8.77 54.12
N VAL F 113 -31.88 8.41 53.06
CA VAL F 113 -32.27 9.37 52.04
C VAL F 113 -33.37 10.29 52.59
N ASN F 114 -33.41 11.52 52.07
CA ASN F 114 -34.34 12.52 52.59
C ASN F 114 -35.79 12.07 52.51
N ASP F 115 -36.22 11.59 51.35
CA ASP F 115 -37.61 11.15 51.20
C ASP F 115 -37.90 9.93 52.05
N ASP F 116 -36.94 9.01 52.16
CA ASP F 116 -37.11 7.86 53.05
C ASP F 116 -37.41 8.30 54.47
N LEU F 117 -36.88 9.44 54.89
CA LEU F 117 -37.18 9.94 56.24
C LEU F 117 -38.61 10.44 56.32
N ARG F 118 -39.07 11.21 55.33
CA ARG F 118 -40.44 11.72 55.38
C ARG F 118 -41.46 10.61 55.24
N ALA F 119 -41.19 9.60 54.41
CA ALA F 119 -42.12 8.49 54.27
C ALA F 119 -42.27 7.72 55.58
N ARG F 120 -41.17 7.51 56.30
CA ARG F 120 -41.24 6.79 57.57
C ARG F 120 -41.99 7.60 58.62
N VAL F 121 -41.65 8.88 58.77
CA VAL F 121 -42.30 9.70 59.78
C VAL F 121 -43.74 10.03 59.42
N ALA F 122 -44.11 9.91 58.13
CA ALA F 122 -45.50 10.15 57.75
C ALA F 122 -46.42 9.09 58.34
N GLN F 123 -45.91 7.88 58.57
CA GLN F 123 -46.72 6.83 59.19
C GLN F 123 -47.16 7.21 60.59
N ASP F 124 -46.37 8.04 61.28
CA ASP F 124 -46.64 8.45 62.64
C ASP F 124 -47.24 9.85 62.73
N GLY F 125 -47.83 10.34 61.63
CA GLY F 125 -48.46 11.64 61.66
C GLY F 125 -47.52 12.81 61.80
N LEU F 126 -46.24 12.60 61.53
CA LEU F 126 -45.21 13.63 61.64
C LEU F 126 -44.68 14.01 60.25
N TRP F 127 -44.02 15.16 60.21
CA TRP F 127 -43.54 15.74 58.96
C TRP F 127 -42.12 16.26 59.15
N TYR F 128 -41.26 16.00 58.17
CA TYR F 128 -39.92 16.57 58.16
C TYR F 128 -39.87 17.61 57.04
N PRO F 129 -39.88 18.90 57.36
CA PRO F 129 -40.10 19.94 56.34
C PRO F 129 -39.02 19.99 55.26
N PRO F 130 -37.72 20.05 55.61
CA PRO F 130 -36.72 20.35 54.58
C PRO F 130 -36.78 19.40 53.39
N ASP F 131 -37.10 19.95 52.22
CA ASP F 131 -37.26 19.18 50.99
C ASP F 131 -36.33 19.75 49.91
N PRO F 132 -35.05 19.41 49.96
CA PRO F 132 -34.11 19.91 48.96
C PRO F 132 -34.36 19.28 47.60
N ALA F 133 -34.12 20.05 46.54
CA ALA F 133 -34.36 19.63 45.16
C ALA F 133 -33.79 18.26 44.83
N SER F 134 -32.93 17.71 45.70
CA SER F 134 -32.44 16.34 45.57
C SER F 134 -33.02 15.47 46.69
N SER F 135 -34.28 15.71 47.04
CA SER F 135 -34.91 14.95 48.11
C SER F 135 -35.02 13.45 47.82
N PRO F 136 -35.29 12.98 46.60
CA PRO F 136 -35.30 11.54 46.36
C PRO F 136 -33.93 10.91 46.26
N TRP F 137 -32.86 11.67 46.43
CA TRP F 137 -31.54 11.09 46.20
C TRP F 137 -30.57 11.37 47.33
N SER F 138 -30.63 12.56 47.93
CA SER F 138 -29.66 12.99 48.92
C SER F 138 -29.88 12.29 50.26
N THR F 139 -28.80 12.25 51.05
CA THR F 139 -28.82 11.64 52.36
C THR F 139 -28.94 12.71 53.45
N ILE F 140 -29.43 12.30 54.61
CA ILE F 140 -29.54 13.23 55.74
C ILE F 140 -28.15 13.64 56.22
N GLY F 141 -27.20 12.70 56.25
CA GLY F 141 -25.84 13.06 56.64
C GLY F 141 -25.24 14.12 55.75
N GLY F 142 -25.53 14.06 54.45
CA GLY F 142 -25.07 15.11 53.55
C GLY F 142 -25.82 16.41 53.75
N ASN F 143 -27.15 16.33 53.93
CA ASN F 143 -27.93 17.54 54.14
C ASN F 143 -27.54 18.25 55.42
N VAL F 144 -27.11 17.50 56.44
CA VAL F 144 -26.65 18.14 57.67
C VAL F 144 -25.30 18.81 57.44
N ALA F 145 -24.41 18.14 56.72
CA ALA F 145 -23.08 18.69 56.49
C ALA F 145 -23.12 19.87 55.52
N THR F 146 -24.11 19.92 54.65
CA THR F 146 -24.26 21.03 53.71
C THR F 146 -25.28 22.07 54.17
N ASN F 147 -26.04 21.79 55.22
CA ASN F 147 -27.13 22.66 55.65
C ASN F 147 -28.11 22.90 54.50
N ALA F 148 -28.58 21.81 53.91
CA ALA F 148 -29.39 21.89 52.70
C ALA F 148 -30.77 22.49 53.01
N GLY F 149 -31.29 23.26 52.05
CA GLY F 149 -32.59 23.87 52.17
C GLY F 149 -33.55 23.36 51.12
N GLY F 150 -34.82 23.66 51.33
CA GLY F 150 -35.86 23.17 50.45
C GLY F 150 -36.76 24.24 49.85
N LEU F 151 -37.93 23.81 49.35
CA LEU F 151 -38.88 24.73 48.75
C LEU F 151 -39.72 25.45 49.80
N CYS F 152 -40.08 24.75 50.87
CA CYS F 152 -40.90 25.31 51.95
C CYS F 152 -40.06 25.99 53.03
N CYS F 153 -38.83 26.40 52.70
CA CYS F 153 -38.01 27.13 53.66
C CYS F 153 -38.54 28.52 53.96
N VAL F 154 -39.44 29.03 53.12
CA VAL F 154 -40.01 30.37 53.32
C VAL F 154 -40.92 30.46 54.53
N LYS F 155 -41.26 29.32 55.13
CA LYS F 155 -42.08 29.32 56.34
C LYS F 155 -41.63 28.30 57.38
N TYR F 156 -40.92 27.24 57.00
CA TYR F 156 -40.51 26.21 57.95
C TYR F 156 -39.01 26.14 58.17
N GLY F 157 -38.19 26.75 57.31
CA GLY F 157 -36.77 26.87 57.53
C GLY F 157 -35.95 25.80 56.83
N VAL F 158 -34.63 25.88 57.06
CA VAL F 158 -33.66 24.99 56.42
C VAL F 158 -33.33 23.82 57.35
N THR F 159 -32.34 23.01 56.96
CA THR F 159 -31.98 21.84 57.75
C THR F 159 -31.41 22.22 59.12
N ARG F 160 -30.60 23.28 59.17
CA ARG F 160 -30.03 23.71 60.45
C ARG F 160 -31.12 23.98 61.50
N ASP F 161 -32.28 24.46 61.07
CA ASP F 161 -33.39 24.74 61.98
C ASP F 161 -34.01 23.48 62.60
N TYR F 162 -33.48 22.30 62.33
CA TYR F 162 -34.05 21.06 62.87
C TYR F 162 -33.03 20.11 63.48
N VAL F 163 -31.74 20.45 63.45
CA VAL F 163 -30.71 19.59 64.03
C VAL F 163 -30.68 19.83 65.54
N LEU F 164 -31.06 18.80 66.30
CA LEU F 164 -31.05 18.88 67.76
C LEU F 164 -29.74 18.34 68.32
N GLY F 165 -29.31 17.18 67.85
CA GLY F 165 -28.09 16.57 68.33
C GLY F 165 -27.54 15.63 67.28
N MET F 166 -26.36 15.08 67.59
CA MET F 166 -25.69 14.20 66.64
C MET F 166 -24.59 13.43 67.36
N GLU F 167 -24.16 12.34 66.73
CA GLU F 167 -23.01 11.56 67.17
C GLU F 167 -21.96 11.68 66.08
N ALA F 168 -20.81 12.25 66.41
CA ALA F 168 -19.77 12.51 65.43
C ALA F 168 -18.46 11.86 65.87
N VAL F 169 -17.58 11.68 64.89
CA VAL F 169 -16.22 11.18 65.12
C VAL F 169 -15.26 12.30 64.77
N VAL F 170 -14.59 12.84 65.77
CA VAL F 170 -13.79 14.05 65.58
C VAL F 170 -12.35 13.77 65.96
N GLY F 171 -11.48 14.77 65.81
CA GLY F 171 -10.10 14.66 66.24
C GLY F 171 -9.39 13.44 65.67
N SER F 172 -8.70 12.72 66.55
CA SER F 172 -7.97 11.52 66.21
C SER F 172 -8.84 10.26 66.21
N GLY F 173 -10.15 10.39 66.38
CA GLY F 173 -11.01 9.22 66.33
C GLY F 173 -11.99 9.08 67.48
N GLU F 174 -12.22 10.16 68.21
CA GLU F 174 -13.11 10.12 69.36
C GLU F 174 -14.57 10.19 68.91
N VAL F 175 -15.39 9.28 69.42
CA VAL F 175 -16.83 9.34 69.22
C VAL F 175 -17.42 10.25 70.30
N VAL F 176 -18.07 11.33 69.88
CA VAL F 176 -18.62 12.31 70.80
C VAL F 176 -20.09 12.53 70.47
N ARG F 177 -20.87 12.88 71.49
CA ARG F 177 -22.26 13.26 71.34
C ARG F 177 -22.38 14.77 71.41
N LEU F 178 -22.92 15.39 70.37
CA LEU F 178 -23.08 16.83 70.31
C LEU F 178 -24.55 17.18 70.26
N GLY F 179 -24.93 18.26 70.95
CA GLY F 179 -26.30 18.72 70.97
C GLY F 179 -27.17 17.92 71.92
N ARG F 180 -28.42 18.37 72.05
CA ARG F 180 -29.40 17.73 72.90
C ARG F 180 -30.37 16.89 72.07
N THR F 181 -31.29 16.23 72.78
CA THR F 181 -32.46 15.61 72.19
C THR F 181 -33.79 16.08 72.79
N THR F 182 -33.77 16.86 73.89
CA THR F 182 -34.95 17.38 74.57
C THR F 182 -35.61 18.46 73.72
N ALA F 183 -36.42 19.35 74.31
CA ALA F 183 -36.96 20.46 73.54
C ALA F 183 -36.35 21.81 73.89
N LYS F 184 -35.28 21.85 74.69
CA LYS F 184 -34.57 23.07 75.06
C LYS F 184 -33.18 22.73 75.58
N GLY F 185 -32.23 23.64 75.39
CA GLY F 185 -30.86 23.39 75.86
C GLY F 185 -29.78 24.35 75.38
N VAL F 186 -29.07 24.96 76.33
CA VAL F 186 -28.00 25.90 76.03
C VAL F 186 -26.64 25.43 76.53
N THR F 187 -26.58 24.34 77.31
CA THR F 187 -25.35 23.86 77.93
C THR F 187 -24.18 23.79 76.95
N GLY F 188 -23.16 24.60 77.21
CA GLY F 188 -21.98 24.63 76.38
C GLY F 188 -22.17 25.49 75.14
N TYR F 189 -21.32 25.23 74.14
CA TYR F 189 -21.41 25.91 72.86
C TYR F 189 -22.38 25.17 71.94
N ASP F 190 -22.74 25.85 70.85
CA ASP F 190 -23.54 25.24 69.79
C ASP F 190 -22.61 24.52 68.81
N LEU F 191 -22.03 23.42 69.30
CA LEU F 191 -21.11 22.65 68.47
C LEU F 191 -21.86 21.78 67.47
N ALA F 192 -23.01 21.23 67.86
CA ALA F 192 -23.83 20.47 66.92
C ALA F 192 -24.29 21.36 65.76
N GLY F 193 -24.52 22.65 66.03
CA GLY F 193 -24.87 23.56 64.96
C GLY F 193 -23.69 23.92 64.10
N LEU F 194 -22.51 24.05 64.72
CA LEU F 194 -21.28 24.29 63.96
C LEU F 194 -20.96 23.12 63.03
N MET F 195 -21.37 21.91 63.41
CA MET F 195 -21.16 20.77 62.52
C MET F 195 -22.05 20.87 61.28
N VAL F 196 -23.20 21.53 61.40
CA VAL F 196 -24.09 21.75 60.26
C VAL F 196 -23.48 22.79 59.33
N GLY F 197 -23.48 22.50 58.04
CA GLY F 197 -22.90 23.39 57.06
C GLY F 197 -21.40 23.37 56.96
N SER F 198 -20.72 22.47 57.68
CA SER F 198 -19.27 22.39 57.64
C SER F 198 -18.76 21.55 56.48
N GLU F 199 -19.64 20.86 55.75
CA GLU F 199 -19.28 20.08 54.56
C GLU F 199 -18.23 19.02 54.89
N GLY F 200 -18.36 18.43 56.08
CA GLY F 200 -17.46 17.35 56.46
C GLY F 200 -16.03 17.76 56.68
N THR F 201 -15.78 19.04 56.97
CA THR F 201 -14.45 19.54 57.23
C THR F 201 -14.16 19.71 58.71
N LEU F 202 -15.04 19.19 59.57
CA LEU F 202 -14.84 19.22 61.01
C LEU F 202 -15.13 17.89 61.69
N GLY F 203 -15.63 16.90 60.97
CA GLY F 203 -15.96 15.62 61.54
C GLY F 203 -17.01 14.92 60.73
N LEU F 204 -17.08 13.60 60.93
CA LEU F 204 -18.05 12.75 60.25
C LEU F 204 -19.23 12.50 61.18
N VAL F 205 -20.44 12.82 60.72
CA VAL F 205 -21.62 12.52 61.52
C VAL F 205 -22.01 11.07 61.29
N THR F 206 -22.19 10.34 62.39
CA THR F 206 -22.55 8.93 62.33
C THR F 206 -23.98 8.67 62.82
N GLU F 207 -24.64 9.69 63.34
CA GLU F 207 -26.01 9.61 63.84
C GLU F 207 -26.49 11.02 64.15
N VAL F 208 -27.66 11.40 63.66
CA VAL F 208 -28.21 12.73 63.91
C VAL F 208 -29.64 12.57 64.41
N THR F 209 -30.00 13.38 65.40
CA THR F 209 -31.38 13.49 65.81
C THR F 209 -31.98 14.73 65.17
N LEU F 210 -33.25 14.63 64.79
CA LEU F 210 -33.94 15.70 64.10
C LEU F 210 -35.30 15.92 64.74
N ARG F 211 -35.76 17.16 64.76
CA ARG F 211 -37.06 17.46 65.32
C ARG F 211 -38.10 17.41 64.21
N LEU F 212 -39.32 17.02 64.59
CA LEU F 212 -40.38 16.82 63.63
C LEU F 212 -41.59 17.70 63.96
N VAL F 213 -42.50 17.78 63.00
CA VAL F 213 -43.72 18.57 63.13
C VAL F 213 -44.90 17.77 62.61
N PRO F 214 -46.09 18.01 63.15
CA PRO F 214 -47.27 17.28 62.69
C PRO F 214 -47.49 17.44 61.19
N LEU F 215 -48.19 16.45 60.62
CA LEU F 215 -48.34 16.31 59.17
C LEU F 215 -49.41 17.23 58.63
N ARG F 216 -48.99 18.38 58.08
CA ARG F 216 -49.81 19.25 57.23
C ARG F 216 -51.05 18.56 56.68
N ARG F 217 -52.19 18.70 57.35
CA ARG F 217 -53.41 18.04 56.88
C ARG F 217 -54.39 18.99 56.21
N GLY F 218 -54.35 20.28 56.54
CA GLY F 218 -55.17 21.25 55.87
C GLY F 218 -54.79 21.38 54.41
N VAL F 219 -55.74 21.12 53.51
CA VAL F 219 -55.44 21.12 52.08
C VAL F 219 -54.97 22.49 51.64
N GLU F 220 -53.92 22.51 50.83
CA GLU F 220 -53.31 23.74 50.35
C GLU F 220 -53.69 23.98 48.89
N HIS F 221 -53.25 25.11 48.34
CA HIS F 221 -53.68 25.54 47.03
C HIS F 221 -52.59 26.39 46.37
N THR F 222 -52.59 26.38 45.04
CA THR F 222 -51.73 27.19 44.20
C THR F 222 -52.47 28.45 43.78
N VAL F 223 -51.75 29.36 43.10
CA VAL F 223 -52.32 30.67 42.81
C VAL F 223 -52.10 31.06 41.34
N VAL F 224 -50.91 30.80 40.82
CA VAL F 224 -50.61 31.05 39.41
C VAL F 224 -50.70 29.73 38.66
N GLY F 225 -50.83 29.80 37.34
CA GLY F 225 -50.92 28.61 36.53
C GLY F 225 -51.21 28.87 35.07
N THR F 231 -36.24 45.06 34.77
CA THR F 231 -37.24 44.33 35.55
C THR F 231 -38.03 43.38 34.67
N ASP F 232 -38.81 42.50 35.32
CA ASP F 232 -39.60 41.50 34.62
C ASP F 232 -40.79 41.08 35.47
N ALA F 233 -40.59 41.01 36.78
CA ALA F 233 -41.66 40.85 37.77
C ALA F 233 -41.25 41.66 38.99
N GLY F 234 -41.70 42.91 39.06
CA GLY F 234 -41.51 43.76 40.22
C GLY F 234 -42.83 44.36 40.67
N ARG F 235 -42.71 45.54 41.29
CA ARG F 235 -43.84 46.28 41.86
C ARG F 235 -44.80 45.42 42.67
N ALA F 236 -44.54 45.25 43.96
CA ALA F 236 -45.49 44.59 44.87
C ALA F 236 -45.69 43.11 44.54
N VAL F 237 -44.84 42.51 43.72
CA VAL F 237 -44.97 41.07 43.50
C VAL F 237 -44.16 40.31 44.55
N ALA F 238 -43.04 40.87 44.99
CA ALA F 238 -42.35 40.37 46.17
C ALA F 238 -43.03 40.83 47.46
N ALA F 239 -43.89 41.85 47.37
CA ALA F 239 -44.52 42.46 48.53
C ALA F 239 -45.82 41.77 48.93
N VAL F 240 -45.96 40.48 48.62
CA VAL F 240 -47.04 39.70 49.23
C VAL F 240 -46.81 39.61 50.73
N SER F 241 -45.55 39.53 51.16
CA SER F 241 -45.22 39.50 52.57
C SER F 241 -45.21 40.89 53.18
N ALA F 242 -44.79 41.90 52.42
CA ALA F 242 -44.80 43.26 52.94
C ALA F 242 -46.22 43.74 53.24
N ALA F 243 -47.21 43.20 52.52
CA ALA F 243 -48.62 43.47 52.76
C ALA F 243 -49.33 42.13 52.92
N GLY F 244 -49.28 41.58 54.12
CA GLY F 244 -49.88 40.29 54.39
C GLY F 244 -48.98 39.36 55.17
N ILE F 245 -49.08 38.05 54.89
CA ILE F 245 -48.34 37.02 55.60
C ILE F 245 -47.67 36.11 54.55
N VAL F 246 -46.95 35.11 55.03
CA VAL F 246 -46.01 34.33 54.23
C VAL F 246 -46.70 33.21 53.46
N PRO F 247 -46.18 32.82 52.29
CA PRO F 247 -46.89 31.85 51.43
C PRO F 247 -46.37 30.42 51.51
N SER F 248 -45.61 30.08 52.56
CA SER F 248 -45.10 28.71 52.76
C SER F 248 -44.24 28.21 51.60
N ALA F 249 -44.43 28.75 50.39
CA ALA F 249 -43.58 28.43 49.25
C ALA F 249 -43.74 29.54 48.21
N LEU F 250 -42.72 29.68 47.38
CA LEU F 250 -42.70 30.73 46.36
C LEU F 250 -41.58 30.51 45.35
N GLU F 251 -41.93 30.19 44.13
CA GLU F 251 -40.95 29.91 43.08
C GLU F 251 -41.01 30.99 42.01
N LEU F 252 -40.06 30.90 41.08
CA LEU F 252 -40.05 31.76 39.91
C LEU F 252 -39.36 30.91 38.84
N ILE F 253 -40.17 30.26 38.01
CA ILE F 253 -39.67 29.27 37.07
C ILE F 253 -39.87 29.73 35.64
N ASP F 254 -38.97 29.29 34.78
CA ASP F 254 -39.03 29.58 33.36
C ASP F 254 -39.42 28.31 32.63
N ARG F 255 -39.97 28.46 31.43
CA ARG F 255 -40.50 27.32 30.70
C ARG F 255 -39.42 26.31 30.30
N PHE F 256 -38.17 26.76 30.11
CA PHE F 256 -37.12 25.88 29.62
C PHE F 256 -37.07 24.58 30.40
N CYS F 257 -37.48 24.61 31.66
CA CYS F 257 -37.60 23.39 32.43
C CYS F 257 -38.97 22.73 32.28
N LEU F 258 -40.04 23.53 32.11
CA LEU F 258 -41.39 22.97 32.02
C LEU F 258 -41.59 22.12 30.76
N GLN F 259 -41.40 22.71 29.57
CA GLN F 259 -41.51 21.99 28.31
C GLN F 259 -40.25 21.19 27.97
N ALA F 260 -39.42 20.90 28.96
CA ALA F 260 -38.37 19.91 28.82
C ALA F 260 -38.61 18.68 29.69
N VAL F 261 -39.60 18.71 30.58
CA VAL F 261 -40.00 17.50 31.29
C VAL F 261 -40.92 16.67 30.42
N ASP F 262 -41.66 17.31 29.51
CA ASP F 262 -42.62 16.58 28.69
C ASP F 262 -41.94 15.75 27.61
N GLU F 263 -40.62 15.86 27.45
CA GLU F 263 -39.84 14.98 26.60
C GLU F 263 -39.14 13.87 27.38
N TRP F 264 -39.38 13.80 28.68
CA TRP F 264 -38.72 12.87 29.62
C TRP F 264 -39.86 12.31 30.46
N LYS F 265 -40.56 11.32 29.90
CA LYS F 265 -41.85 10.85 30.37
C LYS F 265 -42.91 11.95 30.27
N ASN F 266 -43.92 11.69 29.45
CA ASN F 266 -44.95 12.67 29.16
C ASN F 266 -45.69 13.05 30.43
N MET F 267 -45.69 14.36 30.74
CA MET F 267 -46.40 14.89 31.89
C MET F 267 -47.59 15.76 31.51
N GLY F 268 -47.57 16.35 30.31
CA GLY F 268 -48.68 17.15 29.85
C GLY F 268 -48.73 18.53 30.48
N LEU F 269 -47.78 19.39 30.12
CA LEU F 269 -47.71 20.74 30.66
C LEU F 269 -48.24 21.79 29.70
N SER F 270 -47.91 21.68 28.41
CA SER F 270 -48.33 22.63 27.39
C SER F 270 -47.91 24.06 27.72
N ALA F 271 -48.51 24.64 28.75
CA ALA F 271 -48.14 25.98 29.19
C ALA F 271 -47.71 25.97 30.66
N LEU F 276 -45.59 29.73 36.61
CA LEU F 276 -44.50 30.63 36.23
C LEU F 276 -44.33 31.75 37.26
N LEU F 277 -45.09 31.64 38.35
CA LEU F 277 -44.85 32.42 39.56
C LEU F 277 -45.06 31.47 40.73
N LEU F 278 -46.29 30.96 40.87
CA LEU F 278 -46.61 29.89 41.80
C LEU F 278 -46.46 30.25 43.28
N ALA F 279 -47.57 30.27 44.01
CA ALA F 279 -47.55 30.51 45.45
C ALA F 279 -48.49 29.52 46.12
N ARG F 280 -48.34 29.38 47.43
CA ARG F 280 -49.05 28.33 48.15
C ARG F 280 -49.49 28.85 49.52
N SER F 281 -50.36 28.06 50.18
CA SER F 281 -50.91 28.44 51.49
C SER F 281 -51.43 27.20 52.19
N ASP F 282 -50.81 26.82 53.31
CA ASP F 282 -51.19 25.62 54.05
C ASP F 282 -51.74 26.00 55.42
N LEU F 283 -53.06 26.16 55.50
CA LEU F 283 -53.74 26.44 56.76
C LEU F 283 -55.03 25.61 56.77
N PRO F 284 -55.34 24.96 57.89
CA PRO F 284 -56.48 24.03 57.91
C PRO F 284 -57.82 24.74 57.92
N GLY F 285 -58.82 24.09 57.33
CA GLY F 285 -60.15 24.66 57.25
C GLY F 285 -60.22 25.80 56.25
N THR F 286 -61.17 26.71 56.47
CA THR F 286 -61.24 27.93 55.66
C THR F 286 -59.99 28.79 55.79
N SER F 287 -59.14 28.52 56.78
CA SER F 287 -57.92 29.29 56.95
C SER F 287 -56.98 29.14 55.76
N GLY F 288 -57.11 28.06 54.98
CA GLY F 288 -56.38 28.00 53.72
C GLY F 288 -56.91 29.01 52.72
N GLN F 289 -58.24 29.10 52.61
CA GLN F 289 -58.85 30.06 51.69
C GLN F 289 -58.65 31.49 52.16
N GLU F 290 -58.27 31.67 53.44
CA GLU F 290 -58.03 33.00 53.98
C GLU F 290 -56.80 33.65 53.35
N GLU F 291 -55.80 32.85 53.01
CA GLU F 291 -54.61 33.34 52.32
C GLU F 291 -54.65 33.08 50.82
N ALA F 292 -55.35 32.03 50.38
CA ALA F 292 -55.32 31.65 48.98
C ALA F 292 -56.08 32.63 48.11
N ASP F 293 -56.87 33.51 48.73
CA ASP F 293 -57.48 34.62 48.03
C ASP F 293 -56.55 35.84 48.04
N ARG F 294 -56.22 36.35 49.23
CA ARG F 294 -55.26 37.46 49.32
C ARG F 294 -53.95 37.22 48.60
N ILE F 295 -53.47 35.97 48.54
CA ILE F 295 -52.23 35.74 47.80
C ILE F 295 -52.46 35.82 46.30
N LEU F 296 -53.68 35.53 45.85
CA LEU F 296 -53.99 35.83 44.45
C LEU F 296 -54.16 37.32 44.23
N GLU F 297 -54.84 38.01 45.14
CA GLU F 297 -55.11 39.45 44.97
C GLU F 297 -53.85 40.26 44.73
N CYS F 298 -52.73 39.86 45.36
CA CYS F 298 -51.49 40.59 45.13
C CYS F 298 -50.95 40.37 43.72
N PHE F 299 -51.40 39.33 43.02
CA PHE F 299 -50.76 38.97 41.76
C PHE F 299 -51.39 39.65 40.54
N GLU F 300 -52.66 40.05 40.60
CA GLU F 300 -53.24 40.80 39.48
C GLU F 300 -53.17 42.30 39.67
N LYS F 301 -52.95 42.78 40.88
CA LYS F 301 -52.70 44.21 41.09
C LYS F 301 -51.34 44.66 40.56
N GLU F 302 -50.65 43.77 39.84
CA GLU F 302 -49.42 44.11 39.13
C GLU F 302 -49.64 43.93 37.64
N LYS F 303 -48.69 43.29 36.95
CA LYS F 303 -48.80 42.96 35.53
C LYS F 303 -49.02 41.46 35.42
N ALA F 304 -50.18 41.01 35.89
CA ALA F 304 -50.47 39.58 35.96
C ALA F 304 -50.56 38.96 34.58
N VAL F 305 -51.36 39.56 33.69
CA VAL F 305 -51.88 38.95 32.47
C VAL F 305 -52.08 37.45 32.69
N TYR F 306 -53.26 37.10 33.24
CA TYR F 306 -53.65 35.76 33.67
C TYR F 306 -53.09 35.40 35.05
N ALA F 307 -53.97 35.02 35.96
CA ALA F 307 -53.64 34.62 37.33
C ALA F 307 -54.89 34.09 38.01
N VAL F 308 -55.04 32.76 38.04
CA VAL F 308 -56.23 32.11 38.57
C VAL F 308 -55.83 31.16 39.70
N ARG F 309 -56.10 31.55 40.95
CA ARG F 309 -56.00 30.63 42.08
C ARG F 309 -56.51 29.23 41.74
N SER F 310 -56.08 28.21 42.49
CA SER F 310 -56.55 26.86 42.29
C SER F 310 -57.33 26.38 43.53
N THR F 311 -58.43 25.67 43.28
CA THR F 311 -59.23 25.01 44.30
C THR F 311 -58.39 24.13 45.23
N ASP F 312 -58.52 22.80 45.10
CA ASP F 312 -57.81 21.87 45.98
C ASP F 312 -56.69 21.22 45.20
N GLU F 313 -56.83 19.97 44.76
CA GLU F 313 -55.74 19.24 44.14
C GLU F 313 -55.44 19.76 42.74
N LEU F 319 -46.47 21.86 37.50
CA LEU F 319 -45.40 22.86 37.46
C LEU F 319 -44.54 22.78 38.71
N PHE F 320 -45.09 22.25 39.81
CA PHE F 320 -44.31 22.13 41.03
C PHE F 320 -43.51 20.84 41.06
N GLN F 321 -44.11 19.73 40.62
CA GLN F 321 -43.34 18.52 40.37
C GLN F 321 -42.38 18.72 39.20
N ALA F 322 -42.80 19.51 38.21
CA ALA F 322 -41.85 19.94 37.18
C ALA F 322 -40.73 20.76 37.81
N ARG F 323 -41.07 21.58 38.81
CA ARG F 323 -40.05 22.28 39.57
C ARG F 323 -39.17 21.28 40.33
N ARG F 324 -39.76 20.23 40.87
CA ARG F 324 -38.95 19.19 41.52
C ARG F 324 -38.09 18.48 40.49
N LEU F 325 -38.67 18.13 39.33
CA LEU F 325 -37.96 17.47 38.24
C LEU F 325 -37.30 18.47 37.29
N ALA F 326 -36.96 19.67 37.77
CA ALA F 326 -36.38 20.67 36.87
C ALA F 326 -34.95 20.33 36.47
N TYR F 327 -34.19 19.75 37.38
CA TYR F 327 -32.81 19.35 37.09
C TYR F 327 -32.45 17.89 37.38
N PRO F 328 -32.97 17.26 38.44
CA PRO F 328 -32.66 15.82 38.62
C PRO F 328 -33.20 14.92 37.52
N ALA F 329 -34.27 15.32 36.84
CA ALA F 329 -34.73 14.61 35.64
C ALA F 329 -34.24 15.22 34.34
N LEU F 330 -34.06 16.54 34.29
CA LEU F 330 -33.76 17.21 33.03
C LEU F 330 -32.30 17.59 32.85
N GLU F 331 -31.38 16.95 33.57
CA GLU F 331 -29.97 17.16 33.23
C GLU F 331 -29.73 16.68 31.80
N ARG F 332 -30.19 15.48 31.48
CA ARG F 332 -30.11 14.96 30.11
C ARG F 332 -30.80 15.89 29.11
N LEU F 333 -30.08 16.96 28.77
CA LEU F 333 -30.42 17.95 27.76
C LEU F 333 -29.09 18.65 27.52
N GLY F 334 -28.04 18.02 28.05
CA GLY F 334 -26.68 18.50 28.02
C GLY F 334 -26.19 18.64 29.45
N PRO F 335 -24.89 18.88 29.65
CA PRO F 335 -24.42 19.15 31.02
C PRO F 335 -24.93 20.51 31.49
N LEU F 336 -25.39 20.56 32.74
CA LEU F 336 -26.09 21.72 33.28
C LEU F 336 -25.39 22.25 34.52
N LEU F 337 -25.05 23.55 34.51
CA LEU F 337 -24.65 24.28 35.70
C LEU F 337 -25.84 24.98 36.33
N THR F 338 -26.01 24.76 37.62
CA THR F 338 -26.94 25.54 38.40
C THR F 338 -26.09 26.30 39.41
N GLU F 339 -26.42 27.55 39.61
CA GLU F 339 -25.70 28.38 40.56
C GLU F 339 -26.66 28.74 41.68
N ASP F 340 -26.10 29.17 42.80
CA ASP F 340 -26.92 29.39 43.99
C ASP F 340 -26.40 30.65 44.68
N VAL F 341 -26.90 31.79 44.25
CA VAL F 341 -26.65 33.06 44.92
C VAL F 341 -27.88 33.36 45.74
N CYS F 342 -27.69 34.09 46.84
CA CYS F 342 -28.80 34.51 47.68
C CYS F 342 -28.66 35.99 47.96
N VAL F 343 -29.64 36.77 47.51
CA VAL F 343 -29.59 38.22 47.60
C VAL F 343 -30.80 38.66 48.43
N PRO F 344 -30.82 39.91 48.91
CA PRO F 344 -32.00 40.41 49.61
C PRO F 344 -33.24 40.30 48.73
N LYS F 345 -34.39 40.10 49.39
CA LYS F 345 -35.64 39.89 48.67
C LYS F 345 -35.98 41.08 47.79
N ALA F 346 -35.60 42.29 48.19
CA ALA F 346 -35.86 43.48 47.40
C ALA F 346 -34.94 43.59 46.19
N ARG F 347 -33.96 42.70 46.06
CA ARG F 347 -32.97 42.74 45.00
C ARG F 347 -33.15 41.61 43.99
N VAL F 348 -34.19 40.79 44.13
CA VAL F 348 -34.45 39.75 43.12
C VAL F 348 -34.71 40.35 41.74
N PRO F 349 -35.55 41.39 41.58
CA PRO F 349 -35.74 41.95 40.22
C PRO F 349 -34.46 42.47 39.58
N HIS F 350 -33.65 43.23 40.33
CA HIS F 350 -32.39 43.72 39.77
C HIS F 350 -31.44 42.56 39.52
N MET F 351 -31.48 41.54 40.37
CA MET F 351 -30.59 40.41 40.21
C MET F 351 -30.94 39.61 38.95
N LEU F 352 -32.23 39.33 38.74
CA LEU F 352 -32.65 38.62 37.54
C LEU F 352 -32.39 39.43 36.27
N GLU F 353 -32.44 40.76 36.37
CA GLU F 353 -32.06 41.61 35.25
C GLU F 353 -30.58 41.42 34.92
N ALA F 354 -29.75 41.20 35.94
CA ALA F 354 -28.31 41.07 35.72
C ALA F 354 -27.97 39.76 35.03
N ILE F 355 -28.71 38.68 35.30
CA ILE F 355 -28.42 37.42 34.64
C ILE F 355 -28.71 37.52 33.15
N GLU F 356 -29.83 38.15 32.78
CA GLU F 356 -30.14 38.29 31.36
C GLU F 356 -29.16 39.24 30.67
N ALA F 357 -28.65 40.24 31.39
CA ALA F 357 -27.63 41.10 30.80
C ALA F 357 -26.30 40.38 30.73
N ALA F 358 -25.98 39.56 31.74
CA ALA F 358 -24.82 38.69 31.66
C ALA F 358 -25.07 37.52 30.72
N GLY F 359 -26.34 37.20 30.45
CA GLY F 359 -26.69 36.21 29.45
C GLY F 359 -26.51 36.67 28.03
N GLU F 360 -26.48 37.98 27.81
CA GLU F 360 -26.25 38.55 26.50
C GLU F 360 -24.79 38.91 26.26
N ARG F 361 -24.05 39.27 27.31
CA ARG F 361 -22.62 39.50 27.18
C ARG F 361 -21.98 38.19 26.73
N PHE F 362 -21.99 37.98 25.41
CA PHE F 362 -21.47 36.79 24.74
C PHE F 362 -22.29 35.55 25.04
N ASP F 363 -23.14 35.21 24.06
CA ASP F 363 -24.05 34.05 23.99
C ASP F 363 -23.88 32.97 25.06
N THR F 364 -24.29 33.27 26.29
CA THR F 364 -24.47 32.27 27.33
C THR F 364 -25.94 32.36 27.70
N ARG F 365 -26.72 31.38 27.30
CA ARG F 365 -28.18 31.43 27.46
C ARG F 365 -28.57 30.79 28.79
N ILE F 366 -28.69 31.62 29.82
CA ILE F 366 -28.91 31.16 31.19
C ILE F 366 -30.40 31.12 31.51
N GLY F 367 -30.90 29.93 31.82
CA GLY F 367 -32.23 29.82 32.39
C GLY F 367 -32.20 30.14 33.88
N ASN F 368 -33.29 30.72 34.37
CA ASN F 368 -33.34 31.26 35.72
C ASN F 368 -34.52 30.64 36.49
N ILE F 369 -34.20 30.05 37.64
CA ILE F 369 -35.20 29.64 38.63
C ILE F 369 -34.82 30.24 39.97
N ALA F 370 -35.81 30.55 40.79
CA ALA F 370 -35.54 31.24 42.03
C ALA F 370 -36.67 31.04 43.03
N HIS F 371 -36.30 30.79 44.28
CA HIS F 371 -37.22 30.89 45.43
C HIS F 371 -37.24 32.36 45.87
N ALA F 372 -38.08 33.14 45.19
CA ALA F 372 -38.13 34.58 45.46
C ALA F 372 -38.62 34.90 46.86
N GLY F 373 -39.16 33.91 47.58
CA GLY F 373 -39.65 34.16 48.93
C GLY F 373 -38.55 34.42 49.95
N ASP F 374 -37.31 34.04 49.64
CA ASP F 374 -36.21 34.28 50.55
C ASP F 374 -34.95 34.77 49.83
N GLY F 375 -35.04 35.15 48.56
CA GLY F 375 -33.87 35.62 47.84
C GLY F 375 -33.01 34.51 47.28
N ASN F 376 -33.56 33.31 47.14
CA ASN F 376 -32.84 32.15 46.63
C ASN F 376 -33.00 32.05 45.13
N LEU F 377 -31.91 32.27 44.40
CA LEU F 377 -31.91 32.18 42.95
C LEU F 377 -31.09 30.97 42.50
N HIS F 378 -31.57 30.29 41.46
CA HIS F 378 -30.85 29.19 40.82
C HIS F 378 -30.74 29.48 39.33
N PRO F 379 -29.79 30.33 38.92
CA PRO F 379 -29.52 30.47 37.49
C PRO F 379 -28.90 29.20 36.93
N LEU F 380 -29.28 28.85 35.70
CA LEU F 380 -28.79 27.62 35.09
C LEU F 380 -28.57 27.84 33.61
N PHE F 381 -27.43 27.36 33.12
CA PHE F 381 -27.09 27.39 31.70
C PHE F 381 -26.80 25.96 31.26
N ILE F 382 -27.27 25.62 30.07
CA ILE F 382 -27.08 24.28 29.53
C ILE F 382 -26.00 24.31 28.45
N VAL F 383 -24.93 23.54 28.66
CA VAL F 383 -23.83 23.45 27.72
C VAL F 383 -24.11 22.25 26.81
N PRO F 384 -23.97 22.37 25.49
CA PRO F 384 -24.23 21.21 24.62
C PRO F 384 -23.24 20.08 24.87
N ALA F 385 -23.57 18.91 24.31
CA ALA F 385 -22.70 17.74 24.42
C ALA F 385 -21.35 17.93 23.74
N GLY F 386 -21.14 19.07 23.10
CA GLY F 386 -19.86 19.44 22.51
C GLY F 386 -19.44 20.72 23.19
N ASP F 387 -18.94 21.69 22.42
CA ASP F 387 -18.59 23.03 22.89
C ASP F 387 -18.00 23.08 24.30
N GLU F 388 -16.66 23.07 24.39
CA GLU F 388 -15.97 23.10 25.68
C GLU F 388 -15.80 24.51 26.23
N GLU F 389 -15.46 25.49 25.36
CA GLU F 389 -15.22 26.90 25.75
C GLU F 389 -16.19 27.39 26.82
N ALA F 390 -17.33 26.71 26.96
CA ALA F 390 -18.21 26.95 28.10
C ALA F 390 -17.42 26.77 29.39
N LYS F 391 -16.31 26.05 29.34
CA LYS F 391 -15.24 26.13 30.33
C LYS F 391 -15.12 27.55 30.85
N ARG F 392 -15.30 28.51 29.95
CA ARG F 392 -15.21 29.92 30.31
C ARG F 392 -16.29 30.84 29.74
N ARG F 393 -17.03 30.49 28.68
CA ARG F 393 -18.15 31.35 28.32
C ARG F 393 -19.22 31.31 29.40
N ALA F 394 -19.54 30.11 29.89
CA ALA F 394 -20.50 30.01 30.98
C ALA F 394 -19.89 30.52 32.27
N LYS F 395 -18.62 30.17 32.51
CA LYS F 395 -17.91 30.60 33.72
C LYS F 395 -17.82 32.12 33.81
N GLN F 396 -17.51 32.80 32.69
CA GLN F 396 -17.47 34.26 32.73
C GLN F 396 -18.84 34.85 33.03
N ALA F 397 -19.91 34.22 32.54
CA ALA F 397 -21.24 34.71 32.84
C ALA F 397 -21.61 34.45 34.29
N PHE F 398 -21.30 33.27 34.81
CA PHE F 398 -21.61 32.93 36.18
C PHE F 398 -20.62 33.50 37.20
N GLU F 399 -19.46 34.00 36.79
CA GLU F 399 -18.62 34.71 37.74
C GLU F 399 -19.08 36.14 37.95
N VAL F 400 -19.62 36.79 36.92
CA VAL F 400 -20.19 38.10 37.13
C VAL F 400 -21.51 37.99 37.90
N ILE F 401 -22.17 36.81 37.85
CA ILE F 401 -23.39 36.61 38.62
C ILE F 401 -23.08 36.58 40.11
N VAL F 402 -22.07 35.81 40.51
CA VAL F 402 -21.68 35.75 41.91
C VAL F 402 -21.04 37.08 42.33
N ASP F 403 -20.19 37.64 41.48
CA ASP F 403 -19.56 38.93 41.80
C ASP F 403 -20.58 40.04 41.92
N GLU F 404 -21.70 39.93 41.21
CA GLU F 404 -22.76 40.91 41.33
C GLU F 404 -23.58 40.67 42.60
N ALA F 405 -23.85 39.41 42.93
CA ALA F 405 -24.62 39.10 44.13
C ALA F 405 -23.88 39.53 45.39
N LEU F 406 -22.54 39.55 45.35
CA LEU F 406 -21.78 40.05 46.48
C LEU F 406 -21.90 41.56 46.61
N ALA F 407 -21.88 42.27 45.47
CA ALA F 407 -21.98 43.72 45.50
C ALA F 407 -23.39 44.18 45.85
N VAL F 408 -24.40 43.37 45.53
CA VAL F 408 -25.78 43.73 45.85
C VAL F 408 -26.06 43.61 47.34
N GLY F 409 -25.32 42.78 48.07
CA GLY F 409 -25.53 42.64 49.49
C GLY F 409 -25.96 41.24 49.89
N GLY F 410 -25.72 40.28 48.99
CA GLY F 410 -26.10 38.90 49.20
C GLY F 410 -24.95 38.03 49.67
N THR F 411 -25.13 36.73 49.52
CA THR F 411 -24.16 35.74 49.96
C THR F 411 -23.84 34.82 48.78
N VAL F 412 -22.65 34.21 48.82
CA VAL F 412 -22.19 33.49 47.63
C VAL F 412 -22.96 32.20 47.40
N THR F 413 -23.46 31.56 48.45
CA THR F 413 -24.28 30.36 48.29
C THR F 413 -25.37 30.35 49.33
N GLY F 414 -26.54 29.81 48.94
CA GLY F 414 -27.69 29.82 49.82
C GLY F 414 -28.10 28.46 50.33
N GLU F 415 -27.80 27.40 49.58
CA GLU F 415 -28.16 26.06 50.02
C GLU F 415 -27.22 25.00 49.46
N HIS F 416 -26.73 25.19 48.23
CA HIS F 416 -25.89 24.18 47.62
C HIS F 416 -24.52 24.08 48.27
N GLY F 417 -24.12 25.06 49.07
CA GLY F 417 -22.85 25.04 49.75
C GLY F 417 -21.69 25.53 48.89
N VAL F 418 -20.57 25.80 49.57
CA VAL F 418 -19.39 26.31 48.88
C VAL F 418 -18.66 25.18 48.16
N GLY F 419 -18.24 24.18 48.92
CA GLY F 419 -17.56 23.05 48.30
C GLY F 419 -16.27 23.49 47.66
N LEU F 420 -16.16 23.29 46.37
CA LEU F 420 -15.02 23.68 45.56
C LEU F 420 -15.34 24.78 44.58
N LEU F 421 -16.52 24.72 43.96
CA LEU F 421 -16.87 25.58 42.83
C LEU F 421 -17.08 27.03 43.24
N LYS F 422 -17.27 27.30 44.52
CA LYS F 422 -17.53 28.64 45.02
C LYS F 422 -16.48 29.06 46.03
N MET F 423 -15.28 28.48 45.91
CA MET F 423 -14.22 28.73 46.88
C MET F 423 -13.61 30.12 46.71
N ARG F 424 -13.33 30.50 45.46
CA ARG F 424 -12.83 31.85 45.20
C ARG F 424 -13.87 32.91 45.55
N GLY F 425 -15.13 32.64 45.23
CA GLY F 425 -16.19 33.59 45.55
C GLY F 425 -16.43 33.74 47.04
N ALA F 426 -16.33 32.63 47.79
CA ALA F 426 -16.53 32.70 49.23
C ALA F 426 -15.44 33.51 49.92
N ALA F 427 -14.20 33.43 49.43
CA ALA F 427 -13.11 34.17 50.05
C ALA F 427 -13.36 35.68 50.02
N ASP F 428 -14.06 36.17 49.00
CA ASP F 428 -14.38 37.60 48.95
C ASP F 428 -15.46 37.96 49.96
N GLU F 429 -16.42 37.08 50.20
CA GLU F 429 -17.51 37.40 51.12
C GLU F 429 -17.03 37.42 52.57
N LEU F 430 -16.40 36.33 53.03
CA LEU F 430 -15.94 36.30 54.42
C LEU F 430 -14.84 37.32 54.67
N GLY F 431 -13.95 37.51 53.71
CA GLY F 431 -12.87 38.45 53.87
C GLY F 431 -11.69 37.83 54.60
N PRO F 432 -10.62 38.60 54.78
CA PRO F 432 -9.39 38.01 55.35
C PRO F 432 -9.53 37.67 56.83
N HIS F 433 -10.24 38.48 57.62
CA HIS F 433 -10.33 38.23 59.05
C HIS F 433 -11.17 37.00 59.35
N VAL F 434 -12.30 36.84 58.67
CA VAL F 434 -13.17 35.71 58.95
C VAL F 434 -12.54 34.40 58.48
N LEU F 435 -11.80 34.45 57.38
CA LEU F 435 -11.08 33.26 56.92
C LEU F 435 -10.02 32.82 57.93
N ALA F 436 -9.38 33.79 58.59
CA ALA F 436 -8.39 33.44 59.61
C ALA F 436 -9.03 32.67 60.75
N MET F 437 -10.25 33.06 61.15
CA MET F 437 -10.96 32.32 62.19
C MET F 437 -11.37 30.94 61.70
N HIS F 438 -11.66 30.80 60.40
CA HIS F 438 -12.05 29.51 59.86
C HIS F 438 -10.92 28.49 59.98
N ARG F 439 -9.71 28.90 59.59
CA ARG F 439 -8.56 28.00 59.71
C ARG F 439 -8.28 27.67 61.17
N ALA F 440 -8.50 28.62 62.07
CA ALA F 440 -8.26 28.40 63.49
C ALA F 440 -9.22 27.35 64.06
N VAL F 441 -10.49 27.40 63.67
CA VAL F 441 -11.46 26.44 64.19
C VAL F 441 -11.15 25.03 63.70
N LYS F 442 -11.00 24.87 62.38
CA LYS F 442 -10.69 23.55 61.84
C LYS F 442 -9.36 23.02 62.39
N GLY F 443 -8.39 23.92 62.59
CA GLY F 443 -7.13 23.49 63.17
C GLY F 443 -7.28 22.95 64.57
N ALA F 444 -8.24 23.48 65.33
CA ALA F 444 -8.44 23.05 66.71
C ALA F 444 -9.18 21.70 66.77
N LEU F 445 -10.19 21.53 65.93
CA LEU F 445 -10.98 20.30 65.92
C LEU F 445 -10.44 19.25 64.96
N ASP F 446 -9.56 19.66 64.03
CA ASP F 446 -8.90 18.74 63.10
C ASP F 446 -7.40 19.05 63.15
N PRO F 447 -6.72 18.63 64.21
CA PRO F 447 -5.29 18.96 64.34
C PRO F 447 -4.42 18.27 63.31
N ALA F 448 -4.83 17.11 62.79
CA ALA F 448 -4.07 16.41 61.77
C ALA F 448 -4.36 16.92 60.36
N GLY F 449 -5.44 17.68 60.18
CA GLY F 449 -5.79 18.20 58.87
C GLY F 449 -6.25 17.15 57.89
N ILE F 450 -7.00 16.15 58.37
CA ILE F 450 -7.41 15.03 57.54
C ILE F 450 -8.86 15.12 57.08
N PHE F 451 -9.70 15.90 57.77
CA PHE F 451 -11.14 15.95 57.46
C PHE F 451 -11.38 16.91 56.30
N ASN F 452 -11.43 16.36 55.09
CA ASN F 452 -11.76 17.09 53.87
C ASN F 452 -11.02 18.42 53.78
N PRO F 453 -9.69 18.41 53.67
CA PRO F 453 -8.94 19.66 53.66
C PRO F 453 -8.97 20.33 52.30
N GLY F 454 -9.11 21.66 52.30
CA GLY F 454 -9.03 22.41 51.07
C GLY F 454 -10.31 22.63 50.30
N LYS F 455 -11.47 22.55 50.95
CA LYS F 455 -12.73 22.77 50.24
C LYS F 455 -13.41 24.07 50.68
N VAL F 456 -13.96 24.11 51.90
CA VAL F 456 -14.66 25.32 52.34
C VAL F 456 -13.74 26.53 52.24
N PHE F 457 -12.65 26.50 53.00
CA PHE F 457 -11.60 27.49 52.95
C PHE F 457 -10.28 26.80 52.63
N ALA F 458 -9.30 27.60 52.25
CA ALA F 458 -8.00 27.08 51.84
C ALA F 458 -7.01 27.19 52.99
N LEU F 459 -6.44 26.05 53.39
CA LEU F 459 -5.30 26.05 54.28
C LEU F 459 -4.17 26.75 53.55
N GLU F 460 -3.34 27.48 54.30
CA GLU F 460 -2.16 28.27 53.85
C GLU F 460 -2.53 29.40 52.89
N GLY G 3 -27.39 10.53 -42.40
CA GLY G 3 -26.38 11.26 -43.14
C GLY G 3 -26.95 12.07 -44.29
N VAL G 4 -27.21 13.36 -44.03
CA VAL G 4 -27.74 14.25 -45.05
C VAL G 4 -26.71 14.53 -46.15
N VAL G 5 -25.48 14.88 -45.77
CA VAL G 5 -24.38 15.20 -46.69
C VAL G 5 -24.69 16.27 -47.74
N GLU G 6 -25.89 16.24 -48.34
CA GLU G 6 -26.20 17.20 -49.40
C GLU G 6 -26.04 18.65 -48.94
N GLU G 7 -26.39 18.95 -47.70
CA GLU G 7 -26.20 20.30 -47.20
C GLU G 7 -24.73 20.65 -47.07
N LEU G 8 -23.89 19.66 -46.73
CA LEU G 8 -22.46 19.92 -46.65
C LEU G 8 -21.90 20.32 -48.00
N VAL G 9 -22.36 19.67 -49.07
CA VAL G 9 -21.89 20.04 -50.40
C VAL G 9 -22.50 21.38 -50.82
N ALA G 10 -23.69 21.72 -50.31
CA ALA G 10 -24.31 23.00 -50.62
C ALA G 10 -23.70 24.16 -49.85
N ALA G 11 -23.03 23.89 -48.72
CA ALA G 11 -22.40 24.95 -47.93
C ALA G 11 -20.94 25.09 -48.36
N ILE G 12 -20.17 24.01 -48.24
CA ILE G 12 -18.80 24.00 -48.70
C ILE G 12 -18.49 22.64 -49.31
N GLY G 13 -18.78 22.50 -50.60
CA GLY G 13 -18.74 21.21 -51.27
C GLY G 13 -17.46 20.98 -52.04
N ALA G 14 -17.60 20.43 -53.25
CA ALA G 14 -16.51 20.18 -54.17
C ALA G 14 -15.51 19.17 -53.62
N GLU G 15 -14.32 19.64 -53.22
CA GLU G 15 -13.26 18.78 -52.71
C GLU G 15 -13.09 18.90 -51.20
N GLN G 16 -14.02 19.54 -50.50
CA GLN G 16 -13.94 19.65 -49.05
C GLN G 16 -14.66 18.50 -48.35
N VAL G 17 -15.73 17.97 -48.94
CA VAL G 17 -16.51 16.89 -48.36
C VAL G 17 -16.05 15.58 -48.99
N VAL G 18 -15.68 14.61 -48.16
CA VAL G 18 -15.24 13.31 -48.61
C VAL G 18 -16.27 12.28 -48.14
N THR G 19 -16.65 11.37 -49.04
CA THR G 19 -17.65 10.36 -48.74
C THR G 19 -17.23 8.93 -49.05
N ASP G 20 -16.07 8.72 -49.66
CA ASP G 20 -15.61 7.37 -49.95
C ASP G 20 -15.33 6.59 -48.68
N PRO G 21 -16.04 5.47 -48.43
CA PRO G 21 -15.81 4.72 -47.19
C PRO G 21 -14.42 4.10 -47.09
N ALA G 22 -13.69 3.98 -48.19
CA ALA G 22 -12.36 3.39 -48.15
C ALA G 22 -11.28 4.38 -47.70
N VAL G 23 -11.46 5.67 -47.98
CA VAL G 23 -10.46 6.68 -47.61
C VAL G 23 -10.81 7.33 -46.28
N MET G 24 -11.69 6.68 -45.52
CA MET G 24 -12.11 7.18 -44.22
C MET G 24 -11.58 6.34 -43.07
N GLU G 25 -11.09 5.14 -43.36
CA GLU G 25 -10.58 4.27 -42.30
C GLU G 25 -9.35 4.87 -41.64
N GLY G 26 -8.55 5.63 -42.38
CA GLY G 26 -7.43 6.34 -41.79
C GLY G 26 -7.79 7.61 -41.07
N TYR G 27 -9.03 8.07 -41.22
CA TYR G 27 -9.49 9.29 -40.57
C TYR G 27 -10.44 9.05 -39.40
N SER G 28 -10.81 7.80 -39.12
CA SER G 28 -11.82 7.52 -38.11
C SER G 28 -11.24 7.00 -36.81
N HIS G 29 -9.91 6.92 -36.68
CA HIS G 29 -9.30 6.42 -35.46
C HIS G 29 -7.87 6.92 -35.38
N ASP G 30 -7.35 6.95 -34.16
CA ASP G 30 -5.94 7.23 -33.91
C ASP G 30 -5.22 5.91 -33.67
N GLU G 31 -4.04 5.96 -33.05
CA GLU G 31 -3.29 4.74 -32.82
C GLU G 31 -3.77 3.96 -31.60
N ALA G 32 -4.86 4.39 -30.97
CA ALA G 32 -5.50 3.59 -29.92
C ALA G 32 -6.16 2.39 -30.57
N GLU G 33 -5.76 1.19 -30.15
CA GLU G 33 -6.24 -0.06 -30.72
C GLU G 33 -7.70 -0.32 -30.35
N TRP G 34 -7.93 -1.20 -29.39
CA TRP G 34 -9.26 -1.58 -28.93
C TRP G 34 -10.12 -0.45 -28.36
N ALA G 35 -10.18 0.69 -29.05
CA ALA G 35 -11.06 1.78 -28.66
C ALA G 35 -12.19 1.85 -29.69
N PRO G 36 -13.45 1.61 -29.30
CA PRO G 36 -14.52 1.46 -30.28
C PRO G 36 -14.74 2.65 -31.20
N TYR G 37 -14.34 2.49 -32.44
CA TYR G 37 -14.57 3.44 -33.52
C TYR G 37 -15.42 2.80 -34.60
N ASP G 38 -15.87 3.62 -35.55
CA ASP G 38 -16.81 3.16 -36.58
C ASP G 38 -16.69 4.06 -37.78
N ALA G 39 -17.42 3.72 -38.83
CA ALA G 39 -17.43 4.50 -40.05
C ALA G 39 -18.24 5.78 -39.86
N PRO G 40 -17.64 6.95 -40.03
CA PRO G 40 -18.40 8.20 -39.91
C PRO G 40 -19.23 8.42 -41.17
N ALA G 41 -20.07 9.46 -41.11
CA ALA G 41 -20.89 9.79 -42.27
C ALA G 41 -20.06 10.51 -43.33
N ALA G 42 -19.29 11.51 -42.93
CA ALA G 42 -18.45 12.25 -43.85
C ALA G 42 -17.20 12.73 -43.11
N VAL G 43 -16.11 12.85 -43.86
CA VAL G 43 -14.87 13.42 -43.35
C VAL G 43 -14.62 14.70 -44.13
N VAL G 44 -14.82 15.83 -43.47
CA VAL G 44 -14.69 17.15 -44.08
C VAL G 44 -13.24 17.61 -44.01
N ARG G 45 -12.77 18.26 -45.07
CA ARG G 45 -11.44 18.84 -45.14
C ARG G 45 -11.57 20.35 -45.35
N PRO G 46 -11.82 21.10 -44.28
CA PRO G 46 -12.04 22.54 -44.41
C PRO G 46 -10.80 23.27 -44.89
N ARG G 47 -11.02 24.43 -45.50
CA ARG G 47 -9.95 25.23 -46.09
C ARG G 47 -9.48 26.35 -45.18
N ASP G 48 -10.41 27.04 -44.53
CA ASP G 48 -10.09 28.13 -43.61
C ASP G 48 -11.11 28.12 -42.48
N THR G 49 -11.02 29.12 -41.60
CA THR G 49 -11.92 29.20 -40.46
C THR G 49 -13.38 29.25 -40.90
N ALA G 50 -13.66 29.87 -42.05
CA ALA G 50 -15.04 29.99 -42.52
C ALA G 50 -15.68 28.63 -42.76
N ASP G 51 -14.91 27.69 -43.34
CA ASP G 51 -15.47 26.37 -43.62
C ASP G 51 -15.81 25.62 -42.33
N VAL G 52 -14.99 25.78 -41.30
CA VAL G 52 -15.27 25.13 -40.02
C VAL G 52 -16.53 25.71 -39.39
N ALA G 53 -16.73 27.03 -39.53
CA ALA G 53 -17.92 27.66 -38.97
C ALA G 53 -19.20 27.19 -39.62
N GLU G 54 -19.13 26.65 -40.84
CA GLU G 54 -20.32 26.15 -41.52
C GLU G 54 -20.67 24.72 -41.15
N VAL G 55 -19.67 23.83 -41.04
CA VAL G 55 -19.96 22.44 -40.72
C VAL G 55 -20.51 22.31 -39.30
N VAL G 56 -19.98 23.09 -38.35
CA VAL G 56 -20.48 23.01 -36.99
C VAL G 56 -21.90 23.57 -36.91
N ARG G 57 -22.19 24.60 -37.70
CA ARG G 57 -23.53 25.18 -37.69
C ARG G 57 -24.54 24.18 -38.22
N ILE G 58 -24.19 23.47 -39.30
CA ILE G 58 -25.07 22.45 -39.85
C ILE G 58 -25.26 21.31 -38.85
N CYS G 59 -24.17 20.86 -38.24
CA CYS G 59 -24.24 19.70 -37.37
C CYS G 59 -24.88 20.02 -36.02
N ALA G 60 -24.78 21.27 -35.56
CA ALA G 60 -25.38 21.62 -34.27
C ALA G 60 -26.90 21.62 -34.34
N GLY G 61 -27.47 22.04 -35.46
CA GLY G 61 -28.90 22.02 -35.64
C GLY G 61 -29.50 20.68 -35.98
N ARG G 62 -28.66 19.65 -36.12
CA ARG G 62 -29.11 18.33 -36.53
C ARG G 62 -28.78 17.23 -35.51
N GLY G 63 -27.97 17.52 -34.50
CA GLY G 63 -27.59 16.53 -33.51
C GLY G 63 -26.64 15.46 -33.98
N VAL G 64 -25.93 15.69 -35.09
CA VAL G 64 -24.91 14.75 -35.56
C VAL G 64 -23.58 15.13 -34.92
N ALA G 65 -22.88 14.13 -34.38
CA ALA G 65 -21.68 14.39 -33.61
C ALA G 65 -20.53 14.85 -34.51
N VAL G 66 -19.69 15.73 -33.98
CA VAL G 66 -18.54 16.27 -34.67
C VAL G 66 -17.30 15.98 -33.84
N VAL G 67 -16.32 15.31 -34.43
CA VAL G 67 -15.05 15.03 -33.79
C VAL G 67 -13.95 15.69 -34.60
N GLY G 68 -13.24 16.64 -33.99
CA GLY G 68 -12.12 17.24 -34.66
C GLY G 68 -10.97 16.27 -34.77
N ARG G 69 -10.13 16.46 -35.79
CA ARG G 69 -9.00 15.57 -36.00
C ARG G 69 -7.83 16.36 -36.56
N GLY G 70 -6.66 16.19 -35.96
CA GLY G 70 -5.45 16.75 -36.51
C GLY G 70 -4.76 15.76 -37.41
N ALA G 71 -3.80 15.01 -36.85
CA ALA G 71 -3.10 13.96 -37.58
C ALA G 71 -3.48 12.57 -37.10
N GLY G 72 -4.35 12.46 -36.11
CA GLY G 72 -4.76 11.16 -35.59
C GLY G 72 -3.64 10.37 -34.95
N THR G 73 -2.82 11.02 -34.12
CA THR G 73 -1.72 10.35 -33.45
C THR G 73 -1.97 10.17 -31.95
N GLY G 74 -3.19 10.40 -31.49
CA GLY G 74 -3.49 10.20 -30.08
C GLY G 74 -3.39 8.75 -29.70
N LEU G 75 -3.11 8.51 -28.42
CA LEU G 75 -2.99 7.15 -27.90
C LEU G 75 -4.07 6.79 -26.91
N SER G 76 -5.14 7.59 -26.82
CA SER G 76 -6.26 7.29 -25.93
C SER G 76 -7.59 7.28 -26.66
N GLY G 77 -7.59 7.31 -28.00
CA GLY G 77 -8.83 7.30 -28.74
C GLY G 77 -9.65 8.55 -28.67
N ALA G 78 -9.02 9.70 -28.38
CA ALA G 78 -9.78 10.94 -28.22
C ALA G 78 -10.41 11.41 -29.52
N ALA G 79 -9.86 11.01 -30.67
CA ALA G 79 -10.35 11.43 -31.97
C ALA G 79 -11.12 10.34 -32.70
N ASN G 80 -11.44 9.24 -32.04
CA ASN G 80 -12.15 8.14 -32.68
C ASN G 80 -13.57 8.56 -33.04
N ALA G 81 -14.01 8.18 -34.22
CA ALA G 81 -15.34 8.55 -34.71
C ALA G 81 -16.36 7.46 -34.38
N GLY G 82 -17.64 7.84 -34.49
CA GLY G 82 -18.74 6.94 -34.26
C GLY G 82 -19.65 6.84 -35.47
N ARG G 83 -20.67 5.99 -35.33
CA ARG G 83 -21.65 5.79 -36.39
C ARG G 83 -22.33 7.09 -36.77
N GLY G 84 -22.04 7.60 -37.97
CA GLY G 84 -22.68 8.81 -38.45
C GLY G 84 -21.95 10.09 -38.10
N TRP G 85 -20.83 10.02 -37.39
CA TRP G 85 -20.11 11.23 -37.00
C TRP G 85 -19.51 11.93 -38.21
N VAL G 86 -18.96 13.12 -37.95
CA VAL G 86 -18.27 13.92 -38.95
C VAL G 86 -16.87 14.21 -38.43
N VAL G 87 -15.86 13.80 -39.19
CA VAL G 87 -14.47 13.99 -38.81
C VAL G 87 -13.97 15.25 -39.53
N VAL G 88 -13.82 16.34 -38.78
CA VAL G 88 -13.30 17.58 -39.35
C VAL G 88 -11.78 17.46 -39.40
N SER G 89 -11.24 17.33 -40.61
CA SER G 89 -9.80 17.13 -40.83
C SER G 89 -9.14 18.46 -41.16
N PHE G 90 -8.27 18.92 -40.25
CA PHE G 90 -7.53 20.18 -40.41
C PHE G 90 -6.25 20.00 -41.21
N GLU G 91 -6.22 19.04 -42.12
CA GLU G 91 -4.99 18.73 -42.86
C GLU G 91 -4.63 19.80 -43.88
N ARG G 92 -5.59 20.63 -44.32
CA ARG G 92 -5.30 21.69 -45.28
C ARG G 92 -5.03 23.04 -44.64
N MET G 93 -5.33 23.22 -43.35
CA MET G 93 -5.05 24.48 -42.68
C MET G 93 -3.76 24.32 -41.88
N ASN G 94 -2.64 24.43 -42.58
CA ASN G 94 -1.32 24.19 -42.02
C ASN G 94 -0.36 25.32 -42.37
N ARG G 95 -0.80 26.56 -42.28
CA ARG G 95 0.07 27.71 -42.54
C ARG G 95 0.44 28.37 -41.22
N VAL G 96 1.67 28.87 -41.15
CA VAL G 96 2.10 29.71 -40.04
C VAL G 96 1.92 31.17 -40.46
N LEU G 97 0.96 31.86 -39.85
CA LEU G 97 0.60 33.22 -40.23
C LEU G 97 1.26 34.16 -39.22
N GLU G 98 2.16 35.01 -39.70
CA GLU G 98 2.90 35.95 -38.84
C GLU G 98 3.88 35.27 -37.90
N VAL G 99 5.02 35.94 -37.68
CA VAL G 99 5.96 35.60 -36.61
C VAL G 99 6.38 36.93 -35.98
N ASP G 100 5.61 37.40 -35.01
CA ASP G 100 5.88 38.69 -34.38
C ASP G 100 7.19 38.58 -33.58
N THR G 101 8.27 39.11 -34.15
CA THR G 101 9.60 38.91 -33.57
C THR G 101 9.84 39.79 -32.35
N VAL G 102 9.28 40.99 -32.32
CA VAL G 102 9.47 41.86 -31.15
C VAL G 102 8.57 41.41 -30.01
N GLN G 103 7.35 40.96 -30.32
CA GLN G 103 6.46 40.39 -29.32
C GLN G 103 6.88 38.97 -28.95
N GLN G 104 7.68 38.32 -29.80
CA GLN G 104 8.10 36.93 -29.61
C GLN G 104 6.90 36.00 -29.53
N THR G 105 6.02 36.10 -30.52
CA THR G 105 4.86 35.23 -30.63
C THR G 105 4.71 34.76 -32.07
N VAL G 106 3.98 33.66 -32.24
CA VAL G 106 3.63 33.13 -33.54
C VAL G 106 2.14 32.81 -33.53
N THR G 107 1.52 32.92 -34.71
CA THR G 107 0.10 32.63 -34.88
C THR G 107 -0.03 31.54 -35.93
N VAL G 108 -0.52 30.37 -35.53
CA VAL G 108 -0.54 29.21 -36.39
C VAL G 108 -1.94 28.60 -36.42
N GLN G 109 -2.23 27.86 -37.51
CA GLN G 109 -3.42 27.09 -37.83
C GLN G 109 -3.33 25.68 -37.26
N PRO G 110 -4.46 25.04 -36.97
CA PRO G 110 -4.44 23.78 -36.23
C PRO G 110 -3.74 22.63 -36.94
N GLY G 111 -3.42 22.76 -38.22
CA GLY G 111 -2.78 21.67 -38.93
C GLY G 111 -1.27 21.68 -38.95
N VAL G 112 -0.65 22.75 -38.44
CA VAL G 112 0.80 22.87 -38.50
C VAL G 112 1.46 21.81 -37.61
N VAL G 113 2.44 21.10 -38.18
CA VAL G 113 3.18 20.08 -37.44
C VAL G 113 4.13 20.76 -36.46
N ASN G 114 4.43 20.07 -35.35
CA ASN G 114 5.27 20.64 -34.31
C ASN G 114 6.65 21.02 -34.84
N ASP G 115 7.30 20.10 -35.54
CA ASP G 115 8.64 20.38 -36.07
C ASP G 115 8.58 21.46 -37.15
N ASP G 116 7.55 21.40 -38.01
CA ASP G 116 7.38 22.45 -39.01
C ASP G 116 7.27 23.82 -38.36
N LEU G 117 6.65 23.89 -37.18
CA LEU G 117 6.59 25.16 -36.45
C LEU G 117 7.94 25.49 -35.82
N ARG G 118 8.59 24.51 -35.20
CA ARG G 118 9.87 24.76 -34.55
C ARG G 118 10.93 25.17 -35.57
N ALA G 119 10.91 24.54 -36.75
CA ALA G 119 11.84 24.93 -37.80
C ALA G 119 11.56 26.35 -38.27
N ARG G 120 10.29 26.74 -38.34
CA ARG G 120 9.94 28.09 -38.78
C ARG G 120 10.41 29.13 -37.78
N VAL G 121 10.15 28.91 -36.49
CA VAL G 121 10.57 29.87 -35.48
C VAL G 121 12.08 29.84 -35.28
N ALA G 122 12.74 28.75 -35.67
CA ALA G 122 14.19 28.70 -35.56
C ALA G 122 14.87 29.69 -36.50
N GLN G 123 14.25 29.98 -37.64
CA GLN G 123 14.82 30.96 -38.57
C GLN G 123 14.86 32.35 -37.96
N ASP G 124 13.92 32.66 -37.07
CA ASP G 124 13.82 33.98 -36.46
C ASP G 124 14.39 34.02 -35.04
N GLY G 125 15.23 33.06 -34.67
CA GLY G 125 15.84 33.07 -33.37
C GLY G 125 14.90 32.80 -32.21
N LEU G 126 13.74 32.22 -32.48
CA LEU G 126 12.76 31.91 -31.44
C LEU G 126 12.65 30.41 -31.26
N TRP G 127 12.07 30.00 -30.13
CA TRP G 127 12.02 28.59 -29.76
C TRP G 127 10.66 28.26 -29.17
N TYR G 128 10.09 27.14 -29.60
CA TYR G 128 8.87 26.59 -29.01
C TYR G 128 9.22 25.32 -28.26
N PRO G 129 9.25 25.34 -26.93
CA PRO G 129 9.81 24.21 -26.16
C PRO G 129 9.06 22.90 -26.34
N PRO G 130 7.72 22.87 -26.21
CA PRO G 130 7.03 21.56 -26.17
C PRO G 130 7.32 20.69 -27.38
N ASP G 131 7.97 19.55 -27.13
CA ASP G 131 8.33 18.58 -28.17
C ASP G 131 7.74 17.22 -27.78
N PRO G 132 6.45 17.01 -28.05
CA PRO G 132 5.78 15.77 -27.65
C PRO G 132 6.24 14.56 -28.46
N ALA G 133 5.83 13.38 -27.99
CA ALA G 133 6.21 12.12 -28.63
C ALA G 133 5.87 12.07 -30.12
N SER G 134 5.00 12.95 -30.60
CA SER G 134 4.68 13.06 -32.01
C SER G 134 5.09 14.41 -32.61
N SER G 135 6.26 14.94 -32.23
CA SER G 135 6.65 16.24 -32.80
C SER G 135 6.78 16.20 -34.33
N PRO G 136 7.31 15.15 -34.97
CA PRO G 136 7.26 15.09 -36.44
C PRO G 136 5.91 14.68 -37.00
N TRP G 137 4.90 14.45 -36.17
CA TRP G 137 3.60 13.92 -36.57
C TRP G 137 2.40 14.71 -36.05
N SER G 138 2.45 15.19 -34.81
CA SER G 138 1.28 15.83 -34.23
C SER G 138 1.08 17.24 -34.80
N THR G 139 -0.15 17.71 -34.70
CA THR G 139 -0.54 19.04 -35.16
C THR G 139 -0.61 19.98 -33.96
N ILE G 140 -0.48 21.28 -34.24
CA ILE G 140 -0.56 22.27 -33.17
C ILE G 140 -1.96 22.29 -32.56
N GLY G 141 -2.99 22.19 -33.39
CA GLY G 141 -4.34 22.10 -32.87
C GLY G 141 -4.55 20.89 -31.97
N GLY G 142 -3.91 19.77 -32.30
CA GLY G 142 -4.01 18.60 -31.46
C GLY G 142 -3.28 18.75 -30.14
N ASN G 143 -2.07 19.32 -30.18
CA ASN G 143 -1.33 19.53 -28.95
C ASN G 143 -2.05 20.49 -28.02
N VAL G 144 -2.76 21.48 -28.59
CA VAL G 144 -3.53 22.41 -27.78
C VAL G 144 -4.75 21.75 -27.18
N ALA G 145 -5.47 20.95 -27.98
CA ALA G 145 -6.71 20.35 -27.49
C ALA G 145 -6.46 19.27 -26.46
N THR G 146 -5.32 18.57 -26.54
CA THR G 146 -4.99 17.54 -25.56
C THR G 146 -4.07 18.05 -24.47
N ASN G 147 -3.57 19.28 -24.59
CA ASN G 147 -2.57 19.85 -23.68
C ASN G 147 -1.35 18.93 -23.63
N ALA G 148 -0.82 18.62 -24.82
CA ALA G 148 0.27 17.66 -24.94
C ALA G 148 1.56 18.23 -24.35
N GLY G 149 2.36 17.34 -23.77
CA GLY G 149 3.62 17.71 -23.16
C GLY G 149 4.80 17.05 -23.87
N GLY G 150 5.99 17.54 -23.53
CA GLY G 150 7.20 17.07 -24.19
C GLY G 150 8.22 16.51 -23.22
N LEU G 151 9.47 16.40 -23.68
CA LEU G 151 10.52 15.82 -22.85
C LEU G 151 11.09 16.83 -21.87
N CYS G 152 11.21 18.09 -22.28
CA CYS G 152 11.75 19.16 -21.44
C CYS G 152 10.67 19.87 -20.63
N CYS G 153 9.53 19.22 -20.39
CA CYS G 153 8.48 19.87 -19.60
C CYS G 153 8.86 20.06 -18.14
N VAL G 154 9.85 19.33 -17.64
CA VAL G 154 10.24 19.45 -16.23
C VAL G 154 11.03 20.73 -15.99
N LYS G 155 11.09 21.62 -16.99
CA LYS G 155 11.74 22.92 -16.82
C LYS G 155 11.05 24.05 -17.57
N TYR G 156 10.39 23.79 -18.70
CA TYR G 156 9.76 24.84 -19.49
C TYR G 156 8.25 24.73 -19.54
N GLY G 157 7.67 23.61 -19.13
CA GLY G 157 6.24 23.47 -19.03
C GLY G 157 5.63 22.77 -20.24
N VAL G 158 4.32 22.66 -20.19
CA VAL G 158 3.53 21.94 -21.19
C VAL G 158 3.04 22.93 -22.25
N THR G 159 2.21 22.47 -23.18
CA THR G 159 1.69 23.36 -24.22
C THR G 159 0.89 24.50 -23.62
N ARG G 160 0.18 24.22 -22.53
CA ARG G 160 -0.59 25.23 -21.80
C ARG G 160 0.24 26.47 -21.49
N ASP G 161 1.54 26.26 -21.21
CA ASP G 161 2.43 27.35 -20.84
C ASP G 161 2.69 28.32 -21.98
N TYR G 162 2.12 28.10 -23.16
CA TYR G 162 2.43 28.98 -24.28
C TYR G 162 1.21 29.41 -25.08
N VAL G 163 0.02 28.94 -24.75
CA VAL G 163 -1.18 29.36 -25.47
C VAL G 163 -1.63 30.71 -24.90
N LEU G 164 -1.50 31.75 -25.72
CA LEU G 164 -1.89 33.11 -25.34
C LEU G 164 -3.33 33.41 -25.75
N GLY G 165 -3.69 33.04 -26.98
CA GLY G 165 -5.02 33.26 -27.49
C GLY G 165 -5.31 32.22 -28.55
N MET G 166 -6.54 32.22 -29.02
CA MET G 166 -6.96 31.20 -29.98
C MET G 166 -8.24 31.65 -30.65
N GLU G 167 -8.51 31.05 -31.81
CA GLU G 167 -9.75 31.25 -32.54
C GLU G 167 -10.48 29.92 -32.63
N ALA G 168 -11.64 29.83 -32.00
CA ALA G 168 -12.41 28.61 -31.97
C ALA G 168 -13.81 28.88 -32.49
N VAL G 169 -14.49 27.82 -32.92
CA VAL G 169 -15.87 27.89 -33.36
C VAL G 169 -16.68 27.03 -32.40
N VAL G 170 -17.53 27.67 -31.60
CA VAL G 170 -18.23 26.96 -30.53
C VAL G 170 -19.73 27.15 -30.75
N GLY G 171 -20.52 26.88 -29.71
CA GLY G 171 -21.95 27.11 -29.75
C GLY G 171 -22.62 26.49 -30.96
N SER G 172 -23.48 27.26 -31.60
CA SER G 172 -24.14 26.86 -32.83
C SER G 172 -23.33 27.18 -34.07
N GLY G 173 -22.10 27.64 -33.92
CA GLY G 173 -21.26 27.93 -35.07
C GLY G 173 -20.62 29.30 -35.05
N GLU G 174 -20.55 29.91 -33.86
CA GLU G 174 -20.00 31.25 -33.73
C GLU G 174 -18.48 31.20 -33.73
N VAL G 175 -17.88 32.05 -34.57
CA VAL G 175 -16.43 32.23 -34.54
C VAL G 175 -16.11 33.25 -33.47
N VAL G 176 -15.32 32.86 -32.47
CA VAL G 176 -15.03 33.72 -31.34
C VAL G 176 -13.52 33.82 -31.15
N ARG G 177 -13.08 34.94 -30.61
CA ARG G 177 -11.69 35.15 -30.23
C ARG G 177 -11.59 35.01 -28.71
N LEU G 178 -10.76 34.09 -28.26
CA LEU G 178 -10.60 33.79 -26.85
C LEU G 178 -9.18 34.13 -26.41
N GLY G 179 -9.05 34.62 -25.18
CA GLY G 179 -7.76 34.93 -24.63
C GLY G 179 -7.22 36.28 -25.06
N ARG G 180 -6.03 36.58 -24.56
CA ARG G 180 -5.32 37.82 -24.82
C ARG G 180 -4.32 37.60 -25.97
N THR G 181 -3.66 38.69 -26.37
CA THR G 181 -2.57 38.59 -27.33
C THR G 181 -1.24 39.10 -26.81
N THR G 182 -1.22 39.86 -25.72
CA THR G 182 0.03 40.31 -25.11
C THR G 182 0.55 39.21 -24.19
N ALA G 183 1.46 39.55 -23.28
CA ALA G 183 1.99 38.61 -22.31
C ALA G 183 1.37 38.82 -20.93
N LYS G 184 0.25 39.53 -20.86
CA LYS G 184 -0.45 39.76 -19.60
C LYS G 184 -1.90 40.10 -19.93
N GLY G 185 -2.81 39.66 -19.06
CA GLY G 185 -4.22 39.90 -19.28
C GLY G 185 -5.16 39.03 -18.46
N VAL G 186 -6.05 39.68 -17.69
CA VAL G 186 -7.05 38.99 -16.89
C VAL G 186 -8.47 39.30 -17.31
N THR G 187 -8.67 40.17 -18.30
CA THR G 187 -9.99 40.59 -18.73
C THR G 187 -10.89 39.38 -18.97
N GLY G 188 -11.95 39.26 -18.16
CA GLY G 188 -12.88 38.15 -18.31
C GLY G 188 -12.37 36.88 -17.65
N TYR G 189 -12.93 35.76 -18.09
CA TYR G 189 -12.51 34.45 -17.64
C TYR G 189 -11.36 33.93 -18.51
N ASP G 190 -10.71 32.88 -18.03
CA ASP G 190 -9.71 32.18 -18.84
C ASP G 190 -10.43 31.15 -19.72
N LEU G 191 -11.20 31.67 -20.68
CA LEU G 191 -12.01 30.82 -21.55
C LEU G 191 -11.20 30.21 -22.67
N ALA G 192 -10.24 30.96 -23.22
CA ALA G 192 -9.29 30.35 -24.14
C ALA G 192 -8.59 29.23 -23.44
N GLY G 193 -8.54 29.31 -22.10
CA GLY G 193 -7.86 28.31 -21.30
C GLY G 193 -8.59 26.98 -21.16
N LEU G 194 -9.92 27.03 -20.98
CA LEU G 194 -10.69 25.80 -20.86
C LEU G 194 -10.62 24.97 -22.14
N MET G 195 -10.40 25.59 -23.28
CA MET G 195 -10.26 24.86 -24.53
C MET G 195 -8.98 24.02 -24.55
N VAL G 196 -7.93 24.47 -23.85
CA VAL G 196 -6.71 23.67 -23.79
C VAL G 196 -6.94 22.48 -22.86
N GLY G 197 -6.54 21.30 -23.30
CA GLY G 197 -6.77 20.10 -22.54
C GLY G 197 -8.20 19.61 -22.60
N SER G 198 -9.04 20.24 -23.42
CA SER G 198 -10.43 19.85 -23.55
C SER G 198 -10.64 18.70 -24.52
N GLU G 199 -9.58 18.30 -25.23
CA GLU G 199 -9.60 17.12 -26.10
C GLU G 199 -10.72 17.21 -27.14
N GLY G 200 -10.94 18.42 -27.65
CA GLY G 200 -11.91 18.63 -28.71
C GLY G 200 -13.34 18.39 -28.28
N THR G 201 -13.62 18.47 -26.98
CA THR G 201 -14.97 18.27 -26.47
C THR G 201 -15.67 19.57 -26.14
N LEU G 202 -15.11 20.71 -26.56
CA LEU G 202 -15.75 22.00 -26.38
C LEU G 202 -15.71 22.88 -27.62
N GLY G 203 -15.02 22.49 -28.67
CA GLY G 203 -14.94 23.31 -29.87
C GLY G 203 -13.69 23.01 -30.66
N LEU G 204 -13.73 23.41 -31.93
CA LEU G 204 -12.61 23.23 -32.84
C LEU G 204 -11.81 24.52 -32.93
N VAL G 205 -10.52 24.42 -32.64
CA VAL G 205 -9.62 25.56 -32.76
C VAL G 205 -9.22 25.70 -34.21
N THR G 206 -9.39 26.90 -34.77
CA THR G 206 -9.05 27.15 -36.16
C THR G 206 -7.83 28.05 -36.32
N GLU G 207 -7.30 28.58 -35.22
CA GLU G 207 -6.11 29.41 -35.22
C GLU G 207 -5.67 29.61 -33.78
N VAL G 208 -4.39 29.39 -33.49
CA VAL G 208 -3.87 29.52 -32.15
C VAL G 208 -2.65 30.42 -32.19
N THR G 209 -2.54 31.31 -31.21
CA THR G 209 -1.31 32.06 -31.01
C THR G 209 -0.51 31.38 -29.91
N LEU G 210 0.81 31.49 -30.01
CA LEU G 210 1.70 30.83 -29.07
C LEU G 210 2.78 31.80 -28.62
N ARG G 211 3.22 31.65 -27.38
CA ARG G 211 4.30 32.47 -26.85
C ARG G 211 5.61 31.74 -27.07
N LEU G 212 6.66 32.50 -27.31
CA LEU G 212 7.97 31.93 -27.65
C LEU G 212 9.03 32.39 -26.67
N VAL G 213 10.18 31.74 -26.76
CA VAL G 213 11.33 32.04 -25.90
C VAL G 213 12.58 32.06 -26.73
N PRO G 214 13.56 32.89 -26.33
CA PRO G 214 14.82 32.96 -27.09
C PRO G 214 15.50 31.61 -27.22
N LEU G 215 16.32 31.51 -28.27
CA LEU G 215 16.94 30.25 -28.69
C LEU G 215 18.14 29.93 -27.80
N ARG G 216 17.83 29.40 -26.62
CA ARG G 216 18.80 28.81 -25.68
C ARG G 216 20.21 28.55 -26.21
N THR G 222 25.32 16.43 -20.74
CA THR G 222 24.33 15.41 -20.42
C THR G 222 25.03 14.15 -19.92
N VAL G 223 24.28 13.22 -19.33
CA VAL G 223 24.85 12.06 -18.66
C VAL G 223 24.04 10.81 -19.00
N VAL G 224 24.70 9.67 -18.96
CA VAL G 224 24.08 8.39 -19.23
C VAL G 224 23.80 7.67 -17.92
N GLY G 225 23.04 6.58 -17.99
CA GLY G 225 22.71 5.81 -16.79
C GLY G 225 22.97 4.32 -16.87
N TYR G 226 22.05 3.58 -17.49
CA TYR G 226 22.14 2.12 -17.62
C TYR G 226 22.12 1.43 -16.26
N PHE G 227 21.24 1.87 -15.36
CA PHE G 227 21.16 1.32 -14.02
C PHE G 227 20.27 0.06 -13.99
N ASP G 228 20.72 -0.96 -14.72
CA ASP G 228 19.94 -2.18 -14.98
C ASP G 228 19.32 -2.80 -13.74
N SER G 229 18.26 -2.17 -13.22
CA SER G 229 17.43 -2.68 -12.13
C SER G 229 16.36 -1.64 -11.82
N LEU G 230 15.14 -1.84 -12.33
CA LEU G 230 14.11 -0.81 -12.19
C LEU G 230 13.60 -0.72 -10.76
N THR G 231 14.47 -1.04 -9.79
CA THR G 231 14.13 -1.04 -8.38
C THR G 231 15.24 -0.40 -7.55
N ASP G 232 15.96 0.57 -8.14
CA ASP G 232 17.05 1.23 -7.43
C ASP G 232 17.39 2.55 -8.11
N ALA G 233 17.09 2.65 -9.41
CA ALA G 233 17.19 3.90 -10.15
C ALA G 233 15.90 4.71 -10.04
N GLY G 234 15.13 4.48 -8.99
CA GLY G 234 14.00 5.31 -8.63
C GLY G 234 14.53 6.46 -7.83
N ARG G 235 14.89 6.20 -6.57
CA ARG G 235 15.37 7.22 -5.64
C ARG G 235 16.50 8.07 -6.21
N ALA G 236 17.14 7.64 -7.30
CA ALA G 236 18.07 8.51 -7.99
C ALA G 236 17.38 9.56 -8.84
N VAL G 237 16.06 9.46 -8.99
CA VAL G 237 15.24 10.45 -9.69
C VAL G 237 14.58 11.36 -8.68
N ALA G 238 14.30 10.84 -7.48
CA ALA G 238 13.71 11.65 -6.43
C ALA G 238 14.73 12.63 -5.87
N ALA G 239 15.87 12.13 -5.42
CA ALA G 239 16.91 13.01 -4.88
C ALA G 239 17.67 13.77 -5.96
N VAL G 240 17.18 13.75 -7.20
CA VAL G 240 17.72 14.64 -8.23
C VAL G 240 17.04 15.99 -8.21
N SER G 241 15.83 16.08 -7.66
CA SER G 241 15.19 17.35 -7.34
C SER G 241 14.92 17.48 -5.85
N ALA G 242 15.32 16.49 -5.05
CA ALA G 242 15.23 16.56 -3.60
C ALA G 242 16.57 16.79 -2.92
N ALA G 243 17.68 16.71 -3.67
CA ALA G 243 19.00 17.05 -3.17
C ALA G 243 19.62 18.18 -3.98
N GLY G 244 18.77 19.07 -4.52
CA GLY G 244 19.22 20.20 -5.29
C GLY G 244 19.20 19.92 -6.78
N ILE G 245 19.27 21.01 -7.56
CA ILE G 245 19.37 21.00 -9.01
C ILE G 245 18.08 20.53 -9.65
N VAL G 246 17.73 21.10 -10.80
CA VAL G 246 16.66 20.57 -11.64
C VAL G 246 17.22 20.37 -13.04
N PRO G 247 17.40 19.12 -13.47
CA PRO G 247 17.89 18.86 -14.83
C PRO G 247 16.90 19.34 -15.87
N SER G 248 17.39 20.08 -16.87
CA SER G 248 16.54 20.58 -17.94
C SER G 248 15.70 19.48 -18.58
N ALA G 249 16.12 18.22 -18.46
CA ALA G 249 15.32 17.08 -18.87
C ALA G 249 15.89 15.84 -18.20
N LEU G 250 15.06 14.80 -18.12
CA LEU G 250 15.47 13.56 -17.46
C LEU G 250 14.49 12.44 -17.82
N GLU G 251 14.94 11.47 -18.63
CA GLU G 251 14.08 10.41 -19.12
C GLU G 251 14.53 9.06 -18.56
N LEU G 252 13.69 8.05 -18.77
CA LEU G 252 13.92 6.71 -18.19
C LEU G 252 13.29 5.67 -19.11
N ILE G 253 14.12 4.98 -19.88
CA ILE G 253 13.69 3.94 -20.81
C ILE G 253 14.29 2.61 -20.35
N ASP G 254 13.57 1.51 -20.59
CA ASP G 254 13.96 0.20 -20.06
C ASP G 254 14.53 -0.69 -21.17
N ARG G 255 14.99 -1.87 -20.75
CA ARG G 255 15.78 -2.80 -21.55
C ARG G 255 15.28 -3.12 -22.95
N PHE G 256 14.15 -3.82 -23.03
CA PHE G 256 13.71 -4.40 -24.31
C PHE G 256 13.49 -3.35 -25.40
N CYS G 257 13.21 -2.10 -25.02
CA CYS G 257 12.89 -1.12 -26.05
C CYS G 257 14.14 -0.54 -26.70
N LEU G 258 15.26 -0.47 -25.97
CA LEU G 258 16.49 -0.01 -26.60
C LEU G 258 16.91 -0.96 -27.71
N GLN G 259 17.01 -2.25 -27.40
CA GLN G 259 17.27 -3.26 -28.43
C GLN G 259 16.03 -3.61 -29.24
N ALA G 260 15.04 -2.71 -29.24
CA ALA G 260 13.97 -2.72 -30.23
C ALA G 260 14.04 -1.52 -31.16
N VAL G 261 14.81 -0.49 -30.78
CA VAL G 261 15.15 0.58 -31.70
C VAL G 261 16.40 0.22 -32.50
N ASP G 262 17.24 -0.68 -31.97
CA ASP G 262 18.47 -1.06 -32.63
C ASP G 262 18.24 -1.93 -33.87
N GLU G 263 17.00 -2.34 -34.14
CA GLU G 263 16.66 -2.95 -35.41
C GLU G 263 16.09 -1.96 -36.41
N TRP G 264 15.25 -1.04 -35.93
CA TRP G 264 14.54 -0.09 -36.77
C TRP G 264 15.53 0.70 -37.60
N LYS G 265 16.21 1.65 -36.99
CA LYS G 265 17.20 2.50 -37.64
C LYS G 265 18.52 2.15 -36.97
N ASN G 266 19.26 1.24 -37.61
CA ASN G 266 20.42 0.58 -37.03
C ASN G 266 21.36 1.56 -36.32
N MET G 267 21.33 1.54 -35.00
CA MET G 267 22.11 2.44 -34.18
C MET G 267 23.50 1.91 -33.87
N GLY G 268 23.60 0.61 -33.56
CA GLY G 268 24.88 0.02 -33.22
C GLY G 268 25.47 0.53 -31.91
N LEU G 269 24.66 1.25 -31.15
CA LEU G 269 25.13 1.81 -29.88
C LEU G 269 25.34 0.70 -28.86
N SER G 270 26.32 0.92 -27.97
CA SER G 270 26.63 -0.05 -26.93
C SER G 270 25.60 0.06 -25.81
N ALA G 271 24.89 -1.04 -25.55
CA ALA G 271 23.93 -1.11 -24.46
C ALA G 271 24.58 -1.82 -23.27
N GLU G 272 24.53 -1.17 -22.11
CA GLU G 272 25.17 -1.68 -20.90
C GLU G 272 24.18 -1.83 -19.76
N GLY G 273 23.00 -2.34 -20.04
CA GLY G 273 22.06 -2.65 -18.97
C GLY G 273 20.63 -2.51 -19.42
N GLU G 274 19.75 -3.01 -18.56
CA GLU G 274 18.30 -2.96 -18.77
C GLU G 274 17.79 -1.53 -18.72
N VAL G 275 17.44 -1.06 -17.52
CA VAL G 275 16.89 0.29 -17.40
C VAL G 275 17.98 1.32 -17.67
N LEU G 276 17.53 2.53 -17.97
CA LEU G 276 18.40 3.61 -18.41
C LEU G 276 17.88 4.92 -17.82
N LEU G 277 18.80 5.83 -17.45
CA LEU G 277 18.47 7.02 -16.66
C LEU G 277 19.37 8.16 -17.12
N LEU G 278 19.00 8.75 -18.25
CA LEU G 278 19.69 9.88 -18.85
C LEU G 278 19.16 11.21 -18.33
N ALA G 279 20.07 12.19 -18.24
CA ALA G 279 19.79 13.52 -17.70
C ALA G 279 20.39 14.59 -18.61
N ARG G 280 20.04 15.85 -18.32
CA ARG G 280 20.46 16.95 -19.17
C ARG G 280 20.96 18.08 -18.29
N SER G 281 21.77 18.97 -18.89
CA SER G 281 22.33 20.09 -18.12
C SER G 281 22.89 21.21 -18.98
N ASP G 282 22.44 21.39 -20.22
CA ASP G 282 23.01 22.42 -21.10
C ASP G 282 22.55 23.81 -20.68
N LEU G 283 23.44 24.56 -20.05
CA LEU G 283 23.22 25.95 -19.64
C LEU G 283 24.41 26.79 -20.11
N PRO G 284 24.51 28.12 -19.77
CA PRO G 284 25.61 28.94 -20.32
C PRO G 284 26.96 28.24 -20.41
N GLY G 285 27.09 27.34 -21.37
CA GLY G 285 28.31 26.62 -21.67
C GLY G 285 29.04 26.08 -20.46
N THR G 286 29.90 26.91 -19.88
CA THR G 286 30.59 26.54 -18.65
C THR G 286 29.61 26.29 -17.51
N SER G 287 28.42 26.89 -17.60
CA SER G 287 27.38 26.64 -16.61
C SER G 287 26.88 25.20 -16.65
N GLY G 288 27.24 24.43 -17.66
CA GLY G 288 26.94 23.02 -17.67
C GLY G 288 27.60 22.29 -16.52
N GLN G 289 28.94 22.26 -16.52
CA GLN G 289 29.68 21.53 -15.48
C GLN G 289 29.30 21.95 -14.07
N GLU G 290 29.16 23.25 -13.82
CA GLU G 290 28.78 23.68 -12.47
C GLU G 290 27.41 23.13 -12.11
N GLU G 291 26.62 22.81 -13.11
CA GLU G 291 25.38 22.12 -12.87
C GLU G 291 25.43 20.65 -13.17
N ALA G 292 26.21 20.26 -14.16
CA ALA G 292 26.24 18.87 -14.57
C ALA G 292 27.07 18.01 -13.62
N ASP G 293 27.95 18.60 -12.81
CA ASP G 293 28.53 17.79 -11.75
C ASP G 293 27.61 17.91 -10.55
N ARG G 294 27.73 16.94 -9.63
CA ARG G 294 26.84 16.77 -8.49
C ARG G 294 25.63 16.02 -9.04
N ILE G 295 25.33 16.24 -10.32
CA ILE G 295 24.28 15.49 -10.99
C ILE G 295 24.73 14.07 -11.25
N LEU G 296 26.01 13.80 -11.02
CA LEU G 296 26.53 12.45 -10.90
C LEU G 296 26.16 11.83 -9.57
N GLU G 297 26.05 12.63 -8.50
CA GLU G 297 25.79 12.06 -7.17
C GLU G 297 24.56 11.16 -7.18
N CYS G 298 23.51 11.52 -7.93
CA CYS G 298 22.39 10.60 -8.05
C CYS G 298 22.77 9.37 -8.83
N PHE G 299 23.80 9.47 -9.68
CA PHE G 299 24.26 8.37 -10.49
C PHE G 299 25.38 7.60 -9.81
N GLU G 300 26.09 8.25 -8.87
CA GLU G 300 27.17 7.64 -8.12
C GLU G 300 26.82 7.16 -6.71
N LYS G 301 25.77 7.70 -6.07
CA LYS G 301 25.40 7.22 -4.75
C LYS G 301 24.72 5.85 -4.80
N GLU G 302 23.99 5.57 -5.88
CA GLU G 302 23.24 4.32 -5.99
C GLU G 302 23.98 3.38 -6.93
N LYS G 303 24.24 2.16 -6.44
CA LYS G 303 24.96 1.07 -7.08
C LYS G 303 25.77 1.46 -8.31
N ALA G 304 25.08 1.83 -9.40
CA ALA G 304 25.71 2.25 -10.66
C ALA G 304 26.53 1.15 -11.29
N VAL G 305 25.96 0.47 -12.29
CA VAL G 305 26.73 -0.48 -13.09
C VAL G 305 27.45 0.21 -14.24
N TYR G 306 27.04 1.43 -14.57
CA TYR G 306 27.75 2.28 -15.52
C TYR G 306 27.32 3.72 -15.24
N ALA G 307 28.15 4.65 -15.67
CA ALA G 307 27.87 6.08 -15.50
C ALA G 307 28.96 6.90 -16.18
N VAL G 308 28.74 7.31 -17.41
CA VAL G 308 29.74 8.07 -18.15
C VAL G 308 29.12 9.44 -18.42
N ARG G 309 29.56 10.42 -17.64
CA ARG G 309 29.18 11.81 -17.82
C ARG G 309 29.88 12.37 -19.05
N SER G 310 29.56 11.79 -20.21
CA SER G 310 30.10 12.22 -21.50
C SER G 310 29.65 13.63 -21.86
N THR G 311 30.32 14.64 -21.32
CA THR G 311 30.09 16.03 -21.67
C THR G 311 30.14 16.30 -23.18
N ASP G 312 30.59 15.31 -23.96
CA ASP G 312 30.72 15.46 -25.41
C ASP G 312 29.58 14.69 -26.08
N GLU G 313 28.57 15.44 -26.54
CA GLU G 313 27.33 14.84 -27.04
C GLU G 313 27.43 14.62 -28.55
N GLU G 314 28.08 13.54 -28.92
CA GLU G 314 27.96 12.96 -30.26
C GLU G 314 27.32 11.58 -30.23
N GLU G 315 27.69 10.74 -29.26
CA GLU G 315 26.99 9.48 -29.03
C GLU G 315 25.66 9.71 -28.34
N ALA G 316 25.53 10.80 -27.57
CA ALA G 316 24.31 11.03 -26.79
C ALA G 316 23.13 11.39 -27.69
N GLU G 317 23.38 12.06 -28.82
CA GLU G 317 22.30 12.39 -29.73
C GLU G 317 21.60 11.14 -30.23
N ALA G 318 22.36 10.07 -30.49
CA ALA G 318 21.77 8.80 -30.88
C ALA G 318 21.19 8.05 -29.68
N LEU G 319 21.77 8.25 -28.50
CA LEU G 319 21.24 7.60 -27.29
C LEU G 319 19.82 8.08 -26.99
N PHE G 320 19.49 9.30 -27.41
CA PHE G 320 18.18 9.89 -27.16
C PHE G 320 17.20 9.67 -28.30
N GLN G 321 17.68 9.56 -29.54
CA GLN G 321 16.79 9.18 -30.63
C GLN G 321 16.10 7.86 -30.31
N ALA G 322 16.78 6.98 -29.57
CA ALA G 322 16.13 5.78 -29.07
C ALA G 322 14.94 6.13 -28.18
N ARG G 323 15.07 7.16 -27.35
CA ARG G 323 13.94 7.56 -26.50
C ARG G 323 12.77 8.10 -27.31
N ARG G 324 13.04 8.94 -28.31
CA ARG G 324 11.95 9.39 -29.17
C ARG G 324 11.37 8.25 -30.00
N LEU G 325 12.25 7.41 -30.54
CA LEU G 325 11.85 6.28 -31.37
C LEU G 325 11.49 5.05 -30.55
N ALA G 326 11.08 5.25 -29.30
CA ALA G 326 10.72 4.11 -28.45
C ALA G 326 9.35 3.53 -28.83
N TYR G 327 8.40 4.38 -29.19
CA TYR G 327 7.09 3.89 -29.59
C TYR G 327 7.01 3.62 -31.10
N PRO G 328 7.59 4.46 -31.96
CA PRO G 328 7.65 4.10 -33.39
C PRO G 328 8.45 2.84 -33.68
N ALA G 329 9.25 2.34 -32.74
CA ALA G 329 9.88 1.05 -32.91
C ALA G 329 9.01 -0.12 -32.44
N LEU G 330 8.26 0.05 -31.36
CA LEU G 330 7.44 -1.05 -30.85
C LEU G 330 6.02 -1.03 -31.41
N GLU G 331 5.80 -0.38 -32.55
CA GLU G 331 4.49 -0.36 -33.17
C GLU G 331 4.36 -1.37 -34.31
N ARG G 332 5.46 -1.93 -34.77
CA ARG G 332 5.45 -2.98 -35.77
C ARG G 332 5.73 -4.35 -35.15
N LEU G 333 5.80 -4.42 -33.82
CA LEU G 333 6.02 -5.69 -33.12
C LEU G 333 4.72 -6.22 -32.52
N GLY G 334 3.58 -5.70 -32.97
CA GLY G 334 2.29 -6.11 -32.46
C GLY G 334 1.48 -4.92 -31.95
N PRO G 335 0.23 -5.19 -31.55
CA PRO G 335 -0.57 -4.13 -30.93
C PRO G 335 0.01 -3.75 -29.58
N LEU G 336 -0.01 -2.45 -29.29
CA LEU G 336 0.66 -1.89 -28.13
C LEU G 336 -0.36 -1.25 -27.21
N LEU G 337 -0.40 -1.70 -25.97
CA LEU G 337 -1.17 -1.06 -24.90
C LEU G 337 -0.26 -0.12 -24.13
N THR G 338 -0.62 1.15 -24.07
CA THR G 338 0.14 2.16 -23.36
C THR G 338 -0.73 2.84 -22.31
N GLU G 339 -0.14 3.12 -21.16
CA GLU G 339 -0.76 3.90 -20.10
C GLU G 339 0.09 5.14 -19.83
N ASP G 340 -0.52 6.12 -19.16
CA ASP G 340 0.14 7.41 -18.90
C ASP G 340 -0.31 7.89 -17.53
N VAL G 341 0.41 7.46 -16.50
CA VAL G 341 0.17 7.94 -15.14
C VAL G 341 1.22 8.99 -14.81
N CYS G 342 0.84 9.91 -13.92
CA CYS G 342 1.74 10.94 -13.42
C CYS G 342 1.59 10.97 -11.91
N VAL G 343 2.68 10.69 -11.20
CA VAL G 343 2.66 10.60 -9.75
C VAL G 343 3.63 11.63 -9.19
N PRO G 344 3.53 11.95 -7.90
CA PRO G 344 4.51 12.85 -7.28
C PRO G 344 5.93 12.33 -7.43
N LYS G 345 6.89 13.26 -7.47
CA LYS G 345 8.28 12.87 -7.66
C LYS G 345 8.78 11.94 -6.57
N ALA G 346 8.24 12.09 -5.36
CA ALA G 346 8.66 11.23 -4.25
C ALA G 346 8.10 9.82 -4.35
N ARG G 347 7.20 9.56 -5.30
CA ARG G 347 6.58 8.25 -5.45
C ARG G 347 6.94 7.54 -6.75
N VAL G 348 7.83 8.13 -7.55
CA VAL G 348 8.36 7.41 -8.70
C VAL G 348 9.10 6.15 -8.29
N PRO G 349 9.96 6.14 -7.25
CA PRO G 349 10.64 4.88 -6.89
C PRO G 349 9.68 3.75 -6.59
N HIS G 350 8.62 4.00 -5.81
CA HIS G 350 7.64 2.95 -5.56
C HIS G 350 6.87 2.56 -6.80
N MET G 351 6.55 3.53 -7.66
CA MET G 351 5.76 3.23 -8.85
C MET G 351 6.50 2.31 -9.79
N LEU G 352 7.80 2.54 -9.99
CA LEU G 352 8.59 1.62 -10.80
C LEU G 352 8.66 0.24 -10.16
N GLU G 353 8.66 0.18 -8.83
CA GLU G 353 8.54 -1.11 -8.14
C GLU G 353 7.16 -1.73 -8.35
N ALA G 354 6.11 -0.90 -8.30
CA ALA G 354 4.75 -1.41 -8.40
C ALA G 354 4.42 -1.85 -9.82
N ILE G 355 4.99 -1.19 -10.82
CA ILE G 355 4.71 -1.55 -12.21
C ILE G 355 5.25 -2.95 -12.50
N GLU G 356 6.47 -3.25 -12.04
CA GLU G 356 7.06 -4.57 -12.27
C GLU G 356 6.36 -5.64 -11.45
N ALA G 357 5.85 -5.29 -10.27
CA ALA G 357 5.12 -6.26 -9.46
C ALA G 357 3.75 -6.57 -10.08
N ALA G 358 3.12 -5.59 -10.71
CA ALA G 358 1.92 -5.86 -11.48
C ALA G 358 2.24 -6.64 -12.75
N GLY G 359 3.51 -6.63 -13.18
CA GLY G 359 3.94 -7.45 -14.30
C GLY G 359 4.09 -8.92 -13.97
N GLU G 360 4.24 -9.27 -12.68
CA GLU G 360 4.30 -10.66 -12.29
C GLU G 360 2.97 -11.19 -11.76
N ARG G 361 2.20 -10.36 -11.05
CA ARG G 361 0.85 -10.77 -10.67
C ARG G 361 -0.03 -10.99 -11.89
N PHE G 362 0.40 -10.51 -13.05
CA PHE G 362 -0.31 -10.67 -14.30
C PHE G 362 0.78 -10.95 -15.32
N ASP G 363 0.88 -12.20 -15.78
CA ASP G 363 1.89 -12.62 -16.74
C ASP G 363 1.97 -11.69 -17.96
N THR G 364 2.05 -10.40 -17.71
CA THR G 364 2.12 -9.36 -18.73
C THR G 364 3.48 -8.67 -18.64
N ARG G 365 4.19 -8.67 -19.77
CA ARG G 365 5.57 -8.20 -19.87
C ARG G 365 5.54 -6.70 -20.14
N ILE G 366 5.65 -5.91 -19.07
CA ILE G 366 5.43 -4.47 -19.16
C ILE G 366 6.76 -3.75 -19.43
N GLY G 367 6.85 -3.09 -20.58
CA GLY G 367 7.94 -2.17 -20.83
C GLY G 367 7.69 -0.82 -20.20
N ASN G 368 8.77 -0.16 -19.78
CA ASN G 368 8.67 1.08 -19.02
C ASN G 368 9.46 2.19 -19.70
N ILE G 369 8.78 3.27 -20.05
CA ILE G 369 9.40 4.55 -20.40
C ILE G 369 8.70 5.61 -19.57
N ALA G 370 9.44 6.66 -19.21
CA ALA G 370 8.87 7.64 -18.30
C ALA G 370 9.62 8.96 -18.38
N HIS G 371 8.86 10.06 -18.31
CA HIS G 371 9.43 11.38 -18.07
C HIS G 371 9.68 11.48 -16.56
N ALA G 372 10.79 10.88 -16.13
CA ALA G 372 11.05 10.78 -14.70
C ALA G 372 11.32 12.13 -14.05
N GLY G 373 11.57 13.19 -14.82
CA GLY G 373 11.83 14.49 -14.23
C GLY G 373 10.61 15.11 -13.55
N ASP G 374 9.42 14.62 -13.88
CA ASP G 374 8.20 15.13 -13.26
C ASP G 374 7.23 14.02 -12.85
N GLY G 375 7.65 12.76 -12.87
CA GLY G 375 6.82 11.68 -12.39
C GLY G 375 5.78 11.13 -13.35
N ASN G 376 5.90 11.41 -14.65
CA ASN G 376 4.97 10.92 -15.64
C ASN G 376 5.50 9.62 -16.23
N LEU G 377 4.79 8.52 -16.00
CA LEU G 377 5.21 7.20 -16.43
C LEU G 377 4.38 6.73 -17.62
N HIS G 378 5.04 6.03 -18.55
CA HIS G 378 4.38 5.42 -19.71
C HIS G 378 4.67 3.92 -19.71
N PRO G 379 3.93 3.14 -18.93
CA PRO G 379 4.01 1.68 -19.06
C PRO G 379 3.44 1.25 -20.39
N LEU G 380 4.05 0.23 -20.99
CA LEU G 380 3.62 -0.23 -22.30
C LEU G 380 3.81 -1.74 -22.38
N PHE G 381 2.78 -2.42 -22.87
CA PHE G 381 2.83 -3.86 -23.12
C PHE G 381 2.46 -4.13 -24.56
N ILE G 382 3.14 -5.11 -25.15
CA ILE G 382 2.92 -5.51 -26.54
C ILE G 382 2.10 -6.79 -26.54
N VAL G 383 0.98 -6.79 -27.26
CA VAL G 383 0.05 -7.92 -27.25
C VAL G 383 0.49 -8.95 -28.28
N PRO G 384 0.63 -10.22 -27.90
CA PRO G 384 1.04 -11.25 -28.87
C PRO G 384 0.02 -11.49 -29.95
N ALA G 385 -1.23 -11.10 -29.74
CA ALA G 385 -2.30 -11.19 -30.72
C ALA G 385 -2.61 -12.62 -31.13
N GLY G 386 -3.59 -13.20 -30.47
CA GLY G 386 -4.10 -14.54 -30.74
C GLY G 386 -4.41 -15.17 -29.40
N ASP G 387 -3.61 -14.81 -28.41
CA ASP G 387 -3.89 -15.16 -27.03
C ASP G 387 -4.79 -14.04 -26.48
N GLU G 388 -6.07 -14.32 -26.31
CA GLU G 388 -6.97 -13.27 -25.82
C GLU G 388 -6.73 -13.01 -24.35
N GLU G 389 -6.45 -14.06 -23.58
CA GLU G 389 -6.29 -13.91 -22.14
C GLU G 389 -5.10 -13.01 -21.81
N ALA G 390 -4.06 -12.99 -22.65
CA ALA G 390 -2.96 -12.04 -22.44
C ALA G 390 -3.40 -10.59 -22.66
N LYS G 391 -4.41 -10.37 -23.51
CA LYS G 391 -5.01 -9.04 -23.64
C LYS G 391 -5.76 -8.64 -22.38
N ARG G 392 -6.40 -9.61 -21.71
CA ARG G 392 -7.19 -9.31 -20.53
C ARG G 392 -6.37 -9.46 -19.26
N ARG G 393 -5.28 -10.22 -19.33
CA ARG G 393 -4.30 -10.19 -18.25
C ARG G 393 -3.61 -8.85 -18.19
N ALA G 394 -3.26 -8.29 -19.36
CA ALA G 394 -2.63 -6.97 -19.40
C ALA G 394 -3.61 -5.87 -18.99
N LYS G 395 -4.85 -5.94 -19.48
CA LYS G 395 -5.84 -4.94 -19.10
C LYS G 395 -6.05 -4.94 -17.59
N GLN G 396 -6.11 -6.13 -16.98
CA GLN G 396 -6.21 -6.18 -15.53
C GLN G 396 -4.94 -5.63 -14.87
N ALA G 397 -3.78 -5.82 -15.50
CA ALA G 397 -2.55 -5.25 -14.95
C ALA G 397 -2.52 -3.73 -15.12
N PHE G 398 -2.93 -3.24 -16.29
CA PHE G 398 -2.99 -1.81 -16.52
C PHE G 398 -4.20 -1.16 -15.85
N GLU G 399 -5.15 -1.96 -15.39
CA GLU G 399 -6.24 -1.42 -14.57
C GLU G 399 -5.78 -1.25 -13.12
N VAL G 400 -4.92 -2.15 -12.65
CA VAL G 400 -4.37 -2.04 -11.32
C VAL G 400 -3.29 -0.97 -11.22
N ILE G 401 -2.58 -0.67 -12.32
CA ILE G 401 -1.53 0.33 -12.27
C ILE G 401 -2.10 1.74 -12.09
N VAL G 402 -3.09 2.11 -12.93
CA VAL G 402 -3.66 3.44 -12.81
C VAL G 402 -4.47 3.56 -11.52
N ASP G 403 -5.23 2.53 -11.17
CA ASP G 403 -6.03 2.56 -9.95
C ASP G 403 -5.14 2.64 -8.72
N GLU G 404 -3.93 2.07 -8.79
CA GLU G 404 -2.99 2.20 -7.69
C GLU G 404 -2.30 3.56 -7.75
N ALA G 405 -1.98 4.03 -8.96
CA ALA G 405 -1.37 5.35 -9.12
C ALA G 405 -2.30 6.45 -8.65
N LEU G 406 -3.62 6.21 -8.73
CA LEU G 406 -4.57 7.20 -8.22
C LEU G 406 -4.53 7.23 -6.70
N ALA G 407 -4.36 6.07 -6.06
CA ALA G 407 -4.29 6.02 -4.60
C ALA G 407 -3.00 6.65 -4.09
N VAL G 408 -1.94 6.63 -4.90
CA VAL G 408 -0.68 7.25 -4.51
C VAL G 408 -0.79 8.78 -4.50
N GLY G 409 -1.72 9.34 -5.27
CA GLY G 409 -1.92 10.77 -5.27
C GLY G 409 -1.67 11.39 -6.63
N GLY G 410 -1.67 10.55 -7.67
CA GLY G 410 -1.43 11.00 -9.03
C GLY G 410 -2.72 11.14 -9.81
N THR G 411 -2.57 11.21 -11.13
CA THR G 411 -3.71 11.38 -12.04
C THR G 411 -3.67 10.30 -13.11
N VAL G 412 -4.83 10.03 -13.69
CA VAL G 412 -4.96 8.89 -14.60
C VAL G 412 -4.23 9.17 -15.90
N THR G 413 -4.10 10.44 -16.29
CA THR G 413 -3.39 10.83 -17.50
C THR G 413 -2.58 12.08 -17.23
N GLY G 414 -1.42 12.16 -17.89
CA GLY G 414 -0.53 13.30 -17.70
C GLY G 414 -0.39 14.16 -18.93
N GLU G 415 -0.56 13.56 -20.11
CA GLU G 415 -0.41 14.31 -21.36
C GLU G 415 -1.26 13.72 -22.47
N HIS G 416 -1.42 12.39 -22.50
CA HIS G 416 -2.14 11.74 -23.58
C HIS G 416 -3.63 12.05 -23.59
N GLY G 417 -4.16 12.58 -22.48
CA GLY G 417 -5.57 12.87 -22.40
C GLY G 417 -6.39 11.66 -21.99
N VAL G 418 -7.63 11.91 -21.61
CA VAL G 418 -8.51 10.84 -21.16
C VAL G 418 -9.05 10.04 -22.34
N GLY G 419 -9.76 10.70 -23.24
CA GLY G 419 -10.28 10.04 -24.43
C GLY G 419 -11.29 8.98 -24.08
N LEU G 420 -11.02 7.74 -24.51
CA LEU G 420 -11.89 6.60 -24.26
C LEU G 420 -11.27 5.54 -23.35
N LEU G 421 -9.99 5.22 -23.54
CA LEU G 421 -9.38 4.11 -22.83
C LEU G 421 -9.19 4.39 -21.34
N LYS G 422 -9.32 5.64 -20.90
CA LYS G 422 -9.10 6.02 -19.52
C LYS G 422 -10.32 6.71 -18.90
N MET G 423 -11.52 6.44 -19.41
CA MET G 423 -12.70 7.14 -18.91
C MET G 423 -13.13 6.63 -17.54
N ARG G 424 -13.19 5.31 -17.37
CA ARG G 424 -13.57 4.73 -16.08
C ARG G 424 -12.55 5.04 -14.99
N GLY G 425 -11.31 5.37 -15.36
CA GLY G 425 -10.30 5.74 -14.38
C GLY G 425 -10.38 7.20 -14.00
N ALA G 426 -10.64 8.06 -14.98
CA ALA G 426 -10.79 9.49 -14.69
C ALA G 426 -12.04 9.75 -13.85
N ALA G 427 -13.13 9.02 -14.10
CA ALA G 427 -14.34 9.21 -13.32
C ALA G 427 -14.14 8.89 -11.85
N ASP G 428 -13.27 7.92 -11.54
CA ASP G 428 -12.99 7.62 -10.14
C ASP G 428 -12.11 8.70 -9.51
N GLU G 429 -11.19 9.26 -10.29
CA GLU G 429 -10.33 10.32 -9.77
C GLU G 429 -11.10 11.61 -9.55
N LEU G 430 -11.81 12.07 -10.58
CA LEU G 430 -12.55 13.32 -10.48
C LEU G 430 -13.68 13.22 -9.46
N GLY G 431 -14.34 12.07 -9.40
CA GLY G 431 -15.42 11.87 -8.47
C GLY G 431 -16.75 12.37 -9.00
N PRO G 432 -17.81 12.20 -8.22
CA PRO G 432 -19.15 12.55 -8.74
C PRO G 432 -19.35 14.05 -8.89
N HIS G 433 -18.78 14.86 -7.99
CA HIS G 433 -19.01 16.29 -8.03
C HIS G 433 -18.35 16.94 -9.23
N VAL G 434 -17.12 16.54 -9.55
CA VAL G 434 -16.41 17.14 -10.67
C VAL G 434 -17.04 16.74 -12.00
N LEU G 435 -17.49 15.49 -12.12
CA LEU G 435 -18.22 15.09 -13.33
C LEU G 435 -19.52 15.87 -13.47
N ALA G 436 -20.18 16.15 -12.35
CA ALA G 436 -21.40 16.96 -12.40
C ALA G 436 -21.10 18.35 -12.94
N MET G 437 -19.96 18.92 -12.55
CA MET G 437 -19.54 20.21 -13.10
C MET G 437 -19.13 20.09 -14.56
N HIS G 438 -18.53 18.96 -14.95
CA HIS G 438 -18.10 18.79 -16.34
C HIS G 438 -19.28 18.79 -17.31
N ARG G 439 -20.30 17.98 -17.03
CA ARG G 439 -21.48 17.95 -17.89
C ARG G 439 -22.21 19.29 -17.85
N ALA G 440 -22.22 19.96 -16.70
CA ALA G 440 -22.86 21.28 -16.63
C ALA G 440 -22.10 22.30 -17.46
N VAL G 441 -20.76 22.26 -17.41
CA VAL G 441 -19.96 23.19 -18.20
C VAL G 441 -20.11 22.89 -19.69
N LYS G 442 -19.92 21.62 -20.09
CA LYS G 442 -20.06 21.26 -21.48
C LYS G 442 -21.46 21.56 -22.00
N GLY G 443 -22.48 21.40 -21.16
CA GLY G 443 -23.84 21.75 -21.57
C GLY G 443 -23.99 23.22 -21.89
N ALA G 444 -23.24 24.08 -21.20
CA ALA G 444 -23.36 25.52 -21.42
C ALA G 444 -22.63 25.96 -22.69
N LEU G 445 -21.44 25.42 -22.95
CA LEU G 445 -20.66 25.82 -24.11
C LEU G 445 -20.93 24.95 -25.33
N ASP G 446 -21.54 23.78 -25.15
CA ASP G 446 -21.94 22.91 -26.25
C ASP G 446 -23.38 22.50 -26.02
N PRO G 447 -24.32 23.42 -26.27
CA PRO G 447 -25.73 23.10 -25.99
C PRO G 447 -26.30 22.02 -26.89
N ALA G 448 -25.75 21.85 -28.10
CA ALA G 448 -26.23 20.80 -28.98
C ALA G 448 -25.57 19.45 -28.69
N GLY G 449 -24.46 19.44 -27.97
CA GLY G 449 -23.79 18.19 -27.65
C GLY G 449 -23.16 17.49 -28.83
N ILE G 450 -22.55 18.23 -29.75
CA ILE G 450 -22.00 17.65 -30.96
C ILE G 450 -20.49 17.49 -30.91
N PHE G 451 -19.80 18.22 -30.03
CA PHE G 451 -18.34 18.26 -30.01
C PHE G 451 -17.85 17.04 -29.24
N ASN G 452 -17.53 15.97 -29.98
CA ASN G 452 -16.98 14.74 -29.40
C ASN G 452 -17.74 14.28 -28.16
N PRO G 453 -19.02 13.93 -28.30
CA PRO G 453 -19.80 13.54 -27.11
C PRO G 453 -19.51 12.12 -26.68
N GLY G 454 -19.43 11.93 -25.36
CA GLY G 454 -19.19 10.63 -24.79
C GLY G 454 -17.73 10.27 -24.58
N LYS G 455 -16.84 11.25 -24.59
CA LYS G 455 -15.43 11.06 -24.31
C LYS G 455 -15.07 11.80 -23.03
N VAL G 456 -13.98 11.37 -22.40
CA VAL G 456 -13.51 11.89 -21.11
C VAL G 456 -14.55 11.60 -20.03
N PHE G 457 -15.73 12.21 -20.15
CA PHE G 457 -16.87 11.89 -19.29
C PHE G 457 -18.06 11.49 -20.15
N ALA G 458 -19.03 10.83 -19.51
CA ALA G 458 -20.22 10.34 -20.20
C ALA G 458 -21.39 11.28 -19.95
N LEU G 459 -21.95 11.82 -21.03
CA LEU G 459 -23.17 12.61 -20.92
C LEU G 459 -24.34 11.73 -20.51
N GLU G 460 -25.15 12.24 -19.59
CA GLU G 460 -26.31 11.50 -19.10
C GLU G 460 -27.43 11.48 -20.13
N GLY H 3 -34.21 37.19 6.72
CA GLY H 3 -33.51 36.86 7.96
C GLY H 3 -32.06 36.46 7.74
N VAL H 4 -31.86 35.23 7.28
CA VAL H 4 -30.55 34.68 6.93
C VAL H 4 -29.64 34.62 8.16
N VAL H 5 -29.44 35.77 8.82
CA VAL H 5 -28.48 35.86 9.92
C VAL H 5 -28.82 34.86 11.03
N GLU H 6 -30.12 34.70 11.33
CA GLU H 6 -30.52 33.75 12.35
C GLU H 6 -30.22 32.30 11.96
N GLU H 7 -30.03 32.03 10.67
CA GLU H 7 -29.62 30.70 10.25
C GLU H 7 -28.10 30.54 10.33
N LEU H 8 -27.36 31.58 9.96
CA LEU H 8 -25.90 31.49 10.00
C LEU H 8 -25.38 31.38 11.42
N VAL H 9 -26.05 32.02 12.39
CA VAL H 9 -25.64 31.87 13.78
C VAL H 9 -25.96 30.47 14.29
N ALA H 10 -27.00 29.83 13.73
CA ALA H 10 -27.33 28.47 14.08
C ALA H 10 -26.45 27.45 13.35
N ALA H 11 -25.72 27.86 12.33
CA ALA H 11 -24.90 26.95 11.54
C ALA H 11 -23.46 26.92 12.03
N ILE H 12 -22.81 28.09 12.07
CA ILE H 12 -21.41 28.18 12.49
C ILE H 12 -21.24 29.41 13.38
N GLY H 13 -22.35 30.02 13.78
CA GLY H 13 -22.29 31.33 14.41
C GLY H 13 -21.87 31.28 15.87
N ALA H 14 -20.96 32.19 16.22
CA ALA H 14 -20.47 32.40 17.57
C ALA H 14 -19.63 33.66 17.57
N GLU H 15 -18.31 33.50 17.45
CA GLU H 15 -17.43 34.58 17.06
C GLU H 15 -17.23 34.64 15.56
N GLN H 16 -17.91 33.77 14.80
CA GLN H 16 -17.75 33.69 13.36
C GLN H 16 -18.65 34.64 12.60
N VAL H 17 -19.84 34.92 13.12
CA VAL H 17 -20.81 35.80 12.46
C VAL H 17 -20.74 37.17 13.11
N VAL H 18 -20.39 38.18 12.32
CA VAL H 18 -20.31 39.56 12.78
C VAL H 18 -21.39 40.36 12.08
N THR H 19 -22.18 41.09 12.87
CA THR H 19 -23.28 41.89 12.34
C THR H 19 -23.17 43.37 12.70
N ASP H 20 -22.18 43.75 13.49
CA ASP H 20 -22.06 45.12 13.97
C ASP H 20 -21.78 46.06 12.81
N PRO H 21 -22.65 47.04 12.52
CA PRO H 21 -22.44 47.92 11.36
C PRO H 21 -21.18 48.76 11.44
N ALA H 22 -20.61 48.95 12.64
CA ALA H 22 -19.34 49.66 12.74
C ALA H 22 -18.18 48.78 12.29
N VAL H 23 -18.18 47.51 12.70
CA VAL H 23 -17.20 46.56 12.19
C VAL H 23 -17.38 46.38 10.69
N MET H 24 -18.63 46.37 10.24
CA MET H 24 -18.96 45.88 8.90
C MET H 24 -18.58 46.87 7.80
N GLU H 25 -18.29 48.13 8.14
CA GLU H 25 -17.98 49.12 7.11
C GLU H 25 -16.71 48.77 6.37
N GLY H 26 -15.64 48.41 7.10
CA GLY H 26 -14.37 48.15 6.47
C GLY H 26 -14.33 46.87 5.65
N TYR H 27 -15.22 45.92 5.93
CA TYR H 27 -15.30 44.68 5.15
C TYR H 27 -16.16 44.84 3.91
N SER H 28 -16.64 46.04 3.61
CA SER H 28 -17.58 46.26 2.53
C SER H 28 -16.93 46.76 1.25
N HIS H 29 -15.66 47.18 1.30
CA HIS H 29 -15.03 47.83 0.16
C HIS H 29 -13.53 47.56 0.17
N ASP H 30 -12.91 47.74 -0.98
CA ASP H 30 -11.47 47.76 -1.10
C ASP H 30 -11.01 49.22 -1.28
N GLU H 31 -9.82 49.42 -1.83
CA GLU H 31 -9.28 50.76 -1.98
C GLU H 31 -9.79 51.48 -3.22
N ALA H 32 -10.66 50.86 -4.00
CA ALA H 32 -11.24 51.53 -5.16
C ALA H 32 -11.99 52.77 -4.72
N GLU H 33 -11.61 53.93 -5.27
CA GLU H 33 -12.07 55.21 -4.73
C GLU H 33 -13.58 55.34 -4.82
N TRP H 34 -14.12 55.27 -6.03
CA TRP H 34 -15.55 55.47 -6.24
C TRP H 34 -16.22 54.24 -6.85
N ALA H 35 -15.75 53.05 -6.49
CA ALA H 35 -16.48 51.84 -6.83
C ALA H 35 -17.66 51.69 -5.88
N PRO H 36 -18.89 51.62 -6.38
CA PRO H 36 -20.06 51.64 -5.49
C PRO H 36 -20.09 50.41 -4.59
N TYR H 37 -20.02 50.65 -3.29
CA TYR H 37 -20.11 49.60 -2.29
C TYR H 37 -21.20 49.94 -1.29
N ASP H 38 -21.95 48.92 -0.88
CA ASP H 38 -23.09 49.09 0.02
C ASP H 38 -22.83 48.32 1.31
N ALA H 39 -23.68 48.57 2.29
CA ALA H 39 -23.58 47.87 3.57
C ALA H 39 -24.12 46.46 3.44
N PRO H 40 -23.35 45.44 3.79
CA PRO H 40 -23.79 44.05 3.60
C PRO H 40 -24.69 43.62 4.75
N ALA H 41 -25.13 42.35 4.67
CA ALA H 41 -26.02 41.81 5.70
C ALA H 41 -25.24 41.33 6.92
N ALA H 42 -24.11 40.65 6.69
CA ALA H 42 -23.29 40.17 7.79
C ALA H 42 -21.92 39.79 7.24
N VAL H 43 -20.91 39.88 8.10
CA VAL H 43 -19.55 39.46 7.79
C VAL H 43 -19.28 38.18 8.56
N VAL H 44 -18.99 37.10 7.83
CA VAL H 44 -18.69 35.80 8.42
C VAL H 44 -17.18 35.63 8.45
N ARG H 45 -16.67 35.14 9.58
CA ARG H 45 -15.25 34.84 9.72
C ARG H 45 -15.05 33.34 9.87
N PRO H 46 -15.11 32.57 8.78
CA PRO H 46 -15.01 31.12 8.90
C PRO H 46 -13.59 30.69 9.26
N ARG H 47 -13.49 29.46 9.77
CA ARG H 47 -12.23 28.91 10.24
C ARG H 47 -11.77 27.68 9.46
N ASP H 48 -12.67 26.98 8.79
CA ASP H 48 -12.30 25.86 7.94
C ASP H 48 -13.33 25.74 6.82
N THR H 49 -13.06 24.84 5.88
CA THR H 49 -13.91 24.71 4.70
C THR H 49 -15.35 24.35 5.08
N ALA H 50 -15.52 23.59 6.17
CA ALA H 50 -16.87 23.21 6.60
C ALA H 50 -17.73 24.43 6.90
N ASP H 51 -17.12 25.49 7.45
CA ASP H 51 -17.85 26.72 7.70
C ASP H 51 -18.28 27.38 6.40
N VAL H 52 -17.40 27.39 5.39
CA VAL H 52 -17.74 27.97 4.09
C VAL H 52 -18.80 27.12 3.40
N ALA H 53 -18.72 25.79 3.56
CA ALA H 53 -19.72 24.92 2.96
C ALA H 53 -21.11 25.23 3.51
N GLU H 54 -21.21 25.54 4.80
CA GLU H 54 -22.49 25.93 5.38
C GLU H 54 -22.93 27.30 4.90
N VAL H 55 -21.99 28.25 4.84
CA VAL H 55 -22.33 29.61 4.42
C VAL H 55 -22.87 29.61 2.99
N VAL H 56 -22.23 28.85 2.10
CA VAL H 56 -22.71 28.77 0.72
C VAL H 56 -24.05 28.08 0.65
N ARG H 57 -24.29 27.07 1.51
CA ARG H 57 -25.54 26.32 1.44
C ARG H 57 -26.74 27.20 1.78
N ILE H 58 -26.59 28.10 2.75
CA ILE H 58 -27.72 28.91 3.18
C ILE H 58 -28.05 29.99 2.15
N CYS H 59 -27.02 30.67 1.63
CA CYS H 59 -27.25 31.76 0.69
C CYS H 59 -27.70 31.25 -0.67
N ALA H 60 -27.30 30.05 -1.05
CA ALA H 60 -27.74 29.48 -2.32
C ALA H 60 -29.25 29.23 -2.31
N GLY H 61 -29.77 28.68 -1.22
CA GLY H 61 -31.20 28.46 -1.09
C GLY H 61 -32.02 29.72 -0.93
N ARG H 62 -31.37 30.85 -0.62
CA ARG H 62 -32.06 32.11 -0.43
C ARG H 62 -31.83 33.13 -1.54
N GLY H 63 -30.81 32.93 -2.37
CA GLY H 63 -30.47 33.93 -3.36
C GLY H 63 -29.63 35.07 -2.83
N VAL H 64 -29.03 34.91 -1.67
CA VAL H 64 -28.20 35.96 -1.07
C VAL H 64 -26.85 35.97 -1.75
N ALA H 65 -26.39 37.16 -2.12
CA ALA H 65 -25.12 37.31 -2.84
C ALA H 65 -23.95 37.20 -1.86
N VAL H 66 -22.97 36.38 -2.23
CA VAL H 66 -21.78 36.14 -1.41
C VAL H 66 -20.56 36.66 -2.17
N VAL H 67 -19.75 37.45 -1.48
CA VAL H 67 -18.52 37.99 -2.05
C VAL H 67 -17.38 37.66 -1.11
N GLY H 68 -16.35 36.99 -1.62
CA GLY H 68 -15.18 36.70 -0.82
C GLY H 68 -14.32 37.93 -0.61
N ARG H 69 -13.49 37.88 0.42
CA ARG H 69 -12.60 39.00 0.72
C ARG H 69 -11.36 38.47 1.43
N GLY H 70 -10.19 38.75 0.85
CA GLY H 70 -8.94 38.44 1.50
C GLY H 70 -8.53 39.54 2.45
N ALA H 71 -7.60 40.39 2.01
CA ALA H 71 -7.22 41.56 2.76
C ALA H 71 -7.97 42.81 2.34
N GLY H 72 -8.74 42.75 1.25
CA GLY H 72 -9.48 43.89 0.77
C GLY H 72 -8.61 44.97 0.17
N THR H 73 -7.58 44.58 -0.58
CA THR H 73 -6.70 45.53 -1.25
C THR H 73 -6.89 45.52 -2.77
N GLY H 74 -8.07 45.14 -3.23
CA GLY H 74 -8.35 45.20 -4.65
C GLY H 74 -8.34 46.63 -5.15
N LEU H 75 -7.94 46.80 -6.41
CA LEU H 75 -7.81 48.11 -7.01
C LEU H 75 -8.95 48.46 -7.98
N SER H 76 -9.87 47.53 -8.22
CA SER H 76 -10.96 47.76 -9.17
C SER H 76 -12.32 47.44 -8.56
N GLY H 77 -12.44 47.58 -7.23
CA GLY H 77 -13.69 47.25 -6.57
C GLY H 77 -14.05 45.79 -6.67
N ALA H 78 -13.05 44.91 -6.70
CA ALA H 78 -13.29 43.50 -6.97
C ALA H 78 -14.07 42.82 -5.84
N ALA H 79 -13.91 43.29 -4.61
CA ALA H 79 -14.56 42.68 -3.46
C ALA H 79 -15.61 43.58 -2.82
N ASN H 80 -15.98 44.68 -3.47
CA ASN H 80 -16.97 45.60 -2.91
C ASN H 80 -18.30 44.89 -2.70
N ALA H 81 -18.78 44.91 -1.46
CA ALA H 81 -20.02 44.22 -1.12
C ALA H 81 -21.23 45.02 -1.59
N GLY H 82 -22.31 44.28 -1.88
CA GLY H 82 -23.54 44.89 -2.33
C GLY H 82 -24.60 44.96 -1.24
N ARG H 83 -25.74 45.55 -1.62
CA ARG H 83 -26.86 45.74 -0.70
C ARG H 83 -27.30 44.43 -0.07
N GLY H 84 -26.96 44.24 1.20
CA GLY H 84 -27.38 43.05 1.92
C GLY H 84 -26.64 41.78 1.57
N TRP H 85 -25.45 41.89 0.97
CA TRP H 85 -24.67 40.72 0.65
C TRP H 85 -24.06 40.10 1.91
N VAL H 86 -23.42 38.95 1.74
CA VAL H 86 -22.65 38.31 2.80
C VAL H 86 -21.18 38.33 2.38
N VAL H 87 -20.33 38.83 3.26
CA VAL H 87 -18.90 38.99 2.98
C VAL H 87 -18.16 37.92 3.76
N VAL H 88 -17.60 36.95 3.04
CA VAL H 88 -16.85 35.85 3.65
C VAL H 88 -15.40 36.29 3.74
N SER H 89 -14.98 36.69 4.94
CA SER H 89 -13.60 37.09 5.21
C SER H 89 -12.77 35.85 5.55
N PHE H 90 -11.63 35.70 4.89
CA PHE H 90 -10.75 34.57 5.10
C PHE H 90 -9.59 34.89 6.03
N GLU H 91 -9.78 35.87 6.92
CA GLU H 91 -8.72 36.28 7.84
C GLU H 91 -8.39 35.21 8.87
N ARG H 92 -9.31 34.27 9.13
CA ARG H 92 -9.08 33.22 10.10
C ARG H 92 -8.48 31.96 9.48
N MET H 93 -8.43 31.88 8.15
CA MET H 93 -7.76 30.79 7.44
C MET H 93 -6.46 31.37 6.89
N ASN H 94 -5.41 31.37 7.71
CA ASN H 94 -4.20 32.14 7.42
C ASN H 94 -2.96 31.32 7.72
N ARG H 95 -2.97 30.03 7.40
CA ARG H 95 -1.90 29.13 7.79
C ARG H 95 -1.38 28.37 6.57
N VAL H 96 -0.07 28.31 6.43
CA VAL H 96 0.57 27.50 5.38
C VAL H 96 0.52 26.04 5.82
N LEU H 97 -0.18 25.22 5.04
CA LEU H 97 -0.46 23.85 5.46
C LEU H 97 0.71 22.90 5.20
N GLU H 98 1.45 23.10 4.12
CA GLU H 98 2.46 22.13 3.73
C GLU H 98 3.47 22.79 2.80
N VAL H 99 4.72 22.35 2.90
CA VAL H 99 5.79 22.78 1.99
C VAL H 99 6.53 21.51 1.58
N ASP H 100 6.18 20.96 0.41
CA ASP H 100 6.81 19.75 -0.09
C ASP H 100 8.21 20.09 -0.60
N THR H 101 9.23 19.47 -0.01
CA THR H 101 10.61 19.76 -0.39
C THR H 101 11.01 19.01 -1.66
N VAL H 102 10.65 17.73 -1.75
CA VAL H 102 11.11 16.90 -2.87
C VAL H 102 10.36 17.26 -4.15
N GLN H 103 9.14 17.79 -4.04
CA GLN H 103 8.35 18.20 -5.20
C GLN H 103 8.45 19.68 -5.48
N GLN H 104 8.85 20.48 -4.48
CA GLN H 104 8.97 21.94 -4.60
C GLN H 104 7.61 22.59 -4.85
N THR H 105 6.67 22.30 -3.96
CA THR H 105 5.33 22.89 -4.00
C THR H 105 4.94 23.29 -2.59
N VAL H 106 3.87 24.09 -2.49
CA VAL H 106 3.30 24.48 -1.19
C VAL H 106 1.79 24.38 -1.27
N THR H 107 1.18 24.11 -0.11
CA THR H 107 -0.28 24.07 0.05
C THR H 107 -0.65 25.11 1.10
N VAL H 108 -1.30 26.18 0.69
CA VAL H 108 -1.55 27.32 1.57
C VAL H 108 -3.04 27.65 1.56
N GLN H 109 -3.49 28.26 2.66
CA GLN H 109 -4.86 28.69 2.84
C GLN H 109 -5.07 30.07 2.23
N PRO H 110 -6.30 30.42 1.85
CA PRO H 110 -6.53 31.63 1.06
C PRO H 110 -6.39 32.94 1.83
N GLY H 111 -5.90 32.92 3.06
CA GLY H 111 -5.77 34.16 3.79
C GLY H 111 -4.33 34.59 4.03
N VAL H 112 -3.39 33.71 3.68
CA VAL H 112 -1.98 33.99 3.95
C VAL H 112 -1.50 35.16 3.09
N VAL H 113 -0.67 36.01 3.69
CA VAL H 113 -0.12 37.15 2.97
C VAL H 113 0.90 36.66 1.94
N ASN H 114 0.99 37.39 0.83
CA ASN H 114 1.89 36.98 -0.25
C ASN H 114 3.35 36.96 0.21
N ASP H 115 3.74 37.93 1.02
CA ASP H 115 5.11 37.96 1.53
C ASP H 115 5.31 36.92 2.63
N ASP H 116 4.29 36.71 3.47
CA ASP H 116 4.40 35.70 4.52
C ASP H 116 4.55 34.31 3.93
N LEU H 117 4.01 34.08 2.73
CA LEU H 117 4.26 32.81 2.04
C LEU H 117 5.68 32.74 1.51
N ARG H 118 6.20 33.87 1.01
CA ARG H 118 7.55 33.88 0.45
C ARG H 118 8.62 33.85 1.53
N ALA H 119 8.32 34.41 2.70
CA ALA H 119 9.26 34.35 3.82
C ALA H 119 9.35 32.94 4.39
N ARG H 120 8.27 32.16 4.29
CA ARG H 120 8.28 30.78 4.80
C ARG H 120 9.04 29.85 3.86
N VAL H 121 8.81 29.96 2.56
CA VAL H 121 9.48 29.07 1.61
C VAL H 121 10.96 29.39 1.48
N ALA H 122 11.38 30.60 1.85
CA ALA H 122 12.79 30.95 1.78
C ALA H 122 13.63 30.12 2.76
N GLN H 123 13.03 29.67 3.85
CA GLN H 123 13.74 28.84 4.81
C GLN H 123 14.08 27.46 4.25
N ASP H 124 13.37 27.01 3.22
CA ASP H 124 13.61 25.72 2.60
C ASP H 124 14.34 25.82 1.27
N GLY H 125 14.85 27.01 0.92
CA GLY H 125 15.58 27.17 -0.31
C GLY H 125 14.73 27.18 -1.57
N LEU H 126 13.44 27.51 -1.44
CA LEU H 126 12.54 27.59 -2.57
C LEU H 126 12.21 29.05 -2.86
N TRP H 127 11.18 29.29 -3.67
CA TRP H 127 10.83 30.64 -4.08
C TRP H 127 9.46 30.63 -4.74
N TYR H 128 8.65 31.63 -4.41
CA TYR H 128 7.40 31.89 -5.12
C TYR H 128 7.55 33.18 -5.90
N PRO H 129 7.70 33.12 -7.22
CA PRO H 129 8.03 34.33 -8.00
C PRO H 129 6.97 35.41 -7.95
N PRO H 130 5.69 35.12 -8.26
CA PRO H 130 4.73 36.22 -8.46
C PRO H 130 4.62 37.12 -7.24
N ASP H 131 5.01 38.39 -7.41
CA ASP H 131 5.06 39.35 -6.31
C ASP H 131 4.50 40.68 -6.79
N PRO H 132 3.19 40.87 -6.71
CA PRO H 132 2.59 42.15 -7.12
C PRO H 132 3.01 43.30 -6.21
N ALA H 133 2.51 44.50 -6.47
CA ALA H 133 2.81 45.66 -5.63
C ALA H 133 1.92 45.65 -4.39
N SER H 134 1.53 44.45 -3.94
CA SER H 134 0.77 44.29 -2.71
C SER H 134 1.21 43.03 -1.95
N SER H 135 2.43 42.56 -2.18
CA SER H 135 2.88 41.33 -1.54
C SER H 135 2.91 41.41 -0.01
N PRO H 136 3.24 42.53 0.64
CA PRO H 136 3.14 42.56 2.11
C PRO H 136 1.72 42.72 2.63
N TRP H 137 0.73 42.86 1.76
CA TRP H 137 -0.62 43.13 2.21
C TRP H 137 -1.67 42.19 1.64
N SER H 138 -1.58 41.85 0.36
CA SER H 138 -2.60 41.01 -0.26
C SER H 138 -2.49 39.57 0.23
N THR H 139 -3.47 38.76 -0.14
CA THR H 139 -3.53 37.35 0.22
C THR H 139 -3.32 36.48 -1.01
N ILE H 140 -3.03 35.21 -0.76
CA ILE H 140 -2.92 34.25 -1.86
C ILE H 140 -4.29 34.00 -2.48
N GLY H 141 -5.32 33.87 -1.63
CA GLY H 141 -6.67 33.72 -2.16
C GLY H 141 -7.09 34.90 -3.02
N GLY H 142 -6.67 36.11 -2.64
CA GLY H 142 -6.92 37.26 -3.49
C GLY H 142 -6.17 37.18 -4.80
N ASN H 143 -4.86 36.90 -4.72
CA ASN H 143 -4.05 36.85 -5.93
C ASN H 143 -4.51 35.74 -6.87
N VAL H 144 -4.96 34.61 -6.32
CA VAL H 144 -5.45 33.53 -7.16
C VAL H 144 -6.76 33.94 -7.83
N ALA H 145 -7.59 34.69 -7.13
CA ALA H 145 -8.91 35.03 -7.65
C ALA H 145 -8.86 36.12 -8.71
N THR H 146 -7.84 36.97 -8.71
CA THR H 146 -7.69 38.01 -9.72
C THR H 146 -6.48 37.81 -10.61
N ASN H 147 -5.73 36.72 -10.42
CA ASN H 147 -4.55 36.39 -11.21
C ASN H 147 -3.57 37.57 -11.26
N ALA H 148 -2.91 37.78 -10.13
CA ALA H 148 -2.04 38.94 -9.96
C ALA H 148 -0.67 38.69 -10.57
N GLY H 149 -0.13 39.73 -11.21
CA GLY H 149 1.21 39.69 -11.75
C GLY H 149 2.15 40.57 -10.95
N GLY H 150 3.45 40.30 -11.02
CA GLY H 150 4.40 41.03 -10.20
C GLY H 150 5.45 41.80 -10.98
N LEU H 151 6.57 42.08 -10.32
CA LEU H 151 7.67 42.78 -10.99
C LEU H 151 8.53 41.82 -11.80
N CYS H 152 8.90 40.68 -11.21
CA CYS H 152 9.66 39.65 -11.92
C CYS H 152 8.71 38.80 -12.75
N CYS H 153 7.86 39.46 -13.54
CA CYS H 153 6.83 38.77 -14.32
C CYS H 153 7.27 38.48 -15.75
N VAL H 154 8.09 39.36 -16.34
CA VAL H 154 8.53 39.17 -17.71
C VAL H 154 9.36 37.91 -17.87
N LYS H 155 9.92 37.40 -16.77
CA LYS H 155 10.73 36.18 -16.81
C LYS H 155 10.03 34.95 -16.26
N TYR H 156 9.13 35.11 -15.28
CA TYR H 156 8.53 33.97 -14.61
C TYR H 156 7.01 33.90 -14.72
N GLY H 157 6.33 35.00 -15.01
CA GLY H 157 4.92 34.96 -15.36
C GLY H 157 4.02 35.51 -14.26
N VAL H 158 2.73 35.21 -14.42
CA VAL H 158 1.67 35.71 -13.54
C VAL H 158 1.36 34.65 -12.50
N THR H 159 0.32 34.87 -11.69
CA THR H 159 -0.07 33.89 -10.68
C THR H 159 -0.57 32.59 -11.30
N ARG H 160 -1.27 32.68 -12.44
CA ARG H 160 -1.76 31.48 -13.11
C ARG H 160 -0.63 30.50 -13.42
N ASP H 161 0.55 31.00 -13.73
CA ASP H 161 1.68 30.15 -14.11
C ASP H 161 2.17 29.25 -12.99
N TYR H 162 1.61 29.37 -11.77
CA TYR H 162 2.09 28.59 -10.64
C TYR H 162 0.98 27.87 -9.88
N VAL H 163 -0.28 28.04 -10.27
CA VAL H 163 -1.39 27.36 -9.61
C VAL H 163 -1.46 25.93 -10.14
N LEU H 164 -1.20 24.97 -9.26
CA LEU H 164 -1.34 23.56 -9.63
C LEU H 164 -2.79 23.11 -9.48
N GLY H 165 -3.24 22.98 -8.24
CA GLY H 165 -4.63 22.67 -7.96
C GLY H 165 -5.17 23.56 -6.87
N MET H 166 -6.36 23.26 -6.36
CA MET H 166 -6.97 24.06 -5.30
C MET H 166 -8.14 23.30 -4.72
N GLU H 167 -8.70 23.84 -3.64
CA GLU H 167 -9.95 23.38 -3.07
C GLU H 167 -10.95 24.53 -3.11
N ALA H 168 -12.13 24.25 -3.65
CA ALA H 168 -13.16 25.28 -3.83
C ALA H 168 -14.49 24.78 -3.30
N VAL H 169 -15.33 25.72 -2.90
CA VAL H 169 -16.71 25.46 -2.51
C VAL H 169 -17.58 26.07 -3.60
N VAL H 170 -18.27 25.23 -4.36
CA VAL H 170 -19.02 25.65 -5.54
C VAL H 170 -20.44 25.13 -5.46
N GLY H 171 -21.26 25.57 -6.42
CA GLY H 171 -22.63 25.09 -6.51
C GLY H 171 -23.46 25.52 -5.32
N SER H 172 -24.28 24.60 -4.82
CA SER H 172 -25.08 24.83 -3.63
C SER H 172 -24.31 24.61 -2.34
N GLY H 173 -23.00 24.39 -2.42
CA GLY H 173 -22.19 24.27 -1.22
C GLY H 173 -21.25 23.08 -1.20
N GLU H 174 -21.15 22.34 -2.30
CA GLU H 174 -20.28 21.18 -2.34
C GLU H 174 -18.82 21.61 -2.44
N VAL H 175 -18.00 21.13 -1.52
CA VAL H 175 -16.57 21.35 -1.59
C VAL H 175 -15.97 20.32 -2.55
N VAL H 176 -15.01 20.76 -3.36
CA VAL H 176 -14.42 19.91 -4.39
C VAL H 176 -12.91 20.13 -4.41
N ARG H 177 -12.20 19.14 -4.96
CA ARG H 177 -10.77 19.23 -5.21
C ARG H 177 -10.57 19.37 -6.71
N LEU H 178 -9.97 20.49 -7.12
CA LEU H 178 -9.77 20.81 -8.51
C LEU H 178 -8.29 20.86 -8.84
N GLY H 179 -7.98 20.78 -10.14
CA GLY H 179 -6.60 20.79 -10.55
C GLY H 179 -5.87 19.51 -10.16
N ARG H 180 -4.57 19.64 -9.97
CA ARG H 180 -3.70 18.50 -9.70
C ARG H 180 -2.70 18.89 -8.61
N THR H 181 -1.87 17.93 -8.22
CA THR H 181 -0.74 18.18 -7.34
C THR H 181 0.59 17.81 -7.97
N THR H 182 0.62 16.88 -8.91
CA THR H 182 1.83 16.56 -9.63
C THR H 182 2.18 17.67 -10.62
N ALA H 183 3.24 17.45 -11.39
CA ALA H 183 3.65 18.44 -12.38
C ALA H 183 2.90 18.30 -13.69
N LYS H 184 2.33 17.13 -13.97
CA LYS H 184 1.54 16.90 -15.17
C LYS H 184 0.17 16.36 -14.78
N GLY H 185 -0.83 16.70 -15.59
CA GLY H 185 -2.18 16.24 -15.34
C GLY H 185 -3.21 16.92 -16.23
N VAL H 186 -3.67 16.20 -17.24
CA VAL H 186 -4.69 16.69 -18.15
C VAL H 186 -6.00 15.92 -17.98
N THR H 187 -6.16 15.25 -16.84
CA THR H 187 -7.40 14.55 -16.52
C THR H 187 -8.59 15.50 -16.49
N GLY H 188 -9.48 15.39 -17.47
CA GLY H 188 -10.65 16.25 -17.50
C GLY H 188 -10.31 17.65 -17.99
N TYR H 189 -11.06 18.62 -17.48
CA TYR H 189 -10.90 20.01 -17.86
C TYR H 189 -9.98 20.74 -16.87
N ASP H 190 -9.63 21.97 -17.24
CA ASP H 190 -8.80 22.83 -16.39
C ASP H 190 -9.69 23.76 -15.57
N LEU H 191 -10.40 23.15 -14.62
CA LEU H 191 -11.36 23.91 -13.83
C LEU H 191 -10.65 24.86 -12.85
N ALA H 192 -9.61 24.38 -12.18
CA ALA H 192 -8.86 25.24 -11.28
C ALA H 192 -8.24 26.41 -12.01
N GLY H 193 -7.73 26.18 -13.24
CA GLY H 193 -7.23 27.28 -14.04
C GLY H 193 -8.31 28.27 -14.42
N LEU H 194 -9.54 27.80 -14.60
CA LEU H 194 -10.66 28.71 -14.88
C LEU H 194 -11.09 29.46 -13.63
N MET H 195 -10.90 28.86 -12.46
CA MET H 195 -11.19 29.55 -11.21
C MET H 195 -10.24 30.73 -11.00
N VAL H 196 -9.01 30.61 -11.46
CA VAL H 196 -8.03 31.68 -11.32
C VAL H 196 -8.42 32.84 -12.21
N GLY H 197 -8.42 34.05 -11.64
CA GLY H 197 -8.82 35.22 -12.39
C GLY H 197 -10.31 35.44 -12.48
N SER H 198 -11.11 34.62 -11.81
CA SER H 198 -12.56 34.76 -11.86
C SER H 198 -13.10 35.80 -10.89
N GLU H 199 -12.25 36.32 -10.01
CA GLU H 199 -12.66 37.32 -9.02
C GLU H 199 -13.80 36.81 -8.14
N GLY H 200 -13.73 35.53 -7.79
CA GLY H 200 -14.71 34.94 -6.89
C GLY H 200 -16.14 34.99 -7.39
N THR H 201 -16.35 34.88 -8.70
CA THR H 201 -17.68 34.90 -9.26
C THR H 201 -18.21 33.51 -9.61
N LEU H 202 -17.33 32.50 -9.64
CA LEU H 202 -17.74 31.13 -9.90
C LEU H 202 -17.67 30.24 -8.66
N GLY H 203 -16.87 30.61 -7.67
CA GLY H 203 -16.75 29.83 -6.46
C GLY H 203 -15.77 30.50 -5.53
N LEU H 204 -15.70 29.98 -4.31
CA LEU H 204 -14.79 30.47 -3.28
C LEU H 204 -13.67 29.46 -3.07
N VAL H 205 -12.44 29.94 -3.05
CA VAL H 205 -11.27 29.08 -2.90
C VAL H 205 -10.90 29.01 -1.42
N THR H 206 -10.86 27.79 -0.89
CA THR H 206 -10.57 27.56 0.52
C THR H 206 -9.20 26.93 0.76
N GLU H 207 -8.51 26.49 -0.29
CA GLU H 207 -7.17 25.92 -0.22
C GLU H 207 -6.62 25.86 -1.63
N VAL H 208 -5.34 26.15 -1.78
CA VAL H 208 -4.70 26.22 -3.09
C VAL H 208 -3.28 25.68 -2.99
N THR H 209 -2.90 24.86 -3.96
CA THR H 209 -1.57 24.25 -4.02
C THR H 209 -0.76 24.91 -5.13
N LEU H 210 0.34 25.56 -4.77
CA LEU H 210 1.18 26.28 -5.70
C LEU H 210 2.42 25.47 -6.06
N ARG H 211 3.01 25.77 -7.21
CA ARG H 211 4.30 25.22 -7.59
C ARG H 211 5.37 26.28 -7.37
N LEU H 212 6.61 25.82 -7.14
CA LEU H 212 7.68 26.70 -6.72
C LEU H 212 8.92 26.49 -7.58
N VAL H 213 9.90 27.37 -7.35
CA VAL H 213 11.17 27.37 -8.06
C VAL H 213 12.28 27.45 -7.00
N PRO H 214 13.40 26.74 -7.18
CA PRO H 214 14.49 26.85 -6.19
C PRO H 214 15.00 28.28 -6.06
N LEU H 215 15.56 28.56 -4.89
CA LEU H 215 16.03 29.90 -4.52
C LEU H 215 17.00 30.49 -5.54
N ASP H 232 13.39 58.89 -24.61
CA ASP H 232 13.73 57.85 -23.65
C ASP H 232 14.08 56.55 -24.37
N ALA H 233 14.47 55.54 -23.59
CA ALA H 233 14.89 54.26 -24.16
C ALA H 233 13.74 53.52 -24.82
N GLY H 234 13.21 54.08 -25.91
CA GLY H 234 12.19 53.38 -26.67
C GLY H 234 12.75 52.20 -27.44
N ARG H 235 13.98 52.32 -27.94
CA ARG H 235 14.65 51.23 -28.64
C ARG H 235 15.20 50.17 -27.68
N ALA H 236 14.94 50.31 -26.37
CA ALA H 236 15.37 49.28 -25.43
C ALA H 236 14.72 47.94 -25.75
N VAL H 237 13.39 47.94 -25.90
CA VAL H 237 12.70 46.72 -26.33
C VAL H 237 13.06 46.39 -27.77
N ALA H 238 13.27 47.41 -28.61
CA ALA H 238 13.75 47.19 -29.96
C ALA H 238 15.21 46.77 -30.02
N ALA H 239 15.86 46.60 -28.87
CA ALA H 239 17.19 46.03 -28.77
C ALA H 239 17.23 44.79 -27.91
N VAL H 240 16.51 44.79 -26.79
CA VAL H 240 16.41 43.59 -25.96
C VAL H 240 15.71 42.47 -26.74
N SER H 241 14.53 42.76 -27.28
CA SER H 241 13.77 41.79 -28.05
C SER H 241 14.16 41.77 -29.52
N ALA H 242 15.40 42.14 -29.84
CA ALA H 242 15.86 42.11 -31.23
C ALA H 242 17.19 41.38 -31.34
N ALA H 243 18.01 41.45 -30.30
CA ALA H 243 19.32 40.80 -30.34
C ALA H 243 19.76 40.30 -28.97
N GLY H 244 19.08 40.74 -27.91
CA GLY H 244 19.41 40.35 -26.56
C GLY H 244 18.46 39.31 -25.99
N ILE H 245 18.72 38.94 -24.74
CA ILE H 245 17.87 37.99 -24.03
C ILE H 245 16.81 38.77 -23.25
N VAL H 246 15.81 38.05 -22.73
CA VAL H 246 14.76 38.67 -21.93
C VAL H 246 15.31 38.95 -20.52
N PRO H 247 15.06 40.13 -19.97
CA PRO H 247 15.60 40.46 -18.64
C PRO H 247 14.76 39.82 -17.53
N SER H 248 15.15 40.11 -16.29
CA SER H 248 14.42 39.57 -15.14
C SER H 248 13.22 40.45 -14.80
N ALA H 249 13.42 41.76 -14.79
CA ALA H 249 12.32 42.70 -14.49
C ALA H 249 12.74 44.07 -14.99
N LEU H 250 12.11 44.55 -16.06
CA LEU H 250 12.39 45.85 -16.63
C LEU H 250 11.33 46.84 -16.17
N GLU H 251 11.76 47.89 -15.49
CA GLU H 251 10.86 48.90 -14.95
C GLU H 251 11.14 50.26 -15.59
N LEU H 252 10.13 51.12 -15.58
CA LEU H 252 10.24 52.43 -16.19
C LEU H 252 9.77 53.52 -15.23
N LYS H 303 21.00 57.10 -27.01
CA LYS H 303 21.36 58.25 -26.20
C LYS H 303 20.84 58.08 -24.78
N ALA H 304 21.57 58.65 -23.81
CA ALA H 304 21.20 58.53 -22.41
C ALA H 304 21.73 59.73 -21.64
N VAL H 305 20.88 60.32 -20.80
CA VAL H 305 21.31 61.42 -19.95
C VAL H 305 22.38 60.94 -18.97
N TYR H 306 22.17 59.76 -18.38
CA TYR H 306 23.17 59.15 -17.51
C TYR H 306 23.03 57.64 -17.59
N ALA H 307 24.12 56.96 -17.91
CA ALA H 307 24.16 55.51 -17.99
C ALA H 307 25.36 54.99 -17.22
N VAL H 308 25.15 53.90 -16.48
CA VAL H 308 26.21 53.31 -15.68
C VAL H 308 25.84 51.85 -15.42
N ARG H 309 26.85 51.00 -15.30
CA ARG H 309 26.68 49.59 -15.00
C ARG H 309 26.90 49.38 -13.50
N SER H 310 25.85 48.93 -12.80
CA SER H 310 25.90 48.74 -11.36
C SER H 310 26.39 47.33 -11.05
N THR H 311 27.62 47.23 -10.55
CA THR H 311 28.19 45.94 -10.17
C THR H 311 28.37 45.86 -8.65
N ASP H 312 29.31 46.62 -8.08
CA ASP H 312 29.53 46.61 -6.64
C ASP H 312 28.47 47.40 -5.88
N GLU H 313 27.74 48.28 -6.55
CA GLU H 313 26.76 49.14 -5.91
C GLU H 313 25.70 48.33 -5.18
N GLU H 314 24.81 47.67 -5.93
CA GLU H 314 23.79 46.78 -5.36
C GLU H 314 22.90 47.52 -4.37
N GLU H 315 22.51 48.74 -4.71
CA GLU H 315 21.53 49.50 -3.95
C GLU H 315 20.36 50.00 -4.78
N ALA H 316 20.50 50.10 -6.10
CA ALA H 316 19.42 50.58 -6.96
C ALA H 316 18.26 49.58 -7.00
N PRO H 328 1.67 52.76 -2.11
CA PRO H 328 2.35 53.26 -0.91
C PRO H 328 2.59 54.77 -0.96
N ALA H 329 3.41 55.20 -1.90
CA ALA H 329 3.62 56.63 -2.10
C ALA H 329 2.38 57.25 -2.73
N LEU H 330 2.05 58.48 -2.30
CA LEU H 330 0.86 59.21 -2.71
C LEU H 330 -0.43 58.50 -2.32
N GLU H 331 -0.35 57.42 -1.53
CA GLU H 331 -1.55 56.76 -1.03
C GLU H 331 -2.20 57.61 0.06
N ARG H 332 -1.41 58.09 1.00
CA ARG H 332 -1.86 59.03 2.02
C ARG H 332 -1.65 60.48 1.62
N LEU H 333 -0.98 60.73 0.49
CA LEU H 333 -0.74 62.07 -0.02
C LEU H 333 -1.71 62.45 -1.14
N GLY H 334 -2.94 61.95 -1.08
CA GLY H 334 -3.93 62.25 -2.10
C GLY H 334 -4.87 61.09 -2.38
N LEU H 337 -7.17 57.27 -8.18
CA LEU H 337 -7.65 56.42 -9.26
C LEU H 337 -6.47 55.84 -10.04
N THR H 338 -6.52 54.53 -10.30
CA THR H 338 -5.45 53.85 -11.00
C THR H 338 -6.01 53.08 -12.19
N GLU H 339 -5.16 52.88 -13.19
CA GLU H 339 -5.50 52.11 -14.38
C GLU H 339 -4.38 51.10 -14.63
N ASP H 340 -4.67 50.13 -15.49
CA ASP H 340 -3.68 49.11 -15.85
C ASP H 340 -3.98 48.64 -17.26
N VAL H 341 -3.32 49.26 -18.23
CA VAL H 341 -3.44 48.89 -19.63
C VAL H 341 -2.22 48.07 -20.02
N CYS H 342 -2.43 47.08 -20.89
CA CYS H 342 -1.36 46.18 -21.33
C CYS H 342 -1.37 46.11 -22.85
N VAL H 343 -0.40 46.77 -23.47
CA VAL H 343 -0.27 46.80 -24.94
C VAL H 343 0.89 45.92 -25.35
N PRO H 344 0.98 45.48 -26.62
CA PRO H 344 2.15 44.73 -27.06
C PRO H 344 3.46 45.48 -26.81
N LYS H 345 4.56 44.72 -26.72
CA LYS H 345 5.85 45.33 -26.40
C LYS H 345 6.33 46.31 -27.46
N ALA H 346 5.83 46.19 -28.69
CA ALA H 346 6.26 47.08 -29.76
C ALA H 346 5.58 48.44 -29.73
N ARG H 347 4.42 48.55 -29.07
CA ARG H 347 3.66 49.79 -29.02
C ARG H 347 3.70 50.44 -27.64
N VAL H 348 4.76 50.19 -26.89
CA VAL H 348 4.98 50.86 -25.61
C VAL H 348 5.36 52.33 -25.84
N PRO H 349 6.26 52.65 -26.77
CA PRO H 349 6.55 54.09 -26.98
C PRO H 349 5.35 54.91 -27.41
N HIS H 350 4.45 54.34 -28.23
CA HIS H 350 3.24 55.07 -28.59
C HIS H 350 2.36 55.31 -27.37
N MET H 351 2.32 54.36 -26.43
CA MET H 351 1.56 54.55 -25.20
C MET H 351 2.26 55.54 -24.28
N LEU H 352 3.57 55.35 -24.06
CA LEU H 352 4.34 56.26 -23.23
C LEU H 352 4.34 57.68 -23.79
N GLU H 353 4.14 57.83 -25.10
CA GLU H 353 4.02 59.16 -25.70
C GLU H 353 2.61 59.72 -25.52
N ALA H 354 1.59 58.87 -25.63
CA ALA H 354 0.22 59.32 -25.50
C ALA H 354 -0.20 59.56 -24.06
N ILE H 355 0.54 59.01 -23.08
CA ILE H 355 0.22 59.25 -21.68
C ILE H 355 0.39 60.73 -21.35
N GLU H 356 1.52 61.31 -21.75
CA GLU H 356 1.72 62.74 -21.63
C GLU H 356 0.98 63.53 -22.70
N ALA H 357 0.10 62.87 -23.44
CA ALA H 357 -0.78 63.53 -24.40
C ALA H 357 -2.26 63.26 -24.17
N ALA H 358 -2.60 62.19 -23.44
CA ALA H 358 -3.98 61.91 -23.08
C ALA H 358 -4.46 62.74 -21.90
N GLY H 359 -3.58 63.53 -21.28
CA GLY H 359 -3.96 64.39 -20.19
C GLY H 359 -3.57 65.84 -20.43
N GLU H 360 -2.82 66.06 -21.52
CA GLU H 360 -2.50 67.43 -21.91
C GLU H 360 -3.76 68.20 -22.30
N ARG H 361 -4.79 67.49 -22.76
CA ARG H 361 -6.04 68.12 -23.16
C ARG H 361 -7.05 68.20 -22.03
N PHE H 362 -7.03 67.25 -21.09
CA PHE H 362 -8.02 67.17 -20.03
C PHE H 362 -7.53 67.77 -18.72
N ASP H 363 -6.52 68.63 -18.77
CA ASP H 363 -6.01 69.34 -17.60
C ASP H 363 -5.59 68.36 -16.49
N THR H 364 -4.69 67.45 -16.85
CA THR H 364 -4.25 66.40 -15.93
C THR H 364 -2.94 65.82 -16.48
N ARG H 365 -1.82 66.28 -15.93
CA ARG H 365 -0.52 65.74 -16.34
C ARG H 365 -0.31 64.40 -15.66
N ILE H 366 -0.24 63.33 -16.47
CA ILE H 366 -0.20 61.97 -15.97
C ILE H 366 1.22 61.45 -16.09
N GLY H 367 1.90 61.30 -14.95
CA GLY H 367 3.22 60.70 -14.91
C GLY H 367 3.25 59.50 -14.00
N ASN H 368 3.50 58.32 -14.56
CA ASN H 368 3.34 57.08 -13.80
C ASN H 368 4.44 56.09 -14.20
N ILE H 369 4.33 54.87 -13.66
CA ILE H 369 5.32 53.83 -13.85
C ILE H 369 4.70 52.73 -14.71
N ALA H 370 5.56 51.85 -15.23
CA ALA H 370 5.10 50.78 -16.10
C ALA H 370 6.14 49.66 -16.14
N HIS H 371 5.65 48.43 -16.31
CA HIS H 371 6.53 47.28 -16.55
C HIS H 371 6.90 47.29 -18.03
N ALA H 372 7.81 48.20 -18.38
CA ALA H 372 8.15 48.44 -19.78
C ALA H 372 8.74 47.21 -20.47
N GLY H 373 9.16 46.21 -19.71
CA GLY H 373 9.69 44.99 -20.30
C GLY H 373 8.66 44.01 -20.79
N ASP H 374 7.39 44.18 -20.39
CA ASP H 374 6.33 43.26 -20.80
C ASP H 374 5.13 44.00 -21.36
N GLY H 375 5.30 45.26 -21.76
CA GLY H 375 4.19 46.04 -22.25
C GLY H 375 3.13 46.40 -21.22
N ASN H 376 3.33 46.01 -19.96
CA ASN H 376 2.36 46.31 -18.91
C ASN H 376 2.57 47.74 -18.43
N LEU H 377 1.50 48.53 -18.46
CA LEU H 377 1.55 49.94 -18.11
C LEU H 377 0.64 50.21 -16.93
N HIS H 378 1.11 51.04 -16.00
CA HIS H 378 0.38 51.36 -14.76
C HIS H 378 0.14 52.87 -14.69
N PRO H 379 -0.92 53.36 -15.33
CA PRO H 379 -1.30 54.77 -15.16
C PRO H 379 -2.19 54.97 -13.94
N LEU H 380 -1.99 56.14 -13.30
CA LEU H 380 -2.75 56.51 -12.11
C LEU H 380 -2.56 57.99 -11.78
N PHE H 381 -3.64 58.73 -11.64
CA PHE H 381 -3.60 60.15 -11.35
C PHE H 381 -4.05 60.42 -9.91
N ILE H 382 -3.48 61.46 -9.32
CA ILE H 382 -3.74 61.84 -7.94
C ILE H 382 -4.69 63.04 -7.95
N VAL H 383 -5.94 62.81 -7.55
CA VAL H 383 -6.91 63.89 -7.47
C VAL H 383 -6.74 64.61 -6.14
N PRO H 384 -6.41 65.92 -6.15
CA PRO H 384 -6.21 66.71 -4.92
C PRO H 384 -7.45 66.75 -4.03
N LYS H 395 -11.39 61.40 -15.23
CA LYS H 395 -11.68 60.08 -15.76
C LYS H 395 -11.69 60.08 -17.29
N GLN H 396 -11.91 61.26 -17.88
CA GLN H 396 -11.89 61.37 -19.33
C GLN H 396 -10.50 61.13 -19.90
N ALA H 397 -9.46 61.40 -19.12
CA ALA H 397 -8.11 61.03 -19.54
C ALA H 397 -7.94 59.53 -19.57
N PHE H 398 -8.35 58.85 -18.49
CA PHE H 398 -8.28 57.39 -18.44
C PHE H 398 -9.29 56.73 -19.37
N GLU H 399 -10.31 57.46 -19.81
CA GLU H 399 -11.25 56.90 -20.79
C GLU H 399 -10.58 56.73 -22.14
N VAL H 400 -9.82 57.74 -22.60
CA VAL H 400 -9.13 57.66 -23.87
C VAL H 400 -7.85 56.83 -23.79
N ILE H 401 -7.40 56.48 -22.58
CA ILE H 401 -6.22 55.64 -22.45
C ILE H 401 -6.56 54.18 -22.69
N VAL H 402 -7.64 53.69 -22.08
CA VAL H 402 -8.04 52.30 -22.27
C VAL H 402 -8.53 52.07 -23.69
N ASP H 403 -9.27 53.02 -24.24
CA ASP H 403 -9.75 52.87 -25.61
C ASP H 403 -8.61 52.92 -26.62
N GLU H 404 -7.58 53.71 -26.35
CA GLU H 404 -6.41 53.74 -27.22
C GLU H 404 -5.50 52.54 -26.99
N ALA H 405 -5.42 52.06 -25.74
CA ALA H 405 -4.62 50.86 -25.47
C ALA H 405 -5.30 49.61 -26.01
N LEU H 406 -6.62 49.63 -26.13
CA LEU H 406 -7.33 48.50 -26.71
C LEU H 406 -7.37 48.57 -28.23
N ALA H 407 -7.39 49.79 -28.80
CA ALA H 407 -7.32 49.94 -30.24
C ALA H 407 -5.96 49.52 -30.79
N VAL H 408 -4.93 49.47 -29.94
CA VAL H 408 -3.63 48.97 -30.38
C VAL H 408 -3.70 47.47 -30.62
N GLY H 409 -4.30 46.73 -29.69
CA GLY H 409 -4.42 45.29 -29.82
C GLY H 409 -4.09 44.57 -28.53
N GLY H 410 -4.17 45.27 -27.42
CA GLY H 410 -3.89 44.73 -26.11
C GLY H 410 -5.14 44.33 -25.36
N THR H 411 -5.05 44.38 -24.03
CA THR H 411 -6.16 44.01 -23.15
C THR H 411 -6.39 45.12 -22.14
N VAL H 412 -7.61 45.16 -21.60
CA VAL H 412 -8.00 46.26 -20.72
C VAL H 412 -7.37 46.15 -19.35
N THR H 413 -6.95 44.95 -18.93
CA THR H 413 -6.23 44.77 -17.69
C THR H 413 -5.23 43.64 -17.86
N GLY H 414 -4.14 43.70 -17.09
CA GLY H 414 -3.10 42.70 -17.20
C GLY H 414 -2.86 41.93 -15.93
N GLU H 415 -3.23 42.51 -14.78
CA GLU H 415 -2.96 41.88 -13.51
C GLU H 415 -3.90 42.38 -12.41
N HIS H 416 -4.47 43.58 -12.59
CA HIS H 416 -5.35 44.13 -11.57
C HIS H 416 -6.74 43.52 -11.61
N GLY H 417 -7.23 43.14 -12.79
CA GLY H 417 -8.55 42.59 -12.95
C GLY H 417 -9.55 43.64 -13.41
N VAL H 418 -10.76 43.17 -13.73
CA VAL H 418 -11.82 44.03 -14.23
C VAL H 418 -12.57 44.64 -13.06
N GLY H 419 -13.13 43.81 -12.19
CA GLY H 419 -13.84 44.28 -11.02
C GLY H 419 -15.12 45.03 -11.33
N LEU H 420 -15.12 46.33 -11.06
CA LEU H 420 -16.30 47.17 -11.26
C LEU H 420 -15.97 48.42 -12.05
N LEU H 421 -14.90 49.13 -11.65
CA LEU H 421 -14.55 50.41 -12.25
C LEU H 421 -14.08 50.30 -13.68
N LYS H 422 -13.96 49.09 -14.24
CA LYS H 422 -13.40 48.90 -15.57
C LYS H 422 -14.12 47.78 -16.30
N MET H 423 -15.45 47.76 -16.18
CA MET H 423 -16.25 46.73 -16.86
C MET H 423 -16.54 47.08 -18.30
N ARG H 424 -16.73 48.37 -18.60
CA ARG H 424 -17.03 48.77 -19.98
C ARG H 424 -15.84 48.53 -20.89
N GLY H 425 -14.63 48.73 -20.39
CA GLY H 425 -13.45 48.42 -21.19
C GLY H 425 -13.35 46.94 -21.51
N ALA H 426 -13.59 46.09 -20.51
CA ALA H 426 -13.54 44.65 -20.73
C ALA H 426 -14.64 44.18 -21.67
N ALA H 427 -15.79 44.86 -21.67
CA ALA H 427 -16.87 44.46 -22.56
C ALA H 427 -16.54 44.71 -24.02
N ASP H 428 -15.68 45.69 -24.31
CA ASP H 428 -15.32 46.00 -25.68
C ASP H 428 -14.35 44.98 -26.26
N GLU H 429 -13.43 44.47 -25.44
CA GLU H 429 -12.45 43.51 -25.93
C GLU H 429 -13.08 42.14 -26.15
N LEU H 430 -13.95 41.70 -25.24
CA LEU H 430 -14.53 40.37 -25.35
C LEU H 430 -15.61 40.31 -26.43
N GLY H 431 -16.48 41.32 -26.48
CA GLY H 431 -17.55 41.35 -27.44
C GLY H 431 -18.78 40.61 -26.95
N PRO H 432 -19.79 40.49 -27.82
CA PRO H 432 -21.05 39.85 -27.39
C PRO H 432 -20.96 38.33 -27.34
N HIS H 433 -20.36 37.72 -28.36
CA HIS H 433 -20.29 36.27 -28.42
C HIS H 433 -19.51 35.69 -27.25
N VAL H 434 -18.36 36.29 -26.92
CA VAL H 434 -17.59 35.83 -25.78
C VAL H 434 -18.29 36.17 -24.47
N LEU H 435 -19.04 37.27 -24.44
CA LEU H 435 -19.75 37.66 -23.22
C LEU H 435 -20.87 36.67 -22.90
N ALA H 436 -21.53 36.13 -23.94
CA ALA H 436 -22.60 35.16 -23.69
C ALA H 436 -22.06 33.87 -23.11
N MET H 437 -20.82 33.49 -23.46
CA MET H 437 -20.23 32.29 -22.89
C MET H 437 -19.84 32.49 -21.44
N HIS H 438 -19.52 33.73 -21.04
CA HIS H 438 -19.23 34.00 -19.64
C HIS H 438 -20.43 33.68 -18.75
N ARG H 439 -21.59 34.25 -19.08
CA ARG H 439 -22.80 33.96 -18.31
C ARG H 439 -23.25 32.51 -18.47
N ALA H 440 -22.73 31.80 -19.47
CA ALA H 440 -23.07 30.39 -19.62
C ALA H 440 -22.36 29.55 -18.55
N VAL H 441 -21.06 29.79 -18.34
CA VAL H 441 -20.33 29.07 -17.31
C VAL H 441 -20.79 29.49 -15.92
N LYS H 442 -21.02 30.80 -15.73
CA LYS H 442 -21.52 31.30 -14.45
C LYS H 442 -22.82 30.61 -14.07
N GLY H 443 -23.75 30.51 -15.01
CA GLY H 443 -24.98 29.78 -14.76
C GLY H 443 -24.79 28.29 -14.61
N ALA H 444 -23.67 27.75 -15.11
CA ALA H 444 -23.42 26.32 -15.01
C ALA H 444 -22.96 25.93 -13.61
N LEU H 445 -21.83 26.47 -13.17
CA LEU H 445 -21.28 26.11 -11.87
C LEU H 445 -21.96 26.84 -10.72
N ASP H 446 -22.58 27.99 -10.98
CA ASP H 446 -23.33 28.74 -9.97
C ASP H 446 -24.73 28.99 -10.52
N PRO H 447 -25.60 27.97 -10.50
CA PRO H 447 -26.95 28.17 -11.05
C PRO H 447 -27.77 29.17 -10.26
N ALA H 448 -27.54 29.31 -8.95
CA ALA H 448 -28.27 30.28 -8.14
C ALA H 448 -27.76 31.70 -8.33
N GLY H 449 -26.58 31.88 -8.93
CA GLY H 449 -26.04 33.20 -9.17
C GLY H 449 -25.70 33.98 -7.92
N ILE H 450 -25.13 33.31 -6.91
CA ILE H 450 -24.85 33.95 -5.63
C ILE H 450 -23.40 34.39 -5.48
N PHE H 451 -22.48 33.84 -6.26
CA PHE H 451 -21.06 34.13 -6.10
C PHE H 451 -20.74 35.43 -6.81
N ASN H 452 -20.73 36.53 -6.07
CA ASN H 452 -20.28 37.85 -6.51
C ASN H 452 -20.96 38.27 -7.81
N PRO H 453 -22.27 38.53 -7.80
CA PRO H 453 -22.96 38.91 -9.04
C PRO H 453 -22.73 40.37 -9.37
N GLY H 454 -22.33 40.63 -10.61
CA GLY H 454 -22.11 41.98 -11.11
C GLY H 454 -20.68 42.29 -11.47
N LYS H 455 -19.71 41.50 -11.00
CA LYS H 455 -18.31 41.75 -11.29
C LYS H 455 -17.93 41.16 -12.65
N VAL H 456 -16.89 41.74 -13.26
CA VAL H 456 -16.38 41.34 -14.56
C VAL H 456 -17.42 41.59 -15.64
N PHE H 457 -18.52 40.86 -15.59
CA PHE H 457 -19.65 41.05 -16.50
C PHE H 457 -20.91 41.37 -15.69
N ALA H 458 -21.99 41.63 -16.42
CA ALA H 458 -23.29 41.92 -15.82
C ALA H 458 -24.28 40.85 -16.24
N LEU H 459 -24.96 40.24 -15.27
CA LEU H 459 -25.94 39.23 -15.56
C LEU H 459 -27.23 39.88 -16.08
N GLU H 460 -27.92 39.15 -16.96
CA GLU H 460 -29.16 39.65 -17.54
C GLU H 460 -30.30 39.60 -16.53
PA FAD I . -11.56 -4.80 28.23
O1A FAD I . -11.78 -3.45 27.81
O2A FAD I . -12.11 -5.12 29.53
O5B FAD I . -12.32 -5.68 27.18
C5B FAD I . -11.71 -6.40 26.15
C4B FAD I . -12.73 -6.86 25.12
O4B FAD I . -13.06 -8.22 25.23
C3B FAD I . -14.02 -6.16 25.23
O3B FAD I . -14.27 -5.83 23.89
C2B FAD I . -14.99 -7.12 25.80
O2B FAD I . -16.22 -7.00 25.15
C1B FAD I . -14.40 -8.48 25.57
N9A FAD I . -14.25 -9.51 26.61
C8A FAD I . -13.70 -9.52 27.81
N7A FAD I . -13.73 -10.75 28.38
C5A FAD I . -14.29 -11.57 27.49
C6A FAD I . -14.66 -12.99 27.29
N6A FAD I . -14.45 -14.00 28.15
N1A FAD I . -15.24 -13.34 26.20
C2A FAD I . -15.46 -12.52 25.25
N3A FAD I . -15.14 -11.27 25.34
C4A FAD I . -14.58 -10.73 26.38
N1 FAD I . -3.08 -3.61 23.64
C2 FAD I . -2.35 -4.24 22.77
O2 FAD I . -2.92 -5.04 22.04
N3 FAD I . -1.04 -4.08 22.68
C4 FAD I . -0.39 -3.24 23.46
O4 FAD I . 0.83 -3.09 23.30
C4X FAD I . -1.14 -2.50 24.47
N5 FAD I . -0.58 -1.62 25.30
C5X FAD I . -1.31 -0.97 26.21
C6 FAD I . -0.71 -0.09 27.07
C7 FAD I . -1.44 0.58 28.02
C7M FAD I . -0.78 1.53 28.94
C8 FAD I . -2.88 0.38 28.12
C8M FAD I . -3.66 1.12 29.15
C9 FAD I . -3.48 -0.51 27.26
C9A FAD I . -2.76 -1.19 26.32
N10 FAD I . -3.38 -2.11 25.45
C10 FAD I . -2.57 -2.76 24.51
C1' FAD I . -4.84 -2.31 25.53
C2' FAD I . -5.33 -3.70 25.15
O2' FAD I . -6.10 -3.69 23.96
C3' FAD I . -6.30 -4.19 26.15
O3' FAD I . -5.63 -4.00 27.39
C4' FAD I . -6.57 -5.64 25.80
O4' FAD I . -6.82 -5.73 24.39
C5' FAD I . -7.70 -6.28 26.59
O5' FAD I . -7.79 -5.75 27.89
P FAD I . -8.99 -5.90 28.82
O1P FAD I . -9.29 -7.26 28.84
O2P FAD I . -8.51 -5.31 29.99
O3P FAD I . -10.02 -5.01 28.10
FE FE J . 1.19 -1.62 21.74
PA FAD K . -7.91 -31.97 -3.07
O1A FAD K . -7.89 -33.40 -3.17
O2A FAD K . -8.09 -31.14 -4.23
O5B FAD K . -9.04 -31.60 -2.04
C5B FAD K . -8.77 -30.74 -0.96
C4B FAD K . -10.03 -30.26 -0.28
O4B FAD K . -9.97 -28.86 -0.28
C3B FAD K . -11.28 -30.63 -1.00
O3B FAD K . -12.37 -30.70 -0.09
C2B FAD K . -11.48 -29.52 -1.95
O2B FAD K . -12.85 -29.21 -2.18
C1B FAD K . -10.88 -28.36 -1.23
N9A FAD K . -10.19 -27.45 -2.13
C8A FAD K . -9.27 -27.64 -3.03
N7A FAD K . -8.93 -26.48 -3.59
C5A FAD K . -9.64 -25.56 -3.04
C6A FAD K . -9.79 -24.15 -3.13
N6A FAD K . -9.06 -23.44 -3.97
N1A FAD K . -10.64 -23.56 -2.34
C2A FAD K . -11.37 -24.23 -1.48
N3A FAD K . -11.27 -25.52 -1.35
C4A FAD K . -10.45 -26.21 -2.08
N1 FAD K . -2.24 -33.94 4.44
C2 FAD K . -1.79 -33.27 5.47
O2 FAD K . -2.56 -32.44 5.93
N3 FAD K . -0.58 -33.50 5.98
C4 FAD K . 0.24 -34.40 5.49
O4 FAD K . 1.35 -34.60 5.98
C4X FAD K . -0.21 -35.16 4.33
N5 FAD K . 0.53 -36.08 3.78
C5X FAD K . 0.08 -36.76 2.72
C6 FAD K . 0.89 -37.72 2.15
C7 FAD K . 0.43 -38.41 1.05
C7M FAD K . 1.30 -39.44 0.43
C8 FAD K . -0.89 -38.16 0.51
C8M FAD K . -1.34 -38.95 -0.68
C9 FAD K . -1.70 -37.21 1.08
C9A FAD K . -1.24 -36.52 2.16
N10 FAD K . -2.03 -35.57 2.73
C10 FAD K . -1.54 -34.87 3.82
C1' FAD K . -3.34 -35.34 2.14
C2' FAD K . -3.48 -33.85 2.04
O2' FAD K . -4.50 -33.32 2.86
C3' FAD K . -3.78 -33.33 0.68
O3' FAD K . -2.67 -33.73 -0.14
C4' FAD K . -3.93 -31.82 0.76
O4' FAD K . -4.28 -31.37 2.06
C5' FAD K . -5.02 -31.42 -0.19
O5' FAD K . -4.46 -30.97 -1.41
P FAD K . -5.19 -31.12 -2.74
O1P FAD K . -5.17 -29.88 -3.43
O2P FAD K . -4.57 -32.28 -3.26
O3P FAD K . -6.62 -31.48 -2.29
FE FE L . 1.36 -36.79 8.02
PA FAD M . 41.81 35.67 38.58
O1A FAD M . 42.10 36.02 37.26
O2A FAD M . 42.37 34.45 39.13
O5B FAD M . 42.27 37.00 39.20
C5B FAD M . 43.39 36.87 39.93
C4B FAD M . 43.44 37.97 40.91
O4B FAD M . 42.88 37.47 42.07
C3B FAD M . 44.90 38.11 41.12
O3B FAD M . 45.16 39.42 41.50
C2B FAD M . 45.16 37.12 42.18
O2B FAD M . 46.22 37.55 42.99
C1B FAD M . 43.91 37.20 42.98
N9A FAD M . 43.59 35.98 43.75
C8A FAD M . 42.97 34.90 43.35
N7A FAD M . 42.82 34.03 44.35
C5A FAD M . 43.35 34.59 45.42
C6A FAD M . 43.54 34.26 46.81
N6A FAD M . 43.15 33.13 47.40
N1A FAD M . 44.16 35.14 47.54
C2A FAD M . 44.57 36.29 47.09
N3A FAD M . 44.42 36.68 45.86
C4A FAD M . 43.83 35.87 45.00
N1 FAD M . 34.61 41.01 39.69
C2 FAD M . 34.20 41.98 40.52
O2 FAD M . 34.52 41.99 41.76
N3 FAD M . 33.45 42.94 40.03
C4 FAD M . 33.10 42.97 38.76
O4 FAD M . 32.39 43.92 38.36
C4X FAD M . 33.53 41.93 37.84
N5 FAD M . 33.23 41.89 36.55
C5X FAD M . 33.68 40.94 35.72
C6 FAD M . 33.29 40.93 34.42
C7 FAD M . 33.72 39.92 33.59
C7M FAD M . 33.34 39.93 32.15
C8 FAD M . 34.57 38.83 34.07
C8M FAD M . 35.00 37.77 33.12
C9 FAD M . 34.91 38.84 35.41
C9A FAD M . 34.47 39.85 36.22
N10 FAD M . 34.80 39.87 37.54
C10 FAD M . 34.36 40.91 38.38
C1' FAD M . 35.63 38.79 37.98
C2' FAD M . 36.68 39.61 38.62
O2' FAD M . 37.76 39.71 37.71
C3' FAD M . 37.08 39.04 39.95
O3' FAD M . 36.98 40.05 40.92
C4' FAD M . 38.49 38.61 39.97
O4' FAD M . 39.26 39.40 39.03
C5' FAD M . 38.24 37.31 39.33
O5' FAD M . 38.36 36.17 40.11
P FAD M . 39.41 35.18 39.71
O1P FAD M . 38.70 34.13 39.06
O2P FAD M . 40.06 34.88 40.95
O3P FAD M . 40.29 35.80 38.64
FE FE N . 29.76 44.09 35.93
PA FAD O . 7.06 -51.46 -24.22
O1A FAD O . 6.16 -52.04 -23.26
O2A FAD O . 7.74 -50.18 -23.99
O5B FAD O . 8.16 -52.50 -24.56
C5B FAD O . 8.30 -52.94 -25.89
C4B FAD O . 9.01 -54.25 -26.01
O4B FAD O . 9.34 -54.36 -27.35
C3B FAD O . 10.31 -54.01 -25.35
O3B FAD O . 11.05 -55.20 -25.53
C2B FAD O . 10.91 -53.00 -26.25
O2B FAD O . 12.32 -53.00 -26.19
C1B FAD O . 10.49 -53.56 -27.56
N9A FAD O . 10.17 -52.43 -28.43
C8A FAD O . 9.26 -51.51 -28.23
N7A FAD O . 9.26 -50.64 -29.24
C5A FAD O . 10.19 -51.01 -30.09
C6A FAD O . 10.73 -50.56 -31.37
N6A FAD O . 10.27 -49.47 -32.00
N1A FAD O . 11.73 -51.24 -31.91
C2A FAD O . 12.21 -52.32 -31.33
N3A FAD O . 11.77 -52.78 -30.19
C4A FAD O . 10.79 -52.20 -29.54
N1 FAD O . -0.57 -57.65 -25.05
C2 FAD O . -1.24 -58.35 -25.96
O2 FAD O . -0.55 -58.82 -26.82
N3 FAD O . -2.55 -58.51 -25.99
C4 FAD O . -3.27 -57.93 -25.06
O4 FAD O . -4.51 -58.08 -25.06
C4X FAD O . -2.63 -57.15 -24.02
N5 FAD O . -3.31 -56.56 -23.08
C5X FAD O . -2.67 -55.84 -22.16
C6 FAD O . -3.42 -55.24 -21.18
C7 FAD O . -2.82 -54.49 -20.23
C7M FAD O . -3.70 -53.87 -19.21
C8 FAD O . -1.36 -54.33 -20.23
C8M FAD O . -0.72 -53.52 -19.15
C9 FAD O . -0.57 -54.93 -21.18
C9A FAD O . -1.20 -55.67 -22.15
N10 FAD O . -0.47 -56.29 -23.15
C10 FAD O . -1.19 -57.02 -24.08
C1' FAD O . 0.99 -56.20 -23.24
C2' FAD O . 1.46 -55.90 -24.64
O2' FAD O . 1.77 -57.12 -25.28
C3' FAD O . 2.73 -55.10 -24.61
O3' FAD O . 2.63 -54.19 -23.55
C4' FAD O . 2.81 -54.28 -25.87
O4' FAD O . 2.71 -55.27 -26.88
C5' FAD O . 4.12 -53.51 -25.91
O5' FAD O . 3.93 -52.15 -26.26
P FAD O . 4.70 -51.00 -25.58
O1P FAD O . 4.72 -49.92 -26.53
O2P FAD O . 4.12 -50.84 -24.26
O3P FAD O . 6.17 -51.45 -25.50
FE FE P . -4.35 -60.59 -23.52
PA FAD Q . 9.31 -5.52 -54.39
O1A FAD Q . 9.57 -6.37 -53.26
O2A FAD Q . 9.38 -4.08 -54.31
O5B FAD Q . 10.31 -6.14 -55.42
C5B FAD Q . 10.05 -7.45 -55.88
C4B FAD Q . 11.23 -8.08 -56.57
O4B FAD Q . 11.15 -7.82 -57.94
C3B FAD Q . 12.49 -7.46 -56.12
O3B FAD Q . 13.43 -8.42 -56.48
C2B FAD Q . 12.67 -6.32 -57.05
O2B FAD Q . 14.04 -5.99 -57.28
C1B FAD Q . 12.16 -6.90 -58.32
N9A FAD Q . 11.63 -5.83 -59.17
C8A FAD Q . 10.67 -4.96 -58.91
N7A FAD Q . 10.47 -4.13 -59.93
C5A FAD Q . 11.32 -4.48 -60.85
C6A FAD Q . 11.66 -4.04 -62.18
N6A FAD Q . 10.99 -3.03 -62.73
N1A FAD Q . 12.64 -4.66 -62.83
C2A FAD Q . 13.29 -5.68 -62.30
N3A FAD Q . 13.03 -6.13 -61.09
C4A FAD Q . 12.08 -5.59 -60.35
N1 FAD Q . 3.72 -12.52 -54.41
C2 FAD Q . 3.03 -13.44 -55.07
O2 FAD Q . 3.64 -14.02 -56.00
N3 FAD Q . 1.77 -13.79 -54.78
C4 FAD Q . 1.13 -13.21 -53.81
O4 FAD Q . -0.02 -13.49 -53.50
C4X FAD Q . 1.84 -12.19 -53.07
N5 FAD Q . 1.29 -11.58 -52.10
C5X FAD Q . 1.76 -10.63 -51.35
C6 FAD Q . 0.97 -10.10 -50.35
C7 FAD Q . 1.53 -9.11 -49.57
C7M FAD Q . 0.69 -8.51 -48.49
C8 FAD Q . 2.94 -8.67 -49.84
C8M FAD Q . 3.63 -7.61 -49.05
C9 FAD Q . 3.70 -9.24 -50.84
C9A FAD Q . 3.14 -10.23 -51.63
N10 FAD Q . 3.81 -10.89 -52.67
C10 FAD Q . 3.17 -11.86 -53.42
C1' FAD Q . 5.16 -10.59 -53.08
C2' FAD Q . 4.78 -10.01 -54.39
O2' FAD Q . 5.76 -10.28 -55.36
C3' FAD Q . 4.62 -8.55 -54.21
O3' FAD Q . 3.44 -8.27 -53.46
C4' FAD Q . 4.61 -7.92 -55.58
O4' FAD Q . 4.20 -8.79 -56.63
C5' FAD Q . 6.05 -7.64 -55.87
O5' FAD Q . 6.05 -6.30 -56.23
P FAD Q . 6.62 -5.36 -55.21
O1P FAD Q . 6.62 -4.25 -56.11
O2P FAD Q . 5.80 -5.49 -54.05
O3P FAD Q . 7.98 -6.07 -55.01
FE FE R . -0.39 -16.01 -52.25
PA FAD S . -22.16 14.47 49.11
O1A FAD S . -21.72 15.45 48.15
O2A FAD S . -21.91 13.06 48.99
O5B FAD S . -21.49 15.02 50.39
C5B FAD S . -21.85 16.36 50.65
C4B FAD S . -20.93 17.02 51.65
O4B FAD S . -21.26 16.61 52.94
C3B FAD S . -19.54 16.61 51.38
O3B FAD S . -18.74 17.73 51.66
C2B FAD S . -19.34 15.51 52.33
O2B FAD S . -17.98 15.45 52.68
C1B FAD S . -20.20 15.89 53.50
N9A FAD S . -20.73 14.71 54.20
C8A FAD S . -21.38 13.70 53.70
N7A FAD S . -21.71 12.80 54.62
C5A FAD S . -21.27 13.26 55.75
C6A FAD S . -21.28 12.81 57.12
N6A FAD S . -21.87 11.69 57.48
N1A FAD S . -20.73 13.54 58.02
C2A FAD S . -20.17 14.67 57.69
N3A FAD S . -20.11 15.15 56.46
C4A FAD S . -20.64 14.50 55.46
N1 FAD S . -28.94 20.86 47.21
C2 FAD S . -29.57 21.76 47.89
O2 FAD S . -28.98 22.12 48.91
N3 FAD S . -30.73 22.28 47.49
C4 FAD S . -31.34 21.88 46.40
O4 FAD S . -32.42 22.38 46.04
C4X FAD S . -30.66 20.85 45.61
N5 FAD S . -31.18 20.39 44.50
C5X FAD S . -30.53 19.45 43.81
C6 FAD S . -31.12 18.99 42.65
C7 FAD S . -30.53 18.02 41.89
C7M FAD S . -31.20 17.56 40.63
C8 FAD S . -29.26 17.47 42.31
C8M FAD S . -28.62 16.41 41.45
C9 FAD S . -28.66 17.91 43.46
C9A FAD S . -29.25 18.88 44.25
N10 FAD S . -28.68 19.35 45.43
C10 FAD S . -29.40 20.34 46.09
C1' FAD S . -27.39 18.85 45.94
C2' FAD S . -27.51 18.60 47.44
O2' FAD S . -26.64 19.43 48.22
C3' FAD S . -27.38 17.17 47.94
O3' FAD S . -28.66 16.59 47.71
C4' FAD S . -27.04 17.08 49.43
O4' FAD S . -26.71 18.36 49.93
C5' FAD S . -25.77 16.31 49.70
O5' FAD S . -25.93 14.96 50.09
P FAD S . -24.88 13.99 49.56
O1P FAD S . -24.58 13.09 50.60
O2P FAD S . -25.51 13.53 48.39
O3P FAD S . -23.67 14.83 49.09
FE FE T . -33.61 24.43 45.80
PA FAD U . -5.63 14.05 -32.84
O1A FAD U . -6.00 12.68 -32.60
O2A FAD U . -5.77 14.60 -34.18
O5B FAD U . -6.52 14.82 -31.82
C5B FAD U . -6.73 14.21 -30.58
C4B FAD U . -7.80 14.90 -29.82
O4B FAD U . -7.62 16.28 -29.90
C3B FAD U . -9.10 14.62 -30.47
O3B FAD U . -9.99 14.61 -29.39
C2B FAD U . -9.42 15.79 -31.32
O2B FAD U . -10.83 15.93 -31.48
C1B FAD U . -8.74 16.87 -30.53
N9A FAD U . -8.29 17.87 -31.49
C8A FAD U . -7.30 17.71 -32.34
N7A FAD U . -7.16 18.79 -33.10
C5A FAD U . -8.10 19.65 -32.72
C6A FAD U . -8.53 20.96 -33.10
N6A FAD U . -7.88 21.58 -34.07
N1A FAD U . -9.54 21.53 -32.50
C2A FAD U . -10.17 20.93 -31.55
N3A FAD U . -9.85 19.73 -31.16
C4A FAD U . -8.84 19.04 -31.67
N1 FAD U . 1.49 12.98 -26.46
C2 FAD U . 2.02 13.64 -25.48
O2 FAD U . 1.29 14.44 -24.93
N3 FAD U . 3.27 13.46 -25.12
C4 FAD U . 4.05 12.58 -25.72
O4 FAD U . 5.23 12.39 -25.39
C4X FAD U . 3.53 11.82 -26.82
N5 FAD U . 4.30 10.93 -27.45
C5X FAD U . 3.79 10.25 -28.47
C6 FAD U . 4.55 9.33 -29.14
C7 FAD U . 4.01 8.63 -30.19
C7M FAD U . 4.85 7.64 -30.92
C8 FAD U . 2.64 8.84 -30.60
C8M FAD U . 2.04 8.07 -31.72
C9 FAD U . 1.89 9.75 -29.92
C9A FAD U . 2.40 10.46 -28.88
N10 FAD U . 1.60 11.37 -28.23
C10 FAD U . 2.16 12.08 -27.19
C1' FAD U . 0.23 11.49 -28.70
C2' FAD U . -0.26 12.88 -28.51
O2' FAD U . -1.27 12.98 -27.53
C3' FAD U . -0.74 13.49 -29.78
O3' FAD U . 0.44 13.77 -30.55
C4' FAD U . -1.52 14.76 -29.46
O4' FAD U . -2.13 14.67 -28.16
C5' FAD U . -2.58 15.06 -30.51
O5' FAD U . -2.08 15.21 -31.83
P FAD U . -2.97 14.84 -33.05
O1P FAD U . -3.46 16.01 -33.71
O2P FAD U . -2.16 13.91 -33.78
O3P FAD U . -4.14 14.05 -32.39
FE FE V . 5.85 10.64 -23.39
PA FAD W . -9.92 41.37 -2.28
O1A FAD W . -10.44 42.65 -2.70
O2A FAD W . -10.13 40.93 -0.91
O5B FAD W . -10.46 40.36 -3.38
C5B FAD W . -10.56 40.75 -4.73
C4B FAD W . -11.47 39.82 -5.50
O4B FAD W . -11.02 38.56 -5.22
C3B FAD W . -12.87 39.89 -4.96
O3B FAD W . -13.83 40.17 -5.98
C2B FAD W . -13.11 38.60 -4.25
O2B FAD W . -14.35 38.03 -4.55
C1B FAD W . -12.03 37.72 -4.74
N9A FAD W . -11.45 36.99 -3.62
C8A FAD W . -10.73 37.55 -2.68
N7A FAD W . -10.34 36.63 -1.81
C5A FAD W . -10.81 35.49 -2.22
C6A FAD W . -10.74 34.14 -1.76
N6A FAD W . -10.05 33.90 -0.65
N1A FAD W . -11.35 33.18 -2.44
C2A FAD W . -12.01 33.46 -3.55
N3A FAD W . -12.11 34.68 -4.04
C4A FAD W . -11.53 35.72 -3.42
N1 FAD W . -2.12 44.09 -7.81
C2 FAD W . -1.56 43.60 -8.90
O2 FAD W . -2.15 42.68 -9.46
N3 FAD W . -0.42 44.05 -9.39
C4 FAD W . 0.26 45.05 -8.84
O4 FAD W . 1.34 45.50 -9.31
C4X FAD W . -0.29 45.62 -7.63
N5 FAD W . 0.35 46.60 -7.03
C5X FAD W . -0.15 47.14 -5.93
C6 FAD W . 0.54 48.18 -5.32
C7 FAD W . 0.06 48.77 -4.17
C7M FAD W . 0.82 49.89 -3.51
C8 FAD W . -1.19 48.29 -3.58
C8M FAD W . -1.71 48.93 -2.33
C9 FAD W . -1.88 47.25 -4.18
C9A FAD W . -1.43 46.65 -5.36
N10 FAD W . -2.12 45.59 -5.98
C10 FAD W . -1.55 45.07 -7.13
C1' FAD W . -3.38 45.05 -5.42
C2' FAD W . -3.94 43.69 -5.83
O2' FAD W . -4.51 43.78 -7.12
C3' FAD W . -5.11 43.30 -4.95
O3' FAD W . -5.01 43.94 -3.67
C4' FAD W . -5.13 41.80 -4.82
O4' FAD W . -5.05 41.29 -6.13
C5' FAD W . -6.37 41.26 -4.16
O5' FAD W . -6.12 41.04 -2.78
P FAD W . -7.28 40.77 -1.84
O1P FAD W . -7.58 39.39 -1.96
O2P FAD W . -6.85 41.34 -0.60
O3P FAD W . -8.40 41.55 -2.50
FE FE X . 2.55 45.94 -10.92
#